data_8EC8
#
_entry.id   8EC8
#
_entity_poly.entity_id   1
_entity_poly.type   'polypeptide(L)'
_entity_poly.pdbx_seq_one_letter_code
;MADISRSEVATLIQEAYANDLLASAKKGSTVLQAFPTVNMGTKTTHLPVLATLPGASWVSESATEPEGVKPTSEATWADR
TLVAEEVAVIIPVHENVVDDASTSLLEEIAALGGQAIGKKLDQAVIFGTDKPSSWVSPALLPAAVAANQDYTIVPGDANE
DDLIGCINRASKAVAAAGYMPDTLLASLGFRFDVANLRDANGNPIFRDESFNGFGTYFNANGAWPVGVAEALVVDSSRVR
IGVRQDITVKFLDQATVGSINLAERDMIALRLKARFAYVLGNGATAVGDNKTPVGAVVPDGS
;
_entity_poly.pdbx_strand_id   A,F,E,B,C,D,H,I,G
#
# COMPACT_ATOMS: atom_id res chain seq x y z
N ALA A 2 140.81 -7.59 10.36
CA ALA A 2 140.38 -8.32 9.14
C ALA A 2 139.17 -7.65 8.49
N ASP A 3 138.02 -7.62 9.16
CA ASP A 3 136.82 -6.97 8.63
C ASP A 3 135.97 -6.38 9.72
N ILE A 4 134.92 -5.62 9.36
CA ILE A 4 134.04 -4.98 10.35
C ILE A 4 132.68 -5.70 10.34
N SER A 5 132.37 -6.47 11.40
CA SER A 5 131.10 -7.16 11.52
C SER A 5 130.05 -6.13 11.97
N ARG A 6 128.78 -6.54 12.11
CA ARG A 6 127.73 -5.63 12.59
C ARG A 6 128.02 -5.21 14.04
N SER A 7 128.54 -6.13 14.85
CA SER A 7 128.88 -5.81 16.23
C SER A 7 130.03 -4.80 16.29
N GLU A 8 130.92 -4.78 15.28
CA GLU A 8 132.10 -3.90 15.31
C GLU A 8 131.83 -2.47 14.83
N VAL A 9 130.58 -2.12 14.58
CA VAL A 9 130.13 -0.80 14.15
C VAL A 9 128.97 -0.29 15.02
N ALA A 10 128.89 -0.78 16.26
CA ALA A 10 127.71 -0.70 17.11
C ALA A 10 127.11 0.70 17.27
N THR A 11 125.80 0.83 17.04
CA THR A 11 124.99 2.06 17.07
C THR A 11 125.36 3.13 16.05
N LEU A 12 126.36 2.89 15.21
CA LEU A 12 126.50 3.63 13.96
C LEU A 12 125.52 3.08 12.90
N ILE A 13 125.08 1.82 13.03
CA ILE A 13 123.82 1.32 12.47
C ILE A 13 122.73 1.54 13.52
N GLN A 14 121.66 2.22 13.15
CA GLN A 14 120.52 2.51 14.01
C GLN A 14 119.35 1.55 13.75
N GLU A 15 118.55 1.23 14.76
CA GLU A 15 117.31 0.44 14.60
C GLU A 15 116.08 1.32 14.80
N ALA A 16 115.16 1.28 13.85
CA ALA A 16 114.07 2.23 13.73
C ALA A 16 112.80 1.82 14.48
N TYR A 17 111.88 2.78 14.63
CA TYR A 17 110.57 2.60 15.25
C TYR A 17 109.45 3.01 14.31
N ALA A 18 108.35 2.27 14.34
CA ALA A 18 107.12 2.59 13.66
C ALA A 18 105.94 2.16 14.53
N ASN A 19 104.79 2.81 14.41
CA ASN A 19 103.61 2.52 15.22
C ASN A 19 102.38 2.14 14.37
N ASP A 20 102.61 1.45 13.27
CA ASP A 20 101.57 0.97 12.34
C ASP A 20 100.63 -0.06 12.96
N LEU A 21 101.14 -0.89 13.88
CA LEU A 21 100.40 -1.95 14.54
C LEU A 21 99.80 -1.49 15.89
N LEU A 22 100.04 -0.26 16.34
CA LEU A 22 99.73 0.16 17.70
C LEU A 22 98.26 0.53 17.93
N ALA A 23 97.67 1.25 16.97
CA ALA A 23 96.35 1.87 17.06
C ALA A 23 95.18 0.88 17.07
N SER A 24 95.03 0.17 18.19
CA SER A 24 93.86 -0.66 18.48
C SER A 24 92.62 0.20 18.68
N ALA A 25 91.50 -0.14 18.03
CA ALA A 25 90.22 0.54 18.21
C ALA A 25 89.49 0.14 19.48
N LYS A 26 88.74 1.06 20.09
CA LYS A 26 88.03 0.87 21.37
C LYS A 26 86.53 0.83 21.17
N LYS A 27 85.89 -0.13 21.83
CA LYS A 27 84.47 -0.47 21.67
C LYS A 27 83.66 -0.05 22.90
N GLY A 28 82.53 0.61 22.66
CA GLY A 28 81.62 1.08 23.71
C GLY A 28 80.82 -0.03 24.38
N SER A 29 79.97 0.32 25.34
CA SER A 29 78.93 -0.59 25.85
C SER A 29 77.85 -0.81 24.79
N THR A 30 77.39 -2.05 24.67
CA THR A 30 76.23 -2.42 23.84
C THR A 30 74.96 -1.81 24.40
N VAL A 31 74.74 -1.93 25.71
CA VAL A 31 73.47 -1.55 26.32
C VAL A 31 73.25 -0.04 26.32
N LEU A 32 74.31 0.76 26.34
CA LEU A 32 74.22 2.22 26.14
C LEU A 32 73.85 2.59 24.71
N GLN A 33 74.17 1.77 23.72
CA GLN A 33 73.79 1.99 22.33
C GLN A 33 72.34 1.55 22.07
N ALA A 34 71.91 0.43 22.64
CA ALA A 34 70.63 -0.20 22.37
C ALA A 34 69.43 0.38 23.13
N PHE A 35 69.61 0.79 24.38
CA PHE A 35 68.49 1.16 25.26
C PHE A 35 68.46 2.63 25.67
N PRO A 36 67.27 3.21 25.95
CA PRO A 36 67.15 4.56 26.43
C PRO A 36 67.77 4.72 27.82
N THR A 37 68.37 5.87 28.06
CA THR A 37 68.99 6.24 29.33
C THR A 37 68.11 7.19 30.11
N VAL A 38 68.10 7.07 31.44
CA VAL A 38 67.61 8.12 32.34
C VAL A 38 68.76 8.63 33.21
N ASN A 39 68.85 9.94 33.40
CA ASN A 39 69.85 10.53 34.30
C ASN A 39 69.34 10.44 35.73
N MET A 40 70.08 9.76 36.59
CA MET A 40 69.81 9.70 38.03
C MET A 40 70.59 10.79 38.76
N GLY A 41 69.99 11.43 39.77
CA GLY A 41 70.68 12.41 40.63
C GLY A 41 70.92 11.94 42.06
N THR A 42 70.69 10.67 42.36
CA THR A 42 70.67 10.04 43.70
C THR A 42 70.82 8.53 43.53
N LYS A 43 70.95 7.73 44.59
CA LYS A 43 71.14 6.28 44.43
C LYS A 43 69.90 5.53 43.92
N THR A 44 68.69 5.89 44.34
CA THR A 44 67.48 5.15 43.96
C THR A 44 66.55 6.02 43.12
N THR A 45 65.98 5.46 42.06
CA THR A 45 64.77 6.00 41.40
C THR A 45 63.67 4.96 41.43
N HIS A 46 62.45 5.37 41.72
CA HIS A 46 61.22 4.57 41.71
C HIS A 46 60.45 4.85 40.43
N LEU A 47 60.04 3.79 39.75
CA LEU A 47 59.33 3.85 38.50
C LEU A 47 58.03 3.05 38.63
N PRO A 48 56.86 3.69 38.67
CA PRO A 48 55.60 2.97 38.68
C PRO A 48 55.33 2.37 37.30
N VAL A 49 54.88 1.12 37.26
CA VAL A 49 54.40 0.42 36.06
C VAL A 49 53.00 -0.12 36.29
N LEU A 50 52.15 -0.12 35.27
CA LEU A 50 50.82 -0.72 35.34
C LEU A 50 50.93 -2.22 35.63
N ALA A 51 50.08 -2.76 36.48
CA ALA A 51 50.13 -4.15 36.91
C ALA A 51 48.80 -4.93 36.74
N THR A 52 47.65 -4.27 36.58
CA THR A 52 46.32 -4.92 36.42
C THR A 52 45.33 -3.99 35.75
N LEU A 53 44.36 -4.54 35.00
CA LEU A 53 43.40 -3.82 34.18
C LEU A 53 41.98 -3.94 34.75
N PRO A 54 41.10 -2.93 34.60
CA PRO A 54 39.69 -3.07 34.93
C PRO A 54 38.95 -3.92 33.90
N GLY A 55 37.74 -4.40 34.22
CA GLY A 55 36.88 -5.13 33.30
C GLY A 55 35.46 -4.59 33.23
N ALA A 56 34.97 -4.26 32.04
CA ALA A 56 33.59 -3.83 31.83
C ALA A 56 32.60 -5.01 31.82
N SER A 57 31.31 -4.73 31.79
CA SER A 57 30.26 -5.73 31.54
C SER A 57 29.07 -5.14 30.80
N TRP A 58 28.31 -6.01 30.14
CA TRP A 58 27.01 -5.67 29.58
C TRP A 58 25.96 -5.52 30.68
N VAL A 59 25.09 -4.52 30.59
CA VAL A 59 24.05 -4.25 31.60
C VAL A 59 22.70 -3.98 30.96
N SER A 60 21.62 -4.42 31.59
CA SER A 60 20.26 -4.17 31.10
C SER A 60 19.71 -2.84 31.62
N GLU A 61 18.57 -2.40 31.11
CA GLU A 61 17.80 -1.31 31.74
C GLU A 61 16.86 -1.90 32.79
N SER A 62 17.14 -1.66 34.06
CA SER A 62 16.19 -1.89 35.14
C SER A 62 16.44 -0.98 36.32
N ALA A 63 15.37 -0.54 36.98
CA ALA A 63 15.41 0.19 38.23
C ALA A 63 15.45 -0.71 39.47
N THR A 64 15.19 -2.01 39.31
CA THR A 64 14.95 -2.94 40.43
C THR A 64 15.77 -4.23 40.36
N GLU A 65 16.22 -4.67 39.19
CA GLU A 65 16.88 -5.96 39.01
C GLU A 65 18.41 -5.86 39.02
N PRO A 66 19.15 -6.84 39.58
CA PRO A 66 20.61 -6.81 39.64
C PRO A 66 21.30 -6.64 38.29
N GLU A 67 20.71 -7.14 37.21
CA GLU A 67 21.22 -7.03 35.86
C GLU A 67 21.28 -5.59 35.34
N GLY A 68 20.58 -4.65 35.97
CA GLY A 68 20.60 -3.23 35.63
C GLY A 68 21.63 -2.39 36.37
N VAL A 69 22.46 -2.98 37.23
CA VAL A 69 23.49 -2.28 38.01
C VAL A 69 24.85 -2.31 37.31
N LYS A 70 25.47 -1.16 37.05
CA LYS A 70 26.82 -1.05 36.49
C LYS A 70 27.85 -1.59 37.49
N PRO A 71 28.77 -2.50 37.09
CA PRO A 71 29.69 -3.13 38.01
C PRO A 71 30.88 -2.25 38.36
N THR A 72 31.40 -2.39 39.57
CA THR A 72 32.65 -1.75 40.00
C THR A 72 33.87 -2.60 39.66
N SER A 73 35.00 -1.98 39.34
CA SER A 73 36.26 -2.67 39.03
C SER A 73 37.47 -1.79 39.37
N GLU A 74 38.67 -2.33 39.45
CA GLU A 74 39.89 -1.59 39.77
C GLU A 74 41.00 -1.82 38.75
N ALA A 75 41.79 -0.82 38.46
CA ALA A 75 43.15 -1.00 37.97
C ALA A 75 44.13 -1.16 39.14
N THR A 76 45.40 -1.42 38.88
CA THR A 76 46.47 -1.44 39.90
C THR A 76 47.83 -1.25 39.25
N TRP A 77 48.78 -0.68 39.99
CA TRP A 77 50.15 -0.43 39.56
C TRP A 77 51.14 -1.06 40.54
N ALA A 78 52.39 -1.22 40.14
CA ALA A 78 53.46 -1.68 41.00
C ALA A 78 54.76 -0.91 40.75
N ASP A 79 55.79 -1.11 41.58
CA ASP A 79 57.08 -0.44 41.39
C ASP A 79 58.19 -1.28 40.75
N ARG A 80 58.98 -0.71 39.84
CA ARG A 80 60.16 -1.39 39.26
C ARG A 80 61.16 -0.35 39.69
N THR A 81 62.43 -0.66 39.92
CA THR A 81 63.38 0.34 40.45
C THR A 81 64.78 0.43 39.87
N LEU A 82 65.38 1.64 39.87
CA LEU A 82 66.77 1.81 39.46
C LEU A 82 67.62 2.05 40.71
N VAL A 83 68.66 1.25 40.94
CA VAL A 83 69.61 1.43 42.06
C VAL A 83 71.03 1.59 41.52
N ALA A 84 71.66 2.73 41.74
CA ALA A 84 72.99 2.99 41.20
C ALA A 84 74.05 2.16 41.91
N GLU A 85 74.97 1.61 41.15
CA GLU A 85 76.10 0.81 41.64
C GLU A 85 77.36 1.19 40.89
N GLU A 86 78.49 1.09 41.58
CA GLU A 86 79.76 1.68 41.16
C GLU A 86 80.70 0.64 40.58
N VAL A 87 81.25 0.92 39.41
CA VAL A 87 82.23 0.08 38.71
C VAL A 87 83.44 0.93 38.38
N ALA A 88 84.63 0.42 38.67
CA ALA A 88 85.84 1.25 38.73
C ALA A 88 87.14 0.45 38.55
N VAL A 89 88.22 1.14 38.19
CA VAL A 89 89.59 0.62 38.19
C VAL A 89 90.58 1.74 38.51
N ILE A 90 91.66 1.39 39.20
CA ILE A 90 92.84 2.25 39.41
C ILE A 90 93.96 1.73 38.51
N ILE A 91 94.58 2.59 37.70
CA ILE A 91 95.69 2.21 36.82
C ILE A 91 96.94 3.04 37.16
N PRO A 92 97.85 2.54 38.00
CA PRO A 92 99.06 3.25 38.41
C PRO A 92 100.22 3.12 37.41
N VAL A 93 101.00 4.19 37.25
CA VAL A 93 102.16 4.28 36.35
C VAL A 93 103.22 5.25 36.88
N HIS A 94 104.49 5.07 36.53
CA HIS A 94 105.54 6.03 36.87
C HIS A 94 105.45 7.29 36.02
N GLU A 95 105.68 8.47 36.60
CA GLU A 95 105.62 9.74 35.88
C GLU A 95 106.68 9.82 34.77
N ASN A 96 107.86 9.25 34.99
CA ASN A 96 108.91 9.22 33.99
C ASN A 96 108.53 8.34 32.80
N VAL A 97 107.86 7.21 33.02
CA VAL A 97 107.39 6.31 31.96
C VAL A 97 106.37 7.03 31.07
N VAL A 98 105.44 7.78 31.66
CA VAL A 98 104.46 8.58 30.93
C VAL A 98 105.13 9.69 30.12
N ASP A 99 106.17 10.33 30.62
CA ASP A 99 106.93 11.33 29.88
C ASP A 99 107.81 10.74 28.77
N ASP A 100 108.38 9.54 28.95
CA ASP A 100 109.23 8.88 27.97
C ASP A 100 108.46 8.29 26.79
N ALA A 101 107.26 7.75 27.01
CA ALA A 101 106.44 7.13 25.99
C ALA A 101 106.11 8.08 24.83
N SER A 102 106.12 7.57 23.59
CA SER A 102 106.03 8.39 22.39
C SER A 102 104.61 8.87 22.07
N THR A 103 103.60 8.06 22.34
CA THR A 103 102.18 8.39 22.21
C THR A 103 101.61 8.94 23.51
N SER A 104 100.38 9.45 23.47
CA SER A 104 99.72 9.99 24.67
C SER A 104 99.25 8.86 25.59
N LEU A 105 100.14 8.36 26.44
CA LEU A 105 99.90 7.16 27.22
C LEU A 105 98.73 7.30 28.20
N LEU A 106 98.47 8.50 28.73
CA LEU A 106 97.33 8.70 29.62
C LEU A 106 96.00 8.64 28.87
N GLU A 107 95.92 9.14 27.65
CA GLU A 107 94.73 8.95 26.83
C GLU A 107 94.53 7.49 26.45
N GLU A 108 95.61 6.74 26.20
CA GLU A 108 95.49 5.30 25.99
C GLU A 108 94.97 4.58 27.23
N ILE A 109 95.51 4.85 28.41
CA ILE A 109 95.02 4.22 29.64
C ILE A 109 93.56 4.61 29.94
N ALA A 110 93.19 5.87 29.75
CA ALA A 110 91.82 6.33 29.92
C ALA A 110 90.84 5.59 28.99
N ALA A 111 91.16 5.48 27.71
CA ALA A 111 90.37 4.72 26.76
C ALA A 111 90.28 3.23 27.14
N LEU A 112 91.38 2.59 27.49
CA LEU A 112 91.40 1.17 27.88
C LEU A 112 90.60 0.90 29.15
N GLY A 113 90.66 1.78 30.13
CA GLY A 113 89.87 1.68 31.37
C GLY A 113 88.38 1.93 31.13
N GLY A 114 88.04 2.88 30.26
CA GLY A 114 86.65 3.09 29.84
C GLY A 114 86.07 1.86 29.16
N GLN A 115 86.84 1.21 28.29
CA GLN A 115 86.42 -0.02 27.63
C GLN A 115 86.21 -1.17 28.62
N ALA A 116 87.08 -1.29 29.62
CA ALA A 116 86.96 -2.29 30.65
C ALA A 116 85.68 -2.13 31.47
N ILE A 117 85.28 -0.89 31.77
CA ILE A 117 84.03 -0.58 32.48
C ILE A 117 82.83 -0.89 31.58
N GLY A 118 82.87 -0.48 30.32
CA GLY A 118 81.79 -0.71 29.35
C GLY A 118 81.45 -2.20 29.22
N LYS A 119 82.46 -3.07 29.15
CA LYS A 119 82.28 -4.52 29.20
C LYS A 119 81.58 -4.97 30.46
N LYS A 120 81.99 -4.48 31.62
CA LYS A 120 81.50 -4.95 32.92
C LYS A 120 80.04 -4.55 33.16
N LEU A 121 79.58 -3.46 32.55
CA LEU A 121 78.17 -3.10 32.48
C LEU A 121 77.38 -4.09 31.61
N ASP A 122 77.80 -4.30 30.36
CA ASP A 122 77.15 -5.26 29.46
C ASP A 122 77.04 -6.65 30.10
N GLN A 123 78.11 -7.16 30.71
CA GLN A 123 78.10 -8.46 31.38
C GLN A 123 77.10 -8.58 32.53
N ALA A 124 76.62 -7.49 33.12
CA ALA A 124 75.65 -7.50 34.22
C ALA A 124 74.21 -7.27 33.76
N VAL A 125 74.00 -6.49 32.70
CA VAL A 125 72.68 -6.21 32.16
C VAL A 125 72.18 -7.34 31.27
N ILE A 126 73.02 -7.89 30.41
CA ILE A 126 72.61 -8.87 29.41
C ILE A 126 72.50 -10.27 30.02
N PHE A 127 73.38 -10.59 30.94
CA PHE A 127 73.48 -11.86 31.68
C PHE A 127 73.64 -11.53 33.15
N GLY A 128 73.34 -12.45 34.06
CA GLY A 128 73.54 -12.24 35.50
C GLY A 128 75.00 -12.39 35.97
N THR A 129 76.00 -11.95 35.22
CA THR A 129 77.39 -12.43 35.40
C THR A 129 78.01 -11.95 36.70
N ASP A 130 78.01 -10.64 36.91
CA ASP A 130 78.41 -9.97 38.16
C ASP A 130 77.40 -8.88 38.50
N LYS A 131 76.12 -9.17 38.29
CA LYS A 131 75.03 -8.27 38.61
C LYS A 131 75.08 -7.94 40.10
N PRO A 132 75.06 -6.67 40.50
CA PRO A 132 74.96 -6.28 41.90
C PRO A 132 73.71 -6.87 42.56
N SER A 133 73.75 -7.16 43.84
CA SER A 133 72.59 -7.72 44.55
C SER A 133 71.43 -6.74 44.70
N SER A 134 71.68 -5.43 44.61
CA SER A 134 70.67 -4.38 44.72
C SER A 134 69.85 -4.15 43.44
N TRP A 135 70.27 -4.69 42.31
CA TRP A 135 69.52 -4.64 41.05
C TRP A 135 68.41 -5.70 41.06
N VAL A 136 67.16 -5.28 41.31
CA VAL A 136 66.03 -6.18 41.60
C VAL A 136 65.48 -6.87 40.34
N SER A 137 65.18 -6.14 39.28
CA SER A 137 64.66 -6.73 38.04
C SER A 137 65.76 -7.55 37.36
N PRO A 138 65.48 -8.76 36.87
CA PRO A 138 66.49 -9.69 36.35
C PRO A 138 67.20 -9.17 35.10
N ALA A 139 68.41 -9.64 34.83
CA ALA A 139 69.14 -9.37 33.59
C ALA A 139 68.40 -9.95 32.37
N LEU A 140 68.70 -9.49 31.15
CA LEU A 140 67.91 -9.81 29.97
C LEU A 140 67.77 -11.31 29.69
N LEU A 141 68.84 -12.11 29.73
CA LEU A 141 68.69 -13.57 29.55
C LEU A 141 67.95 -14.24 30.72
N PRO A 142 68.29 -14.04 32.00
CA PRO A 142 67.52 -14.57 33.12
C PRO A 142 66.04 -14.17 33.12
N ALA A 143 65.71 -12.97 32.67
CA ALA A 143 64.35 -12.51 32.48
C ALA A 143 63.61 -13.38 31.45
N ALA A 144 64.18 -13.53 30.25
CA ALA A 144 63.62 -14.40 29.23
C ALA A 144 63.48 -15.86 29.69
N VAL A 145 64.44 -16.40 30.44
CA VAL A 145 64.36 -17.77 30.96
C VAL A 145 63.23 -17.93 31.98
N ALA A 146 63.12 -17.06 32.98
CA ALA A 146 62.05 -17.18 33.98
C ALA A 146 60.64 -17.04 33.38
N ALA A 147 60.52 -16.29 32.30
CA ALA A 147 59.30 -16.12 31.53
C ALA A 147 58.93 -17.32 30.64
N ASN A 148 59.78 -18.35 30.51
CA ASN A 148 59.69 -19.41 29.49
C ASN A 148 59.72 -18.86 28.04
N GLN A 149 60.47 -17.80 27.79
CA GLN A 149 60.62 -17.14 26.48
C GLN A 149 62.03 -17.30 25.90
N ASP A 150 62.73 -18.34 26.36
CA ASP A 150 64.04 -18.67 25.80
C ASP A 150 63.77 -19.87 24.90
N TYR A 151 64.32 -19.89 23.68
CA TYR A 151 64.03 -20.97 22.72
C TYR A 151 65.26 -21.73 22.28
N THR A 152 65.29 -23.04 22.50
CA THR A 152 66.48 -23.83 22.20
C THR A 152 66.66 -24.15 20.70
N ILE A 153 67.85 -23.88 20.16
CA ILE A 153 68.12 -24.19 18.76
C ILE A 153 68.17 -25.70 18.53
N VAL A 154 67.47 -26.20 17.52
CA VAL A 154 67.69 -27.54 16.98
C VAL A 154 68.82 -27.45 15.94
N PRO A 155 69.97 -28.10 16.17
CA PRO A 155 71.15 -27.92 15.33
C PRO A 155 71.03 -28.64 13.99
N GLY A 156 71.87 -28.26 13.03
CA GLY A 156 71.94 -28.86 11.71
C GLY A 156 71.17 -28.07 10.65
N ASP A 157 70.36 -28.76 9.86
CA ASP A 157 69.65 -28.18 8.72
C ASP A 157 68.60 -27.15 9.15
N ALA A 158 68.30 -26.19 8.27
CA ALA A 158 67.24 -25.22 8.51
C ALA A 158 65.92 -25.91 8.85
N ASN A 159 65.20 -25.41 9.84
CA ASN A 159 64.01 -26.02 10.39
C ASN A 159 63.23 -25.00 11.23
N GLU A 160 62.05 -25.35 11.69
CA GLU A 160 61.17 -24.46 12.46
C GLU A 160 61.82 -23.87 13.72
N ASP A 161 62.78 -24.58 14.30
CA ASP A 161 63.56 -24.23 15.48
C ASP A 161 65.06 -24.04 15.18
N ASP A 162 65.44 -23.70 13.95
CA ASP A 162 66.81 -23.26 13.70
C ASP A 162 67.05 -21.89 14.32
N LEU A 163 68.24 -21.30 14.11
CA LEU A 163 68.56 -19.97 14.62
C LEU A 163 67.51 -18.93 14.23
N ILE A 164 67.10 -18.87 12.96
CA ILE A 164 66.11 -17.91 12.48
C ILE A 164 64.71 -18.23 13.01
N GLY A 165 64.40 -19.51 13.15
CA GLY A 165 63.20 -20.00 13.79
C GLY A 165 63.10 -19.54 15.23
N CYS A 166 64.16 -19.72 16.00
CA CYS A 166 64.18 -19.26 17.39
C CYS A 166 64.13 -17.74 17.52
N ILE A 167 64.76 -16.98 16.63
CA ILE A 167 64.64 -15.52 16.61
C ILE A 167 63.19 -15.13 16.39
N ASN A 168 62.53 -15.87 15.47
CA ASN A 168 61.12 -15.64 15.18
C ASN A 168 60.28 -16.11 16.35
N ARG A 169 60.68 -17.16 17.07
CA ARG A 169 59.97 -17.58 18.29
C ARG A 169 60.13 -16.59 19.42
N ALA A 170 61.32 -16.01 19.58
CA ALA A 170 61.55 -14.99 20.61
C ALA A 170 60.73 -13.74 20.27
N SER A 171 60.69 -13.34 19.00
CA SER A 171 59.92 -12.18 18.55
C SER A 171 58.43 -12.35 18.78
N LYS A 172 57.88 -13.52 18.44
CA LYS A 172 56.48 -13.86 18.65
C LYS A 172 56.12 -13.75 20.11
N ALA A 173 56.90 -14.29 21.02
CA ALA A 173 56.65 -14.19 22.44
C ALA A 173 56.56 -12.74 22.90
N VAL A 174 57.48 -11.87 22.49
CA VAL A 174 57.44 -10.45 22.87
C VAL A 174 56.22 -9.75 22.26
N ALA A 175 55.91 -9.98 20.99
CA ALA A 175 54.79 -9.36 20.31
C ALA A 175 53.42 -9.86 20.81
N ALA A 176 53.26 -11.15 21.04
CA ALA A 176 52.08 -11.78 21.61
C ALA A 176 51.83 -11.40 23.07
N ALA A 177 52.89 -11.04 23.80
CA ALA A 177 52.77 -10.46 25.13
C ALA A 177 52.32 -9.00 25.14
N GLY A 178 52.18 -8.37 23.98
CA GLY A 178 51.65 -7.01 23.83
C GLY A 178 52.69 -5.91 23.84
N TYR A 179 53.98 -6.26 23.78
CA TYR A 179 55.09 -5.32 23.55
C TYR A 179 55.46 -5.23 22.07
N MET A 180 56.32 -4.30 21.68
CA MET A 180 56.80 -4.14 20.30
C MET A 180 58.28 -4.56 20.23
N PRO A 181 58.65 -5.79 19.81
CA PRO A 181 60.06 -6.13 19.68
C PRO A 181 60.68 -5.29 18.58
N ASP A 182 61.82 -4.65 18.85
CA ASP A 182 62.42 -3.69 17.93
C ASP A 182 63.94 -3.70 17.97
N THR A 183 64.53 -4.65 18.67
CA THR A 183 65.92 -4.64 19.08
C THR A 183 66.42 -6.05 19.18
N LEU A 184 67.52 -6.33 18.51
CA LEU A 184 68.23 -7.58 18.54
C LEU A 184 69.63 -7.37 19.12
N LEU A 185 69.96 -8.09 20.18
CA LEU A 185 71.30 -8.14 20.77
C LEU A 185 71.93 -9.48 20.43
N ALA A 186 73.16 -9.50 19.91
CA ALA A 186 73.89 -10.74 19.61
C ALA A 186 75.42 -10.58 19.66
N SER A 187 76.18 -11.66 19.55
CA SER A 187 77.65 -11.61 19.55
C SER A 187 78.22 -11.04 18.25
N LEU A 188 79.49 -10.61 18.27
CA LEU A 188 80.27 -10.63 17.02
C LEU A 188 80.23 -12.04 16.42
N GLY A 189 80.22 -12.13 15.10
CA GLY A 189 80.13 -13.39 14.38
C GLY A 189 78.75 -14.03 14.28
N PHE A 190 77.72 -13.45 14.90
CA PHE A 190 76.33 -13.87 14.68
C PHE A 190 75.93 -13.78 13.21
N ARG A 191 76.43 -12.77 12.49
CA ARG A 191 76.22 -12.63 11.04
C ARG A 191 76.82 -13.76 10.22
N PHE A 192 77.87 -14.45 10.69
CA PHE A 192 78.35 -15.68 10.09
C PHE A 192 77.52 -16.90 10.50
N ASP A 193 76.95 -16.95 11.70
CA ASP A 193 76.03 -18.03 12.07
C ASP A 193 74.76 -18.06 11.21
N VAL A 194 74.16 -16.90 10.91
CA VAL A 194 72.99 -16.88 10.02
C VAL A 194 73.39 -17.08 8.57
N ALA A 195 74.47 -16.47 8.09
CA ALA A 195 74.89 -16.64 6.70
C ALA A 195 75.41 -18.05 6.38
N ASN A 196 75.76 -18.84 7.38
CA ASN A 196 76.11 -20.24 7.22
C ASN A 196 75.00 -21.22 7.59
N LEU A 197 73.82 -20.73 7.99
CA LEU A 197 72.70 -21.63 8.28
C LEU A 197 72.25 -22.17 6.93
N ARG A 198 72.45 -23.48 6.70
CA ARG A 198 72.15 -24.08 5.40
C ARG A 198 70.97 -25.01 5.47
N ASP A 199 70.15 -25.06 4.41
CA ASP A 199 68.90 -25.86 4.45
C ASP A 199 69.11 -27.39 4.31
N ALA A 200 68.07 -28.21 4.10
CA ALA A 200 68.24 -29.66 4.05
C ALA A 200 68.89 -30.20 2.76
N ASN A 201 69.00 -29.42 1.70
CA ASN A 201 69.84 -29.73 0.53
C ASN A 201 71.26 -29.17 0.67
N GLY A 202 71.52 -28.37 1.69
CA GLY A 202 72.79 -27.72 1.96
C GLY A 202 72.93 -26.33 1.35
N ASN A 203 71.86 -25.68 0.92
CA ASN A 203 71.91 -24.33 0.38
C ASN A 203 71.87 -23.28 1.52
N PRO A 204 72.79 -22.29 1.58
CA PRO A 204 72.73 -21.21 2.56
C PRO A 204 71.65 -20.18 2.22
N ILE A 205 70.40 -20.53 2.53
CA ILE A 205 69.20 -19.76 2.18
C ILE A 205 69.09 -18.39 2.86
N PHE A 206 69.79 -18.16 3.97
CA PHE A 206 69.74 -16.92 4.76
C PHE A 206 70.93 -15.98 4.50
N ARG A 207 71.71 -16.21 3.44
CA ARG A 207 72.94 -15.47 3.16
C ARG A 207 72.73 -13.99 2.81
N ASP A 208 71.50 -13.57 2.53
CA ASP A 208 71.09 -12.18 2.35
C ASP A 208 70.12 -11.70 3.44
N GLU A 209 70.07 -12.37 4.60
CA GLU A 209 69.13 -12.06 5.67
C GLU A 209 69.35 -10.68 6.28
N SER A 210 68.32 -9.84 6.23
CA SER A 210 68.24 -8.60 7.00
C SER A 210 67.12 -8.72 8.03
N PHE A 211 67.43 -8.41 9.28
CA PHE A 211 66.47 -8.35 10.37
C PHE A 211 65.68 -7.04 10.30
N ASN A 212 64.86 -6.89 9.27
CA ASN A 212 64.08 -5.68 9.02
C ASN A 212 63.20 -5.33 10.24
N GLY A 213 63.17 -4.05 10.60
CA GLY A 213 62.43 -3.56 11.76
C GLY A 213 63.13 -3.71 13.11
N PHE A 214 64.27 -4.40 13.20
CA PHE A 214 65.09 -4.48 14.41
C PHE A 214 66.34 -3.62 14.28
N GLY A 215 66.65 -2.81 15.29
CA GLY A 215 68.01 -2.32 15.49
C GLY A 215 68.89 -3.46 15.98
N THR A 216 70.01 -3.71 15.32
CA THR A 216 70.89 -4.85 15.60
C THR A 216 72.16 -4.35 16.25
N TYR A 217 72.47 -4.85 17.44
CA TYR A 217 73.65 -4.46 18.20
C TYR A 217 74.49 -5.70 18.48
N PHE A 218 75.74 -5.66 18.07
CA PHE A 218 76.65 -6.79 18.17
C PHE A 218 77.71 -6.50 19.21
N ASN A 219 77.84 -7.34 20.24
CA ASN A 219 78.75 -7.03 21.34
C ASN A 219 80.22 -7.18 20.92
N ALA A 220 80.96 -6.08 20.91
CA ALA A 220 82.33 -6.02 20.41
C ALA A 220 83.40 -5.84 21.49
N ASN A 221 83.04 -5.42 22.70
CA ASN A 221 83.93 -5.25 23.85
C ASN A 221 84.28 -6.54 24.61
N GLY A 222 83.85 -7.71 24.12
CA GLY A 222 84.17 -9.00 24.73
C GLY A 222 83.30 -9.41 25.91
N ALA A 223 82.17 -8.75 26.15
CA ALA A 223 81.22 -9.14 27.19
C ALA A 223 80.45 -10.43 26.90
N TRP A 224 80.15 -10.73 25.64
CA TRP A 224 79.36 -11.91 25.25
C TRP A 224 80.14 -13.22 25.49
N PRO A 225 79.67 -14.13 26.37
CA PRO A 225 80.33 -15.39 26.65
C PRO A 225 80.12 -16.44 25.55
N VAL A 226 80.97 -17.46 25.49
CA VAL A 226 80.81 -18.59 24.55
C VAL A 226 79.74 -19.57 25.03
N GLY A 227 78.83 -19.97 24.13
CA GLY A 227 77.95 -21.11 24.31
C GLY A 227 76.81 -20.94 25.30
N VAL A 228 76.41 -19.71 25.64
CA VAL A 228 75.35 -19.41 26.61
C VAL A 228 74.04 -19.01 25.93
N ALA A 229 74.09 -18.02 25.03
CA ALA A 229 72.97 -17.53 24.26
C ALA A 229 73.50 -17.01 22.92
N GLU A 230 72.68 -17.05 21.88
CA GLU A 230 73.07 -16.60 20.55
C GLU A 230 72.53 -15.22 20.24
N ALA A 231 71.30 -14.94 20.66
CA ALA A 231 70.68 -13.65 20.51
C ALA A 231 69.63 -13.40 21.60
N LEU A 232 69.28 -12.14 21.80
CA LEU A 232 68.16 -11.68 22.61
C LEU A 232 67.31 -10.73 21.78
N VAL A 233 66.00 -10.90 21.81
CA VAL A 233 65.01 -10.03 21.17
C VAL A 233 64.27 -9.30 22.27
N VAL A 234 64.15 -7.99 22.18
CA VAL A 234 63.58 -7.17 23.25
C VAL A 234 62.83 -5.96 22.69
N ASP A 235 61.81 -5.50 23.38
CA ASP A 235 61.25 -4.15 23.17
C ASP A 235 62.14 -3.15 23.91
N SER A 236 62.95 -2.38 23.19
CA SER A 236 63.88 -1.43 23.80
C SER A 236 63.18 -0.37 24.64
N SER A 237 61.91 -0.07 24.37
CA SER A 237 61.15 0.90 25.19
C SER A 237 60.80 0.40 26.60
N ARG A 238 61.00 -0.90 26.87
CA ARG A 238 60.74 -1.47 28.21
C ARG A 238 62.05 -1.73 28.95
N VAL A 239 63.10 -0.97 28.70
CA VAL A 239 64.37 -1.00 29.43
C VAL A 239 64.77 0.44 29.74
N ARG A 240 65.37 0.68 30.90
CA ARG A 240 66.19 1.88 31.11
C ARG A 240 67.52 1.53 31.72
N ILE A 241 68.55 2.21 31.24
CA ILE A 241 69.84 2.29 31.92
C ILE A 241 69.85 3.59 32.71
N GLY A 242 70.10 3.54 34.00
CA GLY A 242 70.24 4.71 34.84
C GLY A 242 71.70 5.13 34.85
N VAL A 243 72.06 6.22 34.17
CA VAL A 243 73.47 6.64 34.10
C VAL A 243 73.61 7.61 35.25
N ARG A 244 73.77 7.07 36.46
CA ARG A 244 73.98 7.91 37.62
C ARG A 244 75.23 8.73 37.41
N GLN A 245 76.27 8.11 36.87
CA GLN A 245 77.49 8.83 36.58
C GLN A 245 78.10 8.16 35.34
N ASP A 246 78.60 8.94 34.40
CA ASP A 246 79.28 8.39 33.23
C ASP A 246 80.68 7.84 33.56
N ILE A 247 81.42 7.34 32.57
CA ILE A 247 82.87 7.12 32.73
C ILE A 247 83.53 8.45 33.08
N THR A 248 84.10 8.55 34.26
CA THR A 248 84.79 9.74 34.78
C THR A 248 86.20 9.36 35.18
N VAL A 249 87.16 10.21 34.84
CA VAL A 249 88.59 10.00 35.10
C VAL A 249 89.07 11.00 36.12
N LYS A 250 89.79 10.54 37.14
CA LYS A 250 90.53 11.38 38.09
C LYS A 250 92.01 11.04 38.05
N PHE A 251 92.85 12.05 37.88
CA PHE A 251 94.30 11.94 37.93
C PHE A 251 94.77 11.99 39.38
N LEU A 252 95.18 10.86 39.94
CA LEU A 252 95.78 10.79 41.27
C LEU A 252 97.28 10.99 41.18
N ASP A 253 97.85 11.82 42.06
CA ASP A 253 99.28 12.11 42.13
C ASP A 253 99.83 12.24 43.55
N GLN A 254 98.98 12.12 44.58
CA GLN A 254 99.33 12.21 45.99
C GLN A 254 98.78 11.06 46.83
N ALA A 255 97.80 10.30 46.32
CA ALA A 255 97.13 9.23 47.02
C ALA A 255 98.04 8.09 47.49
N THR A 256 97.47 7.13 48.20
CA THR A 256 98.06 5.80 48.35
C THR A 256 97.13 4.78 47.72
N VAL A 257 97.63 3.94 46.83
CA VAL A 257 96.85 2.92 46.11
C VAL A 257 97.54 1.57 46.28
N GLY A 258 96.82 0.53 46.70
CA GLY A 258 97.46 -0.66 47.24
C GLY A 258 98.42 -0.27 48.37
N SER A 259 99.71 -0.52 48.18
CA SER A 259 100.78 -0.04 49.08
C SER A 259 101.75 0.98 48.43
N ILE A 260 101.40 1.53 47.27
CA ILE A 260 102.21 2.54 46.59
C ILE A 260 101.84 3.90 47.15
N ASN A 261 102.73 4.51 47.94
CA ASN A 261 102.61 5.92 48.31
C ASN A 261 102.95 6.75 47.07
N LEU A 262 101.94 7.28 46.40
CA LEU A 262 102.00 7.60 44.98
C LEU A 262 102.95 8.77 44.68
N ALA A 263 102.95 9.82 45.50
CA ALA A 263 103.82 10.99 45.35
C ALA A 263 105.28 10.69 45.65
N GLU A 264 105.58 10.03 46.77
CA GLU A 264 106.98 9.79 47.15
C GLU A 264 107.64 8.80 46.20
N ARG A 265 106.83 7.96 45.55
CA ARG A 265 107.36 6.97 44.58
C ARG A 265 107.54 7.63 43.23
N ASP A 266 107.13 8.89 43.07
CA ASP A 266 107.23 9.62 41.81
C ASP A 266 106.29 8.99 40.78
N MET A 267 105.16 8.42 41.22
CA MET A 267 104.14 7.83 40.36
C MET A 267 102.92 8.73 40.23
N ILE A 268 102.00 8.30 39.38
CA ILE A 268 100.65 8.80 39.24
C ILE A 268 99.71 7.63 38.98
N ALA A 269 98.42 7.83 39.11
CA ALA A 269 97.44 6.82 38.73
C ALA A 269 96.25 7.48 38.05
N LEU A 270 95.55 6.78 37.17
CA LEU A 270 94.22 7.19 36.77
C LEU A 270 93.20 6.34 37.53
N ARG A 271 92.31 6.99 38.27
CA ARG A 271 91.11 6.37 38.81
C ARG A 271 90.02 6.59 37.79
N LEU A 272 89.47 5.50 37.27
CA LEU A 272 88.31 5.54 36.39
C LEU A 272 87.13 4.94 37.14
N LYS A 273 85.97 5.59 37.09
CA LYS A 273 84.74 5.01 37.59
C LYS A 273 83.50 5.49 36.86
N ALA A 274 82.39 4.79 37.05
CA ALA A 274 81.12 5.21 36.48
C ALA A 274 80.21 4.63 37.52
N ARG A 275 78.93 5.01 37.49
CA ARG A 275 77.94 4.42 38.39
C ARG A 275 76.81 4.11 37.46
N PHE A 276 76.18 2.93 37.57
CA PHE A 276 75.14 2.58 36.62
C PHE A 276 74.00 1.82 37.26
N ALA A 277 72.81 1.87 36.70
CA ALA A 277 71.66 1.12 37.18
C ALA A 277 70.91 0.55 35.98
N TYR A 278 70.08 -0.46 36.17
CA TYR A 278 69.29 -1.05 35.10
C TYR A 278 67.90 -1.44 35.61
N VAL A 279 66.86 -1.18 34.81
CA VAL A 279 65.50 -1.60 35.13
C VAL A 279 64.76 -2.17 33.93
N LEU A 280 63.97 -3.22 34.17
CA LEU A 280 63.11 -3.86 33.18
C LEU A 280 61.64 -3.60 33.48
N GLY A 281 60.90 -3.04 32.54
CA GLY A 281 59.48 -2.69 32.67
C GLY A 281 58.51 -3.83 32.42
N ASN A 282 58.64 -4.96 33.10
CA ASN A 282 57.83 -6.17 32.93
C ASN A 282 56.47 -6.12 33.65
N GLY A 283 55.63 -5.15 33.31
CA GLY A 283 54.32 -4.92 33.92
C GLY A 283 53.16 -5.69 33.28
N ALA A 284 51.98 -5.09 33.27
CA ALA A 284 50.87 -5.46 32.42
C ALA A 284 50.89 -4.66 31.11
N THR A 285 50.31 -5.24 30.07
CA THR A 285 50.08 -4.64 28.75
C THR A 285 48.59 -4.67 28.45
N ALA A 286 48.13 -4.13 27.31
CA ALA A 286 46.73 -4.24 26.87
C ALA A 286 46.22 -5.67 26.77
N VAL A 287 47.12 -6.65 26.64
CA VAL A 287 46.79 -8.09 26.54
C VAL A 287 46.58 -8.73 27.91
N GLY A 288 47.32 -8.33 28.93
CA GLY A 288 47.23 -8.93 30.26
C GLY A 288 48.43 -8.66 31.14
N ASP A 289 48.52 -9.30 32.29
CA ASP A 289 49.49 -9.02 33.36
C ASP A 289 50.71 -9.94 33.38
N ASN A 290 51.75 -9.54 34.12
CA ASN A 290 53.02 -10.26 34.33
C ASN A 290 53.79 -10.59 33.03
N LYS A 291 53.85 -9.64 32.09
CA LYS A 291 54.42 -9.85 30.75
C LYS A 291 55.88 -9.44 30.67
N THR A 292 56.77 -10.29 30.15
CA THR A 292 58.20 -9.97 30.00
C THR A 292 58.51 -9.48 28.59
N PRO A 293 59.18 -8.33 28.40
CA PRO A 293 59.45 -7.77 27.06
C PRO A 293 60.70 -8.34 26.37
N VAL A 294 61.15 -9.54 26.75
CA VAL A 294 62.42 -10.12 26.31
C VAL A 294 62.24 -11.59 25.97
N GLY A 295 62.68 -12.01 24.79
CA GLY A 295 62.84 -13.42 24.43
C GLY A 295 64.28 -13.74 24.04
N ALA A 296 64.71 -14.97 24.23
CA ALA A 296 66.10 -15.38 24.10
C ALA A 296 66.27 -16.56 23.16
N VAL A 297 67.39 -16.64 22.47
CA VAL A 297 67.74 -17.75 21.59
C VAL A 297 69.00 -18.41 22.14
N VAL A 298 68.96 -19.72 22.41
CA VAL A 298 70.03 -20.40 23.15
C VAL A 298 70.53 -21.69 22.48
N PRO A 299 71.82 -22.05 22.58
CA PRO A 299 72.30 -23.35 22.14
C PRO A 299 71.72 -24.49 22.99
N ASP A 300 71.72 -25.70 22.44
CA ASP A 300 71.31 -26.90 23.17
C ASP A 300 72.33 -27.32 24.24
N GLY A 301 71.86 -27.99 25.28
CA GLY A 301 72.66 -28.52 26.40
C GLY A 301 73.67 -29.61 26.02
N SER A 302 74.62 -29.88 26.92
CA SER A 302 75.79 -30.75 26.65
C SER A 302 75.44 -32.17 26.22
N ALA B 2 86.46 5.71 62.68
CA ALA B 2 85.21 6.48 62.62
C ALA B 2 85.01 7.06 61.23
N ASP B 3 83.83 6.87 60.64
CA ASP B 3 83.47 7.39 59.32
C ASP B 3 81.95 7.39 59.16
N ILE B 4 81.43 8.11 58.16
CA ILE B 4 79.99 8.24 57.93
C ILE B 4 79.55 7.30 56.81
N SER B 5 78.66 6.36 57.13
CA SER B 5 78.04 5.41 56.19
C SER B 5 76.83 6.00 55.46
N ARG B 6 76.36 5.38 54.37
CA ARG B 6 75.12 5.85 53.71
C ARG B 6 73.91 5.68 54.68
N SER B 7 73.85 4.59 55.44
CA SER B 7 72.80 4.40 56.46
C SER B 7 72.86 5.45 57.57
N GLU B 8 74.05 5.95 57.91
CA GLU B 8 74.21 6.97 58.94
C GLU B 8 73.83 8.36 58.47
N VAL B 9 73.70 8.58 57.17
CA VAL B 9 73.16 9.82 56.59
C VAL B 9 71.63 9.81 56.54
N ALA B 10 70.98 8.65 56.68
CA ALA B 10 69.53 8.49 56.66
C ALA B 10 68.84 9.29 55.54
N THR B 11 67.74 9.94 55.84
CA THR B 11 66.86 10.62 54.88
C THR B 11 67.30 12.04 54.52
N LEU B 12 68.58 12.36 54.68
CA LEU B 12 69.21 13.46 53.96
C LEU B 12 69.42 13.12 52.47
N ILE B 13 69.53 11.85 52.10
CA ILE B 13 69.53 11.40 50.69
C ILE B 13 68.10 11.01 50.30
N GLN B 14 67.45 11.81 49.48
CA GLN B 14 66.11 11.53 48.99
C GLN B 14 66.11 10.56 47.82
N GLU B 15 65.21 9.58 47.84
CA GLU B 15 64.92 8.68 46.72
C GLU B 15 64.09 9.40 45.66
N ALA B 16 64.46 9.27 44.38
CA ALA B 16 63.80 9.94 43.27
C ALA B 16 62.67 9.11 42.64
N TYR B 17 61.90 9.73 41.77
CA TYR B 17 60.79 9.13 41.03
C TYR B 17 60.90 9.48 39.56
N ALA B 18 60.49 8.59 38.66
CA ALA B 18 60.42 8.84 37.22
C ALA B 18 59.28 8.07 36.57
N ASN B 19 58.57 8.69 35.63
CA ASN B 19 57.40 8.10 34.97
C ASN B 19 57.71 7.45 33.61
N ASP B 20 58.98 7.25 33.24
CA ASP B 20 59.38 6.68 31.95
C ASP B 20 58.67 5.38 31.58
N LEU B 21 58.65 4.42 32.51
CA LEU B 21 58.03 3.11 32.30
C LEU B 21 56.51 3.09 32.47
N LEU B 22 55.87 4.18 32.91
CA LEU B 22 54.46 4.20 33.30
C LEU B 22 53.50 4.09 32.10
N ALA B 23 53.73 4.93 31.08
CA ALA B 23 52.87 5.01 29.93
C ALA B 23 52.80 3.69 29.15
N SER B 24 51.61 3.31 28.74
CA SER B 24 51.36 2.19 27.83
C SER B 24 50.30 2.59 26.81
N ALA B 25 50.52 2.26 25.54
CA ALA B 25 49.59 2.61 24.47
C ALA B 25 48.27 1.85 24.60
N LYS B 26 47.15 2.56 24.52
CA LYS B 26 45.81 1.97 24.59
C LYS B 26 45.34 1.48 23.23
N LYS B 27 44.65 0.33 23.23
CA LYS B 27 44.21 -0.39 22.04
C LYS B 27 42.68 -0.28 21.87
N GLY B 28 42.25 0.03 20.65
CA GLY B 28 40.84 0.17 20.29
C GLY B 28 40.21 -1.17 19.89
N SER B 29 38.89 -1.21 19.81
CA SER B 29 38.19 -2.39 19.27
C SER B 29 38.66 -2.72 17.85
N THR B 30 38.90 -4.00 17.62
CA THR B 30 39.17 -4.56 16.30
C THR B 30 37.97 -4.40 15.39
N VAL B 31 36.78 -4.67 15.90
CA VAL B 31 35.57 -4.70 15.07
C VAL B 31 35.16 -3.33 14.58
N LEU B 32 35.46 -2.25 15.32
CA LEU B 32 35.27 -0.88 14.86
C LEU B 32 36.26 -0.47 13.77
N GLN B 33 37.43 -1.08 13.70
CA GLN B 33 38.37 -0.89 12.60
C GLN B 33 37.95 -1.71 11.38
N ALA B 34 37.61 -2.97 11.58
CA ALA B 34 37.39 -3.93 10.51
C ALA B 34 36.08 -3.76 9.72
N PHE B 35 34.97 -3.41 10.37
CA PHE B 35 33.64 -3.45 9.75
C PHE B 35 33.01 -2.06 9.58
N PRO B 36 32.16 -1.86 8.57
CA PRO B 36 31.39 -0.63 8.41
C PRO B 36 30.44 -0.42 9.58
N THR B 37 30.47 0.77 10.16
CA THR B 37 29.63 1.14 11.31
C THR B 37 28.39 1.91 10.87
N VAL B 38 27.34 1.94 11.68
CA VAL B 38 26.18 2.83 11.47
C VAL B 38 25.86 3.62 12.72
N ASN B 39 25.59 4.90 12.57
CA ASN B 39 25.16 5.78 13.65
C ASN B 39 23.67 5.56 13.91
N MET B 40 23.36 4.95 15.05
CA MET B 40 21.99 4.68 15.46
C MET B 40 21.41 5.88 16.22
N GLY B 41 20.15 6.22 15.97
CA GLY B 41 19.43 7.29 16.67
C GLY B 41 18.44 6.83 17.73
N THR B 42 18.27 5.53 17.88
CA THR B 42 17.25 4.84 18.69
C THR B 42 17.79 3.45 19.05
N LYS B 43 17.17 2.73 19.97
CA LYS B 43 17.65 1.42 20.42
C LYS B 43 17.68 0.39 19.30
N THR B 44 16.71 0.38 18.40
CA THR B 44 16.51 -0.74 17.47
C THR B 44 16.40 -0.27 16.04
N THR B 45 17.10 -0.95 15.13
CA THR B 45 17.00 -0.72 13.68
C THR B 45 16.73 -2.04 12.99
N HIS B 46 15.82 -2.06 12.03
CA HIS B 46 15.44 -3.19 11.20
C HIS B 46 16.16 -3.14 9.87
N LEU B 47 16.73 -4.25 9.44
CA LEU B 47 17.45 -4.40 8.19
C LEU B 47 16.88 -5.63 7.47
N PRO B 48 16.02 -5.48 6.44
CA PRO B 48 15.52 -6.62 5.71
C PRO B 48 16.61 -7.28 4.87
N VAL B 49 16.59 -8.61 4.78
CA VAL B 49 17.44 -9.41 3.90
C VAL B 49 16.58 -10.37 3.10
N LEU B 50 16.97 -10.70 1.88
CA LEU B 50 16.36 -11.80 1.14
C LEU B 50 16.64 -13.12 1.85
N ALA B 51 15.62 -13.96 2.03
CA ALA B 51 15.70 -15.18 2.82
C ALA B 51 15.33 -16.47 2.06
N THR B 52 14.69 -16.40 0.90
CA THR B 52 14.37 -17.57 0.07
C THR B 52 14.25 -17.17 -1.39
N LEU B 53 14.76 -17.99 -2.30
CA LEU B 53 14.60 -17.79 -3.74
C LEU B 53 13.31 -18.47 -4.27
N PRO B 54 12.66 -17.94 -5.31
CA PRO B 54 11.66 -18.68 -6.06
C PRO B 54 12.29 -19.85 -6.82
N GLY B 55 11.49 -20.77 -7.34
CA GLY B 55 11.95 -21.86 -8.20
C GLY B 55 11.05 -22.08 -9.41
N ALA B 56 11.66 -22.18 -10.59
CA ALA B 56 11.00 -22.47 -11.87
C ALA B 56 10.91 -23.97 -12.18
N SER B 57 10.15 -24.36 -13.20
CA SER B 57 10.06 -25.75 -13.66
C SER B 57 9.97 -25.83 -15.18
N TRP B 58 10.36 -26.96 -15.74
CA TRP B 58 10.08 -27.31 -17.12
C TRP B 58 8.61 -27.71 -17.23
N VAL B 59 7.89 -27.13 -18.19
CA VAL B 59 6.45 -27.36 -18.37
C VAL B 59 6.15 -27.90 -19.76
N SER B 60 5.14 -28.77 -19.84
CA SER B 60 4.61 -29.29 -21.10
C SER B 60 3.47 -28.42 -21.64
N GLU B 61 2.94 -28.73 -22.81
CA GLU B 61 1.78 -28.04 -23.38
C GLU B 61 0.57 -28.95 -23.25
N SER B 62 -0.46 -28.56 -22.50
CA SER B 62 -1.69 -29.33 -22.36
C SER B 62 -2.78 -28.47 -21.75
N ALA B 63 -3.98 -28.53 -22.31
CA ALA B 63 -5.17 -27.84 -21.80
C ALA B 63 -5.78 -28.51 -20.56
N THR B 64 -5.50 -29.80 -20.33
CA THR B 64 -6.23 -30.63 -19.37
C THR B 64 -5.36 -31.35 -18.36
N GLU B 65 -4.09 -31.64 -18.68
CA GLU B 65 -3.24 -32.43 -17.78
C GLU B 65 -2.42 -31.56 -16.80
N PRO B 66 -2.07 -32.06 -15.60
CA PRO B 66 -1.34 -31.29 -14.60
C PRO B 66 0.04 -30.79 -15.03
N GLU B 67 0.77 -31.57 -15.82
CA GLU B 67 2.07 -31.16 -16.36
C GLU B 67 1.99 -30.00 -17.35
N GLY B 68 0.79 -29.58 -17.77
CA GLY B 68 0.57 -28.38 -18.57
C GLY B 68 0.41 -27.08 -17.78
N VAL B 69 0.30 -27.15 -16.44
CA VAL B 69 0.10 -25.97 -15.58
C VAL B 69 1.43 -25.44 -15.06
N LYS B 70 1.64 -24.13 -15.19
CA LYS B 70 2.82 -23.44 -14.63
C LYS B 70 2.80 -23.35 -13.12
N PRO B 71 3.88 -23.72 -12.43
CA PRO B 71 3.92 -23.69 -10.98
C PRO B 71 3.92 -22.26 -10.46
N THR B 72 3.24 -22.03 -9.34
CA THR B 72 3.44 -20.87 -8.49
C THR B 72 4.55 -21.13 -7.47
N SER B 73 5.41 -20.16 -7.21
CA SER B 73 6.32 -20.17 -6.06
C SER B 73 6.52 -18.78 -5.48
N GLU B 74 7.20 -18.68 -4.35
CA GLU B 74 7.42 -17.43 -3.63
C GLU B 74 8.90 -17.18 -3.35
N ALA B 75 9.34 -15.94 -3.59
CA ALA B 75 10.48 -15.37 -2.90
C ALA B 75 10.11 -15.07 -1.43
N THR B 76 11.06 -14.83 -0.54
CA THR B 76 10.76 -14.40 0.84
C THR B 76 11.88 -13.54 1.38
N TRP B 77 11.57 -12.61 2.26
CA TRP B 77 12.53 -11.78 2.97
C TRP B 77 12.35 -11.96 4.48
N ALA B 78 13.39 -11.72 5.25
CA ALA B 78 13.38 -11.79 6.70
C ALA B 78 14.03 -10.54 7.30
N ASP B 79 13.86 -10.31 8.61
CA ASP B 79 14.53 -9.18 9.28
C ASP B 79 15.84 -9.60 9.96
N ARG B 80 16.90 -8.78 9.88
CA ARG B 80 18.16 -9.02 10.60
C ARG B 80 18.20 -7.73 11.37
N THR B 81 18.50 -7.73 12.66
CA THR B 81 18.36 -6.50 13.46
C THR B 81 19.50 -5.94 14.30
N LEU B 82 19.69 -4.61 14.32
CA LEU B 82 20.62 -4.00 15.26
C LEU B 82 19.83 -3.68 16.52
N VAL B 83 20.17 -4.25 17.67
CA VAL B 83 19.68 -3.78 18.97
C VAL B 83 20.85 -3.21 19.76
N ALA B 84 20.76 -1.94 20.12
CA ALA B 84 21.78 -1.25 20.90
C ALA B 84 21.70 -1.65 22.36
N GLU B 85 22.80 -2.18 22.88
CA GLU B 85 22.99 -2.67 24.23
C GLU B 85 24.16 -1.94 24.85
N GLU B 86 24.16 -1.76 26.17
CA GLU B 86 25.18 -0.95 26.84
C GLU B 86 26.17 -1.78 27.63
N VAL B 87 27.43 -1.39 27.48
CA VAL B 87 28.59 -1.96 28.13
C VAL B 87 29.24 -0.88 28.99
N ALA B 88 29.47 -1.18 30.27
CA ALA B 88 29.80 -0.17 31.26
C ALA B 88 30.72 -0.68 32.37
N VAL B 89 31.39 0.25 33.06
CA VAL B 89 32.21 -0.01 34.26
C VAL B 89 32.20 1.23 35.17
N ILE B 90 32.36 1.05 36.48
CA ILE B 90 32.61 2.12 37.45
C ILE B 90 33.94 1.85 38.16
N ILE B 91 34.83 2.83 38.24
CA ILE B 91 36.14 2.63 38.87
C ILE B 91 36.28 3.59 40.06
N PRO B 92 35.98 3.15 41.29
CA PRO B 92 36.08 3.97 42.48
C PRO B 92 37.53 4.06 43.00
N VAL B 93 37.93 5.25 43.45
CA VAL B 93 39.24 5.55 44.05
C VAL B 93 39.08 6.59 45.15
N HIS B 94 39.89 6.54 46.21
CA HIS B 94 39.82 7.51 47.29
C HIS B 94 40.23 8.92 46.84
N GLU B 95 39.52 9.97 47.24
CA GLU B 95 39.82 11.33 46.81
C GLU B 95 41.22 11.78 47.24
N ASN B 96 41.70 11.35 48.40
CA ASN B 96 43.05 11.68 48.89
C ASN B 96 44.13 11.04 48.03
N VAL B 97 43.93 9.82 47.55
CA VAL B 97 44.88 9.15 46.66
C VAL B 97 44.96 9.87 45.32
N VAL B 98 43.85 10.33 44.76
CA VAL B 98 43.89 11.15 43.55
C VAL B 98 44.57 12.49 43.81
N ASP B 99 44.39 13.11 44.96
CA ASP B 99 45.08 14.36 45.31
C ASP B 99 46.60 14.17 45.50
N ASP B 100 47.03 13.06 46.09
CA ASP B 100 48.44 12.77 46.36
C ASP B 100 49.19 12.23 45.14
N ALA B 101 48.54 11.50 44.23
CA ALA B 101 49.18 10.99 43.02
C ALA B 101 49.78 12.11 42.18
N SER B 102 51.01 11.90 41.67
CA SER B 102 51.77 12.93 40.95
C SER B 102 51.35 13.07 39.49
N THR B 103 51.05 11.95 38.84
CA THR B 103 50.44 11.89 37.51
C THR B 103 48.96 12.29 37.56
N SER B 104 48.36 12.65 36.43
CA SER B 104 46.90 12.77 36.32
C SER B 104 46.26 11.39 36.29
N LEU B 105 46.03 10.83 37.48
CA LEU B 105 45.54 9.46 37.68
C LEU B 105 44.16 9.21 37.05
N LEU B 106 43.26 10.19 37.06
CA LEU B 106 41.92 10.03 36.49
C LEU B 106 41.95 9.88 34.98
N GLU B 107 42.87 10.53 34.28
CA GLU B 107 42.98 10.37 32.83
C GLU B 107 43.42 8.97 32.44
N GLU B 108 44.32 8.39 33.23
CA GLU B 108 44.69 7.00 33.06
C GLU B 108 43.55 6.05 33.40
N ILE B 109 42.81 6.27 34.49
CA ILE B 109 41.65 5.43 34.80
C ILE B 109 40.60 5.49 33.68
N ALA B 110 40.32 6.66 33.10
CA ALA B 110 39.44 6.77 31.95
C ALA B 110 39.98 6.00 30.74
N ALA B 111 41.27 6.16 30.42
CA ALA B 111 41.89 5.49 29.29
C ALA B 111 41.92 3.96 29.43
N LEU B 112 42.11 3.43 30.64
CA LEU B 112 42.00 2.00 30.90
C LEU B 112 40.56 1.49 30.81
N GLY B 113 39.58 2.22 31.32
CA GLY B 113 38.17 1.85 31.20
C GLY B 113 37.69 1.81 29.75
N GLY B 114 38.11 2.75 28.89
CA GLY B 114 37.75 2.73 27.47
C GLY B 114 38.29 1.51 26.72
N GLN B 115 39.50 1.09 27.05
CA GLN B 115 40.10 -0.15 26.57
C GLN B 115 39.37 -1.39 27.08
N ALA B 116 38.94 -1.41 28.34
CA ALA B 116 38.17 -2.53 28.88
C ALA B 116 36.79 -2.67 28.23
N ILE B 117 36.13 -1.55 27.89
CA ILE B 117 34.88 -1.56 27.11
C ILE B 117 35.15 -2.08 25.68
N GLY B 118 36.15 -1.55 25.00
CA GLY B 118 36.47 -1.98 23.64
C GLY B 118 36.79 -3.47 23.53
N LYS B 119 37.44 -4.04 24.54
CA LYS B 119 37.63 -5.48 24.67
C LYS B 119 36.31 -6.23 24.72
N LYS B 120 35.35 -5.83 25.56
CA LYS B 120 34.06 -6.52 25.70
C LYS B 120 33.26 -6.51 24.41
N LEU B 121 33.34 -5.45 23.62
CA LEU B 121 32.75 -5.42 22.27
C LEU B 121 33.39 -6.46 21.34
N ASP B 122 34.71 -6.51 21.24
CA ASP B 122 35.40 -7.53 20.43
C ASP B 122 35.09 -8.95 20.89
N GLN B 123 35.03 -9.21 22.19
CA GLN B 123 34.72 -10.52 22.73
C GLN B 123 33.29 -10.96 22.39
N ALA B 124 32.33 -10.05 22.36
CA ALA B 124 30.94 -10.35 22.04
C ALA B 124 30.70 -10.54 20.54
N VAL B 125 31.44 -9.83 19.68
CA VAL B 125 31.23 -9.89 18.24
C VAL B 125 32.02 -11.02 17.60
N ILE B 126 33.30 -11.16 17.92
CA ILE B 126 34.17 -12.14 17.27
C ILE B 126 33.87 -13.54 17.81
N PHE B 127 33.76 -13.69 19.12
CA PHE B 127 33.43 -14.94 19.81
C PHE B 127 32.04 -14.81 20.44
N GLY B 128 31.48 -15.89 20.96
CA GLY B 128 30.17 -15.83 21.61
C GLY B 128 30.17 -15.29 23.05
N THR B 129 31.31 -14.82 23.56
CA THR B 129 31.67 -14.80 24.99
C THR B 129 30.58 -14.34 25.96
N ASP B 130 30.19 -13.07 25.95
CA ASP B 130 29.10 -12.54 26.78
C ASP B 130 28.07 -11.77 25.95
N LYS B 131 27.78 -12.28 24.75
CA LYS B 131 26.91 -11.59 23.81
C LYS B 131 25.55 -11.30 24.45
N PRO B 132 25.04 -10.05 24.44
CA PRO B 132 23.72 -9.74 24.95
C PRO B 132 22.65 -10.55 24.23
N SER B 133 21.70 -11.14 24.96
CA SER B 133 20.68 -12.02 24.39
C SER B 133 19.80 -11.38 23.31
N SER B 134 19.64 -10.07 23.33
CA SER B 134 18.88 -9.33 22.31
C SER B 134 19.58 -9.26 20.95
N TRP B 135 20.88 -9.53 20.88
CA TRP B 135 21.61 -9.65 19.61
C TRP B 135 21.35 -11.04 19.06
N VAL B 136 20.38 -11.18 18.17
CA VAL B 136 19.97 -12.49 17.61
C VAL B 136 20.90 -12.99 16.50
N SER B 137 21.73 -12.13 15.93
CA SER B 137 22.81 -12.58 15.03
C SER B 137 23.84 -13.41 15.78
N PRO B 138 24.29 -14.56 15.26
CA PRO B 138 25.40 -15.29 15.86
C PRO B 138 26.69 -14.48 15.77
N ALA B 139 27.58 -14.60 16.75
CA ALA B 139 28.93 -14.06 16.67
C ALA B 139 29.74 -14.73 15.55
N LEU B 140 30.81 -14.09 15.07
CA LEU B 140 31.53 -14.51 13.87
C LEU B 140 32.04 -15.96 13.92
N LEU B 141 32.76 -16.38 14.96
CA LEU B 141 33.22 -17.76 15.07
C LEU B 141 32.06 -18.76 15.21
N PRO B 142 31.08 -18.57 16.12
CA PRO B 142 29.92 -19.44 16.19
C PRO B 142 29.12 -19.58 14.89
N ALA B 143 29.02 -18.51 14.08
CA ALA B 143 28.41 -18.56 12.76
C ALA B 143 29.16 -19.53 11.82
N ALA B 144 30.48 -19.40 11.71
CA ALA B 144 31.30 -20.28 10.88
C ALA B 144 31.25 -21.74 11.34
N VAL B 145 31.37 -21.99 12.64
CA VAL B 145 31.29 -23.34 13.21
C VAL B 145 29.93 -23.98 12.94
N ALA B 146 28.83 -23.26 13.12
CA ALA B 146 27.49 -23.80 12.86
C ALA B 146 27.25 -24.11 11.38
N ALA B 147 27.81 -23.31 10.49
CA ALA B 147 27.79 -23.53 9.05
C ALA B 147 28.79 -24.61 8.56
N ASN B 148 29.55 -25.24 9.45
CA ASN B 148 30.65 -26.15 9.14
C ASN B 148 31.74 -25.53 8.25
N GLN B 149 31.97 -24.22 8.42
CA GLN B 149 32.99 -23.52 7.62
C GLN B 149 34.32 -23.42 8.36
N ASP B 150 34.39 -23.94 9.58
CA ASP B 150 35.68 -23.96 10.31
C ASP B 150 36.61 -25.03 9.72
N TYR B 151 37.91 -24.73 9.60
CA TYR B 151 38.89 -25.69 9.07
C TYR B 151 40.09 -25.84 9.99
N THR B 152 40.41 -27.06 10.40
CA THR B 152 41.50 -27.27 11.37
C THR B 152 42.91 -27.29 10.76
N ILE B 153 43.88 -26.67 11.44
CA ILE B 153 45.25 -26.67 10.95
C ILE B 153 45.92 -28.03 11.14
N VAL B 154 46.71 -28.48 10.18
CA VAL B 154 47.67 -29.57 10.37
C VAL B 154 49.03 -28.96 10.73
N PRO B 155 49.49 -29.10 11.99
CA PRO B 155 50.74 -28.51 12.42
C PRO B 155 51.94 -29.23 11.78
N GLY B 156 53.06 -28.52 11.66
CA GLY B 156 54.29 -29.02 11.06
C GLY B 156 54.69 -28.22 9.83
N ASP B 157 55.36 -28.87 8.91
CA ASP B 157 55.81 -28.24 7.66
C ASP B 157 54.62 -27.83 6.80
N ALA B 158 54.83 -26.87 5.91
CA ALA B 158 53.84 -26.35 4.99
C ALA B 158 53.17 -27.48 4.20
N ASN B 159 51.86 -27.41 4.05
CA ASN B 159 51.01 -28.46 3.49
C ASN B 159 49.64 -27.85 3.09
N GLU B 160 48.76 -28.57 2.39
CA GLU B 160 47.47 -28.01 1.96
C GLU B 160 46.55 -27.55 3.12
N ASP B 161 46.79 -28.01 4.35
CA ASP B 161 46.09 -27.66 5.59
C ASP B 161 46.98 -26.96 6.62
N ASP B 162 48.10 -26.37 6.22
CA ASP B 162 48.82 -25.43 7.09
C ASP B 162 47.98 -24.15 7.30
N LEU B 163 48.49 -23.19 8.06
CA LEU B 163 47.76 -21.95 8.36
C LEU B 163 47.28 -21.20 7.11
N ILE B 164 48.12 -21.09 6.10
CA ILE B 164 47.78 -20.48 4.80
C ILE B 164 46.76 -21.31 4.03
N GLY B 165 46.86 -22.63 4.12
CA GLY B 165 45.93 -23.56 3.53
C GLY B 165 44.56 -23.44 4.13
N CYS B 166 44.46 -23.41 5.45
CA CYS B 166 43.21 -23.14 6.15
C CYS B 166 42.61 -21.78 5.83
N ILE B 167 43.39 -20.68 5.78
CA ILE B 167 42.86 -19.36 5.37
C ILE B 167 42.26 -19.45 3.98
N ASN B 168 42.90 -20.18 3.07
CA ASN B 168 42.36 -20.44 1.75
C ASN B 168 41.09 -21.27 1.79
N ARG B 169 40.97 -22.32 2.61
CA ARG B 169 39.72 -23.07 2.78
C ARG B 169 38.59 -22.19 3.33
N ALA B 170 38.87 -21.33 4.31
CA ALA B 170 37.89 -20.40 4.86
C ALA B 170 37.40 -19.41 3.78
N SER B 171 38.32 -18.90 2.97
CA SER B 171 38.01 -18.05 1.83
C SER B 171 37.21 -18.75 0.76
N LYS B 172 37.55 -20.00 0.42
CA LYS B 172 36.77 -20.84 -0.49
C LYS B 172 35.35 -20.98 0.04
N ALA B 173 35.14 -21.29 1.30
CA ALA B 173 33.80 -21.47 1.86
C ALA B 173 32.94 -20.22 1.72
N VAL B 174 33.45 -19.05 2.07
CA VAL B 174 32.73 -17.77 1.98
C VAL B 174 32.47 -17.37 0.54
N ALA B 175 33.41 -17.57 -0.36
CA ALA B 175 33.21 -17.33 -1.80
C ALA B 175 32.19 -18.29 -2.41
N ALA B 176 32.25 -19.58 -2.12
CA ALA B 176 31.30 -20.58 -2.59
C ALA B 176 29.89 -20.38 -2.03
N ALA B 177 29.74 -19.75 -0.86
CA ALA B 177 28.44 -19.35 -0.34
C ALA B 177 27.78 -18.19 -1.12
N GLY B 178 28.48 -17.55 -2.05
CA GLY B 178 27.98 -16.43 -2.86
C GLY B 178 28.38 -15.05 -2.35
N TYR B 179 29.31 -14.95 -1.41
CA TYR B 179 29.84 -13.69 -0.89
C TYR B 179 31.21 -13.37 -1.47
N MET B 180 31.79 -12.23 -1.09
CA MET B 180 33.14 -11.81 -1.49
C MET B 180 34.03 -11.66 -0.26
N PRO B 181 34.82 -12.68 0.14
CA PRO B 181 35.66 -12.55 1.32
C PRO B 181 36.71 -11.46 1.11
N ASP B 182 36.87 -10.55 2.06
CA ASP B 182 37.71 -9.35 1.89
C ASP B 182 38.42 -8.89 3.16
N THR B 183 38.27 -9.60 4.26
CA THR B 183 38.69 -9.15 5.58
C THR B 183 39.16 -10.35 6.38
N LEU B 184 40.34 -10.25 6.97
CA LEU B 184 40.95 -11.27 7.79
C LEU B 184 41.15 -10.73 9.19
N LEU B 185 40.59 -11.39 10.18
CA LEU B 185 40.80 -11.10 11.59
C LEU B 185 41.73 -12.15 12.16
N ALA B 186 42.71 -11.76 12.95
CA ALA B 186 43.63 -12.69 13.59
C ALA B 186 44.19 -12.13 14.90
N SER B 187 44.82 -12.96 15.72
CA SER B 187 45.51 -12.50 16.94
C SER B 187 46.78 -11.72 16.62
N LEU B 188 47.33 -10.99 17.59
CA LEU B 188 48.78 -10.73 17.58
C LEU B 188 49.52 -12.07 17.58
N GLY B 189 50.73 -12.10 17.03
CA GLY B 189 51.50 -13.34 16.90
C GLY B 189 51.19 -14.16 15.65
N PHE B 190 50.02 -13.93 15.03
CA PHE B 190 49.65 -14.60 13.78
C PHE B 190 50.68 -14.33 12.73
N ARG B 191 51.18 -13.10 12.69
CA ARG B 191 52.14 -12.70 11.66
C ARG B 191 53.42 -13.50 11.75
N PHE B 192 53.85 -13.81 12.96
CA PHE B 192 55.07 -14.58 13.16
C PHE B 192 54.91 -16.06 12.80
N ASP B 193 53.71 -16.63 12.92
CA ASP B 193 53.47 -18.01 12.50
C ASP B 193 53.50 -18.17 10.99
N VAL B 194 52.89 -17.29 10.21
CA VAL B 194 53.05 -17.35 8.75
C VAL B 194 54.51 -17.13 8.33
N ALA B 195 55.25 -16.24 8.98
CA ALA B 195 56.66 -16.04 8.64
C ALA B 195 57.59 -17.20 9.04
N ASN B 196 57.27 -18.01 10.05
CA ASN B 196 58.11 -19.15 10.45
C ASN B 196 57.73 -20.47 9.78
N LEU B 197 56.60 -20.48 9.07
CA LEU B 197 56.10 -21.69 8.42
C LEU B 197 57.08 -22.18 7.37
N ARG B 198 57.69 -23.38 7.55
CA ARG B 198 58.76 -23.92 6.65
C ARG B 198 58.38 -25.10 5.76
N ASP B 199 58.82 -25.16 4.49
CA ASP B 199 58.54 -26.27 3.57
C ASP B 199 59.42 -27.50 4.02
N ALA B 200 59.46 -28.61 3.28
CA ALA B 200 60.21 -29.80 3.71
C ALA B 200 61.74 -29.62 3.71
N ASN B 201 62.29 -28.64 2.99
CA ASN B 201 63.73 -28.35 3.05
C ASN B 201 64.10 -27.42 4.20
N GLY B 202 63.11 -26.90 4.93
CA GLY B 202 63.29 -25.96 6.03
C GLY B 202 63.30 -24.50 5.61
N ASN B 203 63.01 -24.19 4.36
CA ASN B 203 62.97 -22.83 3.85
C ASN B 203 61.64 -22.13 4.20
N PRO B 204 61.64 -20.92 4.76
CA PRO B 204 60.42 -20.21 5.15
C PRO B 204 59.75 -19.52 3.96
N ILE B 205 59.00 -20.28 3.18
CA ILE B 205 58.42 -19.87 1.88
C ILE B 205 57.41 -18.72 1.91
N PHE B 206 56.87 -18.36 3.07
CA PHE B 206 55.80 -17.38 3.25
C PHE B 206 56.21 -16.05 3.88
N ARG B 207 57.50 -15.74 4.10
CA ARG B 207 57.89 -14.48 4.78
C ARG B 207 57.41 -13.22 4.08
N ASP B 208 57.33 -13.24 2.76
CA ASP B 208 56.79 -12.17 1.93
C ASP B 208 55.35 -12.42 1.44
N GLU B 209 54.60 -13.32 2.09
CA GLU B 209 53.17 -13.51 1.84
C GLU B 209 52.37 -12.30 2.32
N SER B 210 51.52 -11.77 1.45
CA SER B 210 50.49 -10.80 1.83
C SER B 210 49.17 -11.23 1.20
N PHE B 211 48.10 -11.13 1.97
CA PHE B 211 46.82 -11.73 1.62
C PHE B 211 46.14 -10.98 0.48
N ASN B 212 45.30 -11.69 -0.26
CA ASN B 212 44.86 -11.35 -1.63
C ASN B 212 43.91 -10.13 -1.69
N GLY B 213 44.42 -8.94 -1.40
CA GLY B 213 43.62 -7.74 -1.24
C GLY B 213 42.76 -7.72 0.02
N PHE B 214 42.99 -8.61 0.99
CA PHE B 214 42.27 -8.62 2.26
C PHE B 214 42.77 -7.48 3.14
N GLY B 215 41.84 -6.79 3.80
CA GLY B 215 42.18 -6.00 4.98
C GLY B 215 42.53 -6.94 6.12
N THR B 216 43.67 -6.74 6.77
CA THR B 216 44.14 -7.62 7.87
C THR B 216 44.10 -6.86 9.18
N TYR B 217 43.40 -7.38 10.17
CA TYR B 217 43.18 -6.71 11.46
C TYR B 217 43.61 -7.60 12.60
N PHE B 218 44.59 -7.17 13.38
CA PHE B 218 45.17 -7.98 14.45
C PHE B 218 44.66 -7.52 15.81
N ASN B 219 44.06 -8.42 16.59
CA ASN B 219 43.45 -8.07 17.86
C ASN B 219 44.49 -7.84 18.96
N ALA B 220 44.66 -6.59 19.39
CA ALA B 220 45.58 -6.20 20.46
C ALA B 220 44.94 -5.96 21.84
N ASN B 221 43.61 -6.07 21.98
CA ASN B 221 42.87 -5.84 23.22
C ASN B 221 43.02 -6.96 24.25
N GLY B 222 43.69 -8.06 23.92
CA GLY B 222 43.54 -9.30 24.69
C GLY B 222 42.13 -9.87 24.63
N ALA B 223 41.33 -9.47 23.65
CA ALA B 223 40.00 -10.05 23.43
C ALA B 223 40.10 -11.45 22.82
N TRP B 224 41.09 -11.69 21.96
CA TRP B 224 41.35 -12.97 21.33
C TRP B 224 41.77 -14.04 22.36
N PRO B 225 41.00 -15.11 22.57
CA PRO B 225 41.33 -16.16 23.52
C PRO B 225 42.46 -17.06 23.04
N VAL B 226 43.03 -17.87 23.93
CA VAL B 226 44.10 -18.82 23.59
C VAL B 226 43.55 -20.20 23.25
N GLY B 227 43.98 -20.78 22.13
CA GLY B 227 43.65 -22.15 21.74
C GLY B 227 42.23 -22.39 21.22
N VAL B 228 41.52 -21.34 20.77
CA VAL B 228 40.14 -21.42 20.25
C VAL B 228 40.07 -21.23 18.74
N ALA B 229 40.68 -20.17 18.21
CA ALA B 229 40.77 -19.90 16.78
C ALA B 229 42.06 -19.17 16.45
N GLU B 230 42.60 -19.38 15.26
CA GLU B 230 43.80 -18.69 14.78
C GLU B 230 43.46 -17.48 13.91
N ALA B 231 42.42 -17.59 13.08
CA ALA B 231 41.93 -16.52 12.22
C ALA B 231 40.46 -16.72 11.81
N LEU B 232 39.85 -15.63 11.33
CA LEU B 232 38.52 -15.62 10.72
C LEU B 232 38.58 -14.86 9.40
N VAL B 233 37.97 -15.40 8.36
CA VAL B 233 37.81 -14.75 7.07
C VAL B 233 36.36 -14.39 6.88
N VAL B 234 36.06 -13.17 6.48
CA VAL B 234 34.69 -12.66 6.38
C VAL B 234 34.51 -11.69 5.21
N ASP B 235 33.32 -11.67 4.61
CA ASP B 235 32.87 -10.57 3.75
C ASP B 235 32.38 -9.42 4.62
N SER B 236 33.23 -8.42 4.84
CA SER B 236 32.92 -7.33 5.75
C SER B 236 31.74 -6.47 5.34
N SER B 237 31.26 -6.56 4.10
CA SER B 237 30.03 -5.88 3.69
C SER B 237 28.78 -6.48 4.31
N ARG B 238 28.83 -7.73 4.79
CA ARG B 238 27.70 -8.44 5.43
C ARG B 238 27.65 -8.27 6.94
N VAL B 239 28.45 -7.40 7.52
CA VAL B 239 28.41 -7.05 8.94
C VAL B 239 28.08 -5.57 9.07
N ARG B 240 27.32 -5.18 10.09
CA ARG B 240 27.34 -3.80 10.61
C ARG B 240 27.57 -3.79 12.10
N ILE B 241 28.42 -2.88 12.55
CA ILE B 241 28.53 -2.53 13.96
C ILE B 241 27.78 -1.21 14.16
N GLY B 242 26.60 -1.27 14.73
CA GLY B 242 25.87 -0.08 15.10
C GLY B 242 26.51 0.55 16.33
N VAL B 243 26.76 1.87 16.32
CA VAL B 243 27.39 2.57 17.45
C VAL B 243 26.39 3.59 17.96
N ARG B 244 25.49 3.14 18.82
CA ARG B 244 24.47 4.03 19.39
C ARG B 244 25.11 5.11 20.24
N GLN B 245 26.13 4.75 21.01
CA GLN B 245 26.84 5.73 21.84
C GLN B 245 28.32 5.37 21.85
N ASP B 246 29.21 6.37 21.78
CA ASP B 246 30.65 6.12 21.91
C ASP B 246 31.10 6.19 23.38
N ILE B 247 32.33 5.82 23.70
CA ILE B 247 32.85 5.80 25.07
C ILE B 247 32.63 7.17 25.73
N THR B 248 31.92 7.17 26.85
CA THR B 248 31.47 8.37 27.55
C THR B 248 31.84 8.28 29.02
N VAL B 249 32.33 9.37 29.61
CA VAL B 249 32.85 9.39 30.99
C VAL B 249 32.02 10.33 31.86
N LYS B 250 31.48 9.84 32.97
CA LYS B 250 30.83 10.64 34.02
C LYS B 250 31.65 10.56 35.30
N PHE B 251 32.11 11.71 35.79
CA PHE B 251 32.76 11.85 37.08
C PHE B 251 31.73 11.84 38.22
N LEU B 252 31.86 10.90 39.15
CA LEU B 252 30.98 10.72 40.30
C LEU B 252 31.72 11.08 41.60
N ASP B 253 31.12 11.94 42.41
CA ASP B 253 31.66 12.31 43.72
C ASP B 253 30.64 12.22 44.86
N GLN B 254 29.36 11.95 44.59
CA GLN B 254 28.31 11.85 45.60
C GLN B 254 27.55 10.52 45.61
N ALA B 255 27.51 9.79 44.49
CA ALA B 255 26.67 8.60 44.30
C ALA B 255 26.94 7.45 45.27
N THR B 256 26.01 6.51 45.39
CA THR B 256 26.27 5.19 45.99
C THR B 256 26.56 4.19 44.88
N VAL B 257 27.74 3.59 44.88
CA VAL B 257 28.17 2.61 43.86
C VAL B 257 28.49 1.29 44.56
N GLY B 258 27.86 0.19 44.15
CA GLY B 258 27.81 -0.99 45.01
C GLY B 258 27.18 -0.63 46.35
N SER B 259 27.90 -0.88 47.45
CA SER B 259 27.57 -0.38 48.78
C SER B 259 28.44 0.80 49.25
N ILE B 260 29.22 1.41 48.36
CA ILE B 260 30.13 2.53 48.66
C ILE B 260 29.36 3.84 48.49
N ASN B 261 28.91 4.46 49.58
CA ASN B 261 28.48 5.86 49.58
C ASN B 261 29.69 6.77 49.36
N LEU B 262 29.90 7.30 48.16
CA LEU B 262 31.16 7.95 47.81
C LEU B 262 31.48 9.19 48.64
N ALA B 263 30.50 10.06 48.92
CA ALA B 263 30.75 11.31 49.65
C ALA B 263 31.19 11.10 51.10
N GLU B 264 30.50 10.27 51.87
CA GLU B 264 30.85 10.03 53.28
C GLU B 264 32.05 9.10 53.47
N ARG B 265 32.45 8.35 52.44
CA ARG B 265 33.71 7.60 52.44
C ARG B 265 34.87 8.39 51.83
N ASP B 266 34.67 9.66 51.49
CA ASP B 266 35.71 10.53 50.92
C ASP B 266 36.31 9.96 49.63
N MET B 267 35.48 9.33 48.79
CA MET B 267 35.86 8.69 47.53
C MET B 267 35.22 9.37 46.33
N ILE B 268 35.74 9.09 45.14
CA ILE B 268 35.21 9.49 43.84
C ILE B 268 35.26 8.28 42.91
N ALA B 269 34.54 8.29 41.81
CA ALA B 269 34.61 7.24 40.81
C ALA B 269 34.49 7.81 39.41
N LEU B 270 34.90 7.03 38.39
CA LEU B 270 34.72 7.42 36.96
C LEU B 270 33.80 6.39 36.31
N ARG B 271 32.55 6.74 36.04
CA ARG B 271 31.58 5.79 35.48
C ARG B 271 31.59 5.81 33.96
N LEU B 272 32.09 4.75 33.33
CA LEU B 272 32.18 4.73 31.87
C LEU B 272 31.05 3.94 31.21
N LYS B 273 30.62 4.32 30.01
CA LYS B 273 29.62 3.55 29.25
C LYS B 273 29.73 3.80 27.75
N ALA B 274 29.22 2.86 26.98
CA ALA B 274 28.98 2.99 25.55
C ALA B 274 27.81 2.09 25.15
N ARG B 275 27.22 2.32 23.98
CA ARG B 275 26.10 1.53 23.45
C ARG B 275 26.39 1.05 22.04
N PHE B 276 26.35 -0.25 21.85
CA PHE B 276 26.73 -0.91 20.60
C PHE B 276 25.69 -1.93 20.18
N ALA B 277 25.64 -2.22 18.90
CA ALA B 277 24.77 -3.21 18.28
C ALA B 277 25.55 -3.95 17.19
N TYR B 278 25.17 -5.18 16.89
CA TYR B 278 25.81 -5.98 15.85
C TYR B 278 24.79 -6.80 15.05
N VAL B 279 24.96 -6.84 13.74
CA VAL B 279 24.14 -7.64 12.82
C VAL B 279 24.97 -8.33 11.76
N LEU B 280 24.60 -9.57 11.45
CA LEU B 280 25.19 -10.39 10.39
C LEU B 280 24.16 -10.65 9.29
N GLY B 281 24.48 -10.32 8.05
CA GLY B 281 23.60 -10.42 6.88
C GLY B 281 23.60 -11.77 6.18
N ASN B 282 23.50 -12.86 6.94
CA ASN B 282 23.50 -14.26 6.47
C ASN B 282 22.17 -14.73 5.85
N GLY B 283 21.64 -13.98 4.89
CA GLY B 283 20.42 -14.35 4.16
C GLY B 283 20.64 -15.39 3.08
N ALA B 284 19.79 -15.35 2.05
CA ALA B 284 20.04 -16.02 0.79
C ALA B 284 21.05 -15.23 -0.07
N THR B 285 21.71 -15.93 -0.99
CA THR B 285 22.49 -15.33 -2.07
C THR B 285 22.04 -15.95 -3.38
N ALA B 286 22.62 -15.54 -4.51
CA ALA B 286 22.37 -16.19 -5.80
C ALA B 286 22.63 -17.71 -5.79
N VAL B 287 23.44 -18.22 -4.86
CA VAL B 287 23.77 -19.63 -4.72
C VAL B 287 22.65 -20.41 -4.03
N GLY B 288 21.91 -19.80 -3.11
CA GLY B 288 20.80 -20.45 -2.40
C GLY B 288 20.45 -19.80 -1.07
N ASP B 289 19.61 -20.44 -0.29
CA ASP B 289 19.15 -19.95 1.03
C ASP B 289 20.18 -20.17 2.14
N ASN B 290 20.09 -19.40 3.25
CA ASN B 290 20.83 -19.60 4.51
C ASN B 290 22.35 -19.71 4.38
N LYS B 291 22.96 -18.76 3.68
CA LYS B 291 24.39 -18.78 3.36
C LYS B 291 25.17 -17.91 4.34
N THR B 292 26.24 -18.42 4.94
CA THR B 292 27.01 -17.74 5.98
C THR B 292 28.23 -17.04 5.39
N PRO B 293 28.48 -15.74 5.66
CA PRO B 293 29.57 -14.99 5.07
C PRO B 293 30.88 -15.06 5.86
N VAL B 294 31.09 -16.08 6.70
CA VAL B 294 32.25 -16.22 7.59
C VAL B 294 32.82 -17.63 7.54
N GLY B 295 34.14 -17.77 7.44
CA GLY B 295 34.86 -19.02 7.64
C GLY B 295 35.92 -18.85 8.72
N ALA B 296 36.20 -19.91 9.46
CA ALA B 296 37.13 -19.89 10.58
C ALA B 296 38.32 -20.80 10.33
N VAL B 297 39.47 -20.44 10.88
CA VAL B 297 40.64 -21.32 11.04
C VAL B 297 40.83 -21.63 12.51
N VAL B 298 40.91 -22.89 12.89
CA VAL B 298 41.02 -23.33 14.28
C VAL B 298 42.25 -24.22 14.52
N PRO B 299 42.94 -24.12 15.67
CA PRO B 299 44.00 -25.05 16.02
C PRO B 299 43.46 -26.46 16.29
N ASP B 300 44.34 -27.46 16.30
CA ASP B 300 43.97 -28.86 16.49
C ASP B 300 43.81 -29.23 17.98
N GLY B 301 43.02 -30.25 18.29
CA GLY B 301 42.74 -30.73 19.65
C GLY B 301 41.79 -31.93 19.69
N SER B 302 41.76 -32.65 20.81
CA SER B 302 40.97 -33.88 21.00
C SER B 302 40.58 -34.15 22.46
N ALA C 2 6.62 4.49 40.65
CA ALA C 2 7.98 4.97 40.98
C ALA C 2 8.68 5.61 39.77
N ASP C 3 8.97 4.88 38.70
CA ASP C 3 9.83 5.34 37.60
C ASP C 3 9.23 5.12 36.21
N ILE C 4 9.61 5.96 35.24
CA ILE C 4 9.28 5.78 33.82
C ILE C 4 10.14 4.67 33.20
N SER C 5 9.53 3.55 32.85
CA SER C 5 10.11 2.53 31.99
C SER C 5 10.20 2.71 30.47
N ARG C 6 11.02 1.93 29.74
CA ARG C 6 10.94 1.91 28.27
C ARG C 6 9.61 1.49 27.59
N SER C 7 8.76 0.67 28.22
CA SER C 7 7.36 0.46 27.84
C SER C 7 6.47 1.66 28.16
N GLU C 8 6.80 2.44 29.18
CA GLU C 8 6.08 3.65 29.60
C GLU C 8 6.08 4.91 28.74
N VAL C 9 6.85 4.91 27.65
CA VAL C 9 7.01 5.99 26.68
C VAL C 9 6.67 5.51 25.28
N ALA C 10 5.87 4.46 25.15
CA ALA C 10 5.61 3.75 23.90
C ALA C 10 5.38 4.70 22.72
N THR C 11 6.09 4.47 21.63
CA THR C 11 6.01 5.26 20.40
C THR C 11 6.58 6.68 20.47
N LEU C 12 6.94 7.22 21.64
CA LEU C 12 7.92 8.32 21.66
C LEU C 12 9.30 7.86 21.20
N ILE C 13 9.59 6.57 21.36
CA ILE C 13 10.78 5.89 20.87
C ILE C 13 10.39 5.10 19.61
N GLN C 14 10.56 5.72 18.44
CA GLN C 14 10.41 5.08 17.14
C GLN C 14 11.55 4.09 16.85
N GLU C 15 11.39 3.22 15.87
CA GLU C 15 12.39 2.25 15.41
C GLU C 15 12.80 2.56 13.97
N ALA C 16 14.08 2.42 13.65
CA ALA C 16 14.57 2.80 12.34
C ALA C 16 14.61 1.66 11.33
N TYR C 17 14.77 2.00 10.06
CA TYR C 17 14.90 1.07 8.94
C TYR C 17 16.12 1.41 8.10
N ALA C 18 16.84 0.40 7.59
CA ALA C 18 17.96 0.57 6.67
C ALA C 18 18.03 -0.55 5.64
N ASN C 19 18.20 -0.22 4.36
CA ASN C 19 18.33 -1.19 3.28
C ASN C 19 19.77 -1.72 3.09
N ASP C 20 20.68 -1.45 4.03
CA ASP C 20 22.10 -1.76 3.93
C ASP C 20 22.40 -3.22 3.55
N LEU C 21 21.66 -4.16 4.11
CA LEU C 21 21.87 -5.59 3.88
C LEU C 21 20.97 -6.20 2.80
N LEU C 22 20.05 -5.45 2.21
CA LEU C 22 18.98 -5.98 1.35
C LEU C 22 19.46 -6.40 -0.04
N ALA C 23 20.37 -5.63 -0.64
CA ALA C 23 20.82 -5.86 -1.99
C ALA C 23 21.51 -7.22 -2.16
N SER C 24 21.16 -7.90 -3.25
CA SER C 24 21.67 -9.22 -3.64
C SER C 24 21.84 -9.19 -5.15
N ALA C 25 23.08 -9.23 -5.62
CA ALA C 25 23.38 -9.22 -7.04
C ALA C 25 22.89 -10.51 -7.70
N LYS C 26 22.23 -10.39 -8.86
CA LYS C 26 21.69 -11.51 -9.60
C LYS C 26 22.72 -12.08 -10.56
N LYS C 27 22.72 -13.39 -10.72
CA LYS C 27 23.64 -14.12 -11.60
C LYS C 27 22.87 -14.83 -12.72
N GLY C 28 23.26 -14.59 -13.97
CA GLY C 28 22.61 -15.17 -15.15
C GLY C 28 22.99 -16.62 -15.40
N SER C 29 22.45 -17.24 -16.44
CA SER C 29 22.93 -18.54 -16.90
C SER C 29 24.39 -18.45 -17.32
N THR C 30 25.19 -19.46 -17.00
CA THR C 30 26.55 -19.58 -17.50
C THR C 30 26.62 -20.26 -18.86
N VAL C 31 25.69 -21.14 -19.23
CA VAL C 31 25.73 -21.76 -20.56
C VAL C 31 25.40 -20.75 -21.66
N LEU C 32 24.56 -19.76 -21.38
CA LEU C 32 24.37 -18.60 -22.26
C LEU C 32 25.60 -17.67 -22.33
N GLN C 33 26.50 -17.68 -21.35
CA GLN C 33 27.77 -16.96 -21.44
C GLN C 33 28.78 -17.75 -22.29
N ALA C 34 28.95 -19.03 -21.99
CA ALA C 34 30.04 -19.85 -22.48
C ALA C 34 29.87 -20.36 -23.92
N PHE C 35 28.65 -20.67 -24.37
CA PHE C 35 28.44 -21.41 -25.63
C PHE C 35 27.74 -20.59 -26.70
N PRO C 36 27.98 -20.87 -28.00
CA PRO C 36 27.30 -20.17 -29.08
C PRO C 36 25.80 -20.45 -29.07
N THR C 37 25.00 -19.40 -29.24
CA THR C 37 23.55 -19.49 -29.31
C THR C 37 23.05 -19.52 -30.74
N VAL C 38 21.88 -20.10 -30.99
CA VAL C 38 21.13 -19.90 -32.25
C VAL C 38 19.71 -19.40 -31.98
N ASN C 39 19.23 -18.48 -32.80
CA ASN C 39 17.89 -17.93 -32.70
C ASN C 39 16.92 -18.85 -33.44
N MET C 40 16.22 -19.74 -32.74
CA MET C 40 15.25 -20.65 -33.35
C MET C 40 13.94 -19.94 -33.74
N GLY C 41 13.37 -20.28 -34.90
CA GLY C 41 12.08 -19.74 -35.37
C GLY C 41 10.87 -20.62 -35.11
N THR C 42 11.07 -21.83 -34.61
CA THR C 42 10.05 -22.88 -34.45
C THR C 42 10.54 -23.93 -33.47
N LYS C 43 9.71 -24.90 -33.06
CA LYS C 43 10.08 -25.86 -32.01
C LYS C 43 11.29 -26.72 -32.34
N THR C 44 11.47 -27.19 -33.56
CA THR C 44 12.48 -28.22 -33.88
C THR C 44 13.39 -27.80 -35.02
N THR C 45 14.68 -28.10 -34.88
CA THR C 45 15.71 -27.90 -35.91
C THR C 45 16.54 -29.15 -36.06
N HIS C 46 16.74 -29.64 -37.27
CA HIS C 46 17.68 -30.72 -37.56
C HIS C 46 19.05 -30.14 -37.90
N LEU C 47 20.11 -30.75 -37.38
CA LEU C 47 21.51 -30.42 -37.66
C LEU C 47 22.21 -31.73 -38.05
N PRO C 48 22.57 -31.95 -39.33
CA PRO C 48 23.29 -33.14 -39.71
C PRO C 48 24.74 -33.07 -39.22
N VAL C 49 25.29 -34.21 -38.80
CA VAL C 49 26.68 -34.37 -38.37
C VAL C 49 27.28 -35.60 -39.03
N LEU C 50 28.54 -35.53 -39.42
CA LEU C 50 29.29 -36.68 -39.90
C LEU C 50 29.45 -37.67 -38.75
N ALA C 51 28.97 -38.90 -38.91
CA ALA C 51 28.94 -39.93 -37.87
C ALA C 51 29.99 -41.03 -38.08
N THR C 52 30.47 -41.31 -39.28
CA THR C 52 31.46 -42.37 -39.54
C THR C 52 32.26 -42.13 -40.82
N LEU C 53 33.55 -42.50 -40.83
CA LEU C 53 34.49 -42.35 -41.95
C LEU C 53 34.64 -43.62 -42.82
N PRO C 54 35.06 -43.49 -44.09
CA PRO C 54 35.44 -44.61 -44.94
C PRO C 54 36.80 -45.19 -44.57
N GLY C 55 37.20 -46.30 -45.20
CA GLY C 55 38.47 -46.96 -44.92
C GLY C 55 39.11 -47.53 -46.17
N ALA C 56 40.27 -47.00 -46.55
CA ALA C 56 41.09 -47.46 -47.65
C ALA C 56 41.85 -48.77 -47.35
N SER C 57 42.56 -49.29 -48.34
CA SER C 57 43.48 -50.42 -48.23
C SER C 57 44.61 -50.35 -49.27
N TRP C 58 45.74 -51.00 -49.00
CA TRP C 58 46.70 -51.37 -50.03
C TRP C 58 46.13 -52.51 -50.86
N VAL C 59 46.44 -52.55 -52.15
CA VAL C 59 45.97 -53.55 -53.11
C VAL C 59 47.07 -54.01 -54.05
N SER C 60 47.08 -55.29 -54.36
CA SER C 60 47.99 -55.88 -55.35
C SER C 60 47.50 -55.62 -56.77
N GLU C 61 48.32 -55.94 -57.76
CA GLU C 61 47.89 -56.08 -59.15
C GLU C 61 47.59 -57.55 -59.41
N SER C 62 46.33 -57.96 -59.56
CA SER C 62 45.94 -59.36 -59.78
C SER C 62 44.53 -59.51 -60.35
N ALA C 63 44.40 -60.29 -61.41
CA ALA C 63 43.14 -60.58 -62.07
C ALA C 63 42.31 -61.69 -61.40
N THR C 64 42.89 -62.46 -60.47
CA THR C 64 42.24 -63.62 -59.83
C THR C 64 42.24 -63.63 -58.31
N GLU C 65 43.19 -62.98 -57.65
CA GLU C 65 43.39 -63.07 -56.20
C GLU C 65 42.61 -62.01 -55.42
N PRO C 66 42.15 -62.29 -54.19
CA PRO C 66 41.33 -61.35 -53.44
C PRO C 66 42.02 -60.03 -53.15
N GLU C 67 43.34 -60.02 -52.94
CA GLU C 67 44.09 -58.81 -52.64
C GLU C 67 44.21 -57.85 -53.83
N GLY C 68 43.82 -58.27 -55.04
CA GLY C 68 43.78 -57.41 -56.22
C GLY C 68 42.56 -56.50 -56.29
N VAL C 69 41.52 -56.75 -55.50
CA VAL C 69 40.24 -56.03 -55.57
C VAL C 69 40.26 -54.75 -54.73
N LYS C 70 39.97 -53.59 -55.33
CA LYS C 70 39.82 -52.33 -54.61
C LYS C 70 38.56 -52.41 -53.73
N PRO C 71 38.66 -52.29 -52.39
CA PRO C 71 37.53 -52.54 -51.50
C PRO C 71 36.55 -51.36 -51.41
N THR C 72 35.30 -51.67 -51.11
CA THR C 72 34.25 -50.68 -50.84
C THR C 72 34.14 -50.37 -49.34
N SER C 73 33.85 -49.11 -49.02
CA SER C 73 33.46 -48.66 -47.70
C SER C 73 32.63 -47.37 -47.83
N GLU C 74 31.89 -47.02 -46.79
CA GLU C 74 30.94 -45.89 -46.78
C GLU C 74 31.28 -44.85 -45.71
N ALA C 75 31.14 -43.56 -46.04
CA ALA C 75 30.93 -42.54 -45.02
C ALA C 75 29.51 -42.63 -44.47
N THR C 76 29.19 -41.98 -43.36
CA THR C 76 27.83 -41.97 -42.82
C THR C 76 27.58 -40.75 -41.98
N TRP C 77 26.37 -40.21 -42.05
CA TRP C 77 25.88 -39.08 -41.26
C TRP C 77 24.77 -39.51 -40.33
N ALA C 78 24.55 -38.70 -39.31
CA ALA C 78 23.41 -38.76 -38.42
C ALA C 78 22.85 -37.35 -38.25
N ASP C 79 21.72 -37.19 -37.54
CA ASP C 79 21.20 -35.85 -37.22
C ASP C 79 21.27 -35.68 -35.69
N ARG C 80 21.55 -34.47 -35.21
CA ARG C 80 21.58 -34.16 -33.77
C ARG C 80 20.61 -33.05 -33.81
N THR C 81 19.77 -32.86 -32.78
CA THR C 81 18.69 -31.86 -32.88
C THR C 81 18.41 -30.86 -31.77
N LEU C 82 18.04 -29.62 -32.13
CA LEU C 82 17.55 -28.67 -31.14
C LEU C 82 16.03 -28.82 -31.05
N VAL C 83 15.48 -29.12 -29.88
CA VAL C 83 14.04 -29.09 -29.58
C VAL C 83 13.77 -28.08 -28.48
N ALA C 84 13.01 -27.04 -28.75
CA ALA C 84 12.71 -25.99 -27.78
C ALA C 84 11.73 -26.47 -26.71
N GLU C 85 12.14 -26.39 -25.46
CA GLU C 85 11.36 -26.75 -24.28
C GLU C 85 11.14 -25.52 -23.40
N GLU C 86 10.02 -25.46 -22.70
CA GLU C 86 9.61 -24.28 -21.95
C GLU C 86 9.87 -24.42 -20.45
N VAL C 87 10.52 -23.41 -19.87
CA VAL C 87 10.79 -23.29 -18.44
C VAL C 87 10.14 -22.03 -17.90
N ALA C 88 9.40 -22.14 -16.79
CA ALA C 88 8.52 -21.07 -16.35
C ALA C 88 8.24 -21.06 -14.84
N VAL C 89 7.76 -19.92 -14.35
CA VAL C 89 7.30 -19.72 -12.98
C VAL C 89 6.26 -18.60 -12.91
N ILE C 90 5.29 -18.68 -12.00
CA ILE C 90 4.39 -17.59 -11.63
C ILE C 90 4.65 -17.16 -10.19
N ILE C 91 4.77 -15.87 -9.89
CA ILE C 91 4.84 -15.38 -8.51
C ILE C 91 3.62 -14.53 -8.21
N PRO C 92 2.66 -15.00 -7.41
CA PRO C 92 1.55 -14.19 -6.94
C PRO C 92 1.93 -13.34 -5.72
N VAL C 93 1.45 -12.11 -5.68
CA VAL C 93 1.61 -11.20 -4.56
C VAL C 93 0.37 -10.34 -4.40
N HIS C 94 0.07 -9.92 -3.18
CA HIS C 94 -1.03 -8.99 -2.92
C HIS C 94 -0.74 -7.58 -3.43
N GLU C 95 -1.73 -6.95 -4.05
CA GLU C 95 -1.64 -5.63 -4.64
C GLU C 95 -1.38 -4.54 -3.58
N ASN C 96 -1.91 -4.70 -2.37
CA ASN C 96 -1.63 -3.78 -1.27
C ASN C 96 -0.21 -3.94 -0.76
N VAL C 97 0.30 -5.17 -0.64
CA VAL C 97 1.67 -5.46 -0.25
C VAL C 97 2.65 -4.80 -1.22
N VAL C 98 2.41 -4.91 -2.52
CA VAL C 98 3.23 -4.23 -3.54
C VAL C 98 3.19 -2.72 -3.36
N ASP C 99 2.03 -2.14 -3.02
CA ASP C 99 1.92 -0.70 -2.80
C ASP C 99 2.60 -0.23 -1.50
N ASP C 100 2.55 -1.02 -0.42
CA ASP C 100 3.10 -0.67 0.89
C ASP C 100 4.61 -0.92 1.00
N ALA C 101 5.21 -1.71 0.11
CA ALA C 101 6.63 -2.02 0.14
C ALA C 101 7.54 -0.80 -0.13
N SER C 102 8.67 -0.73 0.55
CA SER C 102 9.63 0.38 0.46
C SER C 102 10.48 0.37 -0.80
N THR C 103 10.87 -0.81 -1.28
CA THR C 103 11.54 -1.01 -2.58
C THR C 103 10.52 -1.26 -3.68
N SER C 104 10.96 -1.21 -4.93
CA SER C 104 10.18 -1.66 -6.09
C SER C 104 10.12 -3.19 -6.12
N LEU C 105 9.16 -3.75 -5.38
CA LEU C 105 9.04 -5.18 -5.14
C LEU C 105 8.83 -5.99 -6.43
N LEU C 106 8.08 -5.48 -7.41
CA LEU C 106 7.92 -6.17 -8.69
C LEU C 106 9.21 -6.28 -9.50
N GLU C 107 10.09 -5.30 -9.45
CA GLU C 107 11.38 -5.38 -10.14
C GLU C 107 12.26 -6.46 -9.52
N GLU C 108 12.21 -6.65 -8.21
CA GLU C 108 12.95 -7.74 -7.57
C GLU C 108 12.34 -9.11 -7.84
N ILE C 109 11.02 -9.24 -7.79
CA ILE C 109 10.35 -10.48 -8.18
C ILE C 109 10.65 -10.86 -9.63
N ALA C 110 10.63 -9.92 -10.56
CA ALA C 110 11.00 -10.20 -11.94
C ALA C 110 12.45 -10.67 -12.04
N ALA C 111 13.39 -9.98 -11.37
CA ALA C 111 14.80 -10.32 -11.44
C ALA C 111 15.13 -11.68 -10.78
N LEU C 112 14.47 -12.02 -9.68
CA LEU C 112 14.60 -13.32 -9.01
C LEU C 112 14.01 -14.47 -9.82
N GLY C 113 12.89 -14.26 -10.50
CA GLY C 113 12.33 -15.26 -11.42
C GLY C 113 13.25 -15.49 -12.61
N GLY C 114 13.82 -14.44 -13.19
CA GLY C 114 14.78 -14.55 -14.29
C GLY C 114 16.01 -15.36 -13.89
N GLN C 115 16.54 -15.11 -12.70
CA GLN C 115 17.61 -15.91 -12.11
C GLN C 115 17.19 -17.37 -11.86
N ALA C 116 15.99 -17.63 -11.37
CA ALA C 116 15.49 -19.00 -11.16
C ALA C 116 15.39 -19.76 -12.48
N ILE C 117 14.93 -19.14 -13.57
CA ILE C 117 14.94 -19.76 -14.89
C ILE C 117 16.38 -20.02 -15.36
N GLY C 118 17.27 -19.04 -15.25
CA GLY C 118 18.67 -19.16 -15.65
C GLY C 118 19.43 -20.27 -14.93
N LYS C 119 19.21 -20.47 -13.62
CA LYS C 119 19.73 -21.63 -12.89
C LYS C 119 19.24 -22.93 -13.50
N LYS C 120 17.94 -23.02 -13.83
CA LYS C 120 17.29 -24.23 -14.31
C LYS C 120 17.82 -24.70 -15.66
N LEU C 121 18.21 -23.76 -16.52
CA LEU C 121 18.89 -24.04 -17.78
C LEU C 121 20.27 -24.68 -17.56
N ASP C 122 21.13 -24.04 -16.77
CA ASP C 122 22.47 -24.57 -16.48
C ASP C 122 22.42 -25.95 -15.84
N GLN C 123 21.47 -26.19 -14.93
CA GLN C 123 21.26 -27.48 -14.31
C GLN C 123 20.93 -28.60 -15.29
N ALA C 124 20.32 -28.29 -16.43
CA ALA C 124 19.91 -29.25 -17.44
C ALA C 124 20.95 -29.45 -18.54
N VAL C 125 21.77 -28.44 -18.82
CA VAL C 125 22.81 -28.51 -19.85
C VAL C 125 24.11 -29.05 -19.31
N ILE C 126 24.57 -28.60 -18.14
CA ILE C 126 25.87 -28.98 -17.59
C ILE C 126 25.80 -30.36 -16.95
N PHE C 127 24.75 -30.60 -16.20
CA PHE C 127 24.38 -31.89 -15.60
C PHE C 127 23.06 -32.32 -16.21
N GLY C 128 22.69 -33.58 -16.17
CA GLY C 128 21.38 -34.01 -16.69
C GLY C 128 20.20 -33.75 -15.75
N THR C 129 20.21 -32.70 -14.92
CA THR C 129 19.46 -32.71 -13.64
C THR C 129 17.96 -32.91 -13.78
N ASP C 130 17.23 -31.96 -14.36
CA ASP C 130 15.83 -32.12 -14.74
C ASP C 130 15.71 -31.97 -16.26
N LYS C 131 16.65 -32.56 -17.00
CA LYS C 131 16.72 -32.40 -18.45
C LYS C 131 15.41 -32.89 -19.08
N PRO C 132 14.71 -32.07 -19.88
CA PRO C 132 13.48 -32.49 -20.52
C PRO C 132 13.77 -33.58 -21.56
N SER C 133 12.98 -34.64 -21.57
CA SER C 133 13.28 -35.91 -22.27
C SER C 133 13.42 -35.78 -23.79
N SER C 134 12.87 -34.72 -24.39
CA SER C 134 13.00 -34.43 -25.81
C SER C 134 14.40 -33.95 -26.23
N TRP C 135 15.26 -33.57 -25.30
CA TRP C 135 16.67 -33.30 -25.60
C TRP C 135 17.45 -34.60 -25.73
N VAL C 136 17.71 -35.05 -26.97
CA VAL C 136 18.35 -36.35 -27.22
C VAL C 136 19.85 -36.34 -26.87
N SER C 137 20.50 -35.19 -27.05
CA SER C 137 21.93 -35.04 -26.72
C SER C 137 22.16 -35.24 -25.21
N PRO C 138 23.20 -35.97 -24.80
CA PRO C 138 23.55 -36.07 -23.38
C PRO C 138 23.98 -34.72 -22.81
N ALA C 139 23.73 -34.44 -21.53
CA ALA C 139 24.25 -33.24 -20.87
C ALA C 139 25.79 -33.31 -20.77
N LEU C 140 26.47 -32.19 -20.58
CA LEU C 140 27.93 -32.11 -20.73
C LEU C 140 28.70 -33.07 -19.83
N LEU C 141 28.42 -33.15 -18.52
CA LEU C 141 29.09 -34.13 -17.66
C LEU C 141 28.73 -35.58 -18.07
N PRO C 142 27.47 -35.97 -18.24
CA PRO C 142 27.13 -37.29 -18.76
C PRO C 142 27.76 -37.63 -20.11
N ALA C 143 27.99 -36.68 -21.00
CA ALA C 143 28.73 -36.91 -22.24
C ALA C 143 30.18 -37.35 -21.94
N ALA C 144 30.92 -36.57 -21.16
CA ALA C 144 32.29 -36.89 -20.79
C ALA C 144 32.39 -38.20 -20.01
N VAL C 145 31.53 -38.43 -19.02
CA VAL C 145 31.54 -39.67 -18.23
C VAL C 145 31.23 -40.87 -19.10
N ALA C 146 30.23 -40.82 -19.98
CA ALA C 146 29.90 -41.92 -20.88
C ALA C 146 31.03 -42.26 -21.87
N ALA C 147 31.79 -41.26 -22.28
CA ALA C 147 32.95 -41.38 -23.16
C ALA C 147 34.25 -41.82 -22.45
N ASN C 148 34.22 -42.13 -21.14
CA ASN C 148 35.40 -42.34 -20.31
C ASN C 148 36.39 -41.15 -20.26
N GLN C 149 35.93 -39.94 -20.58
CA GLN C 149 36.81 -38.76 -20.57
C GLN C 149 36.90 -38.12 -19.19
N ASP C 150 36.13 -38.60 -18.22
CA ASP C 150 36.25 -38.09 -16.84
C ASP C 150 37.55 -38.56 -16.17
N TYR C 151 38.19 -37.70 -15.37
CA TYR C 151 39.43 -38.07 -14.67
C TYR C 151 39.40 -37.75 -13.17
N THR C 152 39.68 -38.74 -12.31
CA THR C 152 39.59 -38.53 -10.85
C THR C 152 40.81 -37.83 -10.24
N ILE C 153 40.59 -36.82 -9.38
CA ILE C 153 41.72 -36.16 -8.71
C ILE C 153 42.38 -37.10 -7.71
N VAL C 154 43.70 -37.11 -7.67
CA VAL C 154 44.48 -37.69 -6.58
C VAL C 154 44.86 -36.59 -5.59
N PRO C 155 44.26 -36.55 -4.39
CA PRO C 155 44.45 -35.45 -3.44
C PRO C 155 45.83 -35.40 -2.79
N GLY C 156 46.16 -34.27 -2.17
CA GLY C 156 47.41 -34.06 -1.44
C GLY C 156 48.47 -33.34 -2.27
N ASP C 157 49.69 -33.87 -2.29
CA ASP C 157 50.80 -33.26 -3.02
C ASP C 157 50.53 -33.23 -4.53
N ALA C 158 51.03 -32.20 -5.22
CA ALA C 158 51.01 -32.10 -6.66
C ALA C 158 51.59 -33.36 -7.30
N ASN C 159 50.93 -33.89 -8.33
CA ASN C 159 51.24 -35.16 -8.96
C ASN C 159 50.57 -35.23 -10.33
N GLU C 160 50.90 -36.20 -11.17
CA GLU C 160 50.41 -36.22 -12.55
C GLU C 160 48.87 -36.28 -12.68
N ASP C 161 48.15 -36.66 -11.62
CA ASP C 161 46.68 -36.71 -11.54
C ASP C 161 46.12 -35.80 -10.43
N ASP C 162 46.85 -34.75 -10.03
CA ASP C 162 46.27 -33.65 -9.28
C ASP C 162 45.24 -32.87 -10.13
N LEU C 163 44.68 -31.78 -9.61
CA LEU C 163 43.69 -31.00 -10.33
C LEU C 163 44.21 -30.47 -11.67
N ILE C 164 45.42 -29.90 -11.72
CA ILE C 164 45.99 -29.38 -12.96
C ILE C 164 46.30 -30.53 -13.92
N GLY C 165 46.79 -31.64 -13.39
CA GLY C 165 46.99 -32.87 -14.12
C GLY C 165 45.71 -33.37 -14.76
N CYS C 166 44.61 -33.43 -14.01
CA CYS C 166 43.32 -33.81 -14.56
C CYS C 166 42.77 -32.82 -15.59
N ILE C 167 42.94 -31.52 -15.43
CA ILE C 167 42.58 -30.55 -16.48
C ILE C 167 43.42 -30.78 -17.74
N ASN C 168 44.69 -31.13 -17.60
CA ASN C 168 45.53 -31.53 -18.72
C ASN C 168 45.05 -32.85 -19.36
N ARG C 169 44.74 -33.90 -18.60
CA ARG C 169 44.16 -35.15 -19.11
C ARG C 169 42.82 -34.93 -19.82
N ALA C 170 41.95 -34.11 -19.26
CA ALA C 170 40.69 -33.73 -19.89
C ALA C 170 40.93 -32.99 -21.20
N SER C 171 41.86 -32.04 -21.23
CA SER C 171 42.23 -31.33 -22.46
C SER C 171 42.84 -32.26 -23.49
N LYS C 172 43.66 -33.21 -23.06
CA LYS C 172 44.27 -34.22 -23.92
C LYS C 172 43.20 -35.09 -24.56
N ALA C 173 42.24 -35.59 -23.81
CA ALA C 173 41.17 -36.42 -24.34
C ALA C 173 40.41 -35.71 -25.48
N VAL C 174 40.02 -34.46 -25.28
CA VAL C 174 39.33 -33.65 -26.30
C VAL C 174 40.21 -33.35 -27.52
N ALA C 175 41.49 -33.04 -27.32
CA ALA C 175 42.43 -32.77 -28.42
C ALA C 175 42.83 -34.01 -29.21
N ALA C 176 42.97 -35.15 -28.55
CA ALA C 176 43.23 -36.44 -29.19
C ALA C 176 42.01 -36.95 -29.96
N ALA C 177 40.80 -36.61 -29.50
CA ALA C 177 39.56 -36.89 -30.20
C ALA C 177 39.35 -36.06 -31.47
N GLY C 178 40.22 -35.10 -31.76
CA GLY C 178 40.20 -34.30 -32.98
C GLY C 178 39.58 -32.93 -32.83
N TYR C 179 39.11 -32.57 -31.64
CA TYR C 179 38.50 -31.28 -31.34
C TYR C 179 39.52 -30.25 -30.85
N MET C 180 39.11 -29.00 -30.72
CA MET C 180 39.96 -27.92 -30.21
C MET C 180 39.40 -27.43 -28.87
N PRO C 181 39.80 -28.01 -27.72
CA PRO C 181 39.32 -27.55 -26.43
C PRO C 181 39.65 -26.08 -26.24
N ASP C 182 38.69 -25.26 -25.81
CA ASP C 182 38.87 -23.80 -25.75
C ASP C 182 38.10 -23.12 -24.61
N THR C 183 37.48 -23.91 -23.74
CA THR C 183 36.45 -23.43 -22.83
C THR C 183 36.47 -24.30 -21.60
N LEU C 184 36.50 -23.66 -20.43
CA LEU C 184 36.53 -24.30 -19.14
C LEU C 184 35.32 -23.85 -18.33
N LEU C 185 34.56 -24.80 -17.82
CA LEU C 185 33.42 -24.54 -16.95
C LEU C 185 33.77 -25.08 -15.57
N ALA C 186 33.63 -24.27 -14.53
CA ALA C 186 33.95 -24.67 -13.17
C ALA C 186 33.01 -24.02 -12.16
N SER C 187 33.04 -24.44 -10.90
CA SER C 187 32.29 -23.81 -9.82
C SER C 187 32.97 -22.53 -9.30
N LEU C 188 32.26 -21.72 -8.51
CA LEU C 188 32.95 -20.84 -7.57
C LEU C 188 33.75 -21.73 -6.60
N GLY C 189 34.92 -21.28 -6.16
CA GLY C 189 35.80 -22.12 -5.35
C GLY C 189 36.89 -22.85 -6.11
N PHE C 190 36.83 -22.90 -7.44
CA PHE C 190 37.87 -23.49 -8.28
C PHE C 190 39.18 -22.71 -8.23
N ARG C 191 39.12 -21.38 -8.32
CA ARG C 191 40.30 -20.51 -8.19
C ARG C 191 41.05 -20.73 -6.88
N PHE C 192 40.34 -21.04 -5.81
CA PHE C 192 40.94 -21.36 -4.51
C PHE C 192 41.63 -22.71 -4.48
N ASP C 193 41.15 -23.71 -5.23
CA ASP C 193 41.80 -25.02 -5.29
C ASP C 193 43.08 -25.01 -6.12
N VAL C 194 43.13 -24.30 -7.25
CA VAL C 194 44.41 -24.14 -7.97
C VAL C 194 45.42 -23.35 -7.15
N ALA C 195 44.97 -22.35 -6.38
CA ALA C 195 45.84 -21.53 -5.55
C ALA C 195 46.37 -22.22 -4.29
N ASN C 196 45.79 -23.33 -3.83
CA ASN C 196 46.26 -24.08 -2.66
C ASN C 196 46.88 -25.45 -2.97
N LEU C 197 47.11 -25.74 -4.26
CA LEU C 197 47.75 -27.01 -4.65
C LEU C 197 49.23 -26.98 -4.30
N ARG C 198 49.63 -27.59 -3.19
CA ARG C 198 51.02 -27.53 -2.75
C ARG C 198 51.80 -28.57 -3.51
N ASP C 199 53.14 -28.54 -3.49
CA ASP C 199 54.00 -29.55 -4.14
C ASP C 199 54.48 -30.52 -3.03
N ALA C 200 55.41 -31.46 -3.27
CA ALA C 200 55.76 -32.40 -2.22
C ALA C 200 56.47 -31.77 -1.01
N ASN C 201 57.05 -30.56 -1.15
CA ASN C 201 57.66 -29.83 -0.05
C ASN C 201 56.65 -29.00 0.75
N GLY C 202 55.53 -28.59 0.15
CA GLY C 202 54.56 -27.68 0.76
C GLY C 202 54.41 -26.35 0.02
N ASN C 203 55.21 -26.08 -1.01
CA ASN C 203 55.19 -24.81 -1.72
C ASN C 203 53.96 -24.73 -2.64
N PRO C 204 53.10 -23.70 -2.55
CA PRO C 204 52.02 -23.49 -3.50
C PRO C 204 52.56 -23.05 -4.88
N ILE C 205 52.83 -24.03 -5.73
CA ILE C 205 53.45 -23.85 -7.05
C ILE C 205 52.53 -23.28 -8.13
N PHE C 206 51.19 -23.40 -7.98
CA PHE C 206 50.22 -22.94 -9.02
C PHE C 206 49.47 -21.65 -8.66
N ARG C 207 50.11 -20.76 -7.93
CA ARG C 207 49.49 -19.47 -7.60
C ARG C 207 49.22 -18.61 -8.83
N ASP C 208 50.17 -18.59 -9.78
CA ASP C 208 50.05 -17.75 -11.00
C ASP C 208 49.40 -18.47 -12.21
N GLU C 209 48.83 -19.66 -12.01
CA GLU C 209 48.26 -20.43 -13.11
C GLU C 209 47.05 -19.70 -13.70
N SER C 210 47.23 -19.14 -14.89
CA SER C 210 46.16 -18.67 -15.74
C SER C 210 46.05 -19.63 -16.92
N PHE C 211 44.82 -20.09 -17.19
CA PHE C 211 44.56 -21.11 -18.19
C PHE C 211 44.55 -20.48 -19.59
N ASN C 212 45.72 -20.39 -20.20
CA ASN C 212 45.89 -19.79 -21.53
C ASN C 212 45.11 -20.56 -22.61
N GLY C 213 44.51 -19.83 -23.54
CA GLY C 213 43.74 -20.41 -24.64
C GLY C 213 42.33 -20.90 -24.27
N PHE C 214 41.98 -20.89 -22.98
CA PHE C 214 40.65 -21.18 -22.47
C PHE C 214 39.88 -19.91 -22.11
N GLY C 215 38.64 -19.80 -22.55
CA GLY C 215 37.67 -18.96 -21.85
C GLY C 215 37.19 -19.69 -20.61
N THR C 216 37.29 -19.07 -19.44
CA THR C 216 36.97 -19.70 -18.15
C THR C 216 35.68 -19.12 -17.61
N TYR C 217 34.72 -19.97 -17.26
CA TYR C 217 33.41 -19.58 -16.76
C TYR C 217 33.10 -20.23 -15.43
N PHE C 218 32.64 -19.45 -14.46
CA PHE C 218 32.33 -19.93 -13.12
C PHE C 218 30.84 -19.86 -12.86
N ASN C 219 30.20 -20.99 -12.55
CA ASN C 219 28.77 -21.00 -12.28
C ASN C 219 28.48 -20.32 -10.94
N ALA C 220 27.73 -19.22 -10.96
CA ALA C 220 27.44 -18.42 -9.78
C ALA C 220 25.96 -18.44 -9.35
N ASN C 221 25.06 -19.04 -10.12
CA ASN C 221 23.62 -19.11 -9.83
C ASN C 221 23.19 -20.35 -9.05
N GLY C 222 24.12 -21.14 -8.51
CA GLY C 222 23.78 -22.29 -7.68
C GLY C 222 23.43 -23.56 -8.45
N ALA C 223 23.49 -23.57 -9.78
CA ALA C 223 23.28 -24.77 -10.58
C ALA C 223 24.30 -25.88 -10.28
N TRP C 224 25.57 -25.53 -10.04
CA TRP C 224 26.66 -26.48 -9.81
C TRP C 224 26.56 -27.20 -8.45
N PRO C 225 26.35 -28.52 -8.39
CA PRO C 225 26.26 -29.28 -7.14
C PRO C 225 27.62 -29.50 -6.47
N VAL C 226 27.66 -29.62 -5.15
CA VAL C 226 28.88 -30.03 -4.42
C VAL C 226 29.18 -31.50 -4.61
N GLY C 227 30.47 -31.85 -4.72
CA GLY C 227 30.94 -33.24 -4.68
C GLY C 227 30.73 -34.06 -5.94
N VAL C 228 30.59 -33.42 -7.11
CA VAL C 228 30.23 -34.10 -8.37
C VAL C 228 31.25 -33.87 -9.46
N ALA C 229 31.69 -32.63 -9.71
CA ALA C 229 32.72 -32.30 -10.66
C ALA C 229 33.46 -31.03 -10.24
N GLU C 230 34.76 -30.94 -10.51
CA GLU C 230 35.54 -29.73 -10.28
C GLU C 230 35.51 -28.80 -11.49
N ALA C 231 35.68 -29.35 -12.69
CA ALA C 231 35.63 -28.61 -13.93
C ALA C 231 35.22 -29.48 -15.11
N LEU C 232 34.78 -28.86 -16.18
CA LEU C 232 34.60 -29.45 -17.50
C LEU C 232 35.42 -28.70 -18.51
N VAL C 233 36.14 -29.44 -19.36
CA VAL C 233 36.84 -28.92 -20.54
C VAL C 233 36.02 -29.27 -21.76
N VAL C 234 35.79 -28.31 -22.65
CA VAL C 234 34.94 -28.52 -23.81
C VAL C 234 35.45 -27.74 -25.02
N ASP C 235 35.32 -28.30 -26.22
CA ASP C 235 35.38 -27.49 -27.45
C ASP C 235 34.06 -26.79 -27.64
N SER C 236 33.98 -25.50 -27.30
CA SER C 236 32.72 -24.77 -27.32
C SER C 236 32.12 -24.62 -28.71
N SER C 237 32.83 -24.91 -29.80
CA SER C 237 32.26 -24.88 -31.15
C SER C 237 31.32 -26.06 -31.40
N ARG C 238 31.35 -27.09 -30.56
CA ARG C 238 30.54 -28.30 -30.70
C ARG C 238 29.25 -28.27 -29.89
N VAL C 239 28.85 -27.13 -29.34
CA VAL C 239 27.60 -26.95 -28.61
C VAL C 239 26.79 -25.89 -29.32
N ARG C 240 25.46 -26.02 -29.34
CA ARG C 240 24.56 -24.86 -29.49
C ARG C 240 23.55 -24.84 -28.36
N ILE C 241 23.27 -23.65 -27.87
CA ILE C 241 22.10 -23.36 -27.05
C ILE C 241 21.11 -22.67 -27.97
N GLY C 242 19.99 -23.30 -28.27
CA GLY C 242 18.92 -22.68 -29.04
C GLY C 242 18.08 -21.83 -28.11
N VAL C 243 17.86 -20.54 -28.48
CA VAL C 243 17.08 -19.62 -27.66
C VAL C 243 15.83 -19.33 -28.46
N ARG C 244 14.88 -20.25 -28.38
CA ARG C 244 13.61 -20.08 -29.08
C ARG C 244 12.97 -18.83 -28.54
N GLN C 245 13.05 -18.63 -27.23
CA GLN C 245 12.55 -17.43 -26.62
C GLN C 245 13.42 -17.15 -25.43
N ASP C 246 13.75 -15.88 -25.14
CA ASP C 246 14.43 -15.53 -23.90
C ASP C 246 13.46 -15.05 -22.82
N ILE C 247 13.97 -14.76 -21.61
CA ILE C 247 13.15 -14.45 -20.43
C ILE C 247 12.12 -13.38 -20.77
N THR C 248 10.85 -13.78 -20.70
CA THR C 248 9.69 -12.96 -21.07
C THR C 248 8.76 -12.88 -19.87
N VAL C 249 8.29 -11.68 -19.53
CA VAL C 249 7.53 -11.40 -18.30
C VAL C 249 6.16 -10.82 -18.62
N LYS C 250 5.10 -11.40 -18.08
CA LYS C 250 3.74 -10.86 -18.20
C LYS C 250 3.17 -10.51 -16.83
N PHE C 251 2.66 -9.30 -16.70
CA PHE C 251 1.87 -8.86 -15.56
C PHE C 251 0.44 -9.41 -15.66
N LEU C 252 0.02 -10.20 -14.69
CA LEU C 252 -1.31 -10.76 -14.55
C LEU C 252 -2.08 -10.03 -13.44
N ASP C 253 -3.35 -9.77 -13.66
CA ASP C 253 -4.21 -9.06 -12.70
C ASP C 253 -5.67 -9.55 -12.71
N GLN C 254 -6.11 -10.28 -13.73
CA GLN C 254 -7.43 -10.90 -13.83
C GLN C 254 -7.42 -12.43 -13.79
N ALA C 255 -6.31 -13.07 -14.11
CA ALA C 255 -6.18 -14.52 -14.24
C ALA C 255 -6.50 -15.34 -12.98
N THR C 256 -6.70 -16.64 -13.14
CA THR C 256 -6.72 -17.61 -12.05
C THR C 256 -5.43 -18.41 -12.08
N VAL C 257 -4.66 -18.37 -11.00
CA VAL C 257 -3.36 -19.05 -10.89
C VAL C 257 -3.39 -19.93 -9.66
N GLY C 258 -3.13 -21.22 -9.81
CA GLY C 258 -3.49 -22.19 -8.79
C GLY C 258 -4.96 -22.09 -8.42
N SER C 259 -5.28 -22.03 -7.14
CA SER C 259 -6.65 -21.76 -6.66
C SER C 259 -7.02 -20.27 -6.59
N ILE C 260 -6.08 -19.35 -6.83
CA ILE C 260 -6.22 -17.92 -6.54
C ILE C 260 -6.88 -17.21 -7.73
N ASN C 261 -8.08 -16.68 -7.57
CA ASN C 261 -8.64 -15.72 -8.52
C ASN C 261 -8.05 -14.35 -8.25
N LEU C 262 -7.24 -13.81 -9.15
CA LEU C 262 -6.44 -12.63 -8.83
C LEU C 262 -7.30 -11.40 -8.50
N ALA C 263 -8.26 -11.02 -9.35
CA ALA C 263 -8.98 -9.77 -9.19
C ALA C 263 -9.92 -9.70 -7.96
N GLU C 264 -10.71 -10.75 -7.73
CA GLU C 264 -11.57 -10.76 -6.54
C GLU C 264 -10.73 -10.76 -5.25
N ARG C 265 -9.51 -11.28 -5.28
CA ARG C 265 -8.66 -11.35 -4.07
C ARG C 265 -7.68 -10.18 -3.90
N ASP C 266 -7.69 -9.19 -4.79
CA ASP C 266 -6.70 -8.08 -4.76
C ASP C 266 -5.30 -8.67 -4.84
N MET C 267 -5.03 -9.52 -5.82
CA MET C 267 -3.73 -10.08 -6.08
C MET C 267 -3.34 -9.79 -7.51
N ILE C 268 -2.05 -9.83 -7.75
CA ILE C 268 -1.43 -9.73 -9.06
C ILE C 268 -0.37 -10.83 -9.14
N ALA C 269 0.12 -11.14 -10.32
CA ALA C 269 1.24 -12.04 -10.45
C ALA C 269 2.15 -11.64 -11.60
N LEU C 270 3.41 -12.10 -11.57
CA LEU C 270 4.34 -11.90 -12.71
C LEU C 270 4.64 -13.29 -13.30
N ARG C 271 4.11 -13.61 -14.49
CA ARG C 271 4.29 -14.93 -15.13
C ARG C 271 5.53 -14.98 -16.02
N LEU C 272 6.59 -15.68 -15.61
CA LEU C 272 7.85 -15.68 -16.37
C LEU C 272 8.01 -16.92 -17.25
N LYS C 273 8.67 -16.81 -18.41
CA LYS C 273 8.97 -17.97 -19.25
C LYS C 273 10.14 -17.74 -20.18
N ALA C 274 10.73 -18.84 -20.62
CA ALA C 274 11.64 -18.88 -21.75
C ALA C 274 11.53 -20.24 -22.44
N ARG C 275 11.92 -20.29 -23.70
CA ARG C 275 12.00 -21.53 -24.47
C ARG C 275 13.44 -21.75 -24.92
N PHE C 276 14.03 -22.87 -24.54
CA PHE C 276 15.43 -23.22 -24.76
C PHE C 276 15.62 -24.60 -25.34
N ALA C 277 16.71 -24.78 -26.07
CA ALA C 277 17.16 -26.05 -26.61
C ALA C 277 18.66 -26.22 -26.42
N TYR C 278 19.15 -27.44 -26.43
CA TYR C 278 20.57 -27.76 -26.35
C TYR C 278 20.90 -28.87 -27.32
N VAL C 279 22.06 -28.81 -27.99
CA VAL C 279 22.56 -29.90 -28.84
C VAL C 279 24.07 -30.01 -28.73
N LEU C 280 24.59 -31.23 -28.75
CA LEU C 280 26.02 -31.52 -28.76
C LEU C 280 26.41 -32.18 -30.09
N GLY C 281 27.35 -31.60 -30.81
CA GLY C 281 27.91 -32.16 -32.03
C GLY C 281 28.98 -33.22 -31.78
N ASN C 282 28.66 -34.31 -31.09
CA ASN C 282 29.56 -35.43 -30.78
C ASN C 282 29.69 -36.49 -31.89
N GLY C 283 29.87 -36.06 -33.14
CA GLY C 283 30.03 -36.91 -34.31
C GLY C 283 31.43 -37.53 -34.46
N ALA C 284 31.81 -37.81 -35.70
CA ALA C 284 33.15 -38.17 -36.10
C ALA C 284 34.00 -36.92 -36.39
N THR C 285 35.31 -37.08 -36.32
CA THR C 285 36.33 -36.07 -36.66
C THR C 285 37.36 -36.73 -37.56
N ALA C 286 38.35 -35.99 -38.09
CA ALA C 286 39.44 -36.55 -38.88
C ALA C 286 40.16 -37.75 -38.23
N VAL C 287 40.08 -37.91 -36.91
CA VAL C 287 40.73 -39.00 -36.18
C VAL C 287 39.92 -40.29 -36.21
N GLY C 288 38.60 -40.22 -36.31
CA GLY C 288 37.74 -41.40 -36.34
C GLY C 288 36.31 -41.15 -35.90
N ASP C 289 35.59 -42.24 -35.68
CA ASP C 289 34.15 -42.25 -35.42
C ASP C 289 33.80 -41.96 -33.95
N ASN C 290 32.61 -41.42 -33.69
CA ASN C 290 31.98 -41.34 -32.36
C ASN C 290 32.86 -40.68 -31.27
N LYS C 291 33.29 -39.45 -31.51
CA LYS C 291 34.25 -38.72 -30.69
C LYS C 291 33.53 -37.68 -29.86
N THR C 292 33.75 -37.66 -28.54
CA THR C 292 33.07 -36.73 -27.62
C THR C 292 33.89 -35.46 -27.36
N PRO C 293 33.36 -34.25 -27.58
CA PRO C 293 34.09 -32.98 -27.42
C PRO C 293 34.18 -32.45 -25.99
N VAL C 294 34.05 -33.29 -24.97
CA VAL C 294 33.99 -32.89 -23.55
C VAL C 294 34.82 -33.85 -22.70
N GLY C 295 35.64 -33.31 -21.80
CA GLY C 295 36.29 -34.04 -20.74
C GLY C 295 35.98 -33.43 -19.38
N ALA C 296 35.96 -34.23 -18.32
CA ALA C 296 35.56 -33.80 -16.99
C ALA C 296 36.66 -34.09 -15.99
N VAL C 297 36.74 -33.27 -14.94
CA VAL C 297 37.52 -33.55 -13.75
C VAL C 297 36.55 -33.73 -12.59
N VAL C 298 36.66 -34.84 -11.86
CA VAL C 298 35.75 -35.22 -10.79
C VAL C 298 36.51 -35.50 -9.49
N PRO C 299 35.91 -35.30 -8.31
CA PRO C 299 36.55 -35.63 -7.06
C PRO C 299 36.68 -37.14 -6.91
N ASP C 300 37.65 -37.57 -6.12
CA ASP C 300 37.77 -38.96 -5.68
C ASP C 300 36.54 -39.40 -4.85
N GLY C 301 36.31 -40.70 -4.75
CA GLY C 301 35.10 -41.27 -4.16
C GLY C 301 33.90 -41.19 -5.10
N SER C 302 33.49 -39.97 -5.48
CA SER C 302 32.38 -39.68 -6.43
C SER C 302 31.17 -40.61 -6.22
N ALA D 2 -69.60 -4.28 -32.81
CA ALA D 2 -68.24 -4.36 -33.39
C ALA D 2 -67.62 -2.98 -33.48
N ASP D 3 -66.37 -2.81 -33.06
CA ASP D 3 -65.66 -1.52 -33.01
C ASP D 3 -64.18 -1.79 -32.73
N ILE D 4 -63.29 -1.01 -33.34
CA ILE D 4 -61.86 -1.16 -33.14
C ILE D 4 -61.47 -0.57 -31.78
N SER D 5 -61.29 -1.39 -30.76
CA SER D 5 -60.78 -0.99 -29.45
C SER D 5 -59.26 -0.77 -29.44
N ARG D 6 -58.70 -0.14 -28.39
CA ARG D 6 -57.24 0.10 -28.25
C ARG D 6 -56.41 -1.18 -28.22
N SER D 7 -56.98 -2.25 -27.68
CA SER D 7 -56.32 -3.56 -27.61
C SER D 7 -55.97 -4.10 -28.99
N GLU D 8 -56.85 -3.90 -29.96
CA GLU D 8 -56.81 -4.56 -31.27
C GLU D 8 -56.30 -3.68 -32.41
N VAL D 9 -55.77 -2.50 -32.09
CA VAL D 9 -54.78 -1.82 -32.94
C VAL D 9 -53.35 -2.19 -32.57
N ALA D 10 -53.13 -2.93 -31.47
CA ALA D 10 -51.82 -3.44 -31.05
C ALA D 10 -50.73 -2.35 -31.07
N THR D 11 -49.57 -2.63 -31.64
CA THR D 11 -48.40 -1.74 -31.61
C THR D 11 -48.43 -0.59 -32.62
N LEU D 12 -49.59 -0.30 -33.21
CA LEU D 12 -49.84 1.00 -33.84
C LEU D 12 -49.82 2.12 -32.80
N ILE D 13 -50.32 1.82 -31.61
CA ILE D 13 -49.99 2.54 -30.39
C ILE D 13 -48.66 2.32 -29.68
N GLN D 14 -47.71 3.18 -30.01
CA GLN D 14 -46.38 3.20 -29.39
C GLN D 14 -46.39 3.79 -27.98
N GLU D 15 -45.55 3.28 -27.09
CA GLU D 15 -45.37 3.83 -25.74
C GLU D 15 -44.03 4.55 -25.65
N ALA D 16 -44.01 5.77 -25.13
CA ALA D 16 -42.82 6.62 -25.13
C ALA D 16 -41.92 6.42 -23.89
N TYR D 17 -40.75 7.03 -23.90
CA TYR D 17 -39.77 6.99 -22.81
C TYR D 17 -39.34 8.40 -22.41
N ALA D 18 -39.12 8.63 -21.13
CA ALA D 18 -38.58 9.89 -20.62
C ALA D 18 -37.68 9.69 -19.39
N ASN D 19 -36.52 10.33 -19.35
CA ASN D 19 -35.54 10.23 -18.26
C ASN D 19 -35.72 11.26 -17.13
N ASP D 20 -36.84 11.96 -17.05
CA ASP D 20 -37.08 13.03 -16.08
C ASP D 20 -36.87 12.64 -14.62
N LEU D 21 -37.35 11.47 -14.22
CA LEU D 21 -37.29 11.00 -12.83
C LEU D 21 -36.01 10.23 -12.51
N LEU D 22 -35.11 10.02 -13.47
CA LEU D 22 -34.01 9.07 -13.35
C LEU D 22 -32.80 9.63 -12.59
N ALA D 23 -32.40 10.86 -12.91
CA ALA D 23 -31.22 11.47 -12.32
C ALA D 23 -31.35 11.57 -10.79
N SER D 24 -30.32 11.11 -10.08
CA SER D 24 -30.29 11.06 -8.62
C SER D 24 -28.93 11.53 -8.09
N ALA D 25 -28.93 12.45 -7.13
CA ALA D 25 -27.72 13.09 -6.60
C ALA D 25 -26.84 12.14 -5.79
N LYS D 26 -25.52 12.30 -5.85
CA LYS D 26 -24.53 11.42 -5.18
C LYS D 26 -23.89 12.12 -4.00
N LYS D 27 -23.79 11.43 -2.87
CA LYS D 27 -23.29 11.96 -1.59
C LYS D 27 -21.97 11.29 -1.18
N GLY D 28 -21.02 12.10 -0.74
CA GLY D 28 -19.72 11.64 -0.24
C GLY D 28 -19.76 11.26 1.22
N SER D 29 -18.67 10.74 1.75
CA SER D 29 -18.52 10.52 3.19
C SER D 29 -18.64 11.83 3.97
N THR D 30 -19.17 11.74 5.18
CA THR D 30 -19.25 12.86 6.13
C THR D 30 -17.92 13.07 6.83
N VAL D 31 -17.27 11.99 7.24
CA VAL D 31 -16.04 12.06 8.02
C VAL D 31 -14.85 12.57 7.21
N LEU D 32 -14.83 12.37 5.89
CA LEU D 32 -13.76 12.91 5.03
C LEU D 32 -13.79 14.43 4.84
N GLN D 33 -14.93 15.07 5.08
CA GLN D 33 -15.07 16.53 5.07
C GLN D 33 -15.08 17.11 6.49
N ALA D 34 -15.55 16.38 7.51
CA ALA D 34 -15.61 16.89 8.88
C ALA D 34 -14.26 16.90 9.62
N PHE D 35 -13.38 15.92 9.38
CA PHE D 35 -12.16 15.71 10.17
C PHE D 35 -10.88 15.83 9.33
N PRO D 36 -9.75 16.22 9.94
CA PRO D 36 -8.49 16.33 9.22
C PRO D 36 -7.96 14.96 8.81
N THR D 37 -7.56 14.83 7.56
CA THR D 37 -7.11 13.56 6.96
C THR D 37 -5.59 13.46 6.99
N VAL D 38 -5.05 12.24 6.97
CA VAL D 38 -3.61 12.01 6.74
C VAL D 38 -3.40 11.09 5.55
N ASN D 39 -2.44 11.46 4.70
CA ASN D 39 -2.03 10.65 3.55
C ASN D 39 -1.03 9.60 4.03
N MET D 40 -1.52 8.44 4.43
CA MET D 40 -0.70 7.28 4.77
C MET D 40 0.05 6.74 3.53
N GLY D 41 1.31 6.36 3.69
CA GLY D 41 2.14 5.74 2.64
C GLY D 41 2.35 4.24 2.81
N THR D 42 1.83 3.67 3.90
CA THR D 42 2.01 2.28 4.34
C THR D 42 0.86 1.84 5.25
N LYS D 43 0.72 0.55 5.55
CA LYS D 43 -0.44 0.00 6.26
C LYS D 43 -0.65 0.62 7.65
N THR D 44 0.39 0.80 8.44
CA THR D 44 0.27 1.23 9.84
C THR D 44 1.03 2.52 10.11
N THR D 45 0.44 3.41 10.90
CA THR D 45 1.09 4.58 11.48
C THR D 45 0.87 4.58 12.99
N HIS D 46 1.93 4.83 13.75
CA HIS D 46 1.92 4.87 15.20
C HIS D 46 1.92 6.31 15.68
N LEU D 47 0.96 6.69 16.54
CA LEU D 47 0.86 8.03 17.11
C LEU D 47 0.96 7.91 18.64
N PRO D 48 1.93 8.56 19.31
CA PRO D 48 1.98 8.54 20.76
C PRO D 48 0.97 9.54 21.36
N VAL D 49 0.38 9.24 22.51
CA VAL D 49 -0.40 10.18 23.32
C VAL D 49 -0.05 10.10 24.79
N LEU D 50 -0.13 11.23 25.49
CA LEU D 50 0.00 11.28 26.93
C LEU D 50 -1.16 10.52 27.58
N ALA D 51 -0.87 9.58 28.47
CA ALA D 51 -1.84 8.65 29.03
C ALA D 51 -1.98 8.73 30.56
N THR D 52 -1.10 9.43 31.27
CA THR D 52 -1.12 9.58 32.74
C THR D 52 -0.31 10.81 33.17
N LEU D 53 -0.68 11.45 34.26
CA LEU D 53 0.00 12.65 34.78
C LEU D 53 0.69 12.34 36.12
N PRO D 54 1.84 12.96 36.44
CA PRO D 54 2.43 12.84 37.76
C PRO D 54 1.59 13.50 38.85
N GLY D 55 1.78 13.07 40.10
CA GLY D 55 1.15 13.61 41.29
C GLY D 55 2.16 14.18 42.27
N ALA D 56 2.20 15.50 42.39
CA ALA D 56 2.90 16.23 43.44
C ALA D 56 2.22 16.08 44.80
N SER D 57 2.88 16.56 45.86
CA SER D 57 2.38 16.51 47.24
C SER D 57 2.98 17.64 48.07
N TRP D 58 2.33 17.99 49.17
CA TRP D 58 2.97 18.76 50.24
C TRP D 58 3.92 17.86 51.04
N VAL D 59 5.04 18.42 51.50
CA VAL D 59 6.06 17.70 52.29
C VAL D 59 6.49 18.50 53.52
N SER D 60 6.61 17.82 54.65
CA SER D 60 7.21 18.35 55.88
C SER D 60 8.73 18.52 55.72
N GLU D 61 9.39 19.06 56.73
CA GLU D 61 10.84 18.99 56.86
C GLU D 61 11.17 17.97 57.95
N SER D 62 11.92 16.93 57.61
CA SER D 62 12.42 15.95 58.57
C SER D 62 13.57 15.16 57.96
N ALA D 63 14.62 14.94 58.75
CA ALA D 63 15.73 14.08 58.35
C ALA D 63 15.36 12.59 58.43
N THR D 64 14.46 12.19 59.33
CA THR D 64 14.19 10.79 59.66
C THR D 64 12.75 10.35 59.41
N GLU D 65 11.77 11.26 59.38
CA GLU D 65 10.38 10.90 59.15
C GLU D 65 9.84 10.53 57.75
N PRO D 66 8.79 9.69 57.66
CA PRO D 66 8.25 9.26 56.37
C PRO D 66 7.67 10.42 55.57
N GLU D 67 7.05 11.38 56.28
CA GLU D 67 6.60 12.61 55.66
C GLU D 67 7.89 13.40 55.50
N GLY D 68 7.94 14.33 54.55
CA GLY D 68 9.19 15.04 54.29
C GLY D 68 10.11 14.28 53.38
N VAL D 69 9.63 13.20 52.76
CA VAL D 69 10.41 12.41 51.80
C VAL D 69 9.67 12.70 50.52
N LYS D 70 10.38 13.04 49.46
CA LYS D 70 9.71 13.41 48.22
C LYS D 70 9.01 12.23 47.59
N PRO D 71 7.67 12.33 47.31
CA PRO D 71 7.08 11.23 46.59
C PRO D 71 7.67 11.13 45.18
N THR D 72 7.84 9.91 44.68
CA THR D 72 8.21 9.67 43.28
C THR D 72 6.94 9.41 42.46
N SER D 73 6.91 9.85 41.21
CA SER D 73 5.72 9.76 40.36
C SER D 73 6.12 9.69 38.89
N GLU D 74 5.25 9.21 38.01
CA GLU D 74 5.57 9.06 36.60
C GLU D 74 4.43 9.57 35.72
N ALA D 75 4.78 10.26 34.66
CA ALA D 75 3.94 10.38 33.48
C ALA D 75 3.98 9.07 32.68
N THR D 76 3.08 8.88 31.73
CA THR D 76 3.11 7.72 30.83
C THR D 76 2.52 8.08 29.49
N TRP D 77 2.99 7.45 28.42
CA TRP D 77 2.45 7.59 27.08
C TRP D 77 1.97 6.25 26.56
N ALA D 78 0.96 6.28 25.70
CA ALA D 78 0.35 5.12 25.08
C ALA D 78 0.34 5.28 23.57
N ASP D 79 0.27 4.17 22.86
CA ASP D 79 0.26 4.13 21.40
C ASP D 79 -1.18 4.15 20.88
N ARG D 80 -1.44 4.94 19.84
CA ARG D 80 -2.67 4.95 19.07
C ARG D 80 -2.32 4.64 17.62
N THR D 81 -2.97 3.70 16.97
CA THR D 81 -2.60 3.30 15.60
C THR D 81 -3.67 3.62 14.58
N LEU D 82 -3.30 4.30 13.50
CA LEU D 82 -4.00 4.20 12.23
C LEU D 82 -3.57 2.89 11.56
N VAL D 83 -4.47 1.94 11.37
CA VAL D 83 -4.26 0.77 10.50
C VAL D 83 -5.17 0.92 9.29
N ALA D 84 -4.60 1.03 8.10
CA ALA D 84 -5.33 1.06 6.85
C ALA D 84 -6.01 -0.29 6.61
N GLU D 85 -7.33 -0.23 6.46
CA GLU D 85 -8.19 -1.36 6.20
C GLU D 85 -8.93 -1.13 4.89
N GLU D 86 -9.24 -2.21 4.19
CA GLU D 86 -9.75 -2.13 2.82
C GLU D 86 -11.25 -2.32 2.79
N VAL D 87 -11.92 -1.44 2.04
CA VAL D 87 -13.36 -1.48 1.78
C VAL D 87 -13.59 -1.52 0.28
N ALA D 88 -14.47 -2.40 -0.19
CA ALA D 88 -14.58 -2.68 -1.61
C ALA D 88 -15.91 -3.31 -2.04
N VAL D 89 -16.20 -3.26 -3.35
CA VAL D 89 -17.30 -4.02 -3.97
C VAL D 89 -16.98 -4.39 -5.43
N ILE D 90 -17.48 -5.53 -5.89
CA ILE D 90 -17.56 -5.89 -7.31
C ILE D 90 -19.00 -5.73 -7.79
N ILE D 91 -19.27 -5.02 -8.87
CA ILE D 91 -20.63 -4.94 -9.43
C ILE D 91 -20.63 -5.53 -10.84
N PRO D 92 -21.10 -6.78 -11.04
CA PRO D 92 -21.17 -7.42 -12.35
C PRO D 92 -22.47 -7.14 -13.10
N VAL D 93 -22.38 -7.02 -14.42
CA VAL D 93 -23.49 -6.76 -15.32
C VAL D 93 -23.25 -7.45 -16.66
N HIS D 94 -24.30 -7.85 -17.36
CA HIS D 94 -24.14 -8.44 -18.70
C HIS D 94 -23.69 -7.39 -19.71
N GLU D 95 -22.75 -7.72 -20.57
CA GLU D 95 -22.20 -6.79 -21.56
C GLU D 95 -23.27 -6.29 -22.52
N ASN D 96 -24.22 -7.15 -22.88
CA ASN D 96 -25.33 -6.79 -23.74
C ASN D 96 -26.29 -5.80 -23.08
N VAL D 97 -26.52 -5.92 -21.77
CA VAL D 97 -27.30 -4.93 -21.01
C VAL D 97 -26.63 -3.57 -21.08
N VAL D 98 -25.32 -3.50 -20.92
CA VAL D 98 -24.59 -2.23 -21.01
C VAL D 98 -24.65 -1.64 -22.42
N ASP D 99 -24.70 -2.47 -23.46
CA ASP D 99 -24.87 -2.01 -24.84
C ASP D 99 -26.31 -1.58 -25.17
N ASP D 100 -27.32 -2.28 -24.66
CA ASP D 100 -28.74 -1.98 -24.92
C ASP D 100 -29.27 -0.82 -24.08
N ALA D 101 -28.79 -0.61 -22.86
CA ALA D 101 -29.23 0.46 -21.98
C ALA D 101 -28.89 1.84 -22.54
N SER D 102 -29.80 2.80 -22.44
CA SER D 102 -29.68 4.13 -23.04
C SER D 102 -28.97 5.18 -22.18
N THR D 103 -28.53 4.85 -20.97
CA THR D 103 -28.27 5.81 -19.88
C THR D 103 -26.82 5.91 -19.41
N SER D 104 -25.84 5.33 -20.12
CA SER D 104 -24.43 5.25 -19.68
C SER D 104 -24.24 4.51 -18.34
N LEU D 105 -24.73 3.28 -18.33
CA LEU D 105 -24.90 2.43 -17.16
C LEU D 105 -23.62 2.20 -16.35
N LEU D 106 -22.44 2.09 -16.97
CA LEU D 106 -21.20 1.92 -16.21
C LEU D 106 -20.84 3.15 -15.36
N GLU D 107 -21.07 4.36 -15.83
CA GLU D 107 -20.82 5.57 -15.04
C GLU D 107 -21.70 5.58 -13.78
N GLU D 108 -22.94 5.13 -13.91
CA GLU D 108 -23.86 5.08 -12.78
C GLU D 108 -23.48 4.00 -11.78
N ILE D 109 -23.07 2.82 -12.23
CA ILE D 109 -22.53 1.78 -11.36
C ILE D 109 -21.26 2.26 -10.65
N ALA D 110 -20.38 2.99 -11.33
CA ALA D 110 -19.19 3.54 -10.70
C ALA D 110 -19.54 4.57 -9.62
N ALA D 111 -20.51 5.45 -9.88
CA ALA D 111 -20.93 6.44 -8.90
C ALA D 111 -21.71 5.84 -7.71
N LEU D 112 -22.59 4.87 -7.95
CA LEU D 112 -23.33 4.15 -6.91
C LEU D 112 -22.40 3.33 -6.03
N GLY D 113 -21.39 2.68 -6.59
CA GLY D 113 -20.37 1.97 -5.83
C GLY D 113 -19.51 2.92 -4.99
N GLY D 114 -19.09 4.07 -5.53
CA GLY D 114 -18.34 5.07 -4.77
C GLY D 114 -19.11 5.61 -3.57
N GLN D 115 -20.39 5.87 -3.74
CA GLN D 115 -21.31 6.25 -2.66
C GLN D 115 -21.51 5.14 -1.63
N ALA D 116 -21.61 3.88 -2.04
CA ALA D 116 -21.74 2.76 -1.11
C ALA D 116 -20.52 2.61 -0.20
N ILE D 117 -19.30 2.83 -0.72
CA ILE D 117 -18.07 2.84 0.08
C ILE D 117 -18.06 4.02 1.05
N GLY D 118 -18.47 5.20 0.60
CA GLY D 118 -18.62 6.39 1.45
C GLY D 118 -19.57 6.17 2.62
N LYS D 119 -20.73 5.56 2.39
CA LYS D 119 -21.64 5.12 3.46
C LYS D 119 -20.93 4.19 4.43
N LYS D 120 -20.15 3.23 3.92
CA LYS D 120 -19.52 2.18 4.72
C LYS D 120 -18.49 2.73 5.69
N LEU D 121 -17.69 3.71 5.26
CA LEU D 121 -16.77 4.45 6.11
C LEU D 121 -17.48 5.21 7.24
N ASP D 122 -18.48 6.05 6.92
CA ASP D 122 -19.22 6.80 7.93
C ASP D 122 -19.86 5.89 8.99
N GLN D 123 -20.42 4.76 8.57
CA GLN D 123 -21.01 3.78 9.48
C GLN D 123 -20.01 3.13 10.43
N ALA D 124 -18.71 3.15 10.14
CA ALA D 124 -17.67 2.53 10.94
C ALA D 124 -16.93 3.52 11.85
N VAL D 125 -16.85 4.79 11.46
CA VAL D 125 -16.22 5.85 12.24
C VAL D 125 -17.20 6.46 13.25
N ILE D 126 -18.41 6.84 12.81
CA ILE D 126 -19.37 7.53 13.67
C ILE D 126 -20.05 6.55 14.62
N PHE D 127 -20.34 5.34 14.13
CA PHE D 127 -20.98 4.24 14.85
C PHE D 127 -20.07 3.02 14.76
N GLY D 128 -20.19 2.04 15.64
CA GLY D 128 -19.31 0.86 15.58
C GLY D 128 -19.69 -0.16 14.51
N THR D 129 -20.54 0.19 13.53
CA THR D 129 -21.42 -0.76 12.83
C THR D 129 -20.73 -2.02 12.27
N ASP D 130 -19.75 -1.85 11.38
CA ASP D 130 -18.97 -2.95 10.80
C ASP D 130 -17.47 -2.69 10.97
N LYS D 131 -17.09 -2.01 12.05
CA LYS D 131 -15.73 -1.50 12.26
C LYS D 131 -14.71 -2.65 12.14
N PRO D 132 -13.64 -2.51 11.33
CA PRO D 132 -12.57 -3.51 11.29
C PRO D 132 -11.98 -3.76 12.69
N SER D 133 -11.74 -5.01 13.05
CA SER D 133 -11.22 -5.35 14.39
C SER D 133 -9.87 -4.70 14.70
N SER D 134 -9.05 -4.48 13.68
CA SER D 134 -7.74 -3.82 13.78
C SER D 134 -7.81 -2.34 14.14
N TRP D 135 -8.95 -1.67 13.97
CA TRP D 135 -9.16 -0.30 14.45
C TRP D 135 -9.45 -0.35 15.95
N VAL D 136 -8.42 -0.18 16.77
CA VAL D 136 -8.55 -0.31 18.23
C VAL D 136 -9.18 0.90 18.89
N SER D 137 -9.28 2.03 18.18
CA SER D 137 -10.06 3.17 18.67
C SER D 137 -11.56 2.86 18.66
N PRO D 138 -12.34 3.28 19.67
CA PRO D 138 -13.80 3.17 19.64
C PRO D 138 -14.38 4.15 18.62
N ALA D 139 -15.50 3.81 17.99
CA ALA D 139 -16.22 4.74 17.12
C ALA D 139 -16.80 5.90 17.94
N LEU D 140 -17.12 7.03 17.31
CA LEU D 140 -17.45 8.26 18.04
C LEU D 140 -18.63 8.12 18.99
N LEU D 141 -19.78 7.56 18.58
CA LEU D 141 -20.88 7.40 19.52
C LEU D 141 -20.55 6.41 20.67
N PRO D 142 -20.03 5.19 20.43
CA PRO D 142 -19.60 4.31 21.51
C PRO D 142 -18.57 4.93 22.45
N ALA D 143 -17.68 5.78 21.96
CA ALA D 143 -16.74 6.51 22.79
C ALA D 143 -17.45 7.43 23.77
N ALA D 144 -18.36 8.28 23.31
CA ALA D 144 -19.14 9.14 24.20
C ALA D 144 -20.00 8.34 25.19
N VAL D 145 -20.64 7.26 24.75
CA VAL D 145 -21.50 6.43 25.59
C VAL D 145 -20.70 5.70 26.67
N ALA D 146 -19.50 5.20 26.37
CA ALA D 146 -18.62 4.58 27.35
C ALA D 146 -18.12 5.57 28.42
N ALA D 147 -17.88 6.83 28.04
CA ALA D 147 -17.47 7.91 28.92
C ALA D 147 -18.60 8.53 29.77
N ASN D 148 -19.84 8.11 29.51
CA ASN D 148 -21.02 8.68 30.20
C ASN D 148 -21.24 10.12 29.75
N GLN D 149 -20.74 10.48 28.57
CA GLN D 149 -20.93 11.83 28.02
C GLN D 149 -22.17 11.98 27.16
N ASP D 150 -22.90 10.88 26.92
CA ASP D 150 -24.16 10.97 26.17
C ASP D 150 -25.26 11.61 27.03
N TYR D 151 -26.12 12.45 26.45
CA TYR D 151 -27.19 13.12 27.21
C TYR D 151 -28.58 12.93 26.60
N THR D 152 -29.53 12.39 27.36
CA THR D 152 -30.86 12.10 26.83
C THR D 152 -31.78 13.31 26.66
N ILE D 153 -32.47 13.42 25.50
CA ILE D 153 -33.44 14.51 25.35
C ILE D 153 -34.68 14.29 26.22
N VAL D 154 -35.14 15.34 26.92
CA VAL D 154 -36.48 15.42 27.52
C VAL D 154 -37.38 16.22 26.57
N PRO D 155 -38.38 15.60 25.93
CA PRO D 155 -39.19 16.22 24.88
C PRO D 155 -40.27 17.18 25.42
N GLY D 156 -40.85 17.99 24.53
CA GLY D 156 -41.92 18.93 24.86
C GLY D 156 -41.46 20.38 24.81
N ASP D 157 -41.90 21.20 25.77
CA ASP D 157 -41.43 22.59 25.92
C ASP D 157 -39.92 22.67 26.21
N ALA D 158 -39.30 23.78 25.88
CA ALA D 158 -37.89 24.03 26.16
C ALA D 158 -37.52 23.91 27.65
N ASN D 159 -36.40 23.26 27.97
CA ASN D 159 -36.04 22.99 29.36
C ASN D 159 -34.54 22.74 29.45
N GLU D 160 -34.05 22.35 30.62
CA GLU D 160 -32.62 22.09 30.81
C GLU D 160 -32.14 20.98 29.91
N ASP D 161 -32.98 19.96 29.71
CA ASP D 161 -32.61 18.79 28.91
C ASP D 161 -33.21 18.69 27.51
N ASP D 162 -33.70 19.75 26.87
CA ASP D 162 -34.16 19.72 25.49
C ASP D 162 -32.99 19.54 24.51
N LEU D 163 -33.22 19.60 23.19
CA LEU D 163 -32.16 19.41 22.20
C LEU D 163 -31.01 20.41 22.35
N ILE D 164 -31.30 21.69 22.52
CA ILE D 164 -30.27 22.70 22.67
C ILE D 164 -29.57 22.53 24.02
N GLY D 165 -30.31 22.19 25.05
CA GLY D 165 -29.79 21.84 26.36
C GLY D 165 -28.81 20.67 26.30
N CYS D 166 -29.16 19.60 25.60
CA CYS D 166 -28.28 18.47 25.43
C CYS D 166 -27.04 18.79 24.59
N ILE D 167 -27.13 19.62 23.54
CA ILE D 167 -25.92 20.04 22.82
C ILE D 167 -25.02 20.86 23.73
N ASN D 168 -25.63 21.71 24.56
CA ASN D 168 -24.88 22.50 25.51
C ASN D 168 -24.33 21.59 26.57
N ARG D 169 -25.05 20.55 26.96
CA ARG D 169 -24.52 19.55 27.90
C ARG D 169 -23.38 18.79 27.27
N ALA D 170 -23.51 18.44 25.99
CA ALA D 170 -22.45 17.74 25.27
C ALA D 170 -21.19 18.58 25.13
N SER D 171 -21.34 19.88 24.86
CA SER D 171 -20.18 20.79 24.74
C SER D 171 -19.52 20.97 26.10
N LYS D 172 -20.27 20.98 27.19
CA LYS D 172 -19.72 21.00 28.54
C LYS D 172 -18.85 19.77 28.80
N ALA D 173 -19.31 18.57 28.49
CA ALA D 173 -18.54 17.37 28.74
C ALA D 173 -17.19 17.38 28.00
N VAL D 174 -17.14 17.79 26.74
CA VAL D 174 -15.88 17.91 25.99
C VAL D 174 -14.98 19.01 26.57
N ALA D 175 -15.53 20.16 26.95
CA ALA D 175 -14.75 21.25 27.54
C ALA D 175 -14.25 20.96 28.96
N ALA D 176 -15.09 20.37 29.81
CA ALA D 176 -14.72 19.90 31.14
C ALA D 176 -13.73 18.73 31.10
N ALA D 177 -13.73 17.90 30.05
CA ALA D 177 -12.69 16.90 29.82
C ALA D 177 -11.36 17.51 29.38
N GLY D 178 -11.29 18.80 29.07
CA GLY D 178 -10.06 19.53 28.75
C GLY D 178 -9.76 19.64 27.26
N TYR D 179 -10.73 19.33 26.39
CA TYR D 179 -10.66 19.48 24.95
C TYR D 179 -11.40 20.74 24.48
N MET D 180 -11.25 21.13 23.22
CA MET D 180 -11.95 22.28 22.64
C MET D 180 -13.05 21.78 21.69
N PRO D 181 -14.32 21.67 22.10
CA PRO D 181 -15.39 21.28 21.19
C PRO D 181 -15.54 22.28 20.06
N ASP D 182 -15.54 21.81 18.81
CA ASP D 182 -15.52 22.68 17.64
C ASP D 182 -16.33 22.13 16.46
N THR D 183 -16.93 20.96 16.60
CA THR D 183 -17.52 20.23 15.50
C THR D 183 -18.82 19.58 15.96
N LEU D 184 -19.90 19.72 15.19
CA LEU D 184 -21.16 19.05 15.42
C LEU D 184 -21.54 18.18 14.22
N LEU D 185 -21.78 16.90 14.47
CA LEU D 185 -22.24 15.93 13.49
C LEU D 185 -23.69 15.61 13.80
N ALA D 186 -24.58 15.62 12.81
CA ALA D 186 -25.98 15.24 12.97
C ALA D 186 -26.56 14.65 11.68
N SER D 187 -27.79 14.15 11.73
CA SER D 187 -28.50 13.71 10.53
C SER D 187 -29.00 14.88 9.68
N LEU D 188 -29.44 14.60 8.45
CA LEU D 188 -30.46 15.47 7.84
C LEU D 188 -31.67 15.53 8.77
N GLY D 189 -32.40 16.64 8.81
CA GLY D 189 -33.51 16.80 9.76
C GLY D 189 -33.19 17.51 11.07
N PHE D 190 -31.92 17.60 11.49
CA PHE D 190 -31.52 18.30 12.71
C PHE D 190 -31.87 19.78 12.68
N ARG D 191 -31.61 20.46 11.57
CA ARG D 191 -31.97 21.88 11.38
C ARG D 191 -33.47 22.14 11.59
N PHE D 192 -34.32 21.20 11.23
CA PHE D 192 -35.75 21.31 11.48
C PHE D 192 -36.11 21.16 12.97
N ASP D 193 -35.40 20.36 13.73
CA ASP D 193 -35.68 20.18 15.16
C ASP D 193 -35.27 21.37 16.01
N VAL D 194 -34.18 22.07 15.68
CA VAL D 194 -33.87 23.32 16.36
C VAL D 194 -34.89 24.41 15.99
N ALA D 195 -35.31 24.50 14.73
CA ALA D 195 -36.29 25.48 14.28
C ALA D 195 -37.72 25.28 14.80
N ASN D 196 -38.05 24.15 15.44
CA ASN D 196 -39.38 23.92 16.02
C ASN D 196 -39.39 23.74 17.54
N LEU D 197 -38.23 23.91 18.20
CA LEU D 197 -38.19 23.80 19.66
C LEU D 197 -38.88 25.02 20.31
N ARG D 198 -40.12 24.85 20.76
CA ARG D 198 -40.91 25.95 21.35
C ARG D 198 -40.60 26.16 22.81
N ASP D 199 -41.05 27.26 23.43
CA ASP D 199 -40.90 27.51 24.90
C ASP D 199 -42.25 27.16 25.57
N ALA D 200 -42.54 27.53 26.85
CA ALA D 200 -43.80 27.10 27.43
C ALA D 200 -45.04 27.84 26.89
N ASN D 201 -44.86 29.02 26.27
CA ASN D 201 -45.93 29.72 25.58
C ASN D 201 -46.16 29.24 24.14
N GLY D 202 -45.27 28.41 23.59
CA GLY D 202 -45.35 27.87 22.25
C GLY D 202 -44.55 28.64 21.21
N ASN D 203 -43.84 29.69 21.58
CA ASN D 203 -43.03 30.51 20.67
C ASN D 203 -41.71 29.80 20.29
N PRO D 204 -41.33 29.69 19.00
CA PRO D 204 -40.12 29.01 18.57
C PRO D 204 -38.85 29.85 18.82
N ILE D 205 -38.41 29.91 20.08
CA ILE D 205 -37.31 30.78 20.54
C ILE D 205 -35.92 30.49 19.97
N PHE D 206 -35.71 29.30 19.37
CA PHE D 206 -34.41 28.94 18.73
C PHE D 206 -34.44 28.96 17.20
N ARG D 207 -35.21 29.86 16.61
CA ARG D 207 -35.31 29.96 15.14
C ARG D 207 -34.00 30.35 14.45
N ASP D 208 -33.26 31.30 15.04
CA ASP D 208 -32.03 31.83 14.41
C ASP D 208 -30.75 31.28 15.03
N GLU D 209 -30.80 30.10 15.67
CA GLU D 209 -29.62 29.47 16.27
C GLU D 209 -28.60 29.00 15.24
N SER D 210 -27.64 29.85 14.90
CA SER D 210 -26.34 29.39 14.42
C SER D 210 -25.57 28.88 15.62
N PHE D 211 -25.01 27.69 15.52
CA PHE D 211 -24.07 27.14 16.50
C PHE D 211 -22.71 27.80 16.32
N ASN D 212 -22.58 29.03 16.82
CA ASN D 212 -21.40 29.86 16.63
C ASN D 212 -20.14 29.14 17.16
N GLY D 213 -19.08 29.17 16.36
CA GLY D 213 -17.83 28.50 16.66
C GLY D 213 -17.82 27.00 16.39
N PHE D 214 -18.90 26.39 15.90
CA PHE D 214 -18.89 25.01 15.41
C PHE D 214 -18.89 24.96 13.89
N GLY D 215 -18.07 24.08 13.31
CA GLY D 215 -18.37 23.51 12.00
C GLY D 215 -19.49 22.50 12.15
N THR D 216 -20.46 22.47 11.26
CA THR D 216 -21.61 21.56 11.34
C THR D 216 -21.69 20.66 10.12
N TYR D 217 -21.85 19.36 10.32
CA TYR D 217 -21.84 18.37 9.26
C TYR D 217 -23.07 17.48 9.38
N PHE D 218 -23.80 17.31 8.28
CA PHE D 218 -25.07 16.59 8.24
C PHE D 218 -24.97 15.35 7.37
N ASN D 219 -25.26 14.17 7.90
CA ASN D 219 -25.12 12.92 7.15
C ASN D 219 -26.23 12.73 6.12
N ALA D 220 -25.84 12.63 4.85
CA ALA D 220 -26.74 12.44 3.72
C ALA D 220 -26.65 11.05 3.04
N ASN D 221 -25.75 10.18 3.52
CA ASN D 221 -25.51 8.82 3.00
C ASN D 221 -26.49 7.75 3.46
N GLY D 222 -27.39 8.04 4.40
CA GLY D 222 -28.11 6.99 5.12
C GLY D 222 -27.21 6.16 6.03
N ALA D 223 -26.00 6.63 6.34
CA ALA D 223 -25.15 6.01 7.34
C ALA D 223 -25.67 6.22 8.77
N TRP D 224 -26.31 7.38 9.02
CA TRP D 224 -26.91 7.71 10.29
C TRP D 224 -28.15 6.85 10.56
N PRO D 225 -28.17 5.97 11.57
CA PRO D 225 -29.35 5.16 11.85
C PRO D 225 -30.54 6.01 12.32
N VAL D 226 -31.76 5.51 12.16
CA VAL D 226 -32.96 6.11 12.76
C VAL D 226 -33.01 5.82 14.27
N GLY D 227 -33.33 6.82 15.09
CA GLY D 227 -33.62 6.61 16.52
C GLY D 227 -32.42 6.25 17.40
N VAL D 228 -31.19 6.53 16.96
CA VAL D 228 -29.96 6.20 17.72
C VAL D 228 -29.30 7.42 18.36
N ALA D 229 -29.13 8.51 17.63
CA ALA D 229 -28.60 9.77 18.15
C ALA D 229 -29.15 10.96 17.37
N GLU D 230 -29.31 12.12 18.02
CA GLU D 230 -29.64 13.37 17.34
C GLU D 230 -28.37 14.08 16.86
N ALA D 231 -27.31 14.13 17.68
CA ALA D 231 -26.06 14.77 17.32
C ALA D 231 -24.87 14.24 18.12
N LEU D 232 -23.66 14.46 17.60
CA LEU D 232 -22.41 14.35 18.31
C LEU D 232 -21.75 15.71 18.38
N VAL D 233 -21.08 16.00 19.48
CA VAL D 233 -20.18 17.14 19.64
C VAL D 233 -18.78 16.59 19.77
N VAL D 234 -17.85 17.11 19.00
CA VAL D 234 -16.50 16.55 18.85
C VAL D 234 -15.46 17.66 18.93
N ASP D 235 -14.33 17.43 19.59
CA ASP D 235 -13.09 18.16 19.30
C ASP D 235 -12.40 17.48 18.11
N SER D 236 -12.58 18.03 16.93
CA SER D 236 -12.09 17.41 15.70
C SER D 236 -10.58 17.34 15.62
N SER D 237 -9.85 18.13 16.41
CA SER D 237 -8.39 18.07 16.43
C SER D 237 -7.87 16.74 16.99
N ARG D 238 -8.71 15.96 17.67
CA ARG D 238 -8.38 14.65 18.24
C ARG D 238 -8.75 13.46 17.36
N VAL D 239 -9.30 13.69 16.18
CA VAL D 239 -9.64 12.65 15.21
C VAL D 239 -8.68 12.74 14.03
N ARG D 240 -8.22 11.60 13.51
CA ARG D 240 -7.70 11.55 12.14
C ARG D 240 -8.36 10.45 11.36
N ILE D 241 -8.69 10.73 10.11
CA ILE D 241 -9.04 9.73 9.12
C ILE D 241 -7.82 9.54 8.24
N GLY D 242 -7.20 8.37 8.25
CA GLY D 242 -6.14 8.04 7.32
C GLY D 242 -6.73 7.60 5.99
N VAL D 243 -6.21 8.15 4.87
CA VAL D 243 -6.69 7.79 3.53
C VAL D 243 -5.48 7.16 2.85
N ARG D 244 -5.26 5.89 3.15
CA ARG D 244 -4.16 5.16 2.54
C ARG D 244 -4.39 5.13 1.05
N GLN D 245 -5.64 4.95 0.64
CA GLN D 245 -5.98 4.96 -0.77
C GLN D 245 -7.37 5.54 -0.92
N ASP D 246 -7.61 6.40 -1.92
CA ASP D 246 -8.97 6.86 -2.22
C ASP D 246 -9.72 5.94 -3.20
N ILE D 247 -11.02 6.17 -3.44
CA ILE D 247 -11.84 5.34 -4.33
C ILE D 247 -11.14 5.15 -5.68
N THR D 248 -10.91 3.90 -6.04
CA THR D 248 -10.20 3.47 -7.24
C THR D 248 -11.08 2.47 -7.98
N VAL D 249 -11.19 2.60 -9.31
CA VAL D 249 -12.10 1.79 -10.13
C VAL D 249 -11.32 1.02 -11.18
N LYS D 250 -11.47 -0.30 -11.19
CA LYS D 250 -10.86 -1.22 -12.16
C LYS D 250 -11.96 -1.92 -12.94
N PHE D 251 -11.92 -1.81 -14.26
CA PHE D 251 -12.79 -2.53 -15.16
C PHE D 251 -12.35 -3.98 -15.35
N LEU D 252 -13.23 -4.95 -15.09
CA LEU D 252 -12.98 -6.38 -15.24
C LEU D 252 -13.80 -6.95 -16.39
N ASP D 253 -13.17 -7.75 -17.22
CA ASP D 253 -13.77 -8.40 -18.39
C ASP D 253 -13.25 -9.82 -18.61
N GLN D 254 -12.24 -10.28 -17.88
CA GLN D 254 -11.70 -11.64 -17.96
C GLN D 254 -11.74 -12.39 -16.63
N ALA D 255 -11.76 -11.72 -15.50
CA ALA D 255 -11.67 -12.35 -14.18
C ALA D 255 -12.82 -13.31 -13.86
N THR D 256 -12.57 -14.25 -12.95
CA THR D 256 -13.64 -14.96 -12.25
C THR D 256 -13.99 -14.20 -10.99
N VAL D 257 -15.25 -13.78 -10.85
CA VAL D 257 -15.76 -13.03 -9.70
C VAL D 257 -16.94 -13.78 -9.08
N GLY D 258 -16.89 -14.10 -7.80
CA GLY D 258 -17.78 -15.12 -7.25
C GLY D 258 -17.55 -16.44 -7.98
N SER D 259 -18.60 -16.98 -8.59
CA SER D 259 -18.52 -18.12 -9.52
C SER D 259 -18.67 -17.72 -10.99
N ILE D 260 -18.85 -16.43 -11.30
CA ILE D 260 -19.03 -15.94 -12.66
C ILE D 260 -17.67 -15.84 -13.34
N ASN D 261 -17.39 -16.64 -14.36
CA ASN D 261 -16.27 -16.39 -15.26
C ASN D 261 -16.69 -15.30 -16.24
N LEU D 262 -16.21 -14.07 -16.10
CA LEU D 262 -16.80 -12.94 -16.82
C LEU D 262 -16.73 -13.11 -18.34
N ALA D 263 -15.64 -13.62 -18.87
CA ALA D 263 -15.43 -13.69 -20.30
C ALA D 263 -16.35 -14.69 -21.01
N GLU D 264 -16.49 -15.92 -20.52
CA GLU D 264 -17.32 -16.92 -21.19
C GLU D 264 -18.82 -16.68 -21.01
N ARG D 265 -19.23 -15.86 -20.05
CA ARG D 265 -20.63 -15.45 -19.88
C ARG D 265 -20.98 -14.15 -20.60
N ASP D 266 -20.01 -13.47 -21.18
CA ASP D 266 -20.09 -12.08 -21.67
C ASP D 266 -20.61 -11.10 -20.63
N MET D 267 -20.17 -11.27 -19.40
CA MET D 267 -20.36 -10.27 -18.37
C MET D 267 -19.13 -9.38 -18.28
N ILE D 268 -19.31 -8.25 -17.64
CA ILE D 268 -18.26 -7.34 -17.23
C ILE D 268 -18.54 -6.93 -15.79
N ALA D 269 -17.55 -6.40 -15.10
CA ALA D 269 -17.74 -5.88 -13.75
C ALA D 269 -16.90 -4.65 -13.51
N LEU D 270 -17.23 -3.88 -12.45
CA LEU D 270 -16.42 -2.71 -12.02
C LEU D 270 -15.90 -3.00 -10.61
N ARG D 271 -14.58 -3.18 -10.44
CA ARG D 271 -14.00 -3.52 -9.13
C ARG D 271 -13.62 -2.27 -8.35
N LEU D 272 -14.44 -1.86 -7.39
CA LEU D 272 -14.19 -0.62 -6.64
C LEU D 272 -13.44 -0.90 -5.33
N LYS D 273 -12.52 -0.05 -4.88
CA LYS D 273 -11.85 -0.19 -3.58
C LYS D 273 -11.28 1.12 -3.06
N ALA D 274 -11.11 1.18 -1.75
CA ALA D 274 -10.34 2.20 -1.06
C ALA D 274 -9.74 1.62 0.21
N ARG D 275 -8.74 2.29 0.77
CA ARG D 275 -8.09 1.90 2.02
C ARG D 275 -8.14 3.07 2.98
N PHE D 276 -8.85 2.91 4.07
CA PHE D 276 -9.08 3.94 5.08
C PHE D 276 -8.68 3.46 6.46
N ALA D 277 -8.36 4.41 7.31
CA ALA D 277 -7.98 4.21 8.70
C ALA D 277 -8.63 5.29 9.56
N TYR D 278 -8.75 5.03 10.85
CA TYR D 278 -9.30 5.99 11.80
C TYR D 278 -8.58 5.84 13.15
N VAL D 279 -8.37 6.95 13.85
CA VAL D 279 -7.78 6.97 15.19
C VAL D 279 -8.44 8.06 16.03
N LEU D 280 -8.63 7.81 17.32
CA LEU D 280 -9.15 8.78 18.29
C LEU D 280 -8.11 9.06 19.38
N GLY D 281 -7.73 10.32 19.55
CA GLY D 281 -6.79 10.78 20.58
C GLY D 281 -7.41 10.97 21.96
N ASN D 282 -8.09 9.95 22.49
CA ASN D 282 -8.75 9.92 23.81
C ASN D 282 -7.77 9.75 25.00
N GLY D 283 -6.71 10.55 25.04
CA GLY D 283 -5.64 10.44 26.03
C GLY D 283 -5.94 11.12 27.36
N ALA D 284 -4.89 11.64 27.98
CA ALA D 284 -4.94 12.56 29.11
C ALA D 284 -4.90 14.02 28.63
N THR D 285 -5.40 14.93 29.45
CA THR D 285 -5.40 16.37 29.25
C THR D 285 -4.90 17.05 30.54
N ALA D 286 -4.72 18.36 30.58
CA ALA D 286 -4.34 19.07 31.82
C ALA D 286 -5.34 18.83 32.99
N VAL D 287 -6.55 18.36 32.70
CA VAL D 287 -7.57 18.05 33.70
C VAL D 287 -7.34 16.69 34.36
N GLY D 288 -6.75 15.72 33.67
CA GLY D 288 -6.61 14.35 34.15
C GLY D 288 -6.49 13.35 33.01
N ASP D 289 -6.57 12.06 33.34
CA ASP D 289 -6.29 10.97 32.43
C ASP D 289 -7.52 10.09 32.15
N ASN D 290 -7.50 9.41 30.99
CA ASN D 290 -8.63 8.72 30.38
C ASN D 290 -9.82 9.66 30.06
N LYS D 291 -9.57 10.74 29.31
CA LYS D 291 -10.55 11.77 28.93
C LYS D 291 -10.99 11.62 27.47
N THR D 292 -12.30 11.61 27.21
CA THR D 292 -12.86 11.40 25.86
C THR D 292 -13.29 12.71 25.19
N PRO D 293 -12.86 13.02 23.97
CA PRO D 293 -13.13 14.29 23.27
C PRO D 293 -14.47 14.29 22.51
N VAL D 294 -15.44 13.45 22.90
CA VAL D 294 -16.71 13.28 22.20
C VAL D 294 -17.86 13.30 23.20
N GLY D 295 -18.83 14.17 23.01
CA GLY D 295 -20.12 14.11 23.66
C GLY D 295 -21.22 13.77 22.66
N ALA D 296 -22.36 13.29 23.12
CA ALA D 296 -23.45 12.83 22.27
C ALA D 296 -24.80 13.29 22.80
N VAL D 297 -25.77 13.47 21.91
CA VAL D 297 -27.16 13.76 22.25
C VAL D 297 -28.05 12.65 21.72
N VAL D 298 -28.85 12.01 22.57
CA VAL D 298 -29.60 10.80 22.22
C VAL D 298 -31.11 10.92 22.41
N PRO D 299 -31.93 10.28 21.56
CA PRO D 299 -33.37 10.33 21.65
C PRO D 299 -33.91 9.80 22.97
N ASP D 300 -35.11 10.28 23.30
CA ASP D 300 -35.74 10.17 24.62
C ASP D 300 -36.05 8.74 25.07
N GLY D 301 -36.11 7.76 24.16
CA GLY D 301 -36.28 6.35 24.49
C GLY D 301 -35.08 5.73 25.23
N SER D 302 -33.93 6.42 25.21
CA SER D 302 -32.72 6.08 25.96
C SER D 302 -32.99 5.93 27.45
N ALA E 2 -110.72 58.53 -4.10
CA ALA E 2 -110.14 57.69 -5.16
C ALA E 2 -108.77 58.19 -5.56
N ASP E 3 -107.81 57.29 -5.77
CA ASP E 3 -106.46 57.61 -6.22
C ASP E 3 -105.89 56.54 -7.15
N ILE E 4 -105.00 56.96 -8.05
CA ILE E 4 -104.19 56.09 -8.90
C ILE E 4 -102.99 55.55 -8.11
N SER E 5 -103.03 54.29 -7.68
CA SER E 5 -101.87 53.61 -7.06
C SER E 5 -100.85 53.14 -8.10
N ARG E 6 -99.66 52.73 -7.64
CA ARG E 6 -98.65 52.08 -8.48
C ARG E 6 -99.15 50.80 -9.15
N SER E 7 -99.90 49.97 -8.44
CA SER E 7 -100.47 48.75 -9.00
C SER E 7 -101.42 49.05 -10.17
N GLU E 8 -102.17 50.14 -10.10
CA GLU E 8 -103.11 50.55 -11.14
C GLU E 8 -102.45 51.18 -12.36
N VAL E 9 -101.24 51.69 -12.25
CA VAL E 9 -100.46 52.14 -13.42
C VAL E 9 -99.93 50.94 -14.19
N ALA E 10 -99.78 49.79 -13.55
CA ALA E 10 -99.33 48.53 -14.13
C ALA E 10 -98.06 48.69 -14.98
N THR E 11 -97.98 48.01 -16.11
CA THR E 11 -96.78 47.94 -16.96
C THR E 11 -96.44 49.24 -17.71
N LEU E 12 -97.08 50.38 -17.42
CA LEU E 12 -96.52 51.68 -17.75
C LEU E 12 -95.25 52.01 -16.94
N ILE E 13 -95.00 51.33 -15.82
CA ILE E 13 -93.72 51.37 -15.09
C ILE E 13 -92.88 50.17 -15.54
N GLN E 14 -91.80 50.40 -16.26
CA GLN E 14 -90.90 49.34 -16.73
C GLN E 14 -89.91 48.90 -15.65
N GLU E 15 -89.40 47.67 -15.74
CA GLU E 15 -88.33 47.14 -14.89
C GLU E 15 -87.01 47.07 -15.67
N ALA E 16 -85.93 47.54 -15.09
CA ALA E 16 -84.60 47.54 -15.70
C ALA E 16 -83.79 46.27 -15.36
N TYR E 17 -82.69 46.09 -16.08
CA TYR E 17 -81.75 44.97 -15.94
C TYR E 17 -80.31 45.47 -15.88
N ALA E 18 -79.45 44.88 -15.04
CA ALA E 18 -78.04 45.24 -14.90
C ALA E 18 -77.15 44.03 -14.63
N ASN E 19 -76.00 43.92 -15.30
CA ASN E 19 -75.08 42.78 -15.19
C ASN E 19 -73.99 42.94 -14.11
N ASP E 20 -74.13 43.90 -13.21
CA ASP E 20 -73.09 44.33 -12.27
C ASP E 20 -72.61 43.24 -11.29
N LEU E 21 -73.46 42.25 -10.99
CA LEU E 21 -73.12 41.16 -10.08
C LEU E 21 -72.81 39.83 -10.80
N LEU E 22 -72.89 39.78 -12.12
CA LEU E 22 -72.93 38.54 -12.89
C LEU E 22 -71.56 37.90 -13.09
N ALA E 23 -70.56 38.69 -13.46
CA ALA E 23 -69.24 38.17 -13.74
C ALA E 23 -68.61 37.55 -12.48
N SER E 24 -67.86 36.47 -12.65
CA SER E 24 -67.05 35.84 -11.63
C SER E 24 -65.78 35.30 -12.26
N ALA E 25 -64.63 35.48 -11.62
CA ALA E 25 -63.36 35.00 -12.13
C ALA E 25 -63.32 33.47 -12.13
N LYS E 26 -62.82 32.87 -13.21
CA LYS E 26 -62.62 31.42 -13.30
C LYS E 26 -61.23 31.08 -12.76
N LYS E 27 -61.14 30.02 -11.96
CA LYS E 27 -59.89 29.56 -11.35
C LYS E 27 -59.38 28.30 -12.04
N GLY E 28 -58.09 28.28 -12.35
CA GLY E 28 -57.42 27.17 -13.02
C GLY E 28 -57.17 25.96 -12.13
N SER E 29 -56.52 24.93 -12.66
CA SER E 29 -55.98 23.85 -11.85
C SER E 29 -54.78 24.32 -11.02
N THR E 30 -54.71 23.88 -9.77
CA THR E 30 -53.58 24.10 -8.87
C THR E 30 -52.39 23.28 -9.32
N VAL E 31 -52.60 22.03 -9.73
CA VAL E 31 -51.50 21.12 -10.03
C VAL E 31 -50.85 21.43 -11.36
N LEU E 32 -51.56 22.04 -12.31
CA LEU E 32 -50.94 22.60 -13.52
C LEU E 32 -50.09 23.84 -13.22
N GLN E 33 -50.27 24.49 -12.06
CA GLN E 33 -49.39 25.58 -11.61
C GLN E 33 -48.21 25.04 -10.81
N ALA E 34 -48.44 24.12 -9.89
CA ALA E 34 -47.47 23.75 -8.86
C ALA E 34 -46.33 22.84 -9.33
N PHE E 35 -46.50 22.10 -10.43
CA PHE E 35 -45.60 21.02 -10.83
C PHE E 35 -45.11 21.12 -12.27
N PRO E 36 -43.98 20.51 -12.61
CA PRO E 36 -43.55 20.46 -14.00
C PRO E 36 -44.50 19.61 -14.84
N THR E 37 -44.69 20.01 -16.10
CA THR E 37 -45.56 19.31 -17.06
C THR E 37 -44.75 18.69 -18.19
N VAL E 38 -45.27 17.62 -18.78
CA VAL E 38 -44.76 17.08 -20.05
C VAL E 38 -45.86 17.02 -21.10
N ASN E 39 -45.54 17.28 -22.36
CA ASN E 39 -46.45 17.14 -23.49
C ASN E 39 -46.40 15.69 -23.99
N MET E 40 -47.38 14.87 -23.61
CA MET E 40 -47.48 13.48 -24.09
C MET E 40 -48.01 13.42 -25.52
N GLY E 41 -47.51 12.50 -26.36
CA GLY E 41 -48.02 12.26 -27.72
C GLY E 41 -48.73 10.92 -27.89
N THR E 42 -48.97 10.18 -26.81
CA THR E 42 -49.49 8.82 -26.78
C THR E 42 -50.05 8.55 -25.38
N LYS E 43 -50.83 7.50 -25.18
CA LYS E 43 -51.45 7.20 -23.88
C LYS E 43 -50.43 6.97 -22.77
N THR E 44 -49.31 6.30 -23.02
CA THR E 44 -48.38 5.87 -21.97
C THR E 44 -46.97 6.35 -22.21
N THR E 45 -46.30 6.81 -21.17
CA THR E 45 -44.85 7.06 -21.14
C THR E 45 -44.24 6.31 -19.99
N HIS E 46 -43.11 5.64 -20.22
CA HIS E 46 -42.32 4.94 -19.21
C HIS E 46 -41.20 5.85 -18.72
N LEU E 47 -41.00 5.88 -17.41
CA LEU E 47 -39.98 6.68 -16.74
C LEU E 47 -39.23 5.78 -15.75
N PRO E 48 -37.94 5.49 -15.95
CA PRO E 48 -37.17 4.70 -15.01
C PRO E 48 -36.76 5.52 -13.78
N VAL E 49 -36.78 4.89 -12.61
CA VAL E 49 -36.24 5.44 -11.35
C VAL E 49 -35.22 4.49 -10.76
N LEU E 50 -34.21 4.98 -10.06
CA LEU E 50 -33.36 4.13 -9.23
C LEU E 50 -34.18 3.52 -8.10
N ALA E 51 -34.02 2.24 -7.85
CA ALA E 51 -34.84 1.48 -6.93
C ALA E 51 -34.07 0.77 -5.82
N THR E 52 -32.76 0.51 -5.96
CA THR E 52 -31.93 -0.06 -4.90
C THR E 52 -30.48 0.33 -5.08
N LEU E 53 -29.74 0.49 -3.99
CA LEU E 53 -28.31 0.80 -3.94
C LEU E 53 -27.46 -0.45 -3.72
N PRO E 54 -26.23 -0.55 -4.26
CA PRO E 54 -25.33 -1.64 -3.93
C PRO E 54 -24.78 -1.53 -2.49
N GLY E 55 -24.43 -2.64 -1.87
CA GLY E 55 -23.62 -2.66 -0.65
C GLY E 55 -22.13 -2.50 -0.94
N ALA E 56 -21.31 -2.57 0.09
CA ALA E 56 -19.85 -2.67 0.06
C ALA E 56 -19.39 -3.29 1.38
N SER E 57 -18.23 -3.96 1.43
CA SER E 57 -17.75 -4.61 2.65
C SER E 57 -16.27 -4.38 2.90
N TRP E 58 -15.90 -4.47 4.18
CA TRP E 58 -14.52 -4.56 4.61
C TRP E 58 -13.95 -5.94 4.31
N VAL E 59 -12.73 -6.00 3.78
CA VAL E 59 -12.04 -7.23 3.37
C VAL E 59 -10.63 -7.30 3.95
N SER E 60 -10.20 -8.50 4.36
CA SER E 60 -8.83 -8.74 4.77
C SER E 60 -7.94 -9.11 3.58
N GLU E 61 -6.65 -9.33 3.81
CA GLU E 61 -5.72 -9.84 2.79
C GLU E 61 -5.50 -11.33 3.00
N SER E 62 -5.92 -12.17 2.06
CA SER E 62 -5.63 -13.60 2.07
C SER E 62 -5.73 -14.17 0.67
N ALA E 63 -4.78 -15.02 0.29
CA ALA E 63 -4.85 -15.79 -0.94
C ALA E 63 -5.78 -17.00 -0.86
N THR E 64 -6.10 -17.49 0.33
CA THR E 64 -6.84 -18.76 0.50
C THR E 64 -8.17 -18.64 1.22
N GLU E 65 -8.32 -17.72 2.17
CA GLU E 65 -9.49 -17.68 3.06
C GLU E 65 -10.67 -16.86 2.49
N PRO E 66 -11.92 -17.15 2.89
CA PRO E 66 -13.10 -16.43 2.41
C PRO E 66 -13.09 -14.94 2.71
N GLU E 67 -12.52 -14.49 3.83
CA GLU E 67 -12.52 -13.06 4.21
C GLU E 67 -11.69 -12.19 3.27
N GLY E 68 -10.77 -12.80 2.53
CA GLY E 68 -9.97 -12.13 1.52
C GLY E 68 -10.69 -11.90 0.18
N VAL E 69 -11.90 -12.46 0.02
CA VAL E 69 -12.67 -12.37 -1.23
C VAL E 69 -13.66 -11.22 -1.13
N LYS E 70 -13.67 -10.33 -2.11
CA LYS E 70 -14.66 -9.24 -2.16
C LYS E 70 -16.09 -9.71 -2.35
N PRO E 71 -17.08 -9.00 -1.80
CA PRO E 71 -18.46 -9.22 -2.16
C PRO E 71 -18.76 -8.73 -3.59
N THR E 72 -19.72 -9.38 -4.22
CA THR E 72 -20.48 -8.84 -5.36
C THR E 72 -21.75 -8.15 -4.87
N SER E 73 -22.25 -7.15 -5.58
CA SER E 73 -23.51 -6.48 -5.24
C SER E 73 -24.31 -5.98 -6.44
N GLU E 74 -25.61 -5.69 -6.26
CA GLU E 74 -26.53 -5.21 -7.30
C GLU E 74 -27.06 -3.80 -7.00
N ALA E 75 -26.91 -2.86 -7.94
CA ALA E 75 -27.84 -1.74 -8.08
C ALA E 75 -29.13 -2.22 -8.77
N THR E 76 -30.24 -1.49 -8.74
CA THR E 76 -31.48 -1.86 -9.49
C THR E 76 -32.32 -0.63 -9.82
N TRP E 77 -33.02 -0.65 -10.94
CA TRP E 77 -33.99 0.37 -11.36
C TRP E 77 -35.40 -0.21 -11.43
N ALA E 78 -36.41 0.64 -11.35
CA ALA E 78 -37.82 0.28 -11.47
C ALA E 78 -38.53 1.24 -12.42
N ASP E 79 -39.79 0.96 -12.77
CA ASP E 79 -40.57 1.85 -13.64
C ASP E 79 -41.64 2.66 -12.89
N ARG E 80 -41.85 3.93 -13.26
CA ARG E 80 -42.93 4.75 -12.68
C ARG E 80 -43.53 5.17 -13.98
N THR E 81 -44.83 5.43 -14.08
CA THR E 81 -45.46 5.70 -15.38
C THR E 81 -46.50 6.78 -15.55
N LEU E 82 -46.49 7.49 -16.70
CA LEU E 82 -47.57 8.43 -17.02
C LEU E 82 -48.59 7.71 -17.90
N VAL E 83 -49.83 7.56 -17.45
CA VAL E 83 -50.95 7.07 -18.28
C VAL E 83 -51.98 8.18 -18.45
N ALA E 84 -52.18 8.66 -19.67
CA ALA E 84 -53.19 9.66 -19.98
C ALA E 84 -54.58 9.08 -19.82
N GLU E 85 -55.37 9.71 -18.99
CA GLU E 85 -56.76 9.36 -18.71
C GLU E 85 -57.64 10.57 -19.01
N GLU E 86 -58.90 10.33 -19.34
CA GLU E 86 -59.78 11.35 -19.91
C GLU E 86 -60.79 11.86 -18.92
N VAL E 87 -60.92 13.17 -18.82
CA VAL E 87 -61.87 13.85 -17.95
C VAL E 87 -62.75 14.76 -18.81
N ALA E 88 -64.07 14.63 -18.66
CA ALA E 88 -65.02 15.24 -19.58
C ALA E 88 -66.36 15.61 -18.93
N VAL E 89 -67.09 16.51 -19.58
CA VAL E 89 -68.48 16.86 -19.23
C VAL E 89 -69.27 17.28 -20.46
N ILE E 90 -70.54 16.90 -20.55
CA ILE E 90 -71.51 17.41 -21.51
C ILE E 90 -72.45 18.36 -20.77
N ILE E 91 -72.60 19.60 -21.25
CA ILE E 91 -73.57 20.55 -20.66
C ILE E 91 -74.66 20.85 -21.69
N PRO E 92 -75.85 20.23 -21.62
CA PRO E 92 -76.92 20.46 -22.56
C PRO E 92 -77.79 21.67 -22.17
N VAL E 93 -78.31 22.40 -23.15
CA VAL E 93 -79.20 23.56 -22.98
C VAL E 93 -80.17 23.66 -24.15
N HIS E 94 -81.35 24.24 -23.95
CA HIS E 94 -82.33 24.46 -25.00
C HIS E 94 -81.89 25.55 -25.97
N GLU E 95 -82.03 25.34 -27.27
CA GLU E 95 -81.56 26.33 -28.24
C GLU E 95 -82.36 27.63 -28.19
N ASN E 96 -83.63 27.58 -27.79
CA ASN E 96 -84.43 28.79 -27.56
C ASN E 96 -83.91 29.61 -26.39
N VAL E 97 -83.39 28.96 -25.34
CA VAL E 97 -82.78 29.65 -24.20
C VAL E 97 -81.47 30.31 -24.60
N VAL E 98 -80.65 29.68 -25.42
CA VAL E 98 -79.45 30.31 -25.98
C VAL E 98 -79.80 31.50 -26.86
N ASP E 99 -80.88 31.44 -27.63
CA ASP E 99 -81.35 32.57 -28.43
C ASP E 99 -81.93 33.70 -27.58
N ASP E 100 -82.75 33.40 -26.59
CA ASP E 100 -83.36 34.38 -25.71
C ASP E 100 -82.35 35.11 -24.81
N ALA E 101 -81.34 34.40 -24.29
CA ALA E 101 -80.38 34.95 -23.35
C ALA E 101 -79.65 36.19 -23.89
N SER E 102 -79.52 37.22 -23.07
CA SER E 102 -78.94 38.51 -23.48
C SER E 102 -77.42 38.50 -23.56
N THR E 103 -76.75 37.80 -22.66
CA THR E 103 -75.32 37.47 -22.70
C THR E 103 -75.01 36.28 -23.61
N SER E 104 -73.73 36.11 -23.95
CA SER E 104 -73.20 34.97 -24.72
C SER E 104 -73.15 33.67 -23.90
N LEU E 105 -74.28 32.98 -23.76
CA LEU E 105 -74.43 31.84 -22.84
C LEU E 105 -73.48 30.66 -23.11
N LEU E 106 -73.09 30.43 -24.37
CA LEU E 106 -72.15 29.35 -24.72
C LEU E 106 -70.72 29.64 -24.26
N GLU E 107 -70.30 30.90 -24.16
CA GLU E 107 -68.99 31.22 -23.61
C GLU E 107 -68.92 30.94 -22.11
N GLU E 108 -69.98 31.25 -21.37
CA GLU E 108 -70.01 30.96 -19.94
C GLU E 108 -70.14 29.49 -19.64
N ILE E 109 -70.94 28.73 -20.41
CA ILE E 109 -71.01 27.28 -20.25
C ILE E 109 -69.64 26.66 -20.50
N ALA E 110 -68.93 27.04 -21.56
CA ALA E 110 -67.60 26.53 -21.83
C ALA E 110 -66.59 26.88 -20.74
N ALA E 111 -66.59 28.13 -20.26
CA ALA E 111 -65.72 28.58 -19.19
C ALA E 111 -66.02 27.87 -17.86
N LEU E 112 -67.28 27.64 -17.50
CA LEU E 112 -67.64 26.84 -16.34
C LEU E 112 -67.28 25.37 -16.49
N GLY E 113 -67.41 24.77 -17.68
CA GLY E 113 -67.04 23.38 -17.91
C GLY E 113 -65.53 23.15 -17.82
N GLY E 114 -64.72 24.04 -18.36
CA GLY E 114 -63.26 23.99 -18.21
C GLY E 114 -62.81 24.11 -16.75
N GLN E 115 -63.44 24.97 -15.96
CA GLN E 115 -63.20 25.03 -14.52
C GLN E 115 -63.64 23.75 -13.78
N ALA E 116 -64.74 23.13 -14.16
CA ALA E 116 -65.15 21.85 -13.58
C ALA E 116 -64.13 20.72 -13.85
N ILE E 117 -63.49 20.74 -15.01
CA ILE E 117 -62.41 19.81 -15.34
C ILE E 117 -61.17 20.13 -14.53
N GLY E 118 -60.77 21.40 -14.43
CA GLY E 118 -59.67 21.82 -13.57
C GLY E 118 -59.80 21.35 -12.12
N LYS E 119 -61.00 21.38 -11.55
CA LYS E 119 -61.30 20.83 -10.23
C LYS E 119 -61.08 19.31 -10.15
N LYS E 120 -61.55 18.53 -11.13
CA LYS E 120 -61.40 17.07 -11.10
C LYS E 120 -59.96 16.61 -11.21
N LEU E 121 -59.10 17.35 -11.89
CA LEU E 121 -57.67 17.07 -11.94
C LEU E 121 -57.01 17.26 -10.57
N ASP E 122 -57.21 18.41 -9.93
CA ASP E 122 -56.67 18.67 -8.59
C ASP E 122 -57.20 17.66 -7.57
N GLN E 123 -58.49 17.33 -7.60
CA GLN E 123 -59.09 16.36 -6.69
C GLN E 123 -58.52 14.95 -6.81
N ALA E 124 -57.92 14.59 -7.95
CA ALA E 124 -57.35 13.27 -8.20
C ALA E 124 -55.84 13.23 -7.95
N VAL E 125 -55.12 14.32 -8.20
CA VAL E 125 -53.68 14.38 -7.95
C VAL E 125 -53.39 14.63 -6.47
N ILE E 126 -54.11 15.53 -5.80
CA ILE E 126 -53.82 15.91 -4.42
C ILE E 126 -54.38 14.88 -3.44
N PHE E 127 -55.60 14.42 -3.68
CA PHE E 127 -56.33 13.44 -2.88
C PHE E 127 -56.69 12.25 -3.79
N GLY E 128 -56.93 11.08 -3.24
CA GLY E 128 -57.25 9.88 -4.05
C GLY E 128 -58.69 9.79 -4.55
N THR E 129 -59.37 10.90 -4.87
CA THR E 129 -60.84 10.98 -4.76
C THR E 129 -61.60 10.06 -5.72
N ASP E 130 -61.49 10.32 -7.02
CA ASP E 130 -62.06 9.50 -8.11
C ASP E 130 -60.95 9.15 -9.10
N LYS E 131 -59.74 8.91 -8.60
CA LYS E 131 -58.54 8.75 -9.40
C LYS E 131 -58.67 7.58 -10.38
N PRO E 132 -58.30 7.73 -11.66
CA PRO E 132 -58.23 6.62 -12.58
C PRO E 132 -57.37 5.47 -12.05
N SER E 133 -57.86 4.23 -12.11
CA SER E 133 -57.15 3.07 -11.54
C SER E 133 -55.83 2.76 -12.26
N SER E 134 -55.71 3.18 -13.52
CA SER E 134 -54.50 3.10 -14.31
C SER E 134 -53.40 4.09 -13.91
N TRP E 135 -53.69 5.09 -13.08
CA TRP E 135 -52.64 5.86 -12.40
C TRP E 135 -52.10 5.02 -11.26
N VAL E 136 -50.93 4.42 -11.46
CA VAL E 136 -50.35 3.45 -10.52
C VAL E 136 -49.85 4.13 -9.24
N SER E 137 -49.26 5.32 -9.37
CA SER E 137 -48.74 6.08 -8.24
C SER E 137 -49.82 6.50 -7.24
N PRO E 138 -49.50 6.59 -5.94
CA PRO E 138 -50.38 7.18 -4.95
C PRO E 138 -50.55 8.69 -5.18
N ALA E 139 -51.73 9.23 -4.92
CA ALA E 139 -51.96 10.67 -4.90
C ALA E 139 -51.22 11.33 -3.72
N LEU E 140 -50.98 12.65 -3.75
CA LEU E 140 -50.12 13.30 -2.77
C LEU E 140 -50.50 13.03 -1.30
N LEU E 141 -51.75 13.20 -0.86
CA LEU E 141 -52.10 12.89 0.53
C LEU E 141 -51.99 11.38 0.83
N PRO E 142 -52.56 10.44 0.06
CA PRO E 142 -52.33 9.02 0.29
C PRO E 142 -50.87 8.58 0.32
N ALA E 143 -49.98 9.19 -0.46
CA ALA E 143 -48.56 8.89 -0.46
C ALA E 143 -47.92 9.26 0.89
N ALA E 144 -48.20 10.45 1.40
CA ALA E 144 -47.76 10.86 2.72
C ALA E 144 -48.31 9.96 3.81
N VAL E 145 -49.59 9.64 3.77
CA VAL E 145 -50.24 8.75 4.75
C VAL E 145 -49.63 7.34 4.73
N ALA E 146 -49.42 6.74 3.56
CA ALA E 146 -48.85 5.40 3.46
C ALA E 146 -47.41 5.33 3.98
N ALA E 147 -46.65 6.40 3.81
CA ALA E 147 -45.28 6.53 4.29
C ALA E 147 -45.17 6.91 5.78
N ASN E 148 -46.27 7.14 6.50
CA ASN E 148 -46.29 7.76 7.83
C ASN E 148 -45.58 9.12 7.86
N GLN E 149 -45.83 9.95 6.86
CA GLN E 149 -45.31 11.32 6.75
C GLN E 149 -46.43 12.36 6.90
N ASP E 150 -47.54 11.95 7.53
CA ASP E 150 -48.65 12.87 7.78
C ASP E 150 -48.60 13.23 9.27
N TYR E 151 -48.82 14.50 9.61
CA TYR E 151 -48.70 14.95 11.01
C TYR E 151 -49.96 15.63 11.53
N THR E 152 -50.55 15.10 12.60
CA THR E 152 -51.81 15.64 13.10
C THR E 152 -51.66 16.93 13.91
N ILE E 153 -52.42 17.98 13.56
CA ILE E 153 -52.38 19.21 14.34
C ILE E 153 -52.99 19.00 15.73
N VAL E 154 -52.31 19.50 16.75
CA VAL E 154 -52.86 19.72 18.08
C VAL E 154 -53.41 21.15 18.15
N PRO E 155 -54.73 21.34 18.27
CA PRO E 155 -55.39 22.65 18.22
C PRO E 155 -55.22 23.44 19.53
N GLY E 156 -55.63 24.70 19.50
CA GLY E 156 -55.51 25.63 20.62
C GLY E 156 -54.29 26.53 20.48
N ASP E 157 -53.61 26.84 21.58
CA ASP E 157 -52.40 27.66 21.56
C ASP E 157 -51.27 27.04 20.72
N ALA E 158 -50.34 27.87 20.28
CA ALA E 158 -49.10 27.45 19.65
C ALA E 158 -48.37 26.41 20.49
N ASN E 159 -47.77 25.44 19.83
CA ASN E 159 -47.08 24.30 20.43
C ASN E 159 -46.26 23.59 19.34
N GLU E 160 -45.43 22.62 19.70
CA GLU E 160 -44.59 21.89 18.73
C GLU E 160 -45.37 21.20 17.59
N ASP E 161 -46.65 20.91 17.81
CA ASP E 161 -47.59 20.27 16.89
C ASP E 161 -48.76 21.19 16.51
N ASP E 162 -48.58 22.51 16.57
CA ASP E 162 -49.51 23.43 15.94
C ASP E 162 -49.36 23.41 14.40
N LEU E 163 -50.07 24.27 13.67
CA LEU E 163 -50.03 24.27 12.20
C LEU E 163 -48.62 24.51 11.65
N ILE E 164 -47.87 25.46 12.19
CA ILE E 164 -46.49 25.72 11.78
C ILE E 164 -45.58 24.55 12.21
N GLY E 165 -45.84 23.96 13.36
CA GLY E 165 -45.15 22.77 13.86
C GLY E 165 -45.31 21.58 12.95
N CYS E 166 -46.53 21.25 12.54
CA CYS E 166 -46.77 20.17 11.59
C CYS E 166 -46.17 20.44 10.21
N ILE E 167 -46.16 21.68 9.72
CA ILE E 167 -45.47 22.01 8.46
C ILE E 167 -43.97 21.79 8.58
N ASN E 168 -43.40 22.19 9.72
CA ASN E 168 -41.99 21.95 9.97
C ASN E 168 -41.65 20.49 9.97
N ARG E 169 -42.56 19.64 10.48
CA ARG E 169 -42.35 18.19 10.54
C ARG E 169 -42.64 17.51 9.21
N ALA E 170 -43.51 18.08 8.39
CA ALA E 170 -43.79 17.57 7.04
C ALA E 170 -42.52 17.86 6.23
N SER E 171 -41.90 19.03 6.42
CA SER E 171 -40.67 19.40 5.71
C SER E 171 -39.47 18.58 6.15
N LYS E 172 -39.37 18.27 7.45
CA LYS E 172 -38.35 17.38 8.00
C LYS E 172 -38.43 16.02 7.33
N ALA E 173 -39.61 15.41 7.29
CA ALA E 173 -39.79 14.09 6.70
C ALA E 173 -39.29 14.04 5.26
N VAL E 174 -39.63 15.01 4.44
CA VAL E 174 -39.19 15.10 3.04
C VAL E 174 -37.67 15.30 2.93
N ALA E 175 -37.06 16.13 3.77
CA ALA E 175 -35.60 16.32 3.77
C ALA E 175 -34.83 15.10 4.28
N ALA E 176 -35.29 14.49 5.36
CA ALA E 176 -34.73 13.27 5.94
C ALA E 176 -34.89 12.06 5.02
N ALA E 177 -35.90 12.03 4.15
CA ALA E 177 -36.01 11.05 3.06
C ALA E 177 -34.94 11.22 1.97
N GLY E 178 -34.26 12.35 1.91
CA GLY E 178 -33.22 12.64 0.93
C GLY E 178 -33.69 13.50 -0.23
N TYR E 179 -34.90 14.04 -0.20
CA TYR E 179 -35.40 15.02 -1.17
C TYR E 179 -35.18 16.46 -0.72
N MET E 180 -35.50 17.44 -1.56
CA MET E 180 -35.48 18.85 -1.18
C MET E 180 -36.92 19.39 -1.19
N PRO E 181 -37.61 19.58 -0.05
CA PRO E 181 -38.95 20.15 -0.04
C PRO E 181 -38.91 21.57 -0.61
N ASP E 182 -39.78 21.90 -1.55
CA ASP E 182 -39.76 23.21 -2.21
C ASP E 182 -41.14 23.81 -2.47
N THR E 183 -42.20 23.12 -2.09
CA THR E 183 -43.56 23.43 -2.52
C THR E 183 -44.54 23.18 -1.40
N LEU E 184 -45.41 24.15 -1.12
CA LEU E 184 -46.49 24.00 -0.15
C LEU E 184 -47.84 24.17 -0.84
N LEU E 185 -48.71 23.18 -0.72
CA LEU E 185 -50.09 23.25 -1.17
C LEU E 185 -50.99 23.45 0.04
N ALA E 186 -51.95 24.36 -0.04
CA ALA E 186 -52.92 24.60 1.04
C ALA E 186 -54.24 25.15 0.49
N SER E 187 -55.30 25.19 1.30
CA SER E 187 -56.56 25.79 0.91
C SER E 187 -56.50 27.32 0.88
N LEU E 188 -57.48 28.00 0.28
CA LEU E 188 -57.79 29.37 0.69
C LEU E 188 -58.17 29.35 2.17
N GLY E 189 -57.88 30.39 2.92
CA GLY E 189 -58.11 30.36 4.36
C GLY E 189 -56.96 29.80 5.19
N PHE E 190 -55.94 29.20 4.58
CA PHE E 190 -54.70 28.83 5.27
C PHE E 190 -53.95 30.02 5.85
N ARG E 191 -53.76 31.07 5.05
CA ARG E 191 -53.04 32.28 5.46
C ARG E 191 -53.67 32.99 6.67
N PHE E 192 -54.99 32.93 6.77
CA PHE E 192 -55.73 33.42 7.92
C PHE E 192 -55.50 32.57 9.18
N ASP E 193 -55.32 31.26 9.03
CA ASP E 193 -55.03 30.37 10.16
C ASP E 193 -53.62 30.56 10.72
N VAL E 194 -52.60 30.79 9.90
CA VAL E 194 -51.27 31.12 10.43
C VAL E 194 -51.26 32.50 11.09
N ALA E 195 -51.96 33.48 10.53
CA ALA E 195 -52.09 34.80 11.14
C ALA E 195 -52.86 34.83 12.48
N ASN E 196 -53.73 33.86 12.79
CA ASN E 196 -54.46 33.81 14.07
C ASN E 196 -53.88 32.81 15.07
N LEU E 197 -52.77 32.16 14.76
CA LEU E 197 -52.15 31.22 15.71
C LEU E 197 -51.61 31.91 16.98
N ARG E 198 -52.40 31.95 18.07
CA ARG E 198 -52.01 32.68 19.28
C ARG E 198 -51.17 31.86 20.24
N ASP E 199 -50.15 32.43 20.90
CA ASP E 199 -49.27 31.72 21.87
C ASP E 199 -50.03 31.59 23.22
N ALA E 200 -49.44 31.14 24.36
CA ALA E 200 -50.23 31.00 25.57
C ALA E 200 -50.62 32.32 26.26
N ASN E 201 -50.01 33.45 25.89
CA ASN E 201 -50.45 34.78 26.35
C ASN E 201 -51.49 35.41 25.43
N GLY E 202 -51.86 34.75 24.34
CA GLY E 202 -52.79 35.26 23.35
C GLY E 202 -52.17 36.14 22.29
N ASN E 203 -50.86 36.34 22.27
CA ASN E 203 -50.20 37.13 21.23
C ASN E 203 -50.08 36.32 19.93
N PRO E 204 -50.54 36.80 18.77
CA PRO E 204 -50.30 36.14 17.49
C PRO E 204 -48.83 36.25 17.05
N ILE E 205 -48.03 35.24 17.39
CA ILE E 205 -46.58 35.20 17.15
C ILE E 205 -46.18 35.00 15.69
N PHE E 206 -47.10 34.47 14.86
CA PHE E 206 -46.81 34.13 13.45
C PHE E 206 -47.52 35.05 12.45
N ARG E 207 -47.71 36.32 12.78
CA ARG E 207 -48.29 37.27 11.80
C ARG E 207 -47.35 37.43 10.62
N ASP E 208 -46.04 37.49 10.88
CA ASP E 208 -45.03 37.69 9.82
C ASP E 208 -44.33 36.37 9.41
N GLU E 209 -44.99 35.21 9.57
CA GLU E 209 -44.40 33.92 9.24
C GLU E 209 -44.44 33.63 7.73
N SER E 210 -43.46 34.13 7.02
CA SER E 210 -43.18 33.82 5.61
C SER E 210 -42.58 32.41 5.46
N PHE E 211 -43.19 31.58 4.62
CA PHE E 211 -42.66 30.26 4.26
C PHE E 211 -41.53 30.41 3.26
N ASN E 212 -40.39 30.93 3.72
CA ASN E 212 -39.25 31.24 2.86
C ASN E 212 -38.74 29.99 2.12
N GLY E 213 -38.41 30.16 0.84
CA GLY E 213 -37.88 29.09 0.00
C GLY E 213 -38.91 28.10 -0.55
N PHE E 214 -40.20 28.20 -0.17
CA PHE E 214 -41.27 27.43 -0.81
C PHE E 214 -42.01 28.26 -1.83
N GLY E 215 -42.35 27.65 -2.96
CA GLY E 215 -43.47 28.12 -3.79
C GLY E 215 -44.77 27.70 -3.12
N THR E 216 -45.68 28.64 -2.84
CA THR E 216 -46.92 28.36 -2.11
C THR E 216 -48.13 28.48 -3.02
N TYR E 217 -48.95 27.44 -3.12
CA TYR E 217 -50.07 27.37 -4.05
C TYR E 217 -51.37 27.14 -3.27
N PHE E 218 -52.33 28.04 -3.39
CA PHE E 218 -53.58 27.98 -2.65
C PHE E 218 -54.73 27.57 -3.57
N ASN E 219 -55.44 26.48 -3.24
CA ASN E 219 -56.46 25.97 -4.13
C ASN E 219 -57.72 26.85 -4.10
N ALA E 220 -58.02 27.48 -5.22
CA ALA E 220 -59.15 28.39 -5.36
C ALA E 220 -60.33 27.81 -6.17
N ASN E 221 -60.18 26.68 -6.86
CA ASN E 221 -61.22 26.11 -7.72
C ASN E 221 -62.18 25.15 -7.00
N GLY E 222 -62.14 25.08 -5.67
CA GLY E 222 -63.03 24.25 -4.87
C GLY E 222 -62.62 22.78 -4.76
N ALA E 223 -61.46 22.38 -5.25
CA ALA E 223 -61.00 21.00 -5.09
C ALA E 223 -60.69 20.63 -3.63
N TRP E 224 -60.21 21.56 -2.80
CA TRP E 224 -59.77 21.27 -1.44
C TRP E 224 -60.95 20.97 -0.50
N PRO E 225 -61.04 19.78 0.11
CA PRO E 225 -62.14 19.40 1.00
C PRO E 225 -62.04 20.06 2.38
N VAL E 226 -63.09 19.94 3.19
CA VAL E 226 -63.08 20.30 4.61
C VAL E 226 -62.78 19.09 5.49
N GLY E 227 -61.89 19.24 6.48
CA GLY E 227 -61.66 18.22 7.51
C GLY E 227 -60.78 17.03 7.11
N VAL E 228 -59.87 17.21 6.15
CA VAL E 228 -59.04 16.14 5.58
C VAL E 228 -57.54 16.46 5.61
N ALA E 229 -57.12 17.62 5.15
CA ALA E 229 -55.73 18.08 5.24
C ALA E 229 -55.67 19.61 5.34
N GLU E 230 -54.72 20.15 6.10
CA GLU E 230 -54.51 21.60 6.19
C GLU E 230 -53.44 22.11 5.22
N ALA E 231 -52.41 21.31 4.96
CA ALA E 231 -51.42 21.59 3.94
C ALA E 231 -50.70 20.32 3.50
N LEU E 232 -50.05 20.34 2.34
CA LEU E 232 -49.08 19.33 1.91
C LEU E 232 -47.75 20.00 1.57
N VAL E 233 -46.65 19.37 1.94
CA VAL E 233 -45.28 19.75 1.58
C VAL E 233 -44.72 18.71 0.62
N VAL E 234 -44.10 19.11 -0.47
CA VAL E 234 -43.57 18.19 -1.49
C VAL E 234 -42.28 18.72 -2.12
N ASP E 235 -41.41 17.83 -2.60
CA ASP E 235 -40.38 18.16 -3.59
C ASP E 235 -41.00 18.10 -4.99
N SER E 236 -41.38 19.24 -5.53
CA SER E 236 -42.12 19.29 -6.80
C SER E 236 -41.32 18.76 -7.99
N SER E 237 -40.00 18.66 -7.90
CA SER E 237 -39.19 18.07 -8.97
C SER E 237 -39.48 16.58 -9.16
N ARG E 238 -40.06 15.90 -8.16
CA ARG E 238 -40.43 14.48 -8.20
C ARG E 238 -41.84 14.20 -8.69
N VAL E 239 -42.53 15.19 -9.24
CA VAL E 239 -43.85 15.03 -9.85
C VAL E 239 -43.72 15.37 -11.32
N ARG E 240 -44.45 14.67 -12.19
CA ARG E 240 -44.80 15.20 -13.51
C ARG E 240 -46.30 15.08 -13.67
N ILE E 241 -46.91 16.14 -14.19
CA ILE E 241 -48.25 16.07 -14.76
C ILE E 241 -48.06 15.93 -16.26
N GLY E 242 -48.59 14.89 -16.85
CA GLY E 242 -48.61 14.75 -18.29
C GLY E 242 -49.87 15.38 -18.84
N VAL E 243 -49.73 16.31 -19.77
CA VAL E 243 -50.87 16.89 -20.49
C VAL E 243 -50.89 16.30 -21.89
N ARG E 244 -51.77 15.31 -22.11
CA ARG E 244 -51.94 14.68 -23.43
C ARG E 244 -52.80 15.53 -24.35
N GLN E 245 -53.80 16.23 -23.81
CA GLN E 245 -54.69 17.13 -24.52
C GLN E 245 -55.30 18.13 -23.55
N ASP E 246 -55.22 19.43 -23.83
CA ASP E 246 -55.85 20.48 -23.01
C ASP E 246 -57.38 20.41 -23.07
N ILE E 247 -58.08 21.30 -22.36
CA ILE E 247 -59.52 21.45 -22.54
C ILE E 247 -59.82 21.74 -24.01
N THR E 248 -60.61 20.89 -24.64
CA THR E 248 -61.10 21.03 -26.01
C THR E 248 -62.62 20.86 -26.00
N VAL E 249 -63.29 21.66 -26.82
CA VAL E 249 -64.75 21.85 -26.78
C VAL E 249 -65.37 21.48 -28.12
N LYS E 250 -66.41 20.64 -28.11
CA LYS E 250 -67.21 20.35 -29.31
C LYS E 250 -68.66 20.76 -29.12
N PHE E 251 -69.19 21.52 -30.06
CA PHE E 251 -70.61 21.81 -30.13
C PHE E 251 -71.40 20.63 -30.68
N LEU E 252 -72.41 20.16 -29.94
CA LEU E 252 -73.28 19.05 -30.31
C LEU E 252 -74.72 19.53 -30.53
N ASP E 253 -75.33 19.12 -31.62
CA ASP E 253 -76.74 19.43 -31.93
C ASP E 253 -77.54 18.27 -32.54
N GLN E 254 -76.96 17.07 -32.65
CA GLN E 254 -77.65 15.86 -33.14
C GLN E 254 -77.46 14.60 -32.29
N ALA E 255 -76.47 14.53 -31.41
CA ALA E 255 -76.20 13.35 -30.60
C ALA E 255 -77.33 13.02 -29.62
N THR E 256 -77.43 11.77 -29.21
CA THR E 256 -78.13 11.41 -27.98
C THR E 256 -77.14 11.52 -26.82
N VAL E 257 -77.38 12.40 -25.86
CA VAL E 257 -76.52 12.58 -24.69
C VAL E 257 -77.33 12.37 -23.42
N GLY E 258 -76.86 11.54 -22.49
CA GLY E 258 -77.77 10.93 -21.53
C GLY E 258 -78.93 10.23 -22.25
N SER E 259 -80.16 10.55 -21.88
CA SER E 259 -81.38 10.15 -22.60
C SER E 259 -81.97 11.27 -23.48
N ILE E 260 -81.24 12.35 -23.74
CA ILE E 260 -81.71 13.50 -24.50
C ILE E 260 -81.30 13.33 -25.97
N ASN E 261 -82.25 13.05 -26.85
CA ASN E 261 -82.02 13.15 -28.29
C ASN E 261 -82.00 14.63 -28.68
N LEU E 262 -80.83 15.25 -28.80
CA LEU E 262 -80.72 16.71 -28.90
C LEU E 262 -81.55 17.32 -30.03
N ALA E 263 -81.49 16.76 -31.24
CA ALA E 263 -82.15 17.36 -32.40
C ALA E 263 -83.67 17.43 -32.23
N GLU E 264 -84.32 16.33 -31.85
CA GLU E 264 -85.78 16.32 -31.70
C GLU E 264 -86.36 17.18 -30.59
N ARG E 265 -85.59 17.40 -29.52
CA ARG E 265 -86.05 18.21 -28.38
C ARG E 265 -85.64 19.70 -28.50
N ASP E 266 -85.06 20.06 -29.65
CA ASP E 266 -84.59 21.43 -29.87
C ASP E 266 -83.57 21.85 -28.81
N MET E 267 -82.60 20.98 -28.46
CA MET E 267 -81.50 21.25 -27.56
C MET E 267 -80.17 21.20 -28.28
N ILE E 268 -79.15 21.69 -27.61
CA ILE E 268 -77.76 21.65 -28.01
C ILE E 268 -76.93 21.32 -26.77
N ALA E 269 -75.67 20.97 -26.93
CA ALA E 269 -74.77 20.78 -25.81
C ALA E 269 -73.35 21.17 -26.16
N LEU E 270 -72.56 21.55 -25.18
CA LEU E 270 -71.11 21.58 -25.32
C LEU E 270 -70.55 20.33 -24.67
N ARG E 271 -69.78 19.53 -25.41
CA ARG E 271 -68.86 18.54 -24.86
C ARG E 271 -67.58 19.26 -24.53
N LEU E 272 -67.04 19.03 -23.36
CA LEU E 272 -65.68 19.43 -23.00
C LEU E 272 -64.90 18.19 -22.60
N LYS E 273 -63.68 18.05 -23.07
CA LYS E 273 -62.76 16.97 -22.68
C LYS E 273 -61.31 17.42 -22.64
N ALA E 274 -60.55 16.83 -21.74
CA ALA E 274 -59.10 16.93 -21.63
C ALA E 274 -58.51 15.59 -21.21
N ARG E 275 -57.22 15.37 -21.49
CA ARG E 275 -56.53 14.13 -21.14
C ARG E 275 -55.28 14.40 -20.29
N PHE E 276 -55.19 13.79 -19.12
CA PHE E 276 -54.13 14.04 -18.14
C PHE E 276 -53.54 12.77 -17.55
N ALA E 277 -52.28 12.84 -17.14
CA ALA E 277 -51.56 11.80 -16.43
C ALA E 277 -50.82 12.40 -15.24
N TYR E 278 -50.52 11.61 -14.22
CA TYR E 278 -49.70 12.02 -13.08
C TYR E 278 -48.79 10.88 -12.65
N VAL E 279 -47.59 11.19 -12.18
CA VAL E 279 -46.61 10.21 -11.73
C VAL E 279 -45.83 10.77 -10.55
N LEU E 280 -45.54 9.91 -9.57
CA LEU E 280 -44.70 10.25 -8.42
C LEU E 280 -43.37 9.52 -8.49
N GLY E 281 -42.27 10.27 -8.41
CA GLY E 281 -40.91 9.74 -8.36
C GLY E 281 -40.49 9.27 -6.98
N ASN E 282 -41.19 8.30 -6.40
CA ASN E 282 -40.96 7.76 -5.05
C ASN E 282 -39.95 6.59 -4.98
N GLY E 283 -38.85 6.68 -5.72
CA GLY E 283 -37.81 5.64 -5.84
C GLY E 283 -36.81 5.57 -4.68
N ALA E 284 -35.53 5.58 -4.99
CA ALA E 284 -34.44 5.58 -4.03
C ALA E 284 -33.64 6.89 -4.07
N THR E 285 -33.20 7.37 -2.92
CA THR E 285 -32.28 8.49 -2.77
C THR E 285 -30.95 7.98 -2.22
N ALA E 286 -29.95 8.84 -2.04
CA ALA E 286 -28.72 8.46 -1.35
C ALA E 286 -28.95 7.94 0.08
N VAL E 287 -30.11 8.23 0.69
CA VAL E 287 -30.48 7.77 2.03
C VAL E 287 -30.94 6.31 2.03
N GLY E 288 -31.45 5.79 0.93
CA GLY E 288 -32.03 4.45 0.86
C GLY E 288 -33.14 4.31 -0.18
N ASP E 289 -33.83 3.17 -0.16
CA ASP E 289 -34.89 2.83 -1.11
C ASP E 289 -36.31 3.08 -0.55
N ASN E 290 -37.31 3.07 -1.43
CA ASN E 290 -38.72 3.40 -1.18
C ASN E 290 -38.98 4.73 -0.45
N LYS E 291 -38.22 5.77 -0.78
CA LYS E 291 -38.35 7.10 -0.16
C LYS E 291 -39.46 7.92 -0.81
N THR E 292 -40.39 8.45 -0.02
CA THR E 292 -41.54 9.25 -0.49
C THR E 292 -41.25 10.76 -0.43
N PRO E 293 -41.47 11.54 -1.51
CA PRO E 293 -41.14 12.96 -1.54
C PRO E 293 -42.26 13.90 -1.04
N VAL E 294 -43.21 13.41 -0.24
CA VAL E 294 -44.41 14.15 0.20
C VAL E 294 -44.63 13.99 1.70
N GLY E 295 -44.86 15.09 2.42
CA GLY E 295 -45.36 15.08 3.80
C GLY E 295 -46.65 15.86 3.90
N ALA E 296 -47.53 15.49 4.82
CA ALA E 296 -48.86 16.08 4.97
C ALA E 296 -49.09 16.63 6.36
N VAL E 297 -49.96 17.63 6.44
CA VAL E 297 -50.48 18.18 7.68
C VAL E 297 -51.98 17.95 7.70
N VAL E 298 -52.53 17.36 8.75
CA VAL E 298 -53.95 17.00 8.80
C VAL E 298 -54.62 17.48 10.10
N PRO E 299 -55.91 17.82 10.08
CA PRO E 299 -56.65 18.16 11.28
C PRO E 299 -56.77 16.97 12.24
N ASP E 300 -57.14 17.25 13.47
CA ASP E 300 -57.38 16.25 14.51
C ASP E 300 -58.69 15.48 14.31
N GLY E 301 -58.78 14.29 14.89
CA GLY E 301 -60.06 13.62 15.17
C GLY E 301 -60.81 13.08 13.96
N SER E 302 -60.15 12.93 12.81
CA SER E 302 -60.74 12.51 11.53
C SER E 302 -61.92 13.37 11.04
N ALA F 2 -77.21 105.74 49.83
CA ALA F 2 -77.66 105.56 48.45
C ALA F 2 -76.50 105.16 47.55
N ASP F 3 -76.72 104.31 46.56
CA ASP F 3 -75.76 103.99 45.50
C ASP F 3 -76.43 103.48 44.22
N ILE F 4 -75.79 103.69 43.07
CA ILE F 4 -76.20 103.12 41.79
C ILE F 4 -75.78 101.66 41.74
N SER F 5 -76.73 100.74 42.03
CA SER F 5 -76.49 99.31 41.94
C SER F 5 -76.65 98.82 40.50
N ARG F 6 -76.41 97.53 40.25
CA ARG F 6 -76.61 96.95 38.92
C ARG F 6 -78.07 96.97 38.48
N SER F 7 -79.00 96.69 39.40
CA SER F 7 -80.45 96.69 39.10
C SER F 7 -81.03 98.11 38.94
N GLU F 8 -80.32 99.12 39.43
CA GLU F 8 -80.75 100.53 39.38
C GLU F 8 -80.34 101.15 38.03
N VAL F 9 -79.28 100.66 37.42
CA VAL F 9 -79.06 100.71 35.96
C VAL F 9 -79.94 99.63 35.33
N ALA F 10 -80.32 99.78 34.07
CA ALA F 10 -81.02 98.74 33.33
C ALA F 10 -80.79 98.91 31.84
N THR F 11 -80.33 97.87 31.15
CA THR F 11 -80.14 97.87 29.68
C THR F 11 -79.22 98.96 29.10
N LEU F 12 -78.55 99.78 29.92
CA LEU F 12 -77.29 100.46 29.54
C LEU F 12 -76.13 99.47 29.46
N ILE F 13 -76.19 98.40 30.25
CA ILE F 13 -75.33 97.22 30.16
C ILE F 13 -76.01 96.20 29.26
N GLN F 14 -75.33 95.78 28.19
CA GLN F 14 -75.89 94.93 27.15
C GLN F 14 -75.37 93.50 27.22
N GLU F 15 -76.27 92.53 27.27
CA GLU F 15 -75.93 91.12 27.10
C GLU F 15 -75.45 90.86 25.66
N ALA F 16 -74.27 90.26 25.51
CA ALA F 16 -73.67 89.97 24.21
C ALA F 16 -74.08 88.60 23.66
N TYR F 17 -73.81 88.37 22.38
CA TYR F 17 -74.06 87.11 21.66
C TYR F 17 -72.80 86.67 20.92
N ALA F 18 -72.53 85.37 20.87
CA ALA F 18 -71.44 84.74 20.11
C ALA F 18 -71.85 83.36 19.57
N ASN F 19 -71.28 82.96 18.44
CA ASN F 19 -71.57 81.68 17.76
C ASN F 19 -70.51 80.60 17.99
N ASP F 20 -69.63 80.75 18.97
CA ASP F 20 -68.44 79.91 19.15
C ASP F 20 -68.75 78.42 19.34
N LEU F 21 -69.80 78.09 20.09
CA LEU F 21 -70.23 76.73 20.39
C LEU F 21 -71.31 76.22 19.43
N LEU F 22 -71.81 77.05 18.52
CA LEU F 22 -73.04 76.79 17.77
C LEU F 22 -72.86 75.76 16.66
N ALA F 23 -71.83 75.94 15.84
CA ALA F 23 -71.59 75.12 14.67
C ALA F 23 -71.32 73.66 15.04
N SER F 24 -71.88 72.74 14.25
CA SER F 24 -71.83 71.31 14.48
C SER F 24 -71.74 70.61 13.14
N ALA F 25 -70.65 69.88 12.90
CA ALA F 25 -70.34 69.31 11.60
C ALA F 25 -71.29 68.15 11.24
N LYS F 26 -71.88 68.18 10.04
CA LYS F 26 -72.85 67.16 9.60
C LYS F 26 -72.15 65.93 9.05
N LYS F 27 -72.75 64.76 9.23
CA LYS F 27 -72.24 63.46 8.77
C LYS F 27 -73.11 62.85 7.66
N GLY F 28 -72.47 62.29 6.64
CA GLY F 28 -73.13 61.59 5.54
C GLY F 28 -73.30 60.10 5.84
N SER F 29 -74.06 59.38 5.02
CA SER F 29 -74.18 57.92 5.14
C SER F 29 -72.83 57.21 5.02
N THR F 30 -72.62 56.19 5.83
CA THR F 30 -71.49 55.27 5.77
C THR F 30 -71.54 54.42 4.52
N VAL F 31 -72.71 53.86 4.20
CA VAL F 31 -72.82 52.87 3.12
C VAL F 31 -72.66 53.50 1.75
N LEU F 32 -73.01 54.78 1.60
CA LEU F 32 -72.74 55.56 0.39
C LEU F 32 -71.28 55.95 0.23
N GLN F 33 -70.43 55.75 1.24
CA GLN F 33 -68.97 55.80 1.09
C GLN F 33 -68.40 54.41 0.80
N ALA F 34 -68.83 53.40 1.55
CA ALA F 34 -68.20 52.08 1.55
C ALA F 34 -68.41 51.27 0.27
N PHE F 35 -69.58 51.39 -0.37
CA PHE F 35 -70.01 50.50 -1.45
C PHE F 35 -70.27 51.23 -2.76
N PRO F 36 -70.02 50.59 -3.91
CA PRO F 36 -70.31 51.19 -5.20
C PRO F 36 -71.81 51.45 -5.37
N THR F 37 -72.16 52.64 -5.85
CA THR F 37 -73.56 53.02 -6.12
C THR F 37 -73.95 52.73 -7.57
N VAL F 38 -75.24 52.57 -7.82
CA VAL F 38 -75.82 52.56 -9.17
C VAL F 38 -76.99 53.53 -9.24
N ASN F 39 -77.00 54.42 -10.23
CA ASN F 39 -78.14 55.31 -10.47
C ASN F 39 -79.30 54.49 -11.03
N MET F 40 -80.55 54.79 -10.66
CA MET F 40 -81.73 54.07 -11.15
C MET F 40 -82.72 55.00 -11.85
N GLY F 41 -83.37 54.53 -12.91
CA GLY F 41 -84.41 55.25 -13.66
C GLY F 41 -85.85 54.78 -13.41
N THR F 42 -86.05 53.77 -12.57
CA THR F 42 -87.33 53.13 -12.27
C THR F 42 -87.24 52.37 -10.94
N LYS F 43 -88.36 52.00 -10.31
CA LYS F 43 -88.39 51.40 -8.97
C LYS F 43 -87.61 50.09 -8.85
N THR F 44 -87.71 49.17 -9.81
CA THR F 44 -87.04 47.85 -9.72
C THR F 44 -85.96 47.70 -10.77
N THR F 45 -84.82 47.15 -10.38
CA THR F 45 -83.81 46.60 -11.29
C THR F 45 -83.55 45.14 -10.93
N HIS F 46 -83.46 44.27 -11.93
CA HIS F 46 -83.04 42.87 -11.80
C HIS F 46 -81.56 42.72 -12.10
N LEU F 47 -80.87 41.89 -11.34
CA LEU F 47 -79.46 41.60 -11.50
C LEU F 47 -79.23 40.08 -11.47
N PRO F 48 -78.88 39.44 -12.59
CA PRO F 48 -78.60 38.02 -12.60
C PRO F 48 -77.27 37.70 -11.91
N VAL F 49 -77.21 36.58 -11.19
CA VAL F 49 -76.02 36.11 -10.49
C VAL F 49 -75.82 34.62 -10.75
N LEU F 50 -74.57 34.17 -10.93
CA LEU F 50 -74.27 32.74 -11.03
C LEU F 50 -74.64 32.06 -9.70
N ALA F 51 -75.25 30.88 -9.74
CA ALA F 51 -75.83 30.27 -8.54
C ALA F 51 -75.47 28.80 -8.34
N THR F 52 -75.07 28.04 -9.36
CA THR F 52 -74.61 26.64 -9.22
C THR F 52 -73.66 26.28 -10.36
N LEU F 53 -72.77 25.32 -10.15
CA LEU F 53 -71.65 24.97 -11.04
C LEU F 53 -71.81 23.55 -11.63
N PRO F 54 -71.33 23.27 -12.85
CA PRO F 54 -71.26 21.92 -13.39
C PRO F 54 -70.18 21.07 -12.71
N GLY F 55 -70.27 19.74 -12.83
CA GLY F 55 -69.28 18.78 -12.30
C GLY F 55 -68.89 17.74 -13.33
N ALA F 56 -67.60 17.64 -13.64
CA ALA F 56 -67.04 16.70 -14.62
C ALA F 56 -66.84 15.29 -14.05
N SER F 57 -66.38 14.33 -14.87
CA SER F 57 -65.96 13.01 -14.40
C SER F 57 -64.90 12.38 -15.28
N TRP F 58 -64.16 11.44 -14.73
CA TRP F 58 -63.23 10.58 -15.47
C TRP F 58 -63.99 9.51 -16.25
N VAL F 59 -63.58 9.26 -17.49
CA VAL F 59 -64.21 8.27 -18.37
C VAL F 59 -63.19 7.32 -18.98
N SER F 60 -63.62 6.09 -19.30
CA SER F 60 -62.74 5.07 -19.86
C SER F 60 -63.03 4.92 -21.33
N GLU F 61 -62.24 4.13 -22.04
CA GLU F 61 -62.51 3.84 -23.46
C GLU F 61 -63.41 2.61 -23.55
N SER F 62 -64.70 2.75 -23.22
CA SER F 62 -65.67 1.65 -23.30
C SER F 62 -66.78 1.96 -24.28
N ALA F 63 -67.08 1.06 -25.21
CA ALA F 63 -68.22 1.24 -26.12
C ALA F 63 -69.47 0.62 -25.52
N THR F 64 -69.34 -0.33 -24.57
CA THR F 64 -70.50 -1.08 -24.04
C THR F 64 -70.77 -0.94 -22.54
N GLU F 65 -69.90 -0.30 -21.76
CA GLU F 65 -70.00 -0.24 -20.29
C GLU F 65 -70.34 1.17 -19.81
N PRO F 66 -71.05 1.35 -18.68
CA PRO F 66 -71.45 2.67 -18.17
C PRO F 66 -70.30 3.66 -17.96
N GLU F 67 -69.11 3.18 -17.63
CA GLU F 67 -67.90 3.98 -17.43
C GLU F 67 -67.39 4.67 -18.72
N GLY F 68 -67.81 4.21 -19.90
CA GLY F 68 -67.42 4.80 -21.17
C GLY F 68 -68.16 6.09 -21.52
N VAL F 69 -69.28 6.38 -20.87
CA VAL F 69 -70.19 7.47 -21.23
C VAL F 69 -69.76 8.78 -20.56
N LYS F 70 -69.57 9.85 -21.33
CA LYS F 70 -69.29 11.19 -20.81
C LYS F 70 -70.53 11.72 -20.08
N PRO F 71 -70.41 12.28 -18.86
CA PRO F 71 -71.55 12.63 -18.02
C PRO F 71 -72.25 13.93 -18.44
N THR F 72 -73.53 14.07 -18.12
CA THR F 72 -74.30 15.31 -18.31
C THR F 72 -74.37 16.12 -17.02
N SER F 73 -74.18 17.44 -17.09
CA SER F 73 -74.28 18.34 -15.93
C SER F 73 -74.79 19.74 -16.30
N GLU F 74 -75.22 20.56 -15.34
CA GLU F 74 -75.80 21.89 -15.55
C GLU F 74 -75.16 22.99 -14.70
N ALA F 75 -75.09 24.21 -15.24
CA ALA F 75 -74.98 25.45 -14.48
C ALA F 75 -76.36 25.97 -14.03
N THR F 76 -76.41 27.00 -13.19
CA THR F 76 -77.64 27.72 -12.84
C THR F 76 -77.33 29.16 -12.52
N TRP F 77 -78.26 30.05 -12.80
CA TRP F 77 -78.26 31.43 -12.39
C TRP F 77 -79.52 31.74 -11.62
N ALA F 78 -79.43 32.71 -10.72
CA ALA F 78 -80.53 33.25 -9.96
C ALA F 78 -80.65 34.76 -10.17
N ASP F 79 -81.59 35.41 -9.46
CA ASP F 79 -81.74 36.87 -9.53
C ASP F 79 -81.65 37.52 -8.15
N ARG F 80 -80.98 38.67 -8.03
CA ARG F 80 -80.90 39.42 -6.76
C ARG F 80 -81.44 40.73 -7.25
N THR F 81 -82.20 41.47 -6.44
CA THR F 81 -82.86 42.68 -6.94
C THR F 81 -82.79 43.99 -6.17
N LEU F 82 -82.71 45.13 -6.88
CA LEU F 82 -82.84 46.44 -6.25
C LEU F 82 -84.31 46.86 -6.30
N VAL F 83 -84.88 47.28 -5.18
CA VAL F 83 -86.18 47.96 -5.15
C VAL F 83 -86.01 49.32 -4.48
N ALA F 84 -86.32 50.42 -5.16
CA ALA F 84 -86.29 51.74 -4.56
C ALA F 84 -87.38 51.89 -3.51
N GLU F 85 -87.02 52.38 -2.34
CA GLU F 85 -87.92 52.67 -1.23
C GLU F 85 -87.60 54.07 -0.69
N GLU F 86 -88.59 54.76 -0.15
CA GLU F 86 -88.54 56.19 0.10
C GLU F 86 -88.36 56.52 1.58
N VAL F 87 -87.46 57.44 1.88
CA VAL F 87 -87.16 57.87 3.24
C VAL F 87 -87.29 59.39 3.32
N ALA F 88 -88.00 59.90 4.33
CA ALA F 88 -88.48 61.27 4.33
C ALA F 88 -88.67 61.88 5.72
N VAL F 89 -88.62 63.20 5.81
CA VAL F 89 -88.97 63.98 7.00
C VAL F 89 -89.59 65.31 6.62
N ILE F 90 -90.58 65.78 7.38
CA ILE F 90 -91.08 67.16 7.34
C ILE F 90 -90.61 67.90 8.58
N ILE F 91 -90.08 69.11 8.42
CA ILE F 91 -89.65 69.94 9.55
C ILE F 91 -90.35 71.31 9.48
N PRO F 92 -91.46 71.52 10.22
CA PRO F 92 -92.18 72.77 10.23
C PRO F 92 -91.62 73.79 11.23
N VAL F 93 -91.71 75.06 10.90
CA VAL F 93 -91.29 76.18 11.72
C VAL F 93 -92.19 77.39 11.48
N HIS F 94 -92.34 78.28 12.46
CA HIS F 94 -93.08 79.53 12.27
C HIS F 94 -92.30 80.50 11.40
N GLU F 95 -92.92 81.14 10.43
CA GLU F 95 -92.21 82.01 9.49
C GLU F 95 -91.59 83.25 10.17
N ASN F 96 -92.18 83.75 11.26
CA ASN F 96 -91.58 84.83 12.04
C ASN F 96 -90.24 84.39 12.63
N VAL F 97 -90.17 83.17 13.15
CA VAL F 97 -88.94 82.62 13.73
C VAL F 97 -87.85 82.53 12.69
N VAL F 98 -88.18 82.14 11.47
CA VAL F 98 -87.22 82.12 10.36
C VAL F 98 -86.75 83.53 9.99
N ASP F 99 -87.63 84.51 10.00
CA ASP F 99 -87.27 85.89 9.69
C ASP F 99 -86.44 86.55 10.81
N ASP F 100 -86.71 86.24 12.07
CA ASP F 100 -85.99 86.78 13.22
C ASP F 100 -84.60 86.16 13.42
N ALA F 101 -84.43 84.86 13.17
CA ALA F 101 -83.16 84.15 13.38
C ALA F 101 -81.99 84.81 12.65
N SER F 102 -80.83 84.90 13.30
CA SER F 102 -79.65 85.61 12.81
C SER F 102 -78.78 84.79 11.86
N THR F 103 -78.79 83.47 12.00
CA THR F 103 -78.27 82.51 11.03
C THR F 103 -79.30 82.16 9.95
N SER F 104 -78.85 81.55 8.86
CA SER F 104 -79.72 80.96 7.84
C SER F 104 -80.39 79.66 8.35
N LEU F 105 -81.39 79.78 9.20
CA LEU F 105 -82.02 78.67 9.90
C LEU F 105 -82.56 77.58 8.96
N LEU F 106 -83.04 77.93 7.77
CA LEU F 106 -83.52 76.93 6.81
C LEU F 106 -82.40 76.06 6.23
N GLU F 107 -81.18 76.58 6.09
CA GLU F 107 -80.06 75.79 5.62
C GLU F 107 -79.60 74.79 6.68
N GLU F 108 -79.65 75.18 7.96
CA GLU F 108 -79.40 74.23 9.05
C GLU F 108 -80.52 73.21 9.19
N ILE F 109 -81.79 73.56 8.96
CA ILE F 109 -82.89 72.58 8.95
C ILE F 109 -82.73 71.59 7.79
N ALA F 110 -82.36 72.06 6.60
CA ALA F 110 -82.10 71.20 5.46
C ALA F 110 -80.92 70.25 5.72
N ALA F 111 -79.85 70.73 6.34
CA ALA F 111 -78.70 69.92 6.63
C ALA F 111 -78.98 68.89 7.74
N LEU F 112 -79.70 69.26 8.80
CA LEU F 112 -80.12 68.33 9.84
C LEU F 112 -81.08 67.26 9.31
N GLY F 113 -81.97 67.59 8.38
CA GLY F 113 -82.83 66.62 7.71
C GLY F 113 -82.07 65.66 6.80
N GLY F 114 -81.07 66.14 6.07
CA GLY F 114 -80.19 65.31 5.24
C GLY F 114 -79.36 64.30 6.04
N GLN F 115 -78.82 64.73 7.18
CA GLN F 115 -78.16 63.84 8.13
C GLN F 115 -79.12 62.80 8.70
N ALA F 116 -80.34 63.17 9.03
CA ALA F 116 -81.35 62.21 9.51
C ALA F 116 -81.70 61.16 8.45
N ILE F 117 -81.76 61.53 7.17
CA ILE F 117 -81.98 60.58 6.08
C ILE F 117 -80.78 59.64 5.94
N GLY F 118 -79.56 60.18 5.94
CA GLY F 118 -78.33 59.39 5.86
C GLY F 118 -78.18 58.36 6.98
N LYS F 119 -78.66 58.68 8.19
CA LYS F 119 -78.70 57.76 9.31
C LYS F 119 -79.58 56.56 9.02
N LYS F 120 -80.80 56.77 8.52
CA LYS F 120 -81.75 55.69 8.27
C LYS F 120 -81.28 54.73 7.20
N LEU F 121 -80.57 55.23 6.18
CA LEU F 121 -80.00 54.36 5.17
C LEU F 121 -78.95 53.40 5.75
N ASP F 122 -77.97 53.90 6.52
CA ASP F 122 -77.01 53.05 7.22
C ASP F 122 -77.68 52.08 8.18
N GLN F 123 -78.63 52.56 8.96
CA GLN F 123 -79.32 51.80 10.00
C GLN F 123 -80.15 50.64 9.42
N ALA F 124 -80.46 50.65 8.11
CA ALA F 124 -81.21 49.60 7.42
C ALA F 124 -80.39 48.74 6.47
N VAL F 125 -79.32 49.24 5.87
CA VAL F 125 -78.42 48.43 5.04
C VAL F 125 -77.52 47.54 5.88
N ILE F 126 -77.01 48.06 6.99
CA ILE F 126 -76.01 47.38 7.83
C ILE F 126 -76.68 46.41 8.79
N PHE F 127 -77.75 46.88 9.44
CA PHE F 127 -78.57 46.11 10.37
C PHE F 127 -79.99 46.05 9.82
N GLY F 128 -80.78 45.03 10.11
CA GLY F 128 -82.14 44.91 9.54
C GLY F 128 -83.20 45.85 10.12
N THR F 129 -82.83 47.02 10.64
CA THR F 129 -83.61 47.72 11.67
C THR F 129 -85.02 48.13 11.23
N ASP F 130 -85.11 49.10 10.32
CA ASP F 130 -86.35 49.55 9.68
C ASP F 130 -86.35 49.18 8.20
N LYS F 131 -85.71 48.06 7.86
CA LYS F 131 -85.50 47.62 6.48
C LYS F 131 -86.85 47.44 5.81
N PRO F 132 -87.11 48.10 4.67
CA PRO F 132 -88.35 47.93 3.92
C PRO F 132 -88.60 46.48 3.53
N SER F 133 -89.84 46.01 3.56
CA SER F 133 -90.16 44.60 3.26
C SER F 133 -89.93 44.20 1.80
N SER F 134 -89.86 45.15 0.88
CA SER F 134 -89.53 44.88 -0.51
C SER F 134 -88.04 44.64 -0.75
N TRP F 135 -87.16 44.94 0.21
CA TRP F 135 -85.74 44.60 0.13
C TRP F 135 -85.55 43.11 0.45
N VAL F 136 -85.40 42.31 -0.60
CA VAL F 136 -85.31 40.84 -0.52
C VAL F 136 -83.95 40.36 -0.02
N SER F 137 -82.87 41.05 -0.39
CA SER F 137 -81.53 40.78 0.14
C SER F 137 -81.47 41.03 1.65
N PRO F 138 -80.81 40.17 2.44
CA PRO F 138 -80.64 40.40 3.86
C PRO F 138 -79.66 41.55 4.12
N ALA F 139 -79.93 42.39 5.11
CA ALA F 139 -78.98 43.42 5.57
C ALA F 139 -77.67 42.80 6.05
N LEU F 140 -76.54 43.52 6.05
CA LEU F 140 -75.22 42.94 6.23
C LEU F 140 -75.06 42.06 7.48
N LEU F 141 -75.49 42.48 8.67
CA LEU F 141 -75.39 41.61 9.84
C LEU F 141 -76.28 40.36 9.74
N PRO F 142 -77.59 40.44 9.43
CA PRO F 142 -78.41 39.26 9.14
C PRO F 142 -77.86 38.33 8.06
N ALA F 143 -77.21 38.84 7.02
CA ALA F 143 -76.57 38.04 5.99
C ALA F 143 -75.47 37.14 6.58
N ALA F 144 -74.55 37.73 7.33
CA ALA F 144 -73.49 37.01 8.03
C ALA F 144 -74.05 36.00 9.02
N VAL F 145 -75.05 36.39 9.81
CA VAL F 145 -75.71 35.52 10.79
C VAL F 145 -76.44 34.34 10.15
N ALA F 146 -77.09 34.52 9.00
CA ALA F 146 -77.73 33.43 8.27
C ALA F 146 -76.70 32.45 7.69
N ALA F 147 -75.56 32.94 7.22
CA ALA F 147 -74.45 32.11 6.80
C ALA F 147 -73.69 31.41 7.95
N ASN F 148 -74.02 31.67 9.23
CA ASN F 148 -73.21 31.29 10.38
C ASN F 148 -71.80 31.92 10.39
N GLN F 149 -71.60 33.05 9.71
CA GLN F 149 -70.34 33.79 9.62
C GLN F 149 -70.30 34.96 10.60
N ASP F 150 -71.02 34.86 11.71
CA ASP F 150 -70.95 35.74 12.86
C ASP F 150 -70.10 35.10 13.96
N TYR F 151 -69.06 35.78 14.41
CA TYR F 151 -68.09 35.32 15.39
C TYR F 151 -68.23 36.11 16.67
N THR F 152 -68.54 35.45 17.76
CA THR F 152 -68.81 36.11 19.04
C THR F 152 -67.54 36.23 19.87
N ILE F 153 -67.24 37.42 20.36
CA ILE F 153 -66.01 37.68 21.10
C ILE F 153 -66.00 36.89 22.40
N VAL F 154 -64.92 36.18 22.68
CA VAL F 154 -64.59 35.72 24.04
C VAL F 154 -63.86 36.86 24.75
N PRO F 155 -64.47 37.50 25.78
CA PRO F 155 -63.95 38.71 26.37
C PRO F 155 -62.73 38.48 27.26
N GLY F 156 -62.02 39.55 27.61
CA GLY F 156 -60.88 39.54 28.55
C GLY F 156 -59.52 39.48 27.86
N ASP F 157 -58.65 38.58 28.31
CA ASP F 157 -57.31 38.44 27.72
C ASP F 157 -57.39 38.13 26.21
N ALA F 158 -56.41 38.61 25.44
CA ALA F 158 -56.26 38.27 24.04
C ALA F 158 -56.26 36.76 23.86
N ASN F 159 -56.92 36.28 22.82
CA ASN F 159 -57.12 34.86 22.53
C ASN F 159 -57.60 34.71 21.07
N GLU F 160 -57.62 33.49 20.53
CA GLU F 160 -58.03 33.28 19.14
C GLU F 160 -59.45 33.79 18.78
N ASP F 161 -60.33 33.97 19.77
CA ASP F 161 -61.66 34.56 19.66
C ASP F 161 -61.79 35.96 20.30
N ASP F 162 -60.70 36.69 20.52
CA ASP F 162 -60.78 38.11 20.87
C ASP F 162 -61.24 38.96 19.67
N LEU F 163 -61.26 40.28 19.79
CA LEU F 163 -61.71 41.18 18.72
C LEU F 163 -60.93 40.99 17.41
N ILE F 164 -59.60 40.91 17.49
CA ILE F 164 -58.73 40.69 16.33
C ILE F 164 -58.88 39.26 15.81
N GLY F 165 -59.08 38.30 16.70
CA GLY F 165 -59.34 36.93 16.33
C GLY F 165 -60.61 36.81 15.52
N CYS F 166 -61.69 37.39 15.99
CA CYS F 166 -62.97 37.39 15.30
C CYS F 166 -62.93 38.16 13.99
N ILE F 167 -62.19 39.26 13.87
CA ILE F 167 -62.01 39.92 12.57
C ILE F 167 -61.28 39.00 11.60
N ASN F 168 -60.27 38.27 12.06
CA ASN F 168 -59.60 37.26 11.25
C ASN F 168 -60.56 36.13 10.86
N ARG F 169 -61.36 35.57 11.76
CA ARG F 169 -62.36 34.53 11.43
C ARG F 169 -63.41 35.02 10.44
N ALA F 170 -63.89 36.24 10.59
CA ALA F 170 -64.80 36.87 9.63
C ALA F 170 -64.14 37.05 8.26
N SER F 171 -62.88 37.46 8.23
CA SER F 171 -62.16 37.61 6.97
C SER F 171 -61.88 36.26 6.31
N LYS F 172 -61.52 35.24 7.09
CA LYS F 172 -61.38 33.87 6.61
C LYS F 172 -62.68 33.38 6.00
N ALA F 173 -63.83 33.60 6.63
CA ALA F 173 -65.12 33.17 6.10
C ALA F 173 -65.41 33.75 4.72
N VAL F 174 -65.08 35.03 4.49
CA VAL F 174 -65.26 35.68 3.19
C VAL F 174 -64.25 35.14 2.18
N ALA F 175 -62.97 35.02 2.56
CA ALA F 175 -61.90 34.59 1.67
C ALA F 175 -61.98 33.11 1.28
N ALA F 176 -62.24 32.22 2.24
CA ALA F 176 -62.42 30.80 2.00
C ALA F 176 -63.65 30.50 1.15
N ALA F 177 -64.63 31.40 1.08
CA ALA F 177 -65.78 31.34 0.19
C ALA F 177 -65.51 31.86 -1.23
N GLY F 178 -64.31 32.34 -1.54
CA GLY F 178 -63.95 32.81 -2.89
C GLY F 178 -64.27 34.27 -3.18
N TYR F 179 -64.64 35.07 -2.18
CA TYR F 179 -64.74 36.52 -2.27
C TYR F 179 -63.49 37.20 -1.73
N MET F 180 -63.22 38.45 -2.07
CA MET F 180 -62.09 39.21 -1.53
C MET F 180 -62.56 40.12 -0.40
N PRO F 181 -62.28 39.86 0.89
CA PRO F 181 -62.62 40.83 1.91
C PRO F 181 -61.79 42.09 1.70
N ASP F 182 -62.42 43.25 1.65
CA ASP F 182 -61.74 44.51 1.31
C ASP F 182 -62.26 45.73 2.07
N THR F 183 -63.20 45.52 2.98
CA THR F 183 -63.98 46.59 3.59
C THR F 183 -64.34 46.19 5.00
N LEU F 184 -64.01 47.03 5.97
CA LEU F 184 -64.37 46.87 7.38
C LEU F 184 -65.29 48.01 7.80
N LEU F 185 -66.46 47.69 8.33
CA LEU F 185 -67.43 48.62 8.90
C LEU F 185 -67.40 48.47 10.41
N ALA F 186 -67.24 49.55 11.18
CA ALA F 186 -67.24 49.52 12.64
C ALA F 186 -67.83 50.77 13.28
N SER F 187 -68.09 50.77 14.58
CA SER F 187 -68.54 51.97 15.30
C SER F 187 -67.44 53.02 15.44
N LEU F 188 -67.78 54.27 15.78
CA LEU F 188 -66.80 55.15 16.44
C LEU F 188 -66.36 54.47 17.74
N GLY F 189 -65.12 54.69 18.17
CA GLY F 189 -64.59 54.03 19.35
C GLY F 189 -64.13 52.57 19.14
N PHE F 190 -64.32 51.98 17.96
CA PHE F 190 -63.69 50.71 17.61
C PHE F 190 -62.17 50.75 17.78
N ARG F 191 -61.50 51.84 17.37
CA ARG F 191 -60.06 52.00 17.52
C ARG F 191 -59.61 51.98 18.96
N PHE F 192 -60.43 52.45 19.90
CA PHE F 192 -60.15 52.33 21.33
C PHE F 192 -60.32 50.90 21.84
N ASP F 193 -61.28 50.13 21.33
CA ASP F 193 -61.40 48.72 21.69
C ASP F 193 -60.23 47.88 21.19
N VAL F 194 -59.72 48.16 19.99
CA VAL F 194 -58.50 47.56 19.48
C VAL F 194 -57.32 47.97 20.36
N ALA F 195 -57.10 49.26 20.54
CA ALA F 195 -55.99 49.81 21.30
C ALA F 195 -55.99 49.47 22.79
N ASN F 196 -57.10 48.98 23.34
CA ASN F 196 -57.22 48.55 24.73
C ASN F 196 -57.33 47.03 24.88
N LEU F 197 -57.22 46.24 23.82
CA LEU F 197 -57.17 44.79 23.95
C LEU F 197 -55.80 44.35 24.51
N ARG F 198 -55.82 43.54 25.57
CA ARG F 198 -54.65 43.20 26.39
C ARG F 198 -54.27 41.73 26.29
N ASP F 199 -52.99 41.38 26.21
CA ASP F 199 -52.54 39.99 26.35
C ASP F 199 -52.77 39.46 27.77
N ALA F 200 -52.44 38.20 28.04
CA ALA F 200 -52.63 37.63 29.37
C ALA F 200 -51.75 38.26 30.48
N ASN F 201 -50.72 39.04 30.15
CA ASN F 201 -49.97 39.83 31.12
C ASN F 201 -50.64 41.18 31.41
N GLY F 202 -51.61 41.57 30.59
CA GLY F 202 -52.17 42.91 30.60
C GLY F 202 -51.39 43.90 29.75
N ASN F 203 -50.57 43.46 28.80
CA ASN F 203 -49.89 44.34 27.86
C ASN F 203 -50.82 44.68 26.69
N PRO F 204 -51.11 45.95 26.37
CA PRO F 204 -51.88 46.30 25.18
C PRO F 204 -51.06 46.08 23.91
N ILE F 205 -51.13 44.87 23.37
CA ILE F 205 -50.33 44.38 22.24
C ILE F 205 -50.81 44.83 20.85
N PHE F 206 -52.07 45.24 20.70
CA PHE F 206 -52.65 45.57 19.39
C PHE F 206 -52.66 47.08 19.08
N ARG F 207 -51.96 47.93 19.84
CA ARG F 207 -51.98 49.39 19.63
C ARG F 207 -51.45 49.83 18.27
N ASP F 208 -50.58 49.02 17.65
CA ASP F 208 -50.01 49.28 16.34
C ASP F 208 -50.77 48.59 15.19
N GLU F 209 -51.90 47.94 15.47
CA GLU F 209 -52.69 47.18 14.50
C GLU F 209 -53.39 48.09 13.49
N SER F 210 -52.90 48.12 12.25
CA SER F 210 -53.58 48.73 11.11
C SER F 210 -54.08 47.64 10.17
N PHE F 211 -55.33 47.75 9.73
CA PHE F 211 -56.03 46.72 8.97
C PHE F 211 -55.65 46.77 7.49
N ASN F 212 -54.40 46.45 7.20
CA ASN F 212 -53.78 46.56 5.88
C ASN F 212 -54.58 45.76 4.86
N GLY F 213 -54.95 46.42 3.76
CA GLY F 213 -55.77 45.83 2.69
C GLY F 213 -57.27 45.93 2.90
N PHE F 214 -57.76 46.53 3.99
CA PHE F 214 -59.15 46.96 4.15
C PHE F 214 -59.30 48.47 4.00
N GLY F 215 -60.36 48.90 3.33
CA GLY F 215 -60.95 50.21 3.54
C GLY F 215 -61.75 50.19 4.84
N THR F 216 -61.45 51.08 5.77
CA THR F 216 -62.09 51.12 7.09
C THR F 216 -63.08 52.27 7.18
N TYR F 217 -64.29 52.00 7.63
CA TYR F 217 -65.37 52.99 7.70
C TYR F 217 -66.02 52.99 9.08
N PHE F 218 -65.94 54.12 9.78
CA PHE F 218 -66.45 54.25 11.14
C PHE F 218 -67.76 55.03 11.16
N ASN F 219 -68.83 54.44 11.66
CA ASN F 219 -70.16 55.03 11.57
C ASN F 219 -70.28 56.26 12.48
N ALA F 220 -70.34 57.44 11.90
CA ALA F 220 -70.45 58.70 12.64
C ALA F 220 -71.87 59.28 12.74
N ASN F 221 -72.86 58.69 12.06
CA ASN F 221 -74.27 59.12 12.11
C ASN F 221 -75.00 58.82 13.41
N GLY F 222 -74.42 57.99 14.29
CA GLY F 222 -75.20 57.41 15.39
C GLY F 222 -76.19 56.35 14.93
N ALA F 223 -76.02 55.82 13.72
CA ALA F 223 -76.77 54.67 13.23
C ALA F 223 -76.35 53.36 13.92
N TRP F 224 -75.09 53.26 14.35
CA TRP F 224 -74.54 52.06 14.99
C TRP F 224 -75.13 51.85 16.39
N PRO F 225 -75.73 50.70 16.71
CA PRO F 225 -76.34 50.45 18.02
C PRO F 225 -75.29 50.30 19.14
N VAL F 226 -75.74 49.97 20.35
CA VAL F 226 -74.88 49.40 21.40
C VAL F 226 -75.27 47.94 21.67
N GLY F 227 -74.27 47.06 21.86
CA GLY F 227 -74.49 45.67 22.22
C GLY F 227 -74.98 44.74 21.10
N VAL F 228 -74.63 45.01 19.84
CA VAL F 228 -75.16 44.29 18.67
C VAL F 228 -74.06 43.74 17.78
N ALA F 229 -73.08 44.55 17.36
CA ALA F 229 -71.91 44.14 16.60
C ALA F 229 -70.73 45.10 16.82
N GLU F 230 -69.51 44.60 16.77
CA GLU F 230 -68.29 45.41 16.83
C GLU F 230 -67.83 45.83 15.45
N ALA F 231 -67.86 44.89 14.50
CA ALA F 231 -67.40 45.10 13.16
C ALA F 231 -68.10 44.17 12.18
N LEU F 232 -68.11 44.56 10.91
CA LEU F 232 -68.52 43.75 9.77
C LEU F 232 -67.40 43.78 8.75
N VAL F 233 -67.07 42.63 8.20
CA VAL F 233 -66.10 42.45 7.13
C VAL F 233 -66.86 42.04 5.88
N VAL F 234 -66.63 42.71 4.77
CA VAL F 234 -67.37 42.45 3.54
C VAL F 234 -66.52 42.62 2.30
N ASP F 235 -66.80 41.85 1.25
CA ASP F 235 -66.34 42.17 -0.10
C ASP F 235 -67.22 43.25 -0.72
N SER F 236 -66.77 44.50 -0.75
CA SER F 236 -67.59 45.60 -1.25
C SER F 236 -67.94 45.48 -2.73
N SER F 237 -67.29 44.63 -3.52
CA SER F 237 -67.68 44.44 -4.91
C SER F 237 -69.04 43.74 -5.04
N ARG F 238 -69.48 43.02 -4.02
CA ARG F 238 -70.71 42.22 -4.01
C ARG F 238 -71.92 42.95 -3.45
N VAL F 239 -71.82 44.25 -3.22
CA VAL F 239 -72.93 45.10 -2.79
C VAL F 239 -73.20 46.12 -3.88
N ARG F 240 -74.45 46.47 -4.11
CA ARG F 240 -74.79 47.76 -4.72
C ARG F 240 -75.78 48.50 -3.86
N ILE F 241 -75.61 49.80 -3.76
CA ILE F 241 -76.65 50.70 -3.27
C ILE F 241 -77.25 51.42 -4.47
N GLY F 242 -78.55 51.27 -4.67
CA GLY F 242 -79.25 51.95 -5.75
C GLY F 242 -79.66 53.35 -5.30
N VAL F 243 -79.30 54.41 -6.06
CA VAL F 243 -79.74 55.79 -5.73
C VAL F 243 -80.77 56.25 -6.76
N ARG F 244 -82.03 55.92 -6.54
CA ARG F 244 -83.12 56.35 -7.43
C ARG F 244 -83.30 57.87 -7.39
N GLN F 245 -83.22 58.47 -6.20
CA GLN F 245 -83.38 59.91 -6.02
C GLN F 245 -82.57 60.36 -4.82
N ASP F 246 -81.57 61.21 -5.04
CA ASP F 246 -80.75 61.78 -3.99
C ASP F 246 -81.52 62.81 -3.14
N ILE F 247 -81.02 63.24 -1.98
CA ILE F 247 -81.71 64.11 -1.02
C ILE F 247 -82.32 65.33 -1.73
N THR F 248 -83.64 65.40 -1.73
CA THR F 248 -84.43 66.42 -2.43
C THR F 248 -85.27 67.20 -1.43
N VAL F 249 -85.15 68.53 -1.46
CA VAL F 249 -85.90 69.44 -0.58
C VAL F 249 -87.06 70.09 -1.34
N LYS F 250 -88.23 70.16 -0.74
CA LYS F 250 -89.33 71.03 -1.18
C LYS F 250 -89.75 71.97 -0.04
N PHE F 251 -89.90 73.24 -0.38
CA PHE F 251 -90.46 74.27 0.51
C PHE F 251 -91.99 74.25 0.50
N LEU F 252 -92.61 74.04 1.67
CA LEU F 252 -94.06 73.99 1.87
C LEU F 252 -94.52 75.22 2.64
N ASP F 253 -95.55 75.92 2.16
CA ASP F 253 -96.17 77.05 2.85
C ASP F 253 -97.70 77.07 2.81
N GLN F 254 -98.35 76.07 2.21
CA GLN F 254 -99.81 75.95 2.18
C GLN F 254 -100.34 74.60 2.66
N ALA F 255 -99.57 73.52 2.52
CA ALA F 255 -99.99 72.17 2.85
C ALA F 255 -100.39 72.00 4.32
N THR F 256 -101.28 71.07 4.62
CA THR F 256 -101.41 70.53 5.97
C THR F 256 -100.32 69.47 6.20
N VAL F 257 -99.58 69.56 7.31
CA VAL F 257 -98.53 68.60 7.69
C VAL F 257 -98.75 68.17 9.13
N GLY F 258 -98.73 66.88 9.43
CA GLY F 258 -99.31 66.41 10.69
C GLY F 258 -100.76 66.88 10.82
N SER F 259 -101.08 67.58 11.90
CA SER F 259 -102.36 68.25 12.11
C SER F 259 -102.29 69.78 11.92
N ILE F 260 -101.17 70.31 11.40
CA ILE F 260 -100.87 71.74 11.26
C ILE F 260 -101.27 72.23 9.86
N ASN F 261 -102.22 73.14 9.76
CA ASN F 261 -102.49 73.88 8.53
C ASN F 261 -101.46 75.00 8.38
N LEU F 262 -100.51 74.89 7.44
CA LEU F 262 -99.36 75.82 7.42
C LEU F 262 -99.77 77.28 7.19
N ALA F 263 -100.62 77.57 6.21
CA ALA F 263 -100.89 78.94 5.79
C ALA F 263 -101.67 79.76 6.82
N GLU F 264 -102.70 79.17 7.45
CA GLU F 264 -103.47 79.93 8.42
C GLU F 264 -102.66 80.15 9.69
N ARG F 265 -101.70 79.27 9.98
CA ARG F 265 -100.90 79.35 11.21
C ARG F 265 -99.62 80.18 11.05
N ASP F 266 -99.37 80.71 9.85
CA ASP F 266 -98.14 81.49 9.59
C ASP F 266 -96.92 80.60 9.83
N MET F 267 -96.92 79.38 9.31
CA MET F 267 -95.80 78.44 9.36
C MET F 267 -95.32 78.08 7.97
N ILE F 268 -94.15 77.47 7.89
CA ILE F 268 -93.58 76.88 6.69
C ILE F 268 -92.93 75.57 7.07
N ALA F 269 -92.69 74.69 6.11
CA ALA F 269 -91.94 73.47 6.34
C ALA F 269 -90.99 73.16 5.20
N LEU F 270 -89.93 72.44 5.51
CA LEU F 270 -89.14 71.75 4.51
C LEU F 270 -89.57 70.29 4.55
N ARG F 271 -90.02 69.79 3.40
CA ARG F 271 -90.08 68.35 3.13
C ARG F 271 -88.72 67.95 2.57
N LEU F 272 -88.12 66.92 3.15
CA LEU F 272 -86.91 66.29 2.62
C LEU F 272 -87.20 64.85 2.30
N LYS F 273 -86.82 64.37 1.11
CA LYS F 273 -86.95 62.95 0.77
C LYS F 273 -85.83 62.43 -0.12
N ALA F 274 -85.64 61.12 -0.10
CA ALA F 274 -84.72 60.40 -0.97
C ALA F 274 -85.24 58.99 -1.22
N ARG F 275 -84.79 58.36 -2.29
CA ARG F 275 -85.18 56.98 -2.65
C ARG F 275 -83.95 56.12 -2.87
N PHE F 276 -83.86 55.04 -2.12
CA PHE F 276 -82.68 54.17 -2.07
C PHE F 276 -83.06 52.69 -2.19
N ALA F 277 -82.10 51.89 -2.63
CA ALA F 277 -82.22 50.45 -2.73
C ALA F 277 -80.93 49.77 -2.30
N TYR F 278 -80.98 48.51 -1.94
CA TYR F 278 -79.82 47.72 -1.54
C TYR F 278 -79.94 46.33 -2.14
N VAL F 279 -78.83 45.77 -2.63
CA VAL F 279 -78.75 44.38 -3.10
C VAL F 279 -77.43 43.74 -2.70
N LEU F 280 -77.48 42.46 -2.35
CA LEU F 280 -76.33 41.64 -1.98
C LEU F 280 -76.14 40.49 -2.98
N GLY F 281 -74.97 40.40 -3.60
CA GLY F 281 -74.60 39.37 -4.58
C GLY F 281 -74.05 38.10 -3.96
N ASN F 282 -74.84 37.38 -3.18
CA ASN F 282 -74.50 36.13 -2.50
C ASN F 282 -74.74 34.87 -3.36
N GLY F 283 -74.11 34.82 -4.54
CA GLY F 283 -74.25 33.73 -5.50
C GLY F 283 -73.33 32.55 -5.22
N ALA F 284 -72.97 31.85 -6.28
CA ALA F 284 -71.81 30.96 -6.32
C ALA F 284 -70.52 31.73 -6.65
N THR F 285 -69.39 31.13 -6.29
CA THR F 285 -68.03 31.53 -6.69
C THR F 285 -67.34 30.32 -7.29
N ALA F 286 -66.08 30.43 -7.70
CA ALA F 286 -65.33 29.26 -8.14
C ALA F 286 -65.23 28.16 -7.07
N VAL F 287 -65.45 28.46 -5.79
CA VAL F 287 -65.37 27.49 -4.69
C VAL F 287 -66.67 26.67 -4.50
N GLY F 288 -67.83 27.19 -4.89
CA GLY F 288 -69.11 26.47 -4.74
C GLY F 288 -70.33 27.39 -4.77
N ASP F 289 -71.51 26.81 -4.60
CA ASP F 289 -72.79 27.52 -4.51
C ASP F 289 -73.15 27.99 -3.09
N ASN F 290 -74.03 28.98 -3.00
CA ASN F 290 -74.59 29.53 -1.75
C ASN F 290 -73.51 30.15 -0.85
N LYS F 291 -72.74 31.10 -1.38
CA LYS F 291 -71.61 31.72 -0.70
C LYS F 291 -71.95 33.16 -0.30
N THR F 292 -71.81 33.51 0.96
CA THR F 292 -72.16 34.86 1.48
C THR F 292 -70.90 35.73 1.61
N PRO F 293 -70.84 36.95 1.05
CA PRO F 293 -69.64 37.78 1.07
C PRO F 293 -69.44 38.61 2.35
N VAL F 294 -70.07 38.25 3.45
CA VAL F 294 -70.12 39.06 4.68
C VAL F 294 -69.82 38.20 5.90
N GLY F 295 -68.89 38.63 6.75
CA GLY F 295 -68.64 38.06 8.06
C GLY F 295 -68.80 39.13 9.13
N ALA F 296 -69.15 38.76 10.35
CA ALA F 296 -69.52 39.70 11.39
C ALA F 296 -68.83 39.39 12.70
N VAL F 297 -68.50 40.39 13.48
CA VAL F 297 -67.93 40.25 14.81
C VAL F 297 -68.95 40.79 15.80
N VAL F 298 -69.34 39.99 16.79
CA VAL F 298 -70.46 40.30 17.70
C VAL F 298 -70.08 40.15 19.17
N PRO F 299 -70.69 40.91 20.08
CA PRO F 299 -70.43 40.76 21.51
C PRO F 299 -70.95 39.43 22.06
N ASP F 300 -70.60 39.12 23.30
CA ASP F 300 -71.19 38.00 24.02
C ASP F 300 -72.66 38.30 24.31
N GLY F 301 -73.55 37.46 23.81
CA GLY F 301 -75.01 37.64 23.91
C GLY F 301 -75.65 37.07 25.19
N SER F 302 -74.87 36.43 26.05
CA SER F 302 -75.36 35.80 27.29
C SER F 302 -75.76 36.83 28.36
N ALA G 2 7.99 -82.54 -118.17
CA ALA G 2 8.90 -81.88 -117.22
C ALA G 2 8.87 -80.36 -117.44
N ASP G 3 8.94 -79.59 -116.36
CA ASP G 3 8.74 -78.13 -116.37
C ASP G 3 9.50 -77.45 -115.23
N ILE G 4 9.81 -76.16 -115.39
CA ILE G 4 10.41 -75.34 -114.33
C ILE G 4 9.31 -74.79 -113.40
N SER G 5 9.22 -75.31 -112.18
CA SER G 5 8.38 -74.74 -111.11
C SER G 5 9.00 -73.48 -110.53
N ARG G 6 8.25 -72.73 -109.72
CA ARG G 6 8.77 -71.56 -108.99
C ARG G 6 9.86 -71.94 -107.99
N SER G 7 9.75 -73.11 -107.37
CA SER G 7 10.76 -73.63 -106.46
C SER G 7 12.13 -73.89 -107.10
N GLU G 8 12.17 -74.12 -108.41
CA GLU G 8 13.38 -74.47 -109.16
C GLU G 8 14.16 -73.27 -109.71
N VAL G 9 13.66 -72.06 -109.52
CA VAL G 9 14.36 -70.81 -109.82
C VAL G 9 14.82 -70.11 -108.54
N ALA G 10 15.04 -70.85 -107.46
CA ALA G 10 15.23 -70.35 -106.10
C ALA G 10 16.15 -69.13 -106.01
N THR G 11 15.65 -68.03 -105.46
CA THR G 11 16.33 -66.72 -105.33
C THR G 11 16.69 -65.99 -106.63
N LEU G 12 16.32 -66.48 -107.81
CA LEU G 12 16.13 -65.60 -108.97
C LEU G 12 14.86 -64.76 -108.79
N ILE G 13 13.83 -65.32 -108.18
CA ILE G 13 12.69 -64.59 -107.63
C ILE G 13 13.13 -63.98 -106.29
N GLN G 14 13.28 -62.66 -106.22
CA GLN G 14 13.61 -61.93 -104.99
C GLN G 14 12.34 -61.61 -104.18
N GLU G 15 12.44 -61.34 -102.89
CA GLU G 15 11.34 -60.90 -102.03
C GLU G 15 11.49 -59.44 -101.62
N ALA G 16 10.43 -58.66 -101.77
CA ALA G 16 10.40 -57.24 -101.44
C ALA G 16 10.16 -56.97 -99.94
N TYR G 17 10.41 -55.74 -99.51
CA TYR G 17 10.20 -55.26 -98.14
C TYR G 17 9.53 -53.89 -98.17
N ALA G 18 8.57 -53.65 -97.28
CA ALA G 18 7.92 -52.36 -97.09
C ALA G 18 7.59 -52.10 -95.62
N ASN G 19 7.73 -50.84 -95.20
CA ASN G 19 7.44 -50.38 -93.84
C ASN G 19 6.03 -49.78 -93.69
N ASP G 20 5.13 -49.96 -94.65
CA ASP G 20 3.84 -49.29 -94.70
C ASP G 20 2.97 -49.48 -93.45
N LEU G 21 3.13 -50.61 -92.75
CA LEU G 21 2.41 -50.96 -91.52
C LEU G 21 3.29 -50.88 -90.27
N LEU G 22 4.55 -50.48 -90.37
CA LEU G 22 5.50 -50.54 -89.24
C LEU G 22 5.18 -49.51 -88.16
N ALA G 23 4.83 -48.29 -88.54
CA ALA G 23 4.65 -47.17 -87.62
C ALA G 23 3.48 -47.37 -86.64
N SER G 24 3.72 -47.08 -85.36
CA SER G 24 2.69 -46.93 -84.33
C SER G 24 2.86 -45.61 -83.61
N ALA G 25 1.78 -44.84 -83.45
CA ALA G 25 1.76 -43.63 -82.64
C ALA G 25 1.91 -43.96 -81.16
N LYS G 26 2.77 -43.21 -80.46
CA LYS G 26 3.03 -43.40 -79.02
C LYS G 26 2.16 -42.45 -78.19
N LYS G 27 1.76 -42.88 -77.00
CA LYS G 27 0.84 -42.16 -76.12
C LYS G 27 1.44 -41.83 -74.76
N GLY G 28 1.21 -40.61 -74.30
CA GLY G 28 1.69 -40.12 -73.02
C GLY G 28 0.81 -40.49 -71.84
N SER G 29 1.23 -40.16 -70.63
CA SER G 29 0.41 -40.28 -69.43
C SER G 29 -0.79 -39.34 -69.52
N THR G 30 -1.95 -39.84 -69.12
CA THR G 30 -3.18 -39.08 -68.97
C THR G 30 -3.11 -38.17 -67.76
N VAL G 31 -2.59 -38.64 -66.63
CA VAL G 31 -2.60 -37.85 -65.41
C VAL G 31 -1.70 -36.64 -65.51
N LEU G 32 -0.58 -36.71 -66.24
CA LEU G 32 0.27 -35.54 -66.52
C LEU G 32 -0.39 -34.48 -67.42
N GLN G 33 -1.44 -34.84 -68.16
CA GLN G 33 -2.24 -33.92 -68.97
C GLN G 33 -3.38 -33.32 -68.15
N ALA G 34 -4.09 -34.16 -67.40
CA ALA G 34 -5.32 -33.80 -66.70
C ALA G 34 -5.06 -32.88 -65.51
N PHE G 35 -4.00 -33.11 -64.73
CA PHE G 35 -3.84 -32.54 -63.39
C PHE G 35 -2.67 -31.55 -63.28
N PRO G 36 -2.73 -30.56 -62.38
CA PRO G 36 -1.61 -29.67 -62.12
C PRO G 36 -0.43 -30.44 -61.53
N THR G 37 0.79 -30.07 -61.95
CA THR G 37 2.04 -30.66 -61.46
C THR G 37 2.72 -29.74 -60.45
N VAL G 38 3.57 -30.31 -59.61
CA VAL G 38 4.61 -29.57 -58.90
C VAL G 38 5.97 -30.15 -59.26
N ASN G 39 6.99 -29.31 -59.40
CA ASN G 39 8.37 -29.78 -59.43
C ASN G 39 8.80 -30.10 -58.00
N MET G 40 9.34 -31.28 -57.76
CA MET G 40 9.93 -31.66 -56.47
C MET G 40 11.46 -31.57 -56.49
N GLY G 41 12.07 -31.09 -55.41
CA GLY G 41 13.52 -31.00 -55.23
C GLY G 41 14.10 -32.01 -54.24
N THR G 42 13.27 -32.90 -53.72
CA THR G 42 13.57 -33.82 -52.62
C THR G 42 12.52 -34.92 -52.63
N LYS G 43 12.76 -36.03 -51.94
CA LYS G 43 11.82 -37.16 -51.93
C LYS G 43 10.46 -36.82 -51.33
N THR G 44 10.38 -35.94 -50.33
CA THR G 44 9.11 -35.71 -49.61
C THR G 44 8.78 -34.24 -49.55
N THR G 45 7.52 -33.90 -49.83
CA THR G 45 6.93 -32.60 -49.51
C THR G 45 5.75 -32.83 -48.57
N HIS G 46 5.63 -32.04 -47.51
CA HIS G 46 4.44 -31.93 -46.67
C HIS G 46 3.52 -30.86 -47.19
N LEU G 47 2.24 -31.16 -47.27
CA LEU G 47 1.17 -30.23 -47.62
C LEU G 47 0.10 -30.29 -46.53
N PRO G 48 -0.06 -29.25 -45.70
CA PRO G 48 -1.13 -29.22 -44.72
C PRO G 48 -2.49 -28.98 -45.39
N VAL G 49 -3.54 -29.65 -44.92
CA VAL G 49 -4.92 -29.41 -45.32
C VAL G 49 -5.78 -29.16 -44.10
N LEU G 50 -6.79 -28.29 -44.19
CA LEU G 50 -7.83 -28.18 -43.18
C LEU G 50 -8.57 -29.52 -43.04
N ALA G 51 -8.90 -29.94 -41.83
CA ALA G 51 -9.46 -31.25 -41.57
C ALA G 51 -10.69 -31.28 -40.65
N THR G 52 -11.02 -30.24 -39.87
CA THR G 52 -12.26 -30.17 -39.08
C THR G 52 -12.62 -28.74 -38.76
N LEU G 53 -13.91 -28.44 -38.68
CA LEU G 53 -14.44 -27.09 -38.46
C LEU G 53 -14.90 -26.87 -37.00
N PRO G 54 -14.77 -25.67 -36.43
CA PRO G 54 -15.36 -25.32 -35.14
C PRO G 54 -16.89 -25.24 -35.24
N GLY G 55 -17.60 -25.22 -34.11
CA GLY G 55 -19.07 -25.12 -34.08
C GLY G 55 -19.61 -24.21 -32.99
N ALA G 56 -20.34 -23.14 -33.38
CA ALA G 56 -20.95 -22.17 -32.48
C ALA G 56 -22.22 -22.66 -31.79
N SER G 57 -22.78 -21.86 -30.88
CA SER G 57 -24.09 -22.10 -30.25
C SER G 57 -24.79 -20.81 -29.89
N TRP G 58 -26.12 -20.84 -29.78
CA TRP G 58 -26.89 -19.78 -29.15
C TRP G 58 -26.67 -19.82 -27.64
N VAL G 59 -26.63 -18.67 -26.99
CA VAL G 59 -26.44 -18.52 -25.55
C VAL G 59 -27.42 -17.53 -24.95
N SER G 60 -27.92 -17.86 -23.78
CA SER G 60 -28.74 -16.99 -22.93
C SER G 60 -27.90 -15.89 -22.28
N GLU G 61 -28.54 -14.92 -21.66
CA GLU G 61 -27.90 -14.08 -20.65
C GLU G 61 -28.19 -14.66 -19.29
N SER G 62 -27.21 -15.29 -18.65
CA SER G 62 -27.37 -15.80 -17.29
C SER G 62 -26.03 -15.96 -16.57
N ALA G 63 -25.94 -15.39 -15.37
CA ALA G 63 -24.81 -15.51 -14.45
C ALA G 63 -24.67 -16.89 -13.80
N THR G 64 -25.73 -17.70 -13.77
CA THR G 64 -25.77 -19.00 -13.09
C THR G 64 -26.15 -20.18 -13.94
N GLU G 65 -26.95 -20.03 -14.99
CA GLU G 65 -27.46 -21.18 -15.74
C GLU G 65 -26.49 -21.66 -16.82
N PRO G 66 -26.39 -22.96 -17.11
CA PRO G 66 -25.47 -23.46 -18.12
C PRO G 66 -25.66 -22.88 -19.51
N GLU G 67 -26.87 -22.46 -19.86
CA GLU G 67 -27.15 -21.82 -21.14
C GLU G 67 -26.51 -20.44 -21.28
N GLY G 68 -26.01 -19.84 -20.19
CA GLY G 68 -25.30 -18.57 -20.22
C GLY G 68 -23.85 -18.65 -20.68
N VAL G 69 -23.29 -19.86 -20.84
CA VAL G 69 -21.87 -20.14 -21.01
C VAL G 69 -21.55 -20.41 -22.48
N LYS G 70 -20.56 -19.72 -23.06
CA LYS G 70 -20.10 -19.97 -24.43
C LYS G 70 -19.32 -21.28 -24.54
N PRO G 71 -19.62 -22.13 -25.52
CA PRO G 71 -18.88 -23.36 -25.70
C PRO G 71 -17.48 -23.08 -26.23
N THR G 72 -16.51 -23.83 -25.74
CA THR G 72 -15.23 -24.01 -26.42
C THR G 72 -15.38 -24.98 -27.58
N SER G 73 -14.75 -24.69 -28.73
CA SER G 73 -14.68 -25.59 -29.88
C SER G 73 -13.34 -25.44 -30.60
N GLU G 74 -12.94 -26.40 -31.43
CA GLU G 74 -11.64 -26.38 -32.13
C GLU G 74 -11.76 -26.52 -33.65
N ALA G 75 -10.88 -25.86 -34.39
CA ALA G 75 -10.50 -26.24 -35.75
C ALA G 75 -9.45 -27.36 -35.71
N THR G 76 -9.13 -28.00 -36.84
CA THR G 76 -8.00 -28.94 -36.94
C THR G 76 -7.47 -29.01 -38.35
N TRP G 77 -6.19 -29.27 -38.52
CA TRP G 77 -5.53 -29.53 -39.80
C TRP G 77 -4.84 -30.90 -39.78
N ALA G 78 -4.53 -31.42 -40.96
CA ALA G 78 -3.82 -32.68 -41.14
C ALA G 78 -2.74 -32.52 -42.22
N ASP G 79 -1.81 -33.46 -42.28
CA ASP G 79 -0.70 -33.49 -43.25
C ASP G 79 -0.98 -34.46 -44.40
N ARG G 80 -0.78 -34.02 -45.63
CA ARG G 80 -0.79 -34.81 -46.88
C ARG G 80 0.61 -34.77 -47.48
N THR G 81 1.22 -35.90 -47.79
CA THR G 81 2.60 -35.92 -48.36
C THR G 81 2.65 -36.35 -49.81
N LEU G 82 3.33 -35.57 -50.66
CA LEU G 82 3.93 -36.10 -51.89
C LEU G 82 5.21 -36.84 -51.52
N VAL G 83 5.29 -38.13 -51.82
CA VAL G 83 6.54 -38.92 -51.72
C VAL G 83 6.93 -39.42 -53.11
N ALA G 84 8.10 -39.03 -53.61
CA ALA G 84 8.58 -39.41 -54.93
C ALA G 84 9.04 -40.87 -54.98
N GLU G 85 8.54 -41.61 -55.96
CA GLU G 85 8.87 -43.01 -56.20
C GLU G 85 9.32 -43.22 -57.64
N GLU G 86 10.23 -44.16 -57.84
CA GLU G 86 10.95 -44.36 -59.09
C GLU G 86 10.32 -45.47 -59.92
N VAL G 87 10.09 -45.23 -61.20
CA VAL G 87 9.55 -46.20 -62.15
C VAL G 87 10.52 -46.31 -63.33
N ALA G 88 10.89 -47.53 -63.69
CA ALA G 88 12.01 -47.75 -64.59
C ALA G 88 11.91 -49.06 -65.38
N VAL G 89 12.51 -49.11 -66.56
CA VAL G 89 12.69 -50.33 -67.34
C VAL G 89 14.06 -50.35 -68.01
N ILE G 90 14.67 -51.52 -68.12
CA ILE G 90 15.90 -51.73 -68.91
C ILE G 90 15.57 -52.64 -70.08
N ILE G 91 15.88 -52.22 -71.30
CA ILE G 91 15.60 -52.98 -72.53
C ILE G 91 16.92 -53.31 -73.24
N PRO G 92 17.48 -54.52 -73.03
CA PRO G 92 18.71 -54.96 -73.66
C PRO G 92 18.48 -55.52 -75.07
N VAL G 93 19.43 -55.31 -75.97
CA VAL G 93 19.43 -55.79 -77.35
C VAL G 93 20.86 -56.09 -77.81
N HIS G 94 21.05 -57.03 -78.73
CA HIS G 94 22.36 -57.28 -79.32
C HIS G 94 22.78 -56.16 -80.25
N GLU G 95 24.04 -55.74 -80.22
CA GLU G 95 24.48 -54.65 -81.07
C GLU G 95 24.44 -55.00 -82.56
N ASN G 96 24.64 -56.28 -82.93
CA ASN G 96 24.49 -56.71 -84.31
C ASN G 96 23.06 -56.54 -84.83
N VAL G 97 22.06 -56.85 -84.00
CA VAL G 97 20.67 -56.68 -84.39
C VAL G 97 20.37 -55.20 -84.64
N VAL G 98 20.91 -54.32 -83.80
CA VAL G 98 20.80 -52.87 -83.96
C VAL G 98 21.52 -52.34 -85.21
N ASP G 99 22.55 -53.03 -85.70
CA ASP G 99 23.23 -52.69 -86.95
C ASP G 99 22.54 -53.27 -88.19
N ASP G 100 21.99 -54.48 -88.09
CA ASP G 100 21.29 -55.14 -89.19
C ASP G 100 19.94 -54.49 -89.49
N ALA G 101 19.23 -53.99 -88.48
CA ALA G 101 17.89 -53.43 -88.63
C ALA G 101 17.82 -52.23 -89.59
N SER G 102 16.73 -52.17 -90.36
CA SER G 102 16.45 -51.14 -91.39
C SER G 102 15.86 -49.85 -90.82
N THR G 103 15.67 -49.77 -89.51
CA THR G 103 15.02 -48.68 -88.79
C THR G 103 15.85 -48.25 -87.59
N SER G 104 15.60 -47.09 -87.02
CA SER G 104 16.15 -46.69 -85.72
C SER G 104 15.56 -47.53 -84.60
N LEU G 105 16.01 -48.78 -84.45
CA LEU G 105 15.51 -49.70 -83.43
C LEU G 105 15.73 -49.14 -82.01
N LEU G 106 16.79 -48.36 -81.78
CA LEU G 106 17.00 -47.66 -80.52
C LEU G 106 15.99 -46.53 -80.27
N GLU G 107 15.63 -45.71 -81.26
CA GLU G 107 14.62 -44.67 -81.08
C GLU G 107 13.24 -45.25 -80.81
N GLU G 108 12.90 -46.40 -81.39
CA GLU G 108 11.65 -47.10 -81.07
C GLU G 108 11.68 -47.72 -79.68
N ILE G 109 12.75 -48.40 -79.29
CA ILE G 109 12.90 -48.92 -77.93
C ILE G 109 12.81 -47.78 -76.90
N ALA G 110 13.46 -46.64 -77.17
CA ALA G 110 13.36 -45.47 -76.29
C ALA G 110 11.92 -44.99 -76.13
N ALA G 111 11.20 -44.82 -77.24
CA ALA G 111 9.84 -44.31 -77.23
C ALA G 111 8.83 -45.30 -76.61
N LEU G 112 8.97 -46.60 -76.85
CA LEU G 112 8.16 -47.65 -76.26
C LEU G 112 8.40 -47.80 -74.76
N GLY G 113 9.62 -47.62 -74.28
CA GLY G 113 9.90 -47.59 -72.85
C GLY G 113 9.27 -46.38 -72.17
N GLY G 114 9.36 -45.20 -72.78
CA GLY G 114 8.68 -44.01 -72.26
C GLY G 114 7.15 -44.16 -72.19
N GLN G 115 6.53 -44.77 -73.20
CA GLN G 115 5.11 -45.13 -73.16
C GLN G 115 4.78 -46.11 -72.04
N ALA G 116 5.56 -47.16 -71.85
CA ALA G 116 5.32 -48.14 -70.80
C ALA G 116 5.40 -47.54 -69.39
N ILE G 117 6.28 -46.57 -69.16
CA ILE G 117 6.34 -45.80 -67.91
C ILE G 117 5.07 -44.96 -67.73
N GLY G 118 4.65 -44.21 -68.74
CA GLY G 118 3.43 -43.41 -68.71
C GLY G 118 2.17 -44.23 -68.43
N LYS G 119 2.05 -45.44 -68.99
CA LYS G 119 0.98 -46.38 -68.65
C LYS G 119 1.03 -46.71 -67.16
N LYS G 120 2.19 -47.05 -66.64
CA LYS G 120 2.38 -47.52 -65.26
C LYS G 120 2.02 -46.43 -64.24
N LEU G 121 2.31 -45.18 -64.55
CA LEU G 121 1.91 -44.03 -63.75
C LEU G 121 0.39 -43.85 -63.73
N ASP G 122 -0.27 -43.77 -64.88
CA ASP G 122 -1.73 -43.70 -64.95
C ASP G 122 -2.41 -44.87 -64.22
N GLN G 123 -1.93 -46.09 -64.42
CA GLN G 123 -2.48 -47.26 -63.75
C GLN G 123 -2.45 -47.16 -62.23
N ALA G 124 -1.52 -46.41 -61.64
CA ALA G 124 -1.34 -46.28 -60.20
C ALA G 124 -2.07 -45.08 -59.58
N VAL G 125 -2.25 -44.00 -60.32
CA VAL G 125 -2.98 -42.81 -59.84
C VAL G 125 -4.49 -42.94 -60.02
N ILE G 126 -4.97 -43.47 -61.14
CA ILE G 126 -6.41 -43.51 -61.43
C ILE G 126 -7.05 -44.68 -60.68
N PHE G 127 -6.50 -45.86 -60.86
CA PHE G 127 -6.83 -47.10 -60.17
C PHE G 127 -5.72 -47.37 -59.15
N GLY G 128 -5.92 -48.18 -58.12
CA GLY G 128 -4.83 -48.44 -57.16
C GLY G 128 -3.81 -49.49 -57.59
N THR G 129 -3.55 -49.67 -58.89
CA THR G 129 -3.10 -50.96 -59.46
C THR G 129 -1.78 -51.51 -58.92
N ASP G 130 -0.68 -50.77 -59.08
CA ASP G 130 0.65 -51.08 -58.53
C ASP G 130 1.15 -49.86 -57.77
N LYS G 131 0.28 -49.26 -56.97
CA LYS G 131 0.57 -48.00 -56.30
C LYS G 131 1.71 -48.21 -55.30
N PRO G 132 2.79 -47.40 -55.30
CA PRO G 132 3.82 -47.48 -54.29
C PRO G 132 3.25 -47.31 -52.88
N SER G 133 3.69 -48.12 -51.93
CA SER G 133 3.14 -48.14 -50.57
C SER G 133 3.29 -46.82 -49.82
N SER G 134 4.30 -46.02 -50.18
CA SER G 134 4.57 -44.70 -49.59
C SER G 134 3.58 -43.62 -50.02
N TRP G 135 2.76 -43.85 -51.04
CA TRP G 135 1.68 -42.94 -51.43
C TRP G 135 0.46 -43.17 -50.53
N VAL G 136 0.29 -42.37 -49.48
CA VAL G 136 -0.75 -42.63 -48.47
C VAL G 136 -2.15 -42.21 -48.91
N SER G 137 -2.28 -41.31 -49.90
CA SER G 137 -3.56 -40.94 -50.49
C SER G 137 -4.19 -42.11 -51.27
N PRO G 138 -5.52 -42.27 -51.28
CA PRO G 138 -6.16 -43.25 -52.16
C PRO G 138 -6.01 -42.84 -53.63
N ALA G 139 -5.91 -43.80 -54.55
CA ALA G 139 -6.03 -43.51 -55.99
C ALA G 139 -7.46 -43.03 -56.29
N LEU G 140 -7.67 -42.32 -57.39
CA LEU G 140 -8.91 -41.58 -57.65
C LEU G 140 -10.15 -42.45 -57.59
N LEU G 141 -10.19 -43.60 -58.26
CA LEU G 141 -11.33 -44.51 -58.16
C LEU G 141 -11.51 -45.07 -56.75
N PRO G 142 -10.50 -45.65 -56.08
CA PRO G 142 -10.62 -46.02 -54.67
C PRO G 142 -11.09 -44.89 -53.74
N ALA G 143 -10.72 -43.64 -53.99
CA ALA G 143 -11.16 -42.50 -53.19
C ALA G 143 -12.67 -42.33 -53.31
N ALA G 144 -13.18 -42.35 -54.54
CA ALA G 144 -14.61 -42.26 -54.82
C ALA G 144 -15.39 -43.45 -54.27
N VAL G 145 -14.86 -44.66 -54.40
CA VAL G 145 -15.50 -45.89 -53.94
C VAL G 145 -15.60 -45.94 -52.42
N ALA G 146 -14.54 -45.55 -51.70
CA ALA G 146 -14.55 -45.52 -50.25
C ALA G 146 -15.52 -44.45 -49.69
N ALA G 147 -15.66 -43.33 -50.37
CA ALA G 147 -16.61 -42.28 -50.06
C ALA G 147 -18.07 -42.60 -50.41
N ASN G 148 -18.38 -43.76 -51.01
CA ASN G 148 -19.70 -44.09 -51.56
C ASN G 148 -20.16 -43.11 -52.66
N GLN G 149 -19.20 -42.43 -53.31
CA GLN G 149 -19.53 -41.51 -54.40
C GLN G 149 -19.58 -42.23 -55.73
N ASP G 150 -19.19 -43.51 -55.75
CA ASP G 150 -19.32 -44.30 -56.99
C ASP G 150 -20.80 -44.57 -57.27
N TYR G 151 -21.21 -44.51 -58.54
CA TYR G 151 -22.60 -44.78 -58.92
C TYR G 151 -22.71 -45.82 -60.02
N THR G 152 -23.41 -46.92 -59.75
CA THR G 152 -23.59 -47.98 -60.75
C THR G 152 -24.53 -47.53 -61.85
N ILE G 153 -24.27 -47.97 -63.09
CA ILE G 153 -25.09 -47.55 -64.23
C ILE G 153 -26.24 -48.53 -64.47
N VAL G 154 -27.43 -48.03 -64.83
CA VAL G 154 -28.56 -48.90 -65.20
C VAL G 154 -28.64 -48.98 -66.72
N PRO G 155 -28.34 -50.15 -67.34
CA PRO G 155 -28.21 -50.27 -68.79
C PRO G 155 -29.56 -50.25 -69.52
N GLY G 156 -29.52 -50.09 -70.85
CA GLY G 156 -30.70 -50.03 -71.70
C GLY G 156 -31.14 -48.60 -71.98
N ASP G 157 -32.44 -48.33 -71.94
CA ASP G 157 -33.01 -47.02 -72.25
C ASP G 157 -32.50 -45.91 -71.31
N ALA G 158 -32.45 -44.69 -71.81
CA ALA G 158 -32.12 -43.53 -71.01
C ALA G 158 -33.02 -43.45 -69.77
N ASN G 159 -32.41 -43.13 -68.65
CA ASN G 159 -33.03 -43.14 -67.34
C ASN G 159 -32.17 -42.32 -66.37
N GLU G 160 -32.68 -42.00 -65.19
CA GLU G 160 -31.96 -41.14 -64.23
C GLU G 160 -30.60 -41.68 -63.78
N ASP G 161 -30.38 -42.98 -63.93
CA ASP G 161 -29.13 -43.69 -63.63
C ASP G 161 -28.46 -44.26 -64.88
N ASP G 162 -28.67 -43.71 -66.06
CA ASP G 162 -27.86 -44.07 -67.24
C ASP G 162 -26.45 -43.47 -67.16
N LEU G 163 -25.65 -43.54 -68.21
CA LEU G 163 -24.29 -42.99 -68.22
C LEU G 163 -24.29 -41.50 -67.94
N ILE G 164 -25.17 -40.73 -68.58
CA ILE G 164 -25.26 -39.29 -68.39
C ILE G 164 -25.85 -38.96 -67.01
N GLY G 165 -26.77 -39.78 -66.55
CA GLY G 165 -27.36 -39.73 -65.22
C GLY G 165 -26.30 -39.90 -64.15
N CYS G 166 -25.50 -40.97 -64.23
CA CYS G 166 -24.44 -41.23 -63.29
C CYS G 166 -23.33 -40.18 -63.33
N ILE G 167 -22.99 -39.60 -64.48
CA ILE G 167 -22.06 -38.46 -64.53
C ILE G 167 -22.63 -37.27 -63.78
N ASN G 168 -23.94 -37.05 -63.93
CA ASN G 168 -24.62 -35.98 -63.21
C ASN G 168 -24.66 -36.34 -61.73
N ARG G 169 -24.80 -37.62 -61.38
CA ARG G 169 -24.73 -38.05 -59.97
C ARG G 169 -23.35 -37.91 -59.37
N ALA G 170 -22.30 -38.28 -60.12
CA ALA G 170 -20.92 -38.17 -59.63
C ALA G 170 -20.57 -36.69 -59.44
N SER G 171 -21.02 -35.82 -60.34
CA SER G 171 -20.76 -34.39 -60.25
C SER G 171 -21.48 -33.72 -59.09
N LYS G 172 -22.74 -34.11 -58.81
CA LYS G 172 -23.51 -33.67 -57.65
C LYS G 172 -22.77 -34.00 -56.37
N ALA G 173 -22.20 -35.19 -56.25
CA ALA G 173 -21.48 -35.60 -55.05
C ALA G 173 -20.25 -34.71 -54.79
N VAL G 174 -19.47 -34.41 -55.82
CA VAL G 174 -18.32 -33.51 -55.71
C VAL G 174 -18.78 -32.07 -55.43
N ALA G 175 -19.84 -31.57 -56.05
CA ALA G 175 -20.35 -30.23 -55.79
C ALA G 175 -21.02 -30.05 -54.42
N ALA G 176 -21.82 -31.02 -53.99
CA ALA G 176 -22.47 -31.03 -52.69
C ALA G 176 -21.50 -31.25 -51.53
N ALA G 177 -20.34 -31.86 -51.78
CA ALA G 177 -19.23 -31.91 -50.83
C ALA G 177 -18.47 -30.57 -50.73
N GLY G 178 -18.76 -29.58 -51.56
CA GLY G 178 -18.16 -28.24 -51.50
C GLY G 178 -16.99 -27.99 -52.44
N TYR G 179 -16.60 -28.95 -53.27
CA TYR G 179 -15.61 -28.78 -54.33
C TYR G 179 -16.22 -28.26 -55.64
N MET G 180 -15.39 -27.96 -56.64
CA MET G 180 -15.81 -27.55 -57.98
C MET G 180 -15.41 -28.63 -58.99
N PRO G 181 -16.27 -29.61 -59.32
CA PRO G 181 -15.91 -30.60 -60.34
C PRO G 181 -15.60 -29.89 -61.65
N ASP G 182 -14.48 -30.23 -62.27
CA ASP G 182 -14.00 -29.51 -63.47
C ASP G 182 -13.31 -30.41 -64.49
N THR G 183 -13.17 -31.70 -64.19
CA THR G 183 -12.35 -32.62 -64.95
C THR G 183 -13.06 -33.95 -65.06
N LEU G 184 -13.10 -34.50 -66.27
CA LEU G 184 -13.65 -35.81 -66.57
C LEU G 184 -12.56 -36.71 -67.14
N LEU G 185 -12.34 -37.84 -66.49
CA LEU G 185 -11.42 -38.89 -66.93
C LEU G 185 -12.27 -40.02 -67.48
N ALA G 186 -11.99 -40.51 -68.68
CA ALA G 186 -12.67 -41.67 -69.25
C ALA G 186 -11.72 -42.41 -70.19
N SER G 187 -12.14 -43.53 -70.76
CA SER G 187 -11.40 -44.24 -71.79
C SER G 187 -11.76 -43.76 -73.20
N LEU G 188 -10.97 -44.18 -74.19
CA LEU G 188 -11.48 -44.30 -75.55
C LEU G 188 -12.77 -45.16 -75.51
N GLY G 189 -13.74 -44.90 -76.38
CA GLY G 189 -15.02 -45.59 -76.32
C GLY G 189 -16.10 -44.88 -75.49
N PHE G 190 -15.68 -43.98 -74.60
CA PHE G 190 -16.62 -43.21 -73.81
C PHE G 190 -17.54 -42.37 -74.65
N ARG G 191 -16.93 -41.59 -75.57
CA ARG G 191 -17.68 -40.70 -76.47
C ARG G 191 -18.62 -41.49 -77.37
N PHE G 192 -18.27 -42.73 -77.67
CA PHE G 192 -19.09 -43.61 -78.49
C PHE G 192 -20.32 -44.01 -77.65
N ASP G 193 -20.12 -44.27 -76.37
CA ASP G 193 -21.23 -44.66 -75.49
C ASP G 193 -22.28 -43.55 -75.37
N VAL G 194 -21.84 -42.30 -75.17
CA VAL G 194 -22.79 -41.18 -75.06
C VAL G 194 -23.49 -40.88 -76.39
N ALA G 195 -22.84 -41.09 -77.53
CA ALA G 195 -23.47 -40.92 -78.84
C ALA G 195 -24.50 -42.01 -79.17
N ASN G 196 -24.45 -43.17 -78.50
CA ASN G 196 -25.36 -44.29 -78.74
C ASN G 196 -26.39 -44.50 -77.62
N LEU G 197 -26.37 -43.66 -76.57
CA LEU G 197 -27.35 -43.77 -75.46
C LEU G 197 -28.75 -43.40 -75.97
N ARG G 198 -29.51 -44.41 -76.41
CA ARG G 198 -30.86 -44.17 -76.94
C ARG G 198 -31.88 -44.00 -75.84
N ASP G 199 -33.02 -43.34 -76.12
CA ASP G 199 -34.10 -43.16 -75.12
C ASP G 199 -35.14 -44.33 -75.20
N ALA G 200 -36.32 -44.22 -74.60
CA ALA G 200 -37.36 -45.29 -74.65
C ALA G 200 -37.93 -45.55 -76.06
N ASN G 201 -37.98 -44.54 -76.95
CA ASN G 201 -38.39 -44.73 -78.34
C ASN G 201 -37.22 -45.10 -79.26
N GLY G 202 -36.01 -45.19 -78.75
CA GLY G 202 -34.81 -45.56 -79.51
C GLY G 202 -34.09 -44.38 -80.14
N ASN G 203 -34.53 -43.15 -79.92
CA ASN G 203 -33.87 -41.96 -80.47
C ASN G 203 -32.54 -41.66 -79.75
N PRO G 204 -31.41 -41.40 -80.43
CA PRO G 204 -30.16 -41.00 -79.79
C PRO G 204 -30.18 -39.57 -79.27
N ILE G 205 -30.82 -39.35 -78.11
CA ILE G 205 -31.03 -38.02 -77.54
C ILE G 205 -29.75 -37.28 -77.12
N PHE G 206 -28.67 -38.02 -76.79
CA PHE G 206 -27.39 -37.43 -76.33
C PHE G 206 -26.34 -37.42 -77.43
N ARG G 207 -26.76 -37.35 -78.69
CA ARG G 207 -25.82 -37.30 -79.81
C ARG G 207 -25.00 -36.00 -79.74
N ASP G 208 -25.62 -34.88 -79.38
CA ASP G 208 -24.95 -33.55 -79.32
C ASP G 208 -24.47 -33.13 -77.90
N GLU G 209 -24.33 -34.08 -76.98
CA GLU G 209 -23.94 -33.78 -75.60
C GLU G 209 -22.50 -33.28 -75.54
N SER G 210 -22.28 -32.12 -74.91
CA SER G 210 -20.94 -31.63 -74.58
C SER G 210 -20.88 -31.26 -73.11
N PHE G 211 -19.80 -31.68 -72.46
CA PHE G 211 -19.61 -31.55 -71.02
C PHE G 211 -19.07 -30.16 -70.73
N ASN G 212 -19.93 -29.16 -70.85
CA ASN G 212 -19.55 -27.76 -70.80
C ASN G 212 -18.90 -27.44 -69.45
N GLY G 213 -17.70 -26.87 -69.49
CA GLY G 213 -16.91 -26.54 -68.31
C GLY G 213 -16.11 -27.70 -67.71
N PHE G 214 -16.19 -28.92 -68.22
CA PHE G 214 -15.24 -29.97 -67.89
C PHE G 214 -14.09 -30.00 -68.89
N GLY G 215 -12.87 -30.14 -68.41
CA GLY G 215 -11.75 -30.64 -69.20
C GLY G 215 -11.86 -32.14 -69.31
N THR G 216 -11.95 -32.68 -70.52
CA THR G 216 -12.17 -34.12 -70.75
C THR G 216 -10.91 -34.77 -71.26
N TYR G 217 -10.49 -35.85 -70.62
CA TYR G 217 -9.27 -36.57 -70.94
C TYR G 217 -9.59 -38.04 -71.14
N PHE G 218 -9.11 -38.60 -72.25
CA PHE G 218 -9.39 -39.96 -72.65
C PHE G 218 -8.11 -40.79 -72.63
N ASN G 219 -8.05 -41.84 -71.81
CA ASN G 219 -6.83 -42.63 -71.69
C ASN G 219 -6.58 -43.47 -72.94
N ALA G 220 -5.55 -43.14 -73.72
CA ALA G 220 -5.15 -43.88 -74.92
C ALA G 220 -4.03 -44.91 -74.69
N ASN G 221 -3.19 -44.75 -73.67
CA ASN G 221 -2.01 -45.60 -73.45
C ASN G 221 -2.32 -47.00 -72.88
N GLY G 222 -3.57 -47.39 -72.74
CA GLY G 222 -3.96 -48.75 -72.31
C GLY G 222 -3.94 -48.99 -70.81
N ALA G 223 -3.80 -47.94 -70.00
CA ALA G 223 -3.92 -48.02 -68.56
C ALA G 223 -5.33 -48.35 -68.09
N TRP G 224 -6.36 -47.82 -68.75
CA TRP G 224 -7.75 -48.03 -68.37
C TRP G 224 -8.15 -49.51 -68.58
N PRO G 225 -8.53 -50.24 -67.52
CA PRO G 225 -8.94 -51.63 -67.61
C PRO G 225 -10.37 -51.76 -68.14
N VAL G 226 -10.70 -52.84 -68.83
CA VAL G 226 -12.10 -53.13 -69.21
C VAL G 226 -12.95 -53.49 -67.99
N GLY G 227 -14.17 -52.97 -67.93
CA GLY G 227 -15.18 -53.43 -66.99
C GLY G 227 -15.05 -53.00 -65.53
N VAL G 228 -14.28 -51.94 -65.23
CA VAL G 228 -14.08 -51.44 -63.86
C VAL G 228 -14.79 -50.11 -63.60
N ALA G 229 -14.53 -49.09 -64.42
CA ALA G 229 -15.19 -47.79 -64.36
C ALA G 229 -15.34 -47.20 -65.76
N GLU G 230 -16.41 -46.46 -66.01
CA GLU G 230 -16.66 -45.82 -67.29
C GLU G 230 -16.13 -44.39 -67.34
N ALA G 231 -16.24 -43.65 -66.24
CA ALA G 231 -15.69 -42.31 -66.12
C ALA G 231 -15.44 -41.95 -64.65
N LEU G 232 -14.60 -40.96 -64.40
CA LEU G 232 -14.35 -40.34 -63.10
C LEU G 232 -14.48 -38.84 -63.22
N VAL G 233 -15.08 -38.21 -62.22
CA VAL G 233 -15.30 -36.77 -62.14
C VAL G 233 -14.46 -36.21 -61.00
N VAL G 234 -13.61 -35.22 -61.26
CA VAL G 234 -12.64 -34.72 -60.29
C VAL G 234 -12.73 -33.20 -60.19
N ASP G 235 -12.59 -32.64 -59.00
CA ASP G 235 -12.08 -31.27 -58.87
C ASP G 235 -10.56 -31.32 -58.97
N SER G 236 -10.02 -31.05 -60.14
CA SER G 236 -8.59 -31.17 -60.39
C SER G 236 -7.74 -30.18 -59.61
N SER G 237 -8.30 -29.13 -59.00
CA SER G 237 -7.53 -28.27 -58.10
C SER G 237 -7.09 -29.01 -56.83
N ARG G 238 -7.70 -30.15 -56.50
CA ARG G 238 -7.43 -30.93 -55.29
C ARG G 238 -6.42 -32.05 -55.46
N VAL G 239 -5.89 -32.26 -56.65
CA VAL G 239 -4.85 -33.25 -56.98
C VAL G 239 -3.53 -32.54 -57.26
N ARG G 240 -2.39 -33.16 -56.95
CA ARG G 240 -1.11 -32.78 -57.56
C ARG G 240 -0.36 -34.02 -58.02
N ILE G 241 0.32 -33.94 -59.17
CA ILE G 241 1.33 -34.91 -59.57
C ILE G 241 2.69 -34.26 -59.34
N GLY G 242 3.55 -34.89 -58.56
CA GLY G 242 4.91 -34.42 -58.35
C GLY G 242 5.83 -34.99 -59.41
N VAL G 243 6.50 -34.14 -60.19
CA VAL G 243 7.39 -34.58 -61.26
C VAL G 243 8.80 -34.44 -60.72
N ARG G 244 9.16 -35.34 -59.80
CA ARG G 244 10.49 -35.28 -59.17
C ARG G 244 11.52 -35.43 -60.24
N GLN G 245 11.27 -36.32 -61.20
CA GLN G 245 12.16 -36.47 -62.33
C GLN G 245 11.33 -36.80 -63.55
N ASP G 246 11.64 -36.22 -64.69
CA ASP G 246 11.01 -36.63 -65.94
C ASP G 246 11.55 -37.98 -66.42
N ILE G 247 11.00 -38.55 -67.49
CA ILE G 247 11.63 -39.71 -68.14
C ILE G 247 13.01 -39.31 -68.66
N THR G 248 14.03 -40.00 -68.18
CA THR G 248 15.43 -39.88 -68.60
C THR G 248 15.93 -41.23 -69.10
N VAL G 249 16.80 -41.22 -70.11
CA VAL G 249 17.32 -42.40 -70.80
C VAL G 249 18.84 -42.48 -70.68
N LYS G 250 19.39 -43.61 -70.25
CA LYS G 250 20.83 -43.88 -70.30
C LYS G 250 21.15 -45.05 -71.22
N PHE G 251 22.16 -44.87 -72.05
CA PHE G 251 22.75 -45.90 -72.90
C PHE G 251 23.77 -46.73 -72.12
N LEU G 252 23.47 -48.00 -71.87
CA LEU G 252 24.34 -48.93 -71.15
C LEU G 252 25.03 -49.87 -72.15
N ASP G 253 26.35 -50.00 -72.04
CA ASP G 253 27.16 -50.79 -72.97
C ASP G 253 28.26 -51.62 -72.30
N GLN G 254 28.63 -51.29 -71.06
CA GLN G 254 29.57 -52.07 -70.24
C GLN G 254 28.91 -52.72 -69.00
N ALA G 255 27.73 -52.28 -68.59
CA ALA G 255 27.06 -52.73 -67.37
C ALA G 255 26.67 -54.21 -67.38
N THR G 256 26.43 -54.78 -66.21
CA THR G 256 25.75 -56.06 -66.06
C THR G 256 24.29 -55.79 -65.74
N VAL G 257 23.37 -56.32 -66.53
CA VAL G 257 21.93 -56.15 -66.35
C VAL G 257 21.28 -57.53 -66.22
N GLY G 258 20.59 -57.83 -65.13
CA GLY G 258 20.27 -59.22 -64.79
C GLY G 258 21.55 -60.05 -64.66
N SER G 259 21.62 -61.15 -65.40
CA SER G 259 22.84 -61.95 -65.57
C SER G 259 23.63 -61.61 -66.84
N ILE G 260 23.14 -60.71 -67.70
CA ILE G 260 23.79 -60.31 -68.93
C ILE G 260 24.90 -59.30 -68.65
N ASN G 261 26.15 -59.71 -68.75
CA ASN G 261 27.27 -58.81 -68.91
C ASN G 261 27.24 -58.23 -70.33
N LEU G 262 26.98 -56.94 -70.49
CA LEU G 262 26.74 -56.37 -71.82
C LEU G 262 27.96 -56.40 -72.74
N ALA G 263 29.13 -55.95 -72.26
CA ALA G 263 30.31 -55.77 -73.11
C ALA G 263 30.88 -57.10 -73.64
N GLU G 264 31.01 -58.13 -72.81
CA GLU G 264 31.51 -59.41 -73.28
C GLU G 264 30.63 -60.03 -74.36
N ARG G 265 29.32 -59.81 -74.27
CA ARG G 265 28.35 -60.41 -75.22
C ARG G 265 28.04 -59.53 -76.41
N ASP G 266 28.70 -58.38 -76.52
CA ASP G 266 28.43 -57.43 -77.60
C ASP G 266 27.00 -56.89 -77.56
N MET G 267 26.32 -56.92 -76.41
CA MET G 267 24.99 -56.37 -76.20
C MET G 267 25.08 -54.90 -75.76
N ILE G 268 23.96 -54.19 -75.88
CA ILE G 268 23.74 -52.83 -75.38
C ILE G 268 22.35 -52.78 -74.76
N ALA G 269 22.05 -51.80 -73.93
CA ALA G 269 20.73 -51.64 -73.35
C ALA G 269 20.36 -50.18 -73.17
N LEU G 270 19.08 -49.85 -73.25
CA LEU G 270 18.57 -48.57 -72.78
C LEU G 270 17.98 -48.77 -71.40
N ARG G 271 18.37 -47.92 -70.45
CA ARG G 271 17.74 -47.84 -69.14
C ARG G 271 16.93 -46.55 -69.08
N LEU G 272 15.65 -46.68 -68.84
CA LEU G 272 14.71 -45.56 -68.77
C LEU G 272 14.20 -45.44 -67.36
N LYS G 273 14.20 -44.25 -66.78
CA LYS G 273 13.61 -44.01 -65.45
C LYS G 273 12.99 -42.65 -65.31
N ALA G 274 12.02 -42.55 -64.41
CA ALA G 274 11.37 -41.32 -63.98
C ALA G 274 11.08 -41.40 -62.49
N ARG G 275 10.79 -40.26 -61.87
CA ARG G 275 10.39 -40.22 -60.45
C ARG G 275 9.14 -39.37 -60.32
N PHE G 276 8.11 -39.95 -59.73
CA PHE G 276 6.77 -39.39 -59.66
C PHE G 276 6.20 -39.48 -58.25
N ALA G 277 5.30 -38.59 -57.92
CA ALA G 277 4.53 -38.59 -56.68
C ALA G 277 3.08 -38.20 -56.96
N TYR G 278 2.15 -38.54 -56.09
CA TYR G 278 0.76 -38.13 -56.19
C TYR G 278 0.16 -37.87 -54.82
N VAL G 279 -0.67 -36.84 -54.72
CA VAL G 279 -1.37 -36.47 -53.50
C VAL G 279 -2.79 -36.03 -53.82
N LEU G 280 -3.72 -36.29 -52.91
CA LEU G 280 -5.10 -35.83 -52.97
C LEU G 280 -5.47 -35.04 -51.73
N GLY G 281 -6.02 -33.84 -51.90
CA GLY G 281 -6.51 -32.97 -50.83
C GLY G 281 -7.97 -33.22 -50.52
N ASN G 282 -8.27 -34.32 -49.83
CA ASN G 282 -9.59 -34.74 -49.36
C ASN G 282 -9.86 -34.38 -47.89
N GLY G 283 -9.60 -33.15 -47.49
CA GLY G 283 -9.80 -32.64 -46.14
C GLY G 283 -11.23 -32.18 -45.84
N ALA G 284 -11.38 -30.92 -45.50
CA ALA G 284 -12.64 -30.26 -45.20
C ALA G 284 -12.88 -29.06 -46.12
N THR G 285 -14.15 -28.78 -46.37
CA THR G 285 -14.64 -27.61 -47.13
C THR G 285 -15.55 -26.80 -46.22
N ALA G 286 -16.09 -25.68 -46.70
CA ALA G 286 -17.11 -24.96 -45.94
C ALA G 286 -18.38 -25.78 -45.64
N VAL G 287 -18.66 -26.85 -46.40
CA VAL G 287 -19.81 -27.72 -46.18
C VAL G 287 -19.61 -28.64 -44.96
N GLY G 288 -18.38 -28.98 -44.64
CA GLY G 288 -18.07 -29.91 -43.55
C GLY G 288 -16.74 -30.59 -43.79
N ASP G 289 -16.52 -31.72 -43.15
CA ASP G 289 -15.21 -32.37 -43.10
C ASP G 289 -15.22 -33.83 -43.57
N ASN G 290 -14.05 -34.34 -43.91
CA ASN G 290 -13.81 -35.63 -44.56
C ASN G 290 -14.52 -35.75 -45.90
N LYS G 291 -14.39 -34.71 -46.73
CA LYS G 291 -15.10 -34.51 -47.99
C LYS G 291 -14.21 -34.94 -49.13
N THR G 292 -14.66 -35.83 -50.01
CA THR G 292 -13.85 -36.38 -51.10
C THR G 292 -14.12 -35.64 -52.42
N PRO G 293 -13.10 -35.18 -53.16
CA PRO G 293 -13.28 -34.40 -54.39
C PRO G 293 -13.41 -35.22 -55.69
N VAL G 294 -13.86 -36.46 -55.60
CA VAL G 294 -13.87 -37.43 -56.69
C VAL G 294 -15.17 -38.23 -56.69
N GLY G 295 -15.89 -38.25 -57.80
CA GLY G 295 -17.03 -39.14 -58.01
C GLY G 295 -16.73 -40.12 -59.14
N ALA G 296 -17.26 -41.32 -59.08
CA ALA G 296 -17.01 -42.38 -60.06
C ALA G 296 -18.29 -42.88 -60.71
N VAL G 297 -18.19 -43.26 -61.97
CA VAL G 297 -19.25 -43.94 -62.71
C VAL G 297 -18.77 -45.32 -63.09
N VAL G 298 -19.52 -46.37 -62.76
CA VAL G 298 -19.09 -47.76 -62.93
C VAL G 298 -20.17 -48.61 -63.60
N PRO G 299 -19.83 -49.63 -64.41
CA PRO G 299 -20.82 -50.55 -64.96
C PRO G 299 -21.43 -51.44 -63.87
N ASP G 300 -22.57 -52.05 -64.15
CA ASP G 300 -23.18 -53.05 -63.27
C ASP G 300 -22.41 -54.40 -63.31
N GLY G 301 -22.51 -55.21 -62.27
CA GLY G 301 -21.85 -56.51 -62.19
C GLY G 301 -22.00 -57.19 -60.82
N SER G 302 -21.34 -58.34 -60.66
CA SER G 302 -21.27 -59.12 -59.42
C SER G 302 -20.00 -59.97 -59.33
N ALA H 2 29.36 -52.61 -49.31
CA ALA H 2 29.29 -51.44 -48.43
C ALA H 2 28.90 -50.20 -49.22
N ASP H 3 27.74 -49.62 -48.94
CA ASP H 3 27.18 -48.47 -49.67
C ASP H 3 26.59 -47.44 -48.71
N ILE H 4 26.57 -46.18 -49.12
CA ILE H 4 25.80 -45.13 -48.44
C ILE H 4 24.33 -45.32 -48.80
N SER H 5 23.51 -45.82 -47.89
CA SER H 5 22.05 -45.88 -48.03
C SER H 5 21.38 -44.53 -47.73
N ARG H 6 20.08 -44.34 -47.99
CA ARG H 6 19.46 -43.00 -47.78
C ARG H 6 19.35 -42.62 -46.29
N SER H 7 19.18 -43.59 -45.38
CA SER H 7 19.19 -43.32 -43.94
C SER H 7 20.56 -42.88 -43.42
N GLU H 8 21.64 -43.31 -44.06
CA GLU H 8 23.01 -42.93 -43.71
C GLU H 8 23.41 -41.55 -44.22
N VAL H 9 22.47 -40.80 -44.81
CA VAL H 9 22.61 -39.41 -45.25
C VAL H 9 21.71 -38.48 -44.40
N ALA H 10 21.15 -38.98 -43.30
CA ALA H 10 20.16 -38.36 -42.43
C ALA H 10 20.16 -36.83 -42.35
N THR H 11 19.16 -36.18 -42.95
CA THR H 11 18.94 -34.71 -42.93
C THR H 11 19.96 -33.85 -43.70
N LEU H 12 20.84 -34.45 -44.50
CA LEU H 12 21.38 -33.76 -45.68
C LEU H 12 20.34 -33.76 -46.82
N ILE H 13 19.41 -34.72 -46.82
CA ILE H 13 18.13 -34.66 -47.54
C ILE H 13 17.10 -33.96 -46.65
N GLN H 14 16.70 -32.75 -47.00
CA GLN H 14 15.65 -32.01 -46.30
C GLN H 14 14.29 -32.35 -46.88
N GLU H 15 13.27 -32.54 -46.04
CA GLU H 15 11.88 -32.58 -46.49
C GLU H 15 11.36 -31.17 -46.76
N ALA H 16 10.57 -31.00 -47.82
CA ALA H 16 9.99 -29.71 -48.18
C ALA H 16 8.61 -29.46 -47.57
N TYR H 17 8.14 -28.23 -47.68
CA TYR H 17 6.78 -27.82 -47.31
C TYR H 17 6.12 -27.03 -48.44
N ALA H 18 4.81 -27.20 -48.65
CA ALA H 18 4.04 -26.43 -49.63
C ALA H 18 2.59 -26.20 -49.23
N ASN H 19 2.04 -25.02 -49.49
CA ASN H 19 0.67 -24.65 -49.09
C ASN H 19 -0.39 -24.89 -50.17
N ASP H 20 -0.09 -25.62 -51.25
CA ASP H 20 -0.95 -25.77 -52.43
C ASP H 20 -2.38 -26.23 -52.12
N LEU H 21 -2.54 -27.11 -51.14
CA LEU H 21 -3.81 -27.70 -50.75
C LEU H 21 -4.46 -27.02 -49.53
N LEU H 22 -3.82 -26.02 -48.93
CA LEU H 22 -4.23 -25.47 -47.63
C LEU H 22 -5.44 -24.54 -47.72
N ALA H 23 -5.47 -23.64 -48.69
CA ALA H 23 -6.49 -22.61 -48.76
C ALA H 23 -7.89 -23.18 -48.98
N SER H 24 -8.86 -22.69 -48.20
CA SER H 24 -10.27 -23.10 -48.25
C SER H 24 -11.15 -21.86 -48.20
N ALA H 25 -12.04 -21.71 -49.18
CA ALA H 25 -12.88 -20.54 -49.33
C ALA H 25 -13.96 -20.54 -48.25
N LYS H 26 -14.16 -19.42 -47.57
CA LYS H 26 -15.14 -19.30 -46.49
C LYS H 26 -16.51 -18.92 -47.05
N LYS H 27 -17.58 -19.37 -46.42
CA LYS H 27 -18.95 -19.07 -46.83
C LYS H 27 -19.70 -18.29 -45.76
N GLY H 28 -20.53 -17.34 -46.20
CA GLY H 28 -21.35 -16.48 -45.37
C GLY H 28 -22.77 -17.01 -45.22
N SER H 29 -23.54 -16.41 -44.34
CA SER H 29 -24.96 -16.75 -44.19
C SER H 29 -25.73 -16.55 -45.50
N THR H 30 -26.54 -17.53 -45.86
CA THR H 30 -27.53 -17.46 -46.93
C THR H 30 -28.59 -16.42 -46.61
N VAL H 31 -29.10 -16.42 -45.39
CA VAL H 31 -30.24 -15.56 -45.06
C VAL H 31 -29.88 -14.08 -45.07
N LEU H 32 -28.65 -13.72 -44.69
CA LEU H 32 -28.17 -12.35 -44.82
C LEU H 32 -27.94 -11.91 -46.26
N GLN H 33 -27.77 -12.83 -47.21
CA GLN H 33 -27.80 -12.52 -48.64
C GLN H 33 -29.24 -12.37 -49.14
N ALA H 34 -30.12 -13.31 -48.78
CA ALA H 34 -31.43 -13.48 -49.37
C ALA H 34 -32.49 -12.48 -48.90
N PHE H 35 -32.56 -12.17 -47.60
CA PHE H 35 -33.68 -11.41 -47.03
C PHE H 35 -33.28 -9.98 -46.63
N PRO H 36 -34.22 -9.02 -46.59
CA PRO H 36 -33.93 -7.66 -46.15
C PRO H 36 -33.49 -7.63 -44.68
N THR H 37 -32.54 -6.76 -44.35
CA THR H 37 -31.97 -6.64 -43.00
C THR H 37 -32.29 -5.29 -42.37
N VAL H 38 -32.54 -5.29 -41.07
CA VAL H 38 -32.63 -4.06 -40.25
C VAL H 38 -31.51 -4.01 -39.22
N ASN H 39 -30.99 -2.82 -38.95
CA ASN H 39 -30.09 -2.55 -37.84
C ASN H 39 -30.91 -2.33 -36.57
N MET H 40 -30.61 -3.08 -35.51
CA MET H 40 -31.27 -2.91 -34.21
C MET H 40 -30.33 -2.20 -33.23
N GLY H 41 -30.85 -1.29 -32.41
CA GLY H 41 -30.11 -0.62 -31.34
C GLY H 41 -30.42 -1.11 -29.91
N THR H 42 -31.34 -2.06 -29.77
CA THR H 42 -31.80 -2.62 -28.49
C THR H 42 -32.34 -4.03 -28.71
N LYS H 43 -32.64 -4.81 -27.67
CA LYS H 43 -32.96 -6.24 -27.81
C LYS H 43 -34.22 -6.50 -28.62
N THR H 44 -35.27 -5.71 -28.45
CA THR H 44 -36.59 -5.98 -29.05
C THR H 44 -36.97 -4.88 -30.02
N THR H 45 -37.68 -5.22 -31.10
CA THR H 45 -38.43 -4.27 -31.93
C THR H 45 -39.83 -4.81 -32.16
N HIS H 46 -40.83 -3.94 -32.17
CA HIS H 46 -42.23 -4.26 -32.39
C HIS H 46 -42.63 -3.82 -33.78
N LEU H 47 -43.19 -4.71 -34.59
CA LEU H 47 -43.69 -4.43 -35.92
C LEU H 47 -45.17 -4.79 -35.96
N PRO H 48 -46.09 -3.83 -36.13
CA PRO H 48 -47.48 -4.14 -36.32
C PRO H 48 -47.74 -4.72 -37.72
N VAL H 49 -48.66 -5.67 -37.81
CA VAL H 49 -49.18 -6.24 -39.07
C VAL H 49 -50.69 -6.19 -39.04
N LEU H 50 -51.34 -6.04 -40.20
CA LEU H 50 -52.78 -6.22 -40.32
C LEU H 50 -53.14 -7.68 -40.03
N ALA H 51 -54.22 -7.93 -39.29
CA ALA H 51 -54.55 -9.26 -38.78
C ALA H 51 -55.97 -9.75 -39.05
N THR H 52 -56.92 -8.89 -39.40
CA THR H 52 -58.32 -9.25 -39.71
C THR H 52 -58.93 -8.16 -40.57
N LEU H 53 -59.85 -8.52 -41.47
CA LEU H 53 -60.49 -7.61 -42.41
C LEU H 53 -61.95 -7.34 -42.03
N PRO H 54 -62.49 -6.13 -42.19
CA PRO H 54 -63.91 -5.88 -42.00
C PRO H 54 -64.78 -6.55 -43.09
N GLY H 55 -66.08 -6.70 -42.85
CA GLY H 55 -67.02 -7.32 -43.80
C GLY H 55 -68.29 -6.52 -44.04
N ALA H 56 -68.50 -6.06 -45.27
CA ALA H 56 -69.74 -5.42 -45.73
C ALA H 56 -70.92 -6.39 -45.82
N SER H 57 -72.13 -5.85 -45.98
CA SER H 57 -73.38 -6.59 -46.22
C SER H 57 -74.32 -5.84 -47.15
N TRP H 58 -75.23 -6.58 -47.78
CA TRP H 58 -76.39 -6.03 -48.49
C TRP H 58 -77.44 -5.56 -47.49
N VAL H 59 -77.93 -4.33 -47.65
CA VAL H 59 -78.88 -3.68 -46.75
C VAL H 59 -80.14 -3.29 -47.51
N SER H 60 -81.31 -3.48 -46.91
CA SER H 60 -82.58 -3.03 -47.48
C SER H 60 -82.87 -1.57 -47.08
N GLU H 61 -83.91 -0.98 -47.64
CA GLU H 61 -84.53 0.23 -47.10
C GLU H 61 -85.65 -0.15 -46.14
N SER H 62 -85.59 0.29 -44.90
CA SER H 62 -86.65 0.25 -43.90
C SER H 62 -86.32 1.23 -42.79
N ALA H 63 -87.33 1.81 -42.16
CA ALA H 63 -87.17 2.68 -41.00
C ALA H 63 -87.31 1.96 -39.65
N THR H 64 -87.96 0.79 -39.62
CA THR H 64 -88.39 0.11 -38.38
C THR H 64 -87.94 -1.34 -38.24
N GLU H 65 -87.19 -1.88 -39.19
CA GLU H 65 -86.91 -3.32 -39.31
C GLU H 65 -85.41 -3.62 -39.33
N PRO H 66 -84.94 -4.75 -38.77
CA PRO H 66 -83.52 -5.07 -38.70
C PRO H 66 -82.78 -5.06 -40.03
N GLU H 67 -83.39 -5.56 -41.10
CA GLU H 67 -82.80 -5.58 -42.44
C GLU H 67 -82.56 -4.19 -43.03
N GLY H 68 -83.10 -3.14 -42.41
CA GLY H 68 -82.85 -1.76 -42.82
C GLY H 68 -81.56 -1.16 -42.28
N VAL H 69 -80.95 -1.75 -41.25
CA VAL H 69 -79.83 -1.19 -40.49
C VAL H 69 -78.49 -1.62 -41.09
N LYS H 70 -77.59 -0.67 -41.32
CA LYS H 70 -76.24 -0.92 -41.82
C LYS H 70 -75.38 -1.54 -40.73
N PRO H 71 -74.80 -2.75 -40.89
CA PRO H 71 -74.07 -3.43 -39.84
C PRO H 71 -72.72 -2.78 -39.54
N THR H 72 -72.29 -2.83 -38.29
CA THR H 72 -70.93 -2.43 -37.89
C THR H 72 -69.95 -3.60 -38.02
N SER H 73 -68.69 -3.29 -38.28
CA SER H 73 -67.59 -4.27 -38.42
C SER H 73 -66.23 -3.63 -38.12
N GLU H 74 -65.20 -4.42 -37.88
CA GLU H 74 -63.88 -3.97 -37.39
C GLU H 74 -62.72 -4.60 -38.17
N ALA H 75 -61.69 -3.82 -38.49
CA ALA H 75 -60.36 -4.34 -38.77
C ALA H 75 -59.67 -4.71 -37.45
N THR H 76 -58.50 -5.36 -37.51
CA THR H 76 -57.65 -5.61 -36.33
C THR H 76 -56.21 -5.74 -36.77
N TRP H 77 -55.28 -5.39 -35.89
CA TRP H 77 -53.84 -5.50 -36.08
C TRP H 77 -53.24 -6.32 -34.96
N ALA H 78 -52.10 -6.92 -35.22
CA ALA H 78 -51.36 -7.71 -34.26
C ALA H 78 -49.89 -7.32 -34.29
N ASP H 79 -49.12 -7.74 -33.28
CA ASP H 79 -47.67 -7.47 -33.26
C ASP H 79 -46.83 -8.67 -33.72
N ARG H 80 -45.83 -8.46 -34.58
CA ARG H 80 -44.89 -9.52 -35.00
C ARG H 80 -43.59 -8.93 -34.54
N THR H 81 -42.74 -9.67 -33.83
CA THR H 81 -41.55 -9.07 -33.22
C THR H 81 -40.15 -9.54 -33.52
N LEU H 82 -39.17 -8.61 -33.60
CA LEU H 82 -37.76 -9.00 -33.65
C LEU H 82 -37.24 -9.06 -32.22
N VAL H 83 -36.55 -10.13 -31.82
CA VAL H 83 -35.84 -10.25 -30.54
C VAL H 83 -34.41 -10.71 -30.80
N ALA H 84 -33.42 -9.89 -30.47
CA ALA H 84 -32.02 -10.19 -30.70
C ALA H 84 -31.48 -11.22 -29.73
N GLU H 85 -30.95 -12.31 -30.26
CA GLU H 85 -30.40 -13.43 -29.50
C GLU H 85 -28.94 -13.65 -29.88
N GLU H 86 -28.14 -14.10 -28.94
CA GLU H 86 -26.68 -14.14 -29.07
C GLU H 86 -26.20 -15.51 -29.48
N VAL H 87 -25.37 -15.55 -30.51
CA VAL H 87 -24.69 -16.74 -31.01
C VAL H 87 -23.19 -16.53 -30.92
N ALA H 88 -22.45 -17.52 -30.43
CA ALA H 88 -21.04 -17.33 -30.11
C ALA H 88 -20.23 -18.63 -30.02
N VAL H 89 -18.91 -18.49 -30.03
CA VAL H 89 -17.94 -19.58 -29.82
C VAL H 89 -16.64 -19.06 -29.22
N ILE H 90 -15.98 -19.87 -28.38
CA ILE H 90 -14.60 -19.65 -27.93
C ILE H 90 -13.70 -20.66 -28.64
N ILE H 91 -12.56 -20.26 -29.20
CA ILE H 91 -11.59 -21.20 -29.77
C ILE H 91 -10.23 -21.09 -29.08
N PRO H 92 -9.93 -21.89 -28.04
CA PRO H 92 -8.67 -21.85 -27.32
C PRO H 92 -7.53 -22.58 -28.04
N VAL H 93 -6.34 -22.00 -28.01
CA VAL H 93 -5.12 -22.48 -28.65
C VAL H 93 -3.90 -22.15 -27.78
N HIS H 94 -2.84 -22.96 -27.81
CA HIS H 94 -1.62 -22.68 -27.04
C HIS H 94 -0.78 -21.56 -27.66
N GLU H 95 -0.23 -20.66 -26.86
CA GLU H 95 0.51 -19.51 -27.40
C GLU H 95 1.77 -19.93 -28.17
N ASN H 96 2.42 -21.03 -27.78
CA ASN H 96 3.59 -21.54 -28.50
C ASN H 96 3.22 -22.04 -29.89
N VAL H 97 2.05 -22.66 -30.06
CA VAL H 97 1.58 -23.09 -31.37
C VAL H 97 1.33 -21.88 -32.26
N VAL H 98 0.74 -20.81 -31.73
CA VAL H 98 0.54 -19.58 -32.49
C VAL H 98 1.85 -18.90 -32.86
N ASP H 99 2.87 -18.97 -32.02
CA ASP H 99 4.20 -18.46 -32.35
C ASP H 99 4.94 -19.34 -33.36
N ASP H 100 4.84 -20.66 -33.27
CA ASP H 100 5.58 -21.59 -34.14
C ASP H 100 4.94 -21.80 -35.53
N ALA H 101 3.65 -21.56 -35.74
CA ALA H 101 2.99 -21.71 -37.03
C ALA H 101 3.54 -20.75 -38.10
N SER H 102 3.64 -21.22 -39.35
CA SER H 102 4.12 -20.41 -40.49
C SER H 102 3.02 -19.53 -41.10
N THR H 103 1.77 -19.99 -41.06
CA THR H 103 0.57 -19.23 -41.43
C THR H 103 0.14 -18.28 -40.32
N SER H 104 -0.67 -17.26 -40.62
CA SER H 104 -1.31 -16.37 -39.64
C SER H 104 -2.47 -17.08 -38.95
N LEU H 105 -2.16 -17.99 -38.04
CA LEU H 105 -3.11 -18.95 -37.48
C LEU H 105 -4.36 -18.31 -36.84
N LEU H 106 -4.23 -17.17 -36.14
CA LEU H 106 -5.37 -16.49 -35.53
C LEU H 106 -6.32 -15.88 -36.56
N GLU H 107 -5.87 -15.53 -37.76
CA GLU H 107 -6.77 -15.09 -38.83
C GLU H 107 -7.64 -16.24 -39.34
N GLU H 108 -7.09 -17.44 -39.46
CA GLU H 108 -7.89 -18.59 -39.84
C GLU H 108 -8.82 -19.02 -38.74
N ILE H 109 -8.40 -19.00 -37.48
CA ILE H 109 -9.29 -19.28 -36.35
C ILE H 109 -10.44 -18.26 -36.30
N ALA H 110 -10.18 -16.98 -36.55
CA ALA H 110 -11.23 -15.97 -36.63
C ALA H 110 -12.20 -16.23 -37.80
N ALA H 111 -11.70 -16.53 -39.00
CA ALA H 111 -12.52 -16.73 -40.18
C ALA H 111 -13.33 -18.03 -40.13
N LEU H 112 -12.76 -19.12 -39.60
CA LEU H 112 -13.49 -20.36 -39.34
C LEU H 112 -14.57 -20.16 -38.28
N GLY H 113 -14.32 -19.37 -37.23
CA GLY H 113 -15.33 -19.00 -36.24
C GLY H 113 -16.47 -18.16 -36.84
N GLY H 114 -16.15 -17.17 -37.67
CA GLY H 114 -17.16 -16.40 -38.38
C GLY H 114 -18.02 -17.25 -39.32
N GLN H 115 -17.43 -18.22 -40.02
CA GLN H 115 -18.17 -19.19 -40.82
C GLN H 115 -19.07 -20.07 -39.95
N ALA H 116 -18.62 -20.54 -38.80
CA ALA H 116 -19.43 -21.37 -37.91
C ALA H 116 -20.64 -20.61 -37.33
N ILE H 117 -20.54 -19.31 -37.09
CA ILE H 117 -21.68 -18.48 -36.69
C ILE H 117 -22.67 -18.30 -37.85
N GLY H 118 -22.19 -18.04 -39.06
CA GLY H 118 -23.05 -17.95 -40.25
C GLY H 118 -23.86 -19.22 -40.51
N LYS H 119 -23.30 -20.40 -40.24
CA LYS H 119 -24.03 -21.68 -40.28
C LYS H 119 -25.17 -21.72 -39.28
N LYS H 120 -24.97 -21.31 -38.03
CA LYS H 120 -26.03 -21.33 -37.01
C LYS H 120 -27.19 -20.40 -37.34
N LEU H 121 -26.91 -19.25 -37.94
CA LEU H 121 -27.95 -18.34 -38.37
C LEU H 121 -28.83 -18.98 -39.46
N ASP H 122 -28.23 -19.55 -40.50
CA ASP H 122 -28.98 -20.22 -41.55
C ASP H 122 -29.79 -21.40 -41.00
N GLN H 123 -29.20 -22.22 -40.13
CA GLN H 123 -29.90 -23.35 -39.52
C GLN H 123 -31.11 -22.93 -38.70
N ALA H 124 -31.09 -21.76 -38.08
CA ALA H 124 -32.17 -21.30 -37.21
C ALA H 124 -33.29 -20.57 -37.96
N VAL H 125 -33.00 -19.85 -39.04
CA VAL H 125 -34.03 -19.15 -39.80
C VAL H 125 -34.71 -20.08 -40.80
N ILE H 126 -33.96 -20.95 -41.48
CA ILE H 126 -34.51 -21.80 -42.54
C ILE H 126 -35.22 -23.00 -41.92
N PHE H 127 -34.73 -23.50 -40.80
CA PHE H 127 -35.23 -24.69 -40.11
C PHE H 127 -35.39 -24.41 -38.62
N GLY H 128 -36.20 -25.16 -37.88
CA GLY H 128 -36.44 -24.88 -36.46
C GLY H 128 -35.33 -25.39 -35.53
N THR H 129 -34.07 -25.37 -35.97
CA THR H 129 -33.03 -26.30 -35.51
C THR H 129 -32.64 -26.14 -34.04
N ASP H 130 -31.94 -25.06 -33.71
CA ASP H 130 -31.64 -24.64 -32.34
C ASP H 130 -32.22 -23.25 -32.09
N LYS H 131 -33.36 -22.97 -32.72
CA LYS H 131 -33.97 -21.65 -32.75
C LYS H 131 -34.23 -21.17 -31.32
N PRO H 132 -33.74 -19.99 -30.92
CA PRO H 132 -34.05 -19.42 -29.61
C PRO H 132 -35.55 -19.36 -29.35
N SER H 133 -36.00 -19.71 -28.15
CA SER H 133 -37.44 -19.71 -27.82
C SER H 133 -38.10 -18.34 -27.89
N SER H 134 -37.33 -17.27 -27.72
CA SER H 134 -37.78 -15.89 -27.83
C SER H 134 -38.04 -15.42 -29.27
N TRP H 135 -37.54 -16.14 -30.27
CA TRP H 135 -37.97 -15.97 -31.65
C TRP H 135 -39.35 -16.63 -31.80
N VAL H 136 -40.42 -15.84 -31.73
CA VAL H 136 -41.80 -16.32 -31.71
C VAL H 136 -42.31 -16.69 -33.12
N SER H 137 -41.76 -16.07 -34.16
CA SER H 137 -42.04 -16.47 -35.55
C SER H 137 -41.61 -17.91 -35.81
N PRO H 138 -42.40 -18.71 -36.57
CA PRO H 138 -41.97 -20.01 -37.01
C PRO H 138 -40.83 -19.88 -38.03
N ALA H 139 -39.82 -20.74 -37.99
CA ALA H 139 -38.80 -20.78 -39.03
C ALA H 139 -39.42 -21.17 -40.38
N LEU H 140 -38.76 -20.83 -41.48
CA LEU H 140 -39.35 -20.89 -42.81
C LEU H 140 -39.86 -22.29 -43.19
N LEU H 141 -39.15 -23.39 -42.95
CA LEU H 141 -39.73 -24.71 -43.20
C LEU H 141 -40.92 -25.01 -42.27
N PRO H 142 -40.82 -24.97 -40.94
CA PRO H 142 -41.98 -25.16 -40.07
C PRO H 142 -43.19 -24.29 -40.39
N ALA H 143 -43.00 -23.05 -40.83
CA ALA H 143 -44.06 -22.14 -41.23
C ALA H 143 -44.88 -22.71 -42.39
N ALA H 144 -44.22 -23.16 -43.45
CA ALA H 144 -44.87 -23.82 -44.58
C ALA H 144 -45.57 -25.14 -44.17
N VAL H 145 -44.93 -25.96 -43.34
CA VAL H 145 -45.53 -27.19 -42.80
C VAL H 145 -46.80 -26.90 -42.01
N ALA H 146 -46.79 -25.91 -41.11
CA ALA H 146 -47.93 -25.57 -40.27
C ALA H 146 -49.11 -25.05 -41.11
N ALA H 147 -48.82 -24.32 -42.17
CA ALA H 147 -49.81 -23.81 -43.11
C ALA H 147 -50.36 -24.86 -44.10
N ASN H 148 -49.87 -26.10 -44.07
CA ASN H 148 -50.13 -27.15 -45.05
C ASN H 148 -49.68 -26.75 -46.48
N GLN H 149 -48.57 -26.03 -46.60
CA GLN H 149 -47.99 -25.54 -47.86
C GLN H 149 -46.62 -26.18 -48.16
N ASP H 150 -46.38 -27.37 -47.63
CA ASP H 150 -45.24 -28.21 -47.96
C ASP H 150 -45.70 -29.31 -48.93
N TYR H 151 -45.03 -29.42 -50.07
CA TYR H 151 -45.41 -30.33 -51.14
C TYR H 151 -44.38 -31.45 -51.25
N THR H 152 -44.84 -32.70 -51.31
CA THR H 152 -43.96 -33.86 -51.28
C THR H 152 -43.68 -34.36 -52.69
N ILE H 153 -42.39 -34.49 -53.04
CA ILE H 153 -41.98 -34.94 -54.36
C ILE H 153 -42.37 -36.40 -54.61
N VAL H 154 -43.02 -36.66 -55.73
CA VAL H 154 -43.23 -38.00 -56.27
C VAL H 154 -41.99 -38.41 -57.07
N PRO H 155 -41.19 -39.36 -56.60
CA PRO H 155 -39.91 -39.70 -57.21
C PRO H 155 -40.08 -40.44 -58.54
N GLY H 156 -39.00 -40.55 -59.30
CA GLY H 156 -38.99 -41.18 -60.62
C GLY H 156 -39.18 -40.16 -61.73
N ASP H 157 -39.97 -40.50 -62.74
CA ASP H 157 -40.12 -39.71 -63.95
C ASP H 157 -40.89 -38.40 -63.74
N ALA H 158 -40.68 -37.42 -64.60
CA ALA H 158 -41.36 -36.13 -64.55
C ALA H 158 -42.89 -36.26 -64.55
N ASN H 159 -43.57 -35.52 -63.68
CA ASN H 159 -44.99 -35.59 -63.43
C ASN H 159 -45.49 -34.32 -62.71
N GLU H 160 -46.79 -34.12 -62.53
CA GLU H 160 -47.31 -32.89 -61.92
C GLU H 160 -46.75 -32.58 -60.52
N ASP H 161 -46.30 -33.59 -59.77
CA ASP H 161 -45.68 -33.51 -58.45
C ASP H 161 -44.20 -33.95 -58.42
N ASP H 162 -43.46 -33.81 -59.52
CA ASP H 162 -42.00 -33.88 -59.46
C ASP H 162 -41.39 -32.64 -58.76
N LEU H 163 -40.07 -32.48 -58.76
CA LEU H 163 -39.39 -31.35 -58.15
C LEU H 163 -39.86 -30.00 -58.68
N ILE H 164 -39.95 -29.85 -60.00
CA ILE H 164 -40.40 -28.62 -60.65
C ILE H 164 -41.89 -28.41 -60.39
N GLY H 165 -42.67 -29.48 -60.41
CA GLY H 165 -44.06 -29.51 -60.03
C GLY H 165 -44.27 -28.95 -58.63
N CYS H 166 -43.50 -29.43 -57.65
CA CYS H 166 -43.60 -28.93 -56.29
C CYS H 166 -43.13 -27.48 -56.15
N ILE H 167 -42.10 -27.00 -56.85
CA ILE H 167 -41.75 -25.57 -56.78
C ILE H 167 -42.88 -24.73 -57.36
N ASN H 168 -43.54 -25.21 -58.41
CA ASN H 168 -44.72 -24.57 -58.94
C ASN H 168 -45.86 -24.57 -57.92
N ARG H 169 -46.18 -25.68 -57.26
CA ARG H 169 -47.21 -25.71 -56.19
C ARG H 169 -46.86 -24.79 -55.03
N ALA H 170 -45.60 -24.76 -54.60
CA ALA H 170 -45.15 -23.87 -53.53
C ALA H 170 -45.29 -22.40 -53.92
N SER H 171 -44.95 -22.03 -55.15
CA SER H 171 -45.20 -20.69 -55.69
C SER H 171 -46.69 -20.35 -55.74
N LYS H 172 -47.52 -21.26 -56.26
CA LYS H 172 -48.97 -21.11 -56.26
C LYS H 172 -49.48 -20.83 -54.86
N ALA H 173 -49.11 -21.61 -53.86
CA ALA H 173 -49.59 -21.43 -52.50
C ALA H 173 -49.25 -20.05 -51.92
N VAL H 174 -48.05 -19.52 -52.17
CA VAL H 174 -47.67 -18.17 -51.76
C VAL H 174 -48.49 -17.10 -52.50
N ALA H 175 -48.67 -17.23 -53.81
CA ALA H 175 -49.44 -16.28 -54.61
C ALA H 175 -50.94 -16.33 -54.32
N ALA H 176 -51.50 -17.52 -54.14
CA ALA H 176 -52.88 -17.75 -53.74
C ALA H 176 -53.21 -17.20 -52.35
N ALA H 177 -52.21 -17.07 -51.46
CA ALA H 177 -52.34 -16.39 -50.17
C ALA H 177 -52.29 -14.86 -50.27
N GLY H 178 -52.01 -14.29 -51.44
CA GLY H 178 -51.98 -12.85 -51.69
C GLY H 178 -50.58 -12.22 -51.62
N TYR H 179 -49.51 -12.98 -51.49
CA TYR H 179 -48.12 -12.50 -51.51
C TYR H 179 -47.48 -12.64 -52.89
N MET H 180 -46.28 -12.11 -53.11
CA MET H 180 -45.55 -12.28 -54.37
C MET H 180 -44.33 -13.20 -54.18
N PRO H 181 -44.36 -14.48 -54.58
CA PRO H 181 -43.18 -15.33 -54.49
C PRO H 181 -42.05 -14.80 -55.36
N ASP H 182 -40.85 -14.66 -54.80
CA ASP H 182 -39.74 -14.01 -55.50
C ASP H 182 -38.35 -14.57 -55.15
N THR H 183 -38.29 -15.57 -54.28
CA THR H 183 -37.05 -16.05 -53.68
C THR H 183 -37.12 -17.55 -53.55
N LEU H 184 -36.12 -18.25 -54.09
CA LEU H 184 -35.94 -19.68 -53.96
C LEU H 184 -34.70 -19.95 -53.12
N LEU H 185 -34.86 -20.60 -51.99
CA LEU H 185 -33.78 -21.10 -51.16
C LEU H 185 -33.64 -22.58 -51.43
N ALA H 186 -32.44 -23.05 -51.76
CA ALA H 186 -32.16 -24.45 -51.99
C ALA H 186 -30.73 -24.83 -51.56
N SER H 187 -30.41 -26.11 -51.56
CA SER H 187 -29.06 -26.60 -51.28
C SER H 187 -28.16 -26.54 -52.50
N LEU H 188 -26.85 -26.69 -52.31
CA LEU H 188 -25.98 -27.20 -53.37
C LEU H 188 -26.50 -28.57 -53.81
N GLY H 189 -26.26 -28.97 -55.04
CA GLY H 189 -26.88 -30.18 -55.58
C GLY H 189 -28.31 -30.00 -56.11
N PHE H 190 -28.97 -28.87 -55.86
CA PHE H 190 -30.28 -28.59 -56.46
C PHE H 190 -30.22 -28.44 -57.98
N ARG H 191 -29.25 -27.66 -58.48
CA ARG H 191 -29.03 -27.46 -59.92
C ARG H 191 -28.72 -28.75 -60.67
N PHE H 192 -28.20 -29.75 -59.97
CA PHE H 192 -27.98 -31.08 -60.51
C PHE H 192 -29.26 -31.90 -60.58
N ASP H 193 -30.20 -31.75 -59.66
CA ASP H 193 -31.47 -32.49 -59.65
C ASP H 193 -32.50 -31.94 -60.65
N VAL H 194 -32.51 -30.66 -60.94
CA VAL H 194 -33.33 -30.14 -62.04
C VAL H 194 -32.76 -30.58 -63.40
N ALA H 195 -31.45 -30.71 -63.54
CA ALA H 195 -30.80 -31.11 -64.77
C ALA H 195 -30.89 -32.62 -65.07
N ASN H 196 -31.14 -33.47 -64.08
CA ASN H 196 -31.32 -34.91 -64.28
C ASN H 196 -32.77 -35.39 -64.21
N LEU H 197 -33.72 -34.46 -64.01
CA LEU H 197 -35.15 -34.82 -64.00
C LEU H 197 -35.55 -35.25 -65.40
N ARG H 198 -35.54 -36.55 -65.66
CA ARG H 198 -35.87 -37.09 -66.98
C ARG H 198 -37.37 -37.15 -67.19
N ASP H 199 -37.87 -37.32 -68.42
CA ASP H 199 -39.31 -37.48 -68.69
C ASP H 199 -39.63 -39.00 -68.78
N ALA H 200 -40.82 -39.45 -69.25
CA ALA H 200 -41.08 -40.88 -69.24
C ALA H 200 -40.26 -41.68 -70.27
N ASN H 201 -39.67 -41.03 -71.29
CA ASN H 201 -38.73 -41.65 -72.23
C ASN H 201 -37.27 -41.63 -71.76
N GLY H 202 -36.94 -40.88 -70.70
CA GLY H 202 -35.60 -40.69 -70.19
C GLY H 202 -34.89 -39.44 -70.67
N ASN H 203 -35.54 -38.56 -71.43
CA ASN H 203 -34.95 -37.31 -71.91
C ASN H 203 -34.87 -36.24 -70.79
N PRO H 204 -33.72 -35.60 -70.52
CA PRO H 204 -33.62 -34.55 -69.52
C PRO H 204 -34.23 -33.22 -70.01
N ILE H 205 -35.54 -33.11 -69.88
CA ILE H 205 -36.35 -31.99 -70.38
C ILE H 205 -36.21 -30.66 -69.63
N PHE H 206 -35.82 -30.69 -68.34
CA PHE H 206 -35.64 -29.47 -67.52
C PHE H 206 -34.18 -29.00 -67.35
N ARG H 207 -33.31 -29.30 -68.31
CA ARG H 207 -31.92 -28.84 -68.25
C ARG H 207 -31.80 -27.34 -68.58
N ASP H 208 -32.74 -26.78 -69.38
CA ASP H 208 -32.76 -25.36 -69.74
C ASP H 208 -33.71 -24.55 -68.83
N GLU H 209 -34.32 -25.18 -67.82
CA GLU H 209 -35.25 -24.52 -66.90
C GLU H 209 -34.52 -23.49 -66.05
N SER H 210 -35.07 -22.29 -66.01
CA SER H 210 -34.66 -21.21 -65.10
C SER H 210 -35.89 -20.67 -64.39
N PHE H 211 -35.68 -20.20 -63.17
CA PHE H 211 -36.74 -19.80 -62.26
C PHE H 211 -36.99 -18.31 -62.46
N ASN H 212 -37.65 -17.96 -63.56
CA ASN H 212 -37.83 -16.59 -64.01
C ASN H 212 -38.51 -15.74 -62.93
N GLY H 213 -37.92 -14.58 -62.64
CA GLY H 213 -38.39 -13.67 -61.62
C GLY H 213 -37.98 -14.03 -60.19
N PHE H 214 -37.41 -15.20 -59.91
CA PHE H 214 -36.89 -15.54 -58.59
C PHE H 214 -35.41 -15.19 -58.46
N GLY H 215 -35.03 -14.61 -57.33
CA GLY H 215 -33.67 -14.72 -56.83
C GLY H 215 -33.43 -16.12 -56.27
N THR H 216 -32.41 -16.82 -56.75
CA THR H 216 -32.09 -18.19 -56.32
C THR H 216 -30.85 -18.17 -55.45
N TYR H 217 -30.92 -18.76 -54.25
CA TYR H 217 -29.84 -18.76 -53.28
C TYR H 217 -29.51 -20.18 -52.82
N PHE H 218 -28.25 -20.60 -52.96
CA PHE H 218 -27.82 -21.96 -52.66
C PHE H 218 -26.99 -22.02 -51.39
N ASN H 219 -27.34 -22.88 -50.44
CA ASN H 219 -26.67 -22.93 -49.14
C ASN H 219 -25.29 -23.60 -49.20
N ALA H 220 -24.21 -22.84 -49.06
CA ALA H 220 -22.84 -23.35 -49.07
C ALA H 220 -22.24 -23.62 -47.67
N ASN H 221 -22.88 -23.19 -46.58
CA ASN H 221 -22.39 -23.37 -45.20
C ASN H 221 -22.45 -24.80 -44.67
N GLY H 222 -23.11 -25.71 -45.37
CA GLY H 222 -23.48 -27.00 -44.79
C GLY H 222 -24.55 -26.91 -43.71
N ALA H 223 -25.32 -25.82 -43.66
CA ALA H 223 -26.48 -25.68 -42.78
C ALA H 223 -27.68 -26.50 -43.26
N TRP H 224 -27.81 -26.71 -44.57
CA TRP H 224 -28.91 -27.45 -45.18
C TRP H 224 -28.76 -28.96 -44.90
N PRO H 225 -29.67 -29.59 -44.14
CA PRO H 225 -29.59 -31.02 -43.83
C PRO H 225 -30.04 -31.90 -45.00
N VAL H 226 -29.59 -33.14 -45.05
CA VAL H 226 -30.05 -34.12 -46.05
C VAL H 226 -31.43 -34.67 -45.70
N GLY H 227 -32.26 -34.95 -46.70
CA GLY H 227 -33.52 -35.67 -46.52
C GLY H 227 -34.64 -34.88 -45.83
N VAL H 228 -34.51 -33.55 -45.69
CA VAL H 228 -35.49 -32.70 -44.99
C VAL H 228 -36.29 -31.81 -45.93
N ALA H 229 -35.63 -31.00 -46.76
CA ALA H 229 -36.28 -30.18 -47.79
C ALA H 229 -35.36 -30.05 -49.00
N GLU H 230 -35.94 -29.79 -50.16
CA GLU H 230 -35.22 -29.60 -51.42
C GLU H 230 -35.17 -28.13 -51.84
N ALA H 231 -36.24 -27.39 -51.57
CA ALA H 231 -36.31 -25.95 -51.76
C ALA H 231 -37.38 -25.32 -50.87
N LEU H 232 -37.28 -24.01 -50.65
CA LEU H 232 -38.32 -23.15 -50.12
C LEU H 232 -38.58 -22.01 -51.10
N VAL H 233 -39.84 -21.63 -51.26
CA VAL H 233 -40.26 -20.46 -52.01
C VAL H 233 -40.78 -19.44 -51.02
N VAL H 234 -40.29 -18.20 -51.09
CA VAL H 234 -40.63 -17.15 -50.12
C VAL H 234 -41.03 -15.87 -50.85
N ASP H 235 -42.01 -15.14 -50.32
CA ASP H 235 -42.08 -13.69 -50.59
C ASP H 235 -41.11 -13.01 -49.63
N SER H 236 -39.93 -12.65 -50.13
CA SER H 236 -38.88 -12.11 -49.29
C SER H 236 -39.20 -10.74 -48.70
N SER H 237 -40.18 -10.00 -49.22
CA SER H 237 -40.61 -8.75 -48.58
C SER H 237 -41.22 -8.99 -47.18
N ARG H 238 -41.66 -10.22 -46.86
CA ARG H 238 -42.29 -10.58 -45.58
C ARG H 238 -41.32 -11.13 -44.55
N VAL H 239 -40.02 -11.12 -44.81
CA VAL H 239 -39.02 -11.69 -43.88
C VAL H 239 -38.10 -10.54 -43.57
N ARG H 240 -37.54 -10.46 -42.36
CA ARG H 240 -36.52 -9.46 -42.06
C ARG H 240 -35.52 -10.18 -41.22
N ILE H 241 -34.25 -9.74 -41.25
CA ILE H 241 -33.20 -10.35 -40.41
C ILE H 241 -32.56 -9.20 -39.60
N GLY H 242 -32.81 -9.11 -38.29
CA GLY H 242 -32.31 -8.02 -37.47
C GLY H 242 -30.86 -8.28 -37.11
N VAL H 243 -29.93 -7.39 -37.48
CA VAL H 243 -28.52 -7.55 -37.11
C VAL H 243 -28.23 -6.61 -35.95
N ARG H 244 -28.55 -7.07 -34.74
CA ARG H 244 -28.26 -6.28 -33.54
C ARG H 244 -26.78 -6.09 -33.41
N GLN H 245 -26.01 -7.15 -33.69
CA GLN H 245 -24.55 -7.06 -33.62
C GLN H 245 -23.92 -7.91 -34.72
N ASP H 246 -22.99 -7.35 -35.48
CA ASP H 246 -22.24 -8.14 -36.46
C ASP H 246 -21.17 -9.02 -35.79
N ILE H 247 -20.50 -9.93 -36.50
CA ILE H 247 -19.45 -10.76 -35.90
C ILE H 247 -18.34 -9.87 -35.30
N THR H 248 -18.09 -10.00 -34.00
CA THR H 248 -17.05 -9.27 -33.28
C THR H 248 -16.14 -10.24 -32.53
N VAL H 249 -14.84 -9.95 -32.51
CA VAL H 249 -13.78 -10.85 -32.02
C VAL H 249 -13.08 -10.22 -30.81
N LYS H 250 -13.01 -10.93 -29.68
CA LYS H 250 -12.18 -10.54 -28.54
C LYS H 250 -11.08 -11.57 -28.33
N PHE H 251 -9.86 -11.10 -28.28
CA PHE H 251 -8.68 -11.86 -27.88
C PHE H 251 -8.64 -12.03 -26.37
N LEU H 252 -8.61 -13.27 -25.88
CA LEU H 252 -8.58 -13.63 -24.46
C LEU H 252 -7.25 -14.28 -24.11
N ASP H 253 -6.71 -13.92 -22.96
CA ASP H 253 -5.38 -14.38 -22.52
C ASP H 253 -5.23 -14.56 -21.01
N GLN H 254 -6.17 -14.06 -20.22
CA GLN H 254 -6.23 -14.28 -18.78
C GLN H 254 -7.42 -15.15 -18.34
N ALA H 255 -8.52 -15.16 -19.08
CA ALA H 255 -9.79 -15.76 -18.66
C ALA H 255 -9.75 -17.26 -18.35
N THR H 256 -10.78 -17.78 -17.68
CA THR H 256 -11.08 -19.20 -17.64
C THR H 256 -12.21 -19.50 -18.61
N VAL H 257 -11.99 -20.42 -19.53
CA VAL H 257 -12.94 -20.80 -20.58
C VAL H 257 -13.11 -22.31 -20.59
N GLY H 258 -14.32 -22.81 -20.44
CA GLY H 258 -14.50 -24.21 -20.03
C GLY H 258 -13.77 -24.47 -18.71
N SER H 259 -13.07 -25.60 -18.61
CA SER H 259 -12.18 -25.89 -17.49
C SER H 259 -10.78 -25.25 -17.61
N ILE H 260 -10.46 -24.59 -18.72
CA ILE H 260 -9.11 -24.12 -19.05
C ILE H 260 -8.86 -22.75 -18.40
N ASN H 261 -7.94 -22.64 -17.44
CA ASN H 261 -7.40 -21.34 -17.03
C ASN H 261 -6.34 -20.88 -18.03
N LEU H 262 -6.58 -19.84 -18.82
CA LEU H 262 -5.73 -19.52 -19.97
C LEU H 262 -4.32 -19.09 -19.57
N ALA H 263 -4.17 -18.22 -18.58
CA ALA H 263 -2.87 -17.66 -18.23
C ALA H 263 -1.87 -18.69 -17.71
N GLU H 264 -2.30 -19.51 -16.75
CA GLU H 264 -1.41 -20.51 -16.18
C GLU H 264 -1.05 -21.58 -17.20
N ARG H 265 -2.02 -22.01 -18.00
CA ARG H 265 -1.80 -23.09 -18.98
C ARG H 265 -1.19 -22.49 -20.22
N ASP H 266 -0.89 -21.19 -20.19
CA ASP H 266 -0.21 -20.55 -21.29
C ASP H 266 -0.96 -20.68 -22.57
N MET H 267 -2.27 -20.45 -22.49
CA MET H 267 -3.11 -20.55 -23.64
C MET H 267 -3.75 -19.20 -23.98
N ILE H 268 -4.34 -19.07 -25.16
CA ILE H 268 -5.06 -17.88 -25.58
C ILE H 268 -6.33 -18.35 -26.27
N ALA H 269 -7.35 -17.48 -26.42
CA ALA H 269 -8.64 -17.91 -27.01
C ALA H 269 -9.46 -16.84 -27.73
N LEU H 270 -9.80 -17.04 -29.00
CA LEU H 270 -10.54 -16.02 -29.74
C LEU H 270 -11.99 -16.26 -29.47
N ARG H 271 -12.59 -15.41 -28.62
CA ARG H 271 -14.02 -15.46 -28.41
C ARG H 271 -14.60 -14.88 -29.66
N LEU H 272 -15.79 -15.31 -30.08
CA LEU H 272 -16.45 -14.67 -31.21
C LEU H 272 -17.90 -14.54 -30.79
N LYS H 273 -18.60 -13.48 -31.18
CA LYS H 273 -20.04 -13.32 -30.91
C LYS H 273 -20.72 -12.48 -31.98
N ALA H 274 -22.01 -12.74 -32.16
CA ALA H 274 -22.94 -11.87 -32.88
C ALA H 274 -24.33 -11.91 -32.23
N ARG H 275 -25.18 -10.93 -32.51
CA ARG H 275 -26.57 -10.90 -32.02
C ARG H 275 -27.54 -10.74 -33.17
N PHE H 276 -28.49 -11.67 -33.32
CA PHE H 276 -29.38 -11.73 -34.47
C PHE H 276 -30.85 -11.87 -34.07
N ALA H 277 -31.74 -11.37 -34.91
CA ALA H 277 -33.17 -11.54 -34.76
C ALA H 277 -33.83 -11.95 -36.08
N TYR H 278 -34.97 -12.61 -36.01
CA TYR H 278 -35.76 -13.00 -37.17
C TYR H 278 -37.24 -12.74 -36.91
N VAL H 279 -37.97 -12.30 -37.92
CA VAL H 279 -39.43 -12.16 -37.89
C VAL H 279 -40.04 -12.52 -39.23
N LEU H 280 -41.25 -13.08 -39.21
CA LEU H 280 -42.06 -13.43 -40.38
C LEU H 280 -43.36 -12.63 -40.36
N GLY H 281 -43.66 -11.89 -41.42
CA GLY H 281 -44.87 -11.09 -41.55
C GLY H 281 -46.07 -11.89 -42.05
N ASN H 282 -46.48 -12.93 -41.32
CA ASN H 282 -47.52 -13.88 -41.70
C ASN H 282 -48.95 -13.40 -41.34
N GLY H 283 -49.25 -12.14 -41.64
CA GLY H 283 -50.51 -11.48 -41.30
C GLY H 283 -51.66 -11.72 -42.28
N ALA H 284 -52.59 -10.78 -42.35
CA ALA H 284 -53.64 -10.75 -43.37
C ALA H 284 -53.18 -10.08 -44.67
N THR H 285 -53.71 -10.51 -45.80
CA THR H 285 -53.61 -9.86 -47.11
C THR H 285 -55.00 -9.47 -47.61
N ALA H 286 -55.14 -8.92 -48.82
CA ALA H 286 -56.44 -8.67 -49.43
C ALA H 286 -57.33 -9.93 -49.55
N VAL H 287 -56.74 -11.11 -49.53
CA VAL H 287 -57.40 -12.41 -49.70
C VAL H 287 -58.03 -12.92 -48.40
N GLY H 288 -57.52 -12.53 -47.24
CA GLY H 288 -57.96 -13.04 -45.94
C GLY H 288 -56.92 -12.92 -44.84
N ASP H 289 -57.26 -13.41 -43.66
CA ASP H 289 -56.43 -13.43 -42.46
C ASP H 289 -55.54 -14.68 -42.37
N ASN H 290 -54.48 -14.61 -41.55
CA ASN H 290 -53.57 -15.73 -41.22
C ASN H 290 -52.95 -16.40 -42.45
N LYS H 291 -52.41 -15.59 -43.36
CA LYS H 291 -51.88 -16.05 -44.65
C LYS H 291 -50.36 -16.18 -44.56
N THR H 292 -49.79 -17.32 -44.97
CA THR H 292 -48.36 -17.61 -44.78
C THR H 292 -47.55 -17.36 -46.07
N PRO H 293 -46.51 -16.53 -46.04
CA PRO H 293 -45.76 -16.12 -47.24
C PRO H 293 -44.67 -17.11 -47.66
N VAL H 294 -44.77 -18.37 -47.25
CA VAL H 294 -43.74 -19.40 -47.44
C VAL H 294 -44.37 -20.70 -47.91
N GLY H 295 -43.85 -21.30 -48.98
CA GLY H 295 -44.16 -22.67 -49.38
C GLY H 295 -42.90 -23.51 -49.47
N ALA H 296 -43.01 -24.83 -49.24
CA ALA H 296 -41.85 -25.72 -49.14
C ALA H 296 -41.95 -26.93 -50.06
N VAL H 297 -40.81 -27.42 -50.52
CA VAL H 297 -40.70 -28.62 -51.35
C VAL H 297 -39.89 -29.65 -50.59
N VAL H 298 -40.44 -30.82 -50.34
CA VAL H 298 -39.84 -31.82 -49.44
C VAL H 298 -39.78 -33.21 -50.07
N PRO H 299 -38.77 -34.03 -49.75
CA PRO H 299 -38.72 -35.43 -50.15
C PRO H 299 -39.66 -36.31 -49.32
N ASP H 300 -40.05 -37.46 -49.86
CA ASP H 300 -40.76 -38.52 -49.13
C ASP H 300 -39.77 -39.27 -48.21
N GLY H 301 -40.14 -39.53 -46.96
CA GLY H 301 -39.30 -40.28 -46.03
C GLY H 301 -39.31 -41.80 -46.25
N SER H 302 -40.23 -42.31 -47.07
CA SER H 302 -40.41 -43.74 -47.34
C SER H 302 -39.19 -44.38 -48.00
N ALA I 2 -10.73 54.85 74.41
CA ALA I 2 -9.88 55.39 75.47
C ALA I 2 -8.44 55.55 75.00
N ASP I 3 -7.70 54.46 74.75
CA ASP I 3 -6.25 54.47 74.56
C ASP I 3 -5.79 53.33 73.64
N ILE I 4 -4.76 53.57 72.83
CA ILE I 4 -4.09 52.56 72.00
C ILE I 4 -2.84 52.07 72.76
N SER I 5 -2.84 50.83 73.23
CA SER I 5 -1.69 50.16 73.83
C SER I 5 -0.77 49.51 72.79
N ARG I 6 0.40 49.03 73.20
CA ARG I 6 1.39 48.40 72.31
C ARG I 6 0.87 47.13 71.64
N SER I 7 0.15 46.29 72.37
CA SER I 7 -0.46 45.07 71.83
C SER I 7 -1.54 45.36 70.79
N GLU I 8 -2.32 46.43 70.97
CA GLU I 8 -3.35 46.88 70.01
C GLU I 8 -2.79 47.40 68.69
N VAL I 9 -1.51 47.76 68.63
CA VAL I 9 -0.80 48.15 67.41
C VAL I 9 -0.29 46.95 66.61
N ALA I 10 -0.25 45.76 67.22
CA ALA I 10 0.06 44.48 66.58
C ALA I 10 1.38 44.52 65.78
N THR I 11 1.47 43.82 64.65
CA THR I 11 2.72 43.70 63.87
C THR I 11 3.09 44.96 63.07
N LEU I 12 2.53 46.13 63.37
CA LEU I 12 3.13 47.41 62.97
C LEU I 12 4.47 47.68 63.66
N ILE I 13 4.64 47.12 64.87
CA ILE I 13 5.89 47.23 65.60
C ILE I 13 6.41 45.84 65.40
N GLN I 14 7.65 45.68 64.97
CA GLN I 14 8.21 44.36 64.64
C GLN I 14 9.49 44.17 65.39
N GLU I 15 9.89 42.91 65.61
CA GLU I 15 11.11 42.64 66.39
C GLU I 15 12.32 42.78 65.52
N ALA I 16 13.51 42.97 66.11
CA ALA I 16 14.76 43.07 65.36
C ALA I 16 15.56 41.79 65.60
N TYR I 17 16.64 41.59 64.83
CA TYR I 17 17.51 40.42 64.98
C TYR I 17 18.93 40.93 64.96
N ALA I 18 19.84 40.27 65.68
CA ALA I 18 21.25 40.67 65.75
C ALA I 18 22.06 39.46 66.19
N ASN I 19 23.23 39.22 65.58
CA ASN I 19 24.02 38.03 65.88
C ASN I 19 25.27 38.39 66.71
N ASP I 20 25.24 39.48 67.50
CA ASP I 20 26.42 39.89 68.27
C ASP I 20 26.95 38.84 69.24
N LEU I 21 26.07 38.02 69.83
CA LEU I 21 26.48 36.94 70.74
C LEU I 21 27.11 35.73 70.04
N LEU I 22 26.88 35.61 68.73
CA LEU I 22 27.48 34.54 67.91
C LEU I 22 28.64 35.09 67.13
N ALA I 23 28.76 36.42 67.03
CA ALA I 23 29.80 37.05 66.25
C ALA I 23 31.05 37.09 67.11
N SER I 24 31.69 35.94 67.27
CA SER I 24 32.89 35.83 68.07
C SER I 24 33.78 34.89 67.30
N ALA I 25 35.10 35.10 67.40
CA ALA I 25 36.03 34.24 66.68
C ALA I 25 36.00 32.85 67.29
N LYS I 26 35.93 31.80 66.46
CA LYS I 26 36.00 30.43 67.01
C LYS I 26 37.40 30.07 67.53
N LYS I 27 37.47 29.10 68.46
CA LYS I 27 38.74 28.71 69.07
C LYS I 27 39.57 27.86 68.09
N GLY I 28 40.77 28.32 67.77
CA GLY I 28 41.73 27.58 66.95
C GLY I 28 42.38 26.40 67.67
N SER I 29 43.15 25.60 66.94
CA SER I 29 44.01 24.58 67.56
C SER I 29 45.15 25.22 68.34
N THR I 30 45.37 24.73 69.55
CA THR I 30 46.46 25.11 70.44
C THR I 30 47.80 24.77 69.82
N VAL I 31 47.95 23.59 69.20
CA VAL I 31 49.23 23.16 68.66
C VAL I 31 49.59 23.88 67.36
N LEU I 32 48.61 24.31 66.57
CA LEU I 32 48.85 25.18 65.41
C LEU I 32 49.21 26.62 65.80
N GLN I 33 48.80 27.09 66.97
CA GLN I 33 49.33 28.33 67.54
C GLN I 33 50.75 28.12 68.07
N ALA I 34 50.98 27.05 68.85
CA ALA I 34 52.24 26.87 69.58
C ALA I 34 53.45 26.48 68.73
N PHE I 35 53.29 25.65 67.71
CA PHE I 35 54.43 25.00 67.03
C PHE I 35 54.51 25.38 65.56
N PRO I 36 55.72 25.44 64.97
CA PRO I 36 55.90 25.68 63.55
C PRO I 36 55.32 24.55 62.70
N THR I 37 55.02 24.81 61.43
CA THR I 37 54.33 23.86 60.54
C THR I 37 55.09 23.56 59.23
N VAL I 38 54.82 22.39 58.66
CA VAL I 38 55.35 21.95 57.37
C VAL I 38 54.21 21.81 56.37
N ASN I 39 54.27 22.50 55.24
CA ASN I 39 53.30 22.35 54.16
C ASN I 39 53.60 21.09 53.35
N MET I 40 52.96 19.98 53.71
CA MET I 40 53.08 18.70 53.01
C MET I 40 52.30 18.71 51.69
N GLY I 41 52.83 18.05 50.65
CA GLY I 41 52.17 17.88 49.35
C GLY I 41 51.59 16.49 49.10
N THR I 42 51.98 15.48 49.87
CA THR I 42 51.60 14.07 49.73
C THR I 42 51.52 13.39 51.08
N LYS I 43 50.92 12.20 51.16
CA LYS I 43 50.71 11.39 52.39
C LYS I 43 51.88 11.37 53.38
N THR I 44 53.13 11.28 52.94
CA THR I 44 54.28 11.11 53.83
C THR I 44 55.40 12.08 53.52
N THR I 45 56.08 12.57 54.55
CA THR I 45 57.32 13.35 54.46
C THR I 45 58.34 12.78 55.43
N HIS I 46 59.59 12.62 54.97
CA HIS I 46 60.72 12.19 55.79
C HIS I 46 61.49 13.40 56.29
N LEU I 47 61.81 13.42 57.58
CA LEU I 47 62.57 14.46 58.24
C LEU I 47 63.79 13.81 58.91
N PRO I 48 65.02 14.07 58.43
CA PRO I 48 66.20 13.67 59.14
C PRO I 48 66.33 14.44 60.45
N VAL I 49 66.74 13.76 61.52
CA VAL I 49 67.13 14.35 62.80
C VAL I 49 68.53 13.90 63.16
N LEU I 50 69.26 14.75 63.86
CA LEU I 50 70.58 14.41 64.35
C LEU I 50 70.53 13.21 65.31
N ALA I 51 71.52 12.33 65.21
CA ALA I 51 71.61 11.12 65.99
C ALA I 51 73.00 10.89 66.61
N THR I 52 74.05 11.63 66.23
CA THR I 52 75.40 11.55 66.82
C THR I 52 76.17 12.80 66.44
N LEU I 53 76.92 13.37 67.38
CA LEU I 53 77.79 14.53 67.19
C LEU I 53 79.27 14.13 67.06
N PRO I 54 80.05 14.81 66.22
CA PRO I 54 81.47 14.54 66.08
C PRO I 54 82.30 15.12 67.24
N GLY I 55 83.35 14.42 67.65
CA GLY I 55 84.36 14.93 68.59
C GLY I 55 85.49 15.70 67.91
N ALA I 56 86.24 16.47 68.70
CA ALA I 56 87.39 17.26 68.29
C ALA I 56 88.51 17.17 69.33
N SER I 57 89.74 17.54 68.98
CA SER I 57 90.88 17.55 69.92
C SER I 57 91.83 18.70 69.68
N TRP I 58 92.58 19.04 70.72
CA TRP I 58 93.79 19.86 70.62
C TRP I 58 94.91 19.07 69.94
N VAL I 59 95.56 19.68 68.96
CA VAL I 59 96.59 19.05 68.11
C VAL I 59 97.89 19.85 68.21
N SER I 60 99.01 19.15 68.47
CA SER I 60 100.30 19.81 68.59
C SER I 60 100.92 19.80 67.23
N GLU I 61 101.86 20.69 66.97
CA GLU I 61 102.58 20.64 65.70
C GLU I 61 103.56 19.51 65.95
N SER I 62 103.57 18.51 65.08
CA SER I 62 104.44 17.35 65.28
C SER I 62 104.55 16.45 64.05
N ALA I 63 105.77 16.23 63.54
CA ALA I 63 105.97 15.29 62.44
C ALA I 63 105.96 13.81 62.88
N THR I 64 106.02 13.50 64.17
CA THR I 64 106.31 12.14 64.66
C THR I 64 105.50 11.69 65.86
N GLU I 65 105.03 12.58 66.72
CA GLU I 65 104.36 12.18 67.97
C GLU I 65 102.86 11.94 67.78
N PRO I 66 102.21 11.05 68.56
CA PRO I 66 100.78 10.79 68.43
C PRO I 66 99.91 12.03 68.66
N GLU I 67 100.37 12.95 69.50
CA GLU I 67 99.63 14.19 69.74
C GLU I 67 99.56 14.96 68.42
N GLY I 68 100.55 14.77 67.56
CA GLY I 68 100.59 15.45 66.28
C GLY I 68 99.44 15.17 65.34
N VAL I 69 98.86 13.97 65.40
CA VAL I 69 97.82 13.59 64.43
C VAL I 69 96.51 14.33 64.71
N LYS I 70 95.70 14.52 63.68
CA LYS I 70 94.39 15.15 63.84
C LYS I 70 93.39 14.02 64.00
N PRO I 71 92.35 14.19 64.84
CA PRO I 71 91.45 13.04 65.02
C PRO I 71 90.40 12.81 63.93
N THR I 72 89.85 11.60 63.78
CA THR I 72 88.74 11.32 62.85
C THR I 72 87.49 11.00 63.65
N SER I 73 86.36 11.61 63.32
CA SER I 73 85.08 11.35 63.98
C SER I 73 83.91 11.39 63.00
N GLU I 74 82.85 10.66 63.31
CA GLU I 74 81.60 10.69 62.53
C GLU I 74 80.58 11.67 63.12
N ALA I 75 79.62 12.07 62.30
CA ALA I 75 78.30 12.51 62.73
C ALA I 75 77.28 11.52 62.16
N THR I 76 76.10 11.39 62.75
CA THR I 76 75.07 10.50 62.19
C THR I 76 73.69 11.10 62.35
N TRP I 77 72.75 10.61 61.56
CA TRP I 77 71.35 11.02 61.54
C TRP I 77 70.42 9.81 61.55
N ALA I 78 69.18 10.05 61.94
CA ALA I 78 68.09 9.11 61.94
C ALA I 78 66.86 9.73 61.28
N ASP I 79 65.92 8.90 60.88
CA ASP I 79 64.69 9.34 60.23
C ASP I 79 63.55 9.53 61.24
N ARG I 80 62.69 10.52 61.01
CA ARG I 80 61.36 10.67 61.60
C ARG I 80 60.36 11.01 60.48
N THR I 81 59.11 10.58 60.54
CA THR I 81 58.13 10.82 59.47
C THR I 81 56.90 11.60 59.92
N LEU I 82 56.51 12.60 59.14
CA LEU I 82 55.15 13.16 59.14
C LEU I 82 54.29 12.28 58.24
N VAL I 83 53.24 11.67 58.77
CA VAL I 83 52.23 10.93 57.99
C VAL I 83 50.88 11.60 58.17
N ALA I 84 50.32 12.11 57.07
CA ALA I 84 49.12 12.92 57.04
C ALA I 84 47.85 12.07 57.13
N GLU I 85 47.02 12.35 58.13
CA GLU I 85 45.83 11.60 58.46
C GLU I 85 44.60 12.49 58.47
N GLU I 86 43.47 11.97 57.99
CA GLU I 86 42.26 12.75 57.77
C GLU I 86 41.39 12.83 59.01
N VAL I 87 40.90 14.02 59.31
CA VAL I 87 39.93 14.28 60.39
C VAL I 87 38.78 15.10 59.81
N ALA I 88 37.55 14.69 60.07
CA ALA I 88 36.41 15.13 59.30
C ALA I 88 35.08 15.02 60.05
N VAL I 89 34.09 15.77 59.58
CA VAL I 89 32.72 15.77 60.10
C VAL I 89 31.75 16.12 58.97
N ILE I 90 30.55 15.54 58.97
CA ILE I 90 29.46 15.93 58.07
C ILE I 90 28.33 16.52 58.89
N ILE I 91 27.81 17.67 58.47
CA ILE I 91 26.70 18.35 59.13
C ILE I 91 25.59 18.53 58.10
N PRO I 92 24.53 17.70 58.13
CA PRO I 92 23.38 17.81 57.25
C PRO I 92 22.31 18.77 57.82
N VAL I 93 21.69 19.53 56.93
CA VAL I 93 20.72 20.58 57.25
C VAL I 93 19.70 20.66 56.12
N HIS I 94 18.47 21.07 56.39
CA HIS I 94 17.46 21.22 55.35
C HIS I 94 17.77 22.43 54.46
N GLU I 95 17.71 22.31 53.14
CA GLU I 95 18.09 23.43 52.28
C GLU I 95 17.08 24.59 52.36
N ASN I 96 15.84 24.37 52.80
CA ASN I 96 14.92 25.47 53.11
C ASN I 96 15.50 26.33 54.25
N VAL I 97 16.04 25.71 55.30
CA VAL I 97 16.65 26.42 56.41
C VAL I 97 17.84 27.24 55.93
N VAL I 98 18.73 26.70 55.10
CA VAL I 98 19.88 27.50 54.64
C VAL I 98 19.48 28.60 53.66
N ASP I 99 18.35 28.49 52.97
CA ASP I 99 17.79 29.53 52.13
C ASP I 99 17.02 30.60 52.93
N ASP I 100 16.37 30.24 54.01
CA ASP I 100 15.69 31.18 54.90
C ASP I 100 16.65 31.98 55.75
N ALA I 101 17.69 31.34 56.27
CA ALA I 101 18.66 31.95 57.16
C ALA I 101 19.57 32.97 56.47
N SER I 102 20.10 33.93 57.25
CA SER I 102 21.19 34.81 56.84
C SER I 102 22.43 33.99 56.46
N THR I 103 23.35 34.56 55.68
CA THR I 103 24.65 33.91 55.37
C THR I 103 25.57 33.78 56.57
N SER I 104 25.13 34.12 57.78
CA SER I 104 25.80 33.62 58.98
C SER I 104 25.65 32.11 59.09
N LEU I 105 24.51 31.52 58.72
CA LEU I 105 24.45 30.07 58.55
C LEU I 105 25.32 29.65 57.35
N LEU I 106 25.73 28.39 57.33
CA LEU I 106 26.90 27.89 56.57
C LEU I 106 28.23 28.41 57.13
N GLU I 107 28.43 29.71 57.33
CA GLU I 107 29.68 30.23 57.91
C GLU I 107 29.87 29.81 59.37
N GLU I 108 28.83 29.89 60.19
CA GLU I 108 28.83 29.34 61.54
C GLU I 108 29.03 27.83 61.57
N ILE I 109 28.45 27.10 60.61
CA ILE I 109 28.59 25.66 60.51
C ILE I 109 30.05 25.31 60.19
N ALA I 110 30.63 25.95 59.18
CA ALA I 110 32.00 25.76 58.77
C ALA I 110 32.98 26.15 59.88
N ALA I 111 32.72 27.23 60.62
CA ALA I 111 33.55 27.65 61.74
C ALA I 111 33.46 26.71 62.97
N LEU I 112 32.27 26.24 63.34
CA LEU I 112 32.10 25.28 64.43
C LEU I 112 32.64 23.89 64.08
N GLY I 113 32.56 23.48 62.82
CA GLY I 113 33.26 22.30 62.31
C GLY I 113 34.78 22.45 62.33
N GLY I 114 35.28 23.66 62.07
CA GLY I 114 36.69 24.01 62.29
C GLY I 114 37.13 23.82 63.73
N GLN I 115 36.36 24.32 64.69
CA GLN I 115 36.68 24.20 66.11
C GLN I 115 36.69 22.75 66.60
N ALA I 116 35.77 21.91 66.13
CA ALA I 116 35.76 20.50 66.48
C ALA I 116 36.93 19.72 65.85
N ILE I 117 37.32 20.05 64.62
CA ILE I 117 38.51 19.50 63.97
C ILE I 117 39.79 19.95 64.70
N GLY I 118 39.91 21.22 65.08
CA GLY I 118 41.04 21.71 65.88
C GLY I 118 41.16 21.03 67.24
N LYS I 119 40.03 20.75 67.92
CA LYS I 119 40.01 19.99 69.17
C LYS I 119 40.63 18.61 68.99
N LYS I 120 40.30 17.90 67.92
CA LYS I 120 40.78 16.53 67.69
C LYS I 120 42.29 16.51 67.46
N LEU I 121 42.81 17.50 66.74
CA LEU I 121 44.25 17.69 66.54
C LEU I 121 44.97 17.94 67.86
N ASP I 122 44.47 18.83 68.71
CA ASP I 122 45.05 19.09 70.03
C ASP I 122 45.04 17.85 70.92
N GLN I 123 43.95 17.10 70.96
CA GLN I 123 43.87 15.85 71.72
C GLN I 123 44.92 14.84 71.24
N ALA I 124 45.06 14.66 69.93
CA ALA I 124 46.01 13.71 69.37
C ALA I 124 47.47 14.09 69.64
N VAL I 125 47.86 15.34 69.48
CA VAL I 125 49.23 15.79 69.73
C VAL I 125 49.57 15.86 71.20
N ILE I 126 48.71 16.44 72.05
CA ILE I 126 49.07 16.70 73.44
C ILE I 126 48.94 15.42 74.28
N PHE I 127 47.86 14.67 74.12
CA PHE I 127 47.51 13.53 74.97
C PHE I 127 47.50 12.18 74.28
N GLY I 128 47.44 12.12 72.95
CA GLY I 128 47.39 10.85 72.23
C GLY I 128 46.01 10.19 72.21
N THR I 129 44.93 10.92 72.43
CA THR I 129 43.65 10.34 72.83
C THR I 129 43.02 9.42 71.79
N ASP I 130 42.95 9.86 70.54
CA ASP I 130 42.53 9.08 69.38
C ASP I 130 43.58 9.16 68.29
N LYS I 131 44.86 9.04 68.66
CA LYS I 131 45.99 9.30 67.78
C LYS I 131 46.04 8.27 66.64
N PRO I 132 46.20 8.69 65.38
CA PRO I 132 46.33 7.74 64.29
C PRO I 132 47.53 6.81 64.46
N SER I 133 47.37 5.52 64.19
CA SER I 133 48.45 4.52 64.34
C SER I 133 49.65 4.73 63.42
N SER I 134 49.52 5.53 62.36
CA SER I 134 50.64 5.92 61.49
C SER I 134 51.54 7.00 62.10
N TRP I 135 51.14 7.68 63.17
CA TRP I 135 52.00 8.62 63.88
C TRP I 135 52.91 7.84 64.85
N VAL I 136 54.18 7.67 64.50
CA VAL I 136 55.15 6.91 65.33
C VAL I 136 55.82 7.74 66.41
N SER I 137 55.83 9.06 66.28
CA SER I 137 56.18 9.96 67.37
C SER I 137 55.20 9.82 68.54
N PRO I 138 55.65 9.73 69.79
CA PRO I 138 54.75 9.77 70.94
C PRO I 138 54.12 11.15 71.10
N ALA I 139 52.87 11.21 71.55
CA ALA I 139 52.21 12.46 71.91
C ALA I 139 52.93 13.14 73.09
N LEU I 140 52.79 14.45 73.26
CA LEU I 140 53.67 15.22 74.14
C LEU I 140 53.67 14.74 75.60
N LEU I 141 52.52 14.39 76.19
CA LEU I 141 52.49 13.84 77.53
C LEU I 141 53.06 12.41 77.59
N PRO I 142 52.63 11.42 76.78
CA PRO I 142 53.27 10.11 76.79
C PRO I 142 54.78 10.14 76.59
N ALA I 143 55.31 11.07 75.78
CA ALA I 143 56.74 11.27 75.64
C ALA I 143 57.42 11.70 76.95
N ALA I 144 56.87 12.70 77.64
CA ALA I 144 57.38 13.15 78.93
C ALA I 144 57.33 12.03 79.99
N VAL I 145 56.26 11.25 80.03
CA VAL I 145 56.10 10.13 80.97
C VAL I 145 57.10 9.01 80.69
N ALA I 146 57.29 8.67 79.41
CA ALA I 146 58.21 7.62 79.00
C ALA I 146 59.68 7.93 79.34
N ALA I 147 60.07 9.20 79.29
CA ALA I 147 61.38 9.64 79.73
C ALA I 147 61.53 9.76 81.27
N ASN I 148 60.52 9.39 82.06
CA ASN I 148 60.47 9.61 83.51
C ASN I 148 60.63 11.09 83.90
N GLN I 149 60.21 12.00 82.98
CA GLN I 149 60.36 13.44 83.22
C GLN I 149 59.11 14.11 83.78
N ASP I 150 58.00 13.37 83.86
CA ASP I 150 56.78 13.94 84.45
C ASP I 150 57.01 14.21 85.94
N TYR I 151 56.45 15.31 86.46
CA TYR I 151 56.66 15.69 87.87
C TYR I 151 55.37 15.74 88.68
N THR I 152 55.36 15.09 89.84
CA THR I 152 54.16 15.02 90.67
C THR I 152 53.93 16.27 91.51
N ILE I 153 52.78 16.94 91.33
CA ILE I 153 52.45 18.10 92.17
C ILE I 153 52.15 17.67 93.60
N VAL I 154 52.58 18.47 94.56
CA VAL I 154 52.15 18.41 95.97
C VAL I 154 51.15 19.54 96.23
N PRO I 155 49.89 19.27 96.61
CA PRO I 155 48.91 20.30 96.93
C PRO I 155 49.16 20.91 98.33
N GLY I 156 48.66 22.11 98.59
CA GLY I 156 48.78 22.80 99.87
C GLY I 156 49.52 24.13 99.78
N ASP I 157 50.32 24.46 100.79
CA ASP I 157 51.20 25.63 100.78
C ASP I 157 52.34 25.46 99.77
N ALA I 158 52.93 26.57 99.34
CA ALA I 158 53.99 26.57 98.34
C ALA I 158 55.20 25.71 98.72
N ASN I 159 55.84 25.10 97.72
CA ASN I 159 56.77 23.97 97.83
C ASN I 159 57.65 23.94 96.56
N GLU I 160 58.84 23.32 96.55
CA GLU I 160 59.55 23.11 95.27
C GLU I 160 58.83 22.10 94.34
N ASP I 161 57.82 21.40 94.86
CA ASP I 161 56.91 20.52 94.13
C ASP I 161 55.48 21.06 93.98
N ASP I 162 55.23 22.36 94.14
CA ASP I 162 53.92 22.94 93.82
C ASP I 162 53.76 23.14 92.30
N LEU I 163 52.73 23.83 91.82
CA LEU I 163 52.55 24.08 90.38
C LEU I 163 53.77 24.77 89.74
N ILE I 164 54.27 25.85 90.35
CA ILE I 164 55.43 26.60 89.87
C ILE I 164 56.71 25.79 90.06
N GLY I 165 56.81 25.07 91.16
CA GLY I 165 57.88 24.13 91.43
C GLY I 165 57.99 23.07 90.34
N CYS I 166 56.91 22.38 90.03
CA CYS I 166 56.86 21.38 88.97
C CYS I 166 57.12 21.95 87.58
N ILE I 167 56.69 23.17 87.25
CA ILE I 167 57.09 23.81 85.99
C ILE I 167 58.60 24.06 85.96
N ASN I 168 59.21 24.41 87.11
CA ASN I 168 60.65 24.62 87.18
C ASN I 168 61.43 23.31 87.18
N ARG I 169 60.81 22.21 87.61
CA ARG I 169 61.46 20.88 87.54
C ARG I 169 61.32 20.37 86.12
N ALA I 170 60.15 20.51 85.50
CA ALA I 170 59.91 20.20 84.10
C ALA I 170 60.86 20.96 83.17
N SER I 171 61.00 22.27 83.36
CA SER I 171 61.94 23.10 82.59
C SER I 171 63.38 22.64 82.76
N LYS I 172 63.80 22.33 83.99
CA LYS I 172 65.15 21.83 84.27
C LYS I 172 65.42 20.53 83.55
N ALA I 173 64.47 19.60 83.52
CA ALA I 173 64.61 18.36 82.77
C ALA I 173 64.67 18.58 81.26
N VAL I 174 64.00 19.57 80.66
CA VAL I 174 64.19 19.91 79.24
C VAL I 174 65.61 20.42 78.99
N ALA I 175 66.10 21.33 79.83
CA ALA I 175 67.44 21.90 79.72
C ALA I 175 68.54 20.85 79.95
N ALA I 176 68.38 20.00 80.97
CA ALA I 176 69.29 18.91 81.28
C ALA I 176 69.32 17.85 80.19
N ALA I 177 68.22 17.64 79.47
CA ALA I 177 68.17 16.77 78.31
C ALA I 177 68.89 17.35 77.09
N GLY I 178 69.19 18.65 77.09
CA GLY I 178 69.91 19.32 76.01
C GLY I 178 69.05 20.15 75.06
N TYR I 179 67.87 20.62 75.47
CA TYR I 179 66.98 21.46 74.66
C TYR I 179 66.69 22.79 75.35
N MET I 180 66.33 23.84 74.62
CA MET I 180 65.90 25.10 75.22
C MET I 180 64.38 25.12 75.48
N PRO I 181 63.89 24.94 76.73
CA PRO I 181 62.46 25.07 77.01
C PRO I 181 61.98 26.47 76.66
N ASP I 182 60.90 26.63 75.91
CA ASP I 182 60.43 27.95 75.50
C ASP I 182 58.91 28.10 75.46
N THR I 183 58.17 27.03 75.77
CA THR I 183 56.73 26.96 75.57
C THR I 183 56.10 26.27 76.75
N LEU I 184 55.03 26.85 77.30
CA LEU I 184 54.16 26.23 78.29
C LEU I 184 52.79 26.00 77.64
N LEU I 185 52.25 24.79 77.74
CA LEU I 185 50.86 24.49 77.39
C LEU I 185 50.09 24.14 78.65
N ALA I 186 48.88 24.64 78.83
CA ALA I 186 48.03 24.32 79.98
C ALA I 186 46.54 24.55 79.68
N SER I 187 45.64 24.15 80.58
CA SER I 187 44.22 24.48 80.50
C SER I 187 43.96 25.95 80.84
N LEU I 188 42.86 26.54 80.36
CA LEU I 188 42.58 27.96 80.61
C LEU I 188 42.40 28.29 82.10
N GLY I 189 41.90 27.33 82.89
CA GLY I 189 41.78 27.49 84.33
C GLY I 189 43.11 27.50 85.08
N PHE I 190 44.14 26.89 84.47
CA PHE I 190 45.46 26.82 85.10
C PHE I 190 45.99 28.20 85.41
N ARG I 191 45.62 29.19 84.61
CA ARG I 191 46.11 30.55 84.81
C ARG I 191 45.71 31.11 86.17
N PHE I 192 44.49 30.83 86.61
CA PHE I 192 43.96 31.38 87.88
C PHE I 192 44.26 30.44 89.06
N ASP I 193 44.29 29.13 88.83
CA ASP I 193 44.70 28.17 89.85
C ASP I 193 46.11 28.48 90.38
N VAL I 194 47.08 28.76 89.51
CA VAL I 194 48.44 29.13 89.93
C VAL I 194 48.55 30.54 90.46
N ALA I 195 47.78 31.52 89.99
CA ALA I 195 47.74 32.85 90.58
C ALA I 195 47.21 32.86 92.03
N ASN I 196 46.46 31.84 92.42
CA ASN I 196 45.93 31.64 93.77
C ASN I 196 46.87 30.83 94.68
N LEU I 197 47.97 30.30 94.10
CA LEU I 197 48.92 29.49 94.86
C LEU I 197 49.52 30.43 95.85
N ARG I 198 49.53 30.06 97.14
CA ARG I 198 49.98 30.97 98.20
C ARG I 198 50.95 30.32 99.15
N ASP I 199 51.72 31.14 99.88
CA ASP I 199 52.77 30.63 100.77
C ASP I 199 52.24 30.12 102.12
N ALA I 200 53.12 29.77 103.08
CA ALA I 200 52.70 29.39 104.43
C ALA I 200 52.16 30.53 105.31
N ASN I 201 52.38 31.78 104.93
CA ASN I 201 51.77 32.96 105.55
C ASN I 201 50.54 33.49 104.77
N GLY I 202 50.15 32.86 103.67
CA GLY I 202 49.07 33.30 102.80
C GLY I 202 49.48 34.22 101.65
N ASN I 203 50.77 34.54 101.50
CA ASN I 203 51.25 35.46 100.47
C ASN I 203 51.23 34.80 99.07
N PRO I 204 50.62 35.39 98.01
CA PRO I 204 50.63 34.79 96.68
C PRO I 204 52.04 34.74 96.07
N ILE I 205 52.54 33.53 95.78
CA ILE I 205 53.91 33.34 95.30
C ILE I 205 54.06 33.62 93.80
N PHE I 206 52.96 33.67 93.06
CA PHE I 206 52.99 33.91 91.62
C PHE I 206 53.43 35.35 91.30
N ARG I 207 54.23 35.51 90.24
CA ARG I 207 54.65 36.77 89.62
C ARG I 207 54.67 36.60 88.12
N ASP I 208 54.71 37.66 87.34
CA ASP I 208 54.78 37.55 85.87
C ASP I 208 56.07 36.87 85.35
N GLU I 209 57.12 36.81 86.15
CA GLU I 209 58.36 36.07 85.91
C GLU I 209 58.33 34.59 86.34
N SER I 210 57.24 34.09 86.92
CA SER I 210 57.13 32.68 87.35
C SER I 210 57.08 31.69 86.18
N PHE I 211 56.59 32.08 85.01
CA PHE I 211 56.60 31.27 83.80
C PHE I 211 57.87 31.42 82.96
N ASN I 212 58.97 31.92 83.55
CA ASN I 212 60.30 31.94 82.96
C ASN I 212 60.42 32.68 81.61
N GLY I 213 59.44 33.49 81.23
CA GLY I 213 59.36 34.13 79.92
C GLY I 213 58.95 33.20 78.78
N PHE I 214 58.42 32.02 79.06
CA PHE I 214 57.91 31.10 78.03
C PHE I 214 56.71 31.70 77.30
N GLY I 215 56.53 31.31 76.05
CA GLY I 215 55.24 31.50 75.40
C GLY I 215 54.21 30.59 76.06
N THR I 216 53.11 31.13 76.56
CA THR I 216 52.10 30.40 77.31
C THR I 216 50.86 30.23 76.47
N TYR I 217 50.41 29.00 76.27
CA TYR I 217 49.26 28.68 75.44
C TYR I 217 48.19 27.96 76.26
N PHE I 218 47.00 28.53 76.32
CA PHE I 218 45.89 28.05 77.14
C PHE I 218 44.80 27.42 76.29
N ASN I 219 44.51 26.15 76.52
CA ASN I 219 43.58 25.39 75.71
C ASN I 219 42.13 25.78 76.01
N ALA I 220 41.46 26.36 75.01
CA ALA I 220 40.09 26.84 75.11
C ALA I 220 39.05 25.98 74.37
N ASN I 221 39.44 25.22 73.33
CA ASN I 221 38.54 24.38 72.53
C ASN I 221 38.05 23.10 73.22
N GLY I 222 38.41 22.84 74.48
CA GLY I 222 37.93 21.71 75.25
C GLY I 222 38.74 20.42 75.11
N ALA I 223 39.86 20.45 74.40
CA ALA I 223 40.75 19.31 74.24
C ALA I 223 41.45 18.88 75.53
N TRP I 224 41.70 19.80 76.47
CA TRP I 224 42.42 19.48 77.71
C TRP I 224 41.52 18.69 78.67
N PRO I 225 41.87 17.45 79.06
CA PRO I 225 41.05 16.60 79.90
C PRO I 225 41.21 16.92 81.38
N VAL I 226 40.22 16.57 82.20
CA VAL I 226 40.34 16.70 83.67
C VAL I 226 41.20 15.58 84.26
N GLY I 227 42.09 15.95 85.18
CA GLY I 227 42.81 15.03 86.05
C GLY I 227 43.97 14.24 85.44
N VAL I 228 44.44 14.55 84.23
CA VAL I 228 45.53 13.80 83.57
C VAL I 228 46.87 14.50 83.77
N ALA I 229 46.98 15.77 83.38
CA ALA I 229 48.16 16.63 83.54
C ALA I 229 47.75 18.10 83.68
N GLU I 230 48.56 18.89 84.39
CA GLU I 230 48.28 20.31 84.64
C GLU I 230 48.91 21.25 83.62
N ALA I 231 50.13 20.95 83.19
CA ALA I 231 50.83 21.72 82.17
C ALA I 231 51.91 20.88 81.49
N LEU I 232 52.36 21.29 80.31
CA LEU I 232 53.54 20.78 79.63
C LEU I 232 54.53 21.90 79.39
N VAL I 233 55.83 21.62 79.52
CA VAL I 233 56.94 22.50 79.16
C VAL I 233 57.67 21.89 77.96
N VAL I 234 57.81 22.62 76.87
CA VAL I 234 58.31 22.04 75.63
C VAL I 234 59.24 23.00 74.90
N ASP I 235 60.26 22.47 74.22
CA ASP I 235 61.00 23.23 73.22
C ASP I 235 60.22 23.20 71.91
N SER I 236 59.50 24.27 71.60
CA SER I 236 58.68 24.30 70.41
C SER I 236 59.46 24.22 69.11
N SER I 237 60.78 24.46 69.13
CA SER I 237 61.60 24.30 67.92
C SER I 237 61.91 22.88 67.46
N ARG I 238 61.48 21.85 68.19
CA ARG I 238 61.66 20.44 67.80
C ARG I 238 60.36 19.84 67.25
N VAL I 239 59.19 20.36 67.65
CA VAL I 239 57.90 19.78 67.27
C VAL I 239 57.45 20.47 65.99
N ARG I 240 56.87 19.74 65.03
CA ARG I 240 56.28 20.34 63.83
C ARG I 240 54.92 19.75 63.67
N ILE I 241 54.03 20.46 62.98
CA ILE I 241 52.68 19.95 62.69
C ILE I 241 52.52 20.01 61.15
N GLY I 242 52.44 18.86 60.46
CA GLY I 242 52.30 18.83 59.01
C GLY I 242 50.89 19.19 58.61
N VAL I 243 50.68 20.24 57.81
CA VAL I 243 49.35 20.61 57.33
C VAL I 243 49.26 20.16 55.89
N ARG I 244 48.98 18.88 55.70
CA ARG I 244 48.80 18.34 54.35
C ARG I 244 47.63 19.03 53.75
N GLN I 245 46.59 19.22 54.55
CA GLN I 245 45.43 19.92 54.09
C GLN I 245 44.85 20.75 55.21
N ASP I 246 44.75 22.05 55.03
CA ASP I 246 44.01 22.88 55.99
C ASP I 246 42.52 22.75 55.72
N ILE I 247 41.68 23.01 56.72
CA ILE I 247 40.27 22.63 56.67
C ILE I 247 39.53 23.12 55.42
N THR I 248 38.94 22.18 54.68
CA THR I 248 38.21 22.40 53.44
C THR I 248 36.76 21.97 53.62
N VAL I 249 35.84 22.69 52.97
CA VAL I 249 34.40 22.41 52.99
C VAL I 249 33.91 22.02 51.61
N LYS I 250 33.25 20.87 51.52
CA LYS I 250 32.54 20.40 50.33
C LYS I 250 31.05 20.42 50.62
N PHE I 251 30.31 21.12 49.78
CA PHE I 251 28.84 21.14 49.81
C PHE I 251 28.29 19.89 49.14
N LEU I 252 27.48 19.11 49.84
CA LEU I 252 26.84 17.89 49.36
C LEU I 252 25.34 18.11 49.22
N ASP I 253 24.73 17.59 48.16
CA ASP I 253 23.31 17.80 47.90
C ASP I 253 22.60 16.59 47.28
N GLN I 254 23.31 15.65 46.65
CA GLN I 254 22.74 14.41 46.12
C GLN I 254 23.11 13.17 46.94
N ALA I 255 24.13 13.24 47.79
CA ALA I 255 24.70 12.13 48.53
C ALA I 255 23.76 11.43 49.53
N THR I 256 24.14 10.23 49.97
CA THR I 256 23.60 9.59 51.16
C THR I 256 24.63 9.68 52.28
N VAL I 257 24.29 10.34 53.39
CA VAL I 257 25.18 10.53 54.54
C VAL I 257 24.50 10.01 55.80
N GLY I 258 25.14 9.13 56.54
CA GLY I 258 24.44 8.37 57.59
C GLY I 258 23.32 7.53 56.99
N SER I 259 22.08 7.74 57.43
CA SER I 259 20.89 7.23 56.74
C SER I 259 20.18 8.26 55.86
N ILE I 260 20.66 9.49 55.80
CA ILE I 260 19.97 10.60 55.13
C ILE I 260 20.25 10.57 53.63
N ASN I 261 19.24 10.31 52.82
CA ASN I 261 19.33 10.60 51.38
C ASN I 261 19.06 12.09 51.16
N LEU I 262 20.08 12.87 50.84
CA LEU I 262 19.96 14.33 50.89
C LEU I 262 18.96 14.88 49.88
N ALA I 263 19.02 14.49 48.62
CA ALA I 263 18.17 15.04 47.57
C ALA I 263 16.71 14.62 47.73
N GLU I 264 16.50 13.36 48.13
CA GLU I 264 15.15 12.90 48.42
C GLU I 264 14.51 13.85 49.40
N ARG I 265 15.26 14.25 50.41
CA ARG I 265 14.71 15.09 51.49
C ARG I 265 14.92 16.58 51.25
N ASP I 266 15.45 16.97 50.09
CA ASP I 266 15.74 18.37 49.77
C ASP I 266 16.69 18.93 50.78
N MET I 267 17.66 18.11 51.20
CA MET I 267 18.62 18.52 52.21
C MET I 267 19.99 18.74 51.60
N ILE I 268 20.91 19.37 52.34
CA ILE I 268 22.29 19.54 51.93
C ILE I 268 23.16 19.19 53.12
N ALA I 269 24.43 18.91 52.92
CA ALA I 269 25.36 18.78 54.02
C ALA I 269 26.67 19.50 53.73
N LEU I 270 27.31 20.04 54.76
CA LEU I 270 28.70 20.45 54.66
C LEU I 270 29.55 19.30 55.14
N ARG I 271 30.42 18.79 54.26
CA ARG I 271 31.49 17.87 54.61
C ARG I 271 32.73 18.69 54.87
N LEU I 272 33.19 18.69 56.10
CA LEU I 272 34.31 19.49 56.57
C LEU I 272 35.46 18.56 56.89
N LYS I 273 36.63 18.76 56.31
CA LYS I 273 37.79 17.92 56.61
C LYS I 273 39.13 18.60 56.53
N ALA I 274 40.11 18.02 57.20
CA ALA I 274 41.50 18.41 57.15
C ALA I 274 42.39 17.17 57.12
N ARG I 275 43.65 17.32 56.70
CA ARG I 275 44.68 16.27 56.81
C ARG I 275 45.87 16.82 57.59
N PHE I 276 46.18 16.22 58.73
CA PHE I 276 47.23 16.68 59.65
C PHE I 276 48.22 15.57 59.96
N ALA I 277 49.45 15.95 60.25
CA ALA I 277 50.53 15.06 60.66
C ALA I 277 51.28 15.65 61.86
N TYR I 278 51.97 14.83 62.64
CA TYR I 278 52.76 15.30 63.79
C TYR I 278 54.07 14.53 63.96
N VAL I 279 55.14 15.25 64.30
CA VAL I 279 56.47 14.68 64.56
C VAL I 279 57.17 15.41 65.72
N LEU I 280 57.84 14.67 66.61
CA LEU I 280 58.40 15.20 67.85
C LEU I 280 59.86 15.68 67.79
N GLY I 281 60.70 15.10 66.93
CA GLY I 281 62.09 15.56 66.81
C GLY I 281 62.97 15.24 68.04
N ASN I 282 62.68 14.17 68.76
CA ASN I 282 63.40 13.66 69.93
C ASN I 282 64.71 12.91 69.60
N GLY I 283 65.54 13.51 68.77
CA GLY I 283 66.85 12.99 68.36
C GLY I 283 67.95 13.18 69.42
N ALA I 284 69.20 13.16 68.97
CA ALA I 284 70.36 13.44 69.80
C ALA I 284 70.60 14.94 69.99
N THR I 285 71.38 15.25 71.01
CA THR I 285 71.86 16.59 71.37
C THR I 285 73.16 16.45 72.15
N ALA I 286 73.83 17.54 72.51
CA ALA I 286 75.13 17.55 73.16
C ALA I 286 75.24 16.69 74.43
N VAL I 287 74.12 16.34 75.06
CA VAL I 287 74.05 15.47 76.24
C VAL I 287 74.04 13.98 75.89
N GLY I 288 73.39 13.55 74.80
CA GLY I 288 73.11 12.14 74.55
C GLY I 288 72.16 11.88 73.38
N ASP I 289 71.70 10.63 73.27
CA ASP I 289 71.17 10.05 72.04
C ASP I 289 69.65 10.15 71.83
N ASN I 290 68.85 9.78 72.83
CA ASN I 290 67.38 9.72 72.73
C ASN I 290 66.75 10.54 73.85
N LYS I 291 66.70 11.86 73.65
CA LYS I 291 66.27 12.77 74.72
C LYS I 291 64.90 13.33 74.41
N THR I 292 64.12 13.75 75.41
CA THR I 292 62.73 14.16 75.16
C THR I 292 62.58 15.68 75.45
N PRO I 293 62.21 16.49 74.41
CA PRO I 293 62.05 17.92 74.66
C PRO I 293 60.81 18.19 75.46
N VAL I 294 59.96 17.19 75.67
CA VAL I 294 58.80 17.34 76.55
C VAL I 294 58.98 17.25 78.06
N GLY I 295 59.06 18.40 78.73
CA GLY I 295 59.12 18.40 80.18
C GLY I 295 57.67 18.20 80.56
N ALA I 296 57.29 17.64 81.69
CA ALA I 296 55.95 17.46 82.25
C ALA I 296 55.58 17.82 83.67
N VAL I 297 54.41 18.42 83.84
CA VAL I 297 53.91 18.77 85.17
C VAL I 297 52.79 17.78 85.28
N VAL I 298 52.98 16.68 86.01
CA VAL I 298 52.00 15.59 86.08
C VAL I 298 52.23 14.81 87.38
N PRO I 299 49.66 16.11 87.90
CA PRO I 299 49.28 16.03 89.32
C PRO I 299 49.13 14.58 89.79
N ASP I 300 49.21 14.34 91.10
CA ASP I 300 49.15 12.97 91.60
C ASP I 300 47.83 12.29 91.26
N GLY I 301 47.88 11.05 90.78
CA GLY I 301 46.67 10.34 90.37
C GLY I 301 45.63 9.95 91.40
N SER I 302 46.04 9.47 92.56
CA SER I 302 45.09 9.00 93.59
C SER I 302 43.98 8.13 93.04
#